data_1JOF
#
_entry.id   1JOF
#
_cell.length_a   92.290
_cell.length_b   160.600
_cell.length_c   237.500
_cell.angle_alpha   90.00
_cell.angle_beta   90.00
_cell.angle_gamma   90.00
#
_symmetry.space_group_name_H-M   'P 21 21 21'
#
loop_
_entity.id
_entity.type
_entity.pdbx_description
1 polymer 'CARBOXY-CIS,CIS-MUCONATE CYCLASE'
2 non-polymer 'SULFATE ION'
3 non-polymer BETA-MERCAPTOETHANOL
4 non-polymer "PIPERAZINE-N,N'-BIS(2-ETHANESULFONIC ACID)"
5 water water
#
_entity_poly.entity_id   1
_entity_poly.type   'polypeptide(L)'
_entity_poly.pdbx_seq_one_letter_code
;PLHHL(MSE)IGTWTPPGAIFTVQFDDEKLTCKLIKRTEIPQDEPISW(MSE)TFDHERKNIYGAA(MSE)KKWSSFAVK
SPTEIVHEASHPIGGHPRANDADTNTRAIFLLAAKQPPYAVYANPFYKFAGYGNVFSVSETGKLEKNVQNYEYQENTGIH
G(MSE)VFDPTETYLYSADLTANKLWTHRKLASGEVELVGSVDAPDPGDHPRWVA(MSE)HPTGNYLYAL(MSE)EAGNR
ICEYVIDPATH(MSE)PVYTHHSFPLIPPGIPDRDPETGKGLYRADVCALTFSGKY(MSE)FASSRANKFELQGYIAGFK
LRDCGSIEKQLFLSPTPTSGGHSNAVSPCPWSDEW(MSE)AITDDQEGWLEIYRWKDEFLHRVARVRIPEPGFG(MSE)N
AIWYD
;
_entity_poly.pdbx_strand_id   A,B,C,D,E,F,G,H
#
# COMPACT_ATOMS: atom_id res chain seq x y z
N PRO A 1 26.82 18.48 3.53
CA PRO A 1 25.69 19.16 2.81
C PRO A 1 24.77 19.95 3.75
N LEU A 2 24.09 20.94 3.19
CA LEU A 2 23.18 21.77 3.99
C LEU A 2 21.73 21.30 3.91
N HIS A 3 21.02 21.39 5.04
CA HIS A 3 19.62 20.97 5.15
C HIS A 3 18.84 22.11 5.78
N HIS A 4 17.53 22.12 5.61
CA HIS A 4 16.76 23.20 6.20
C HIS A 4 15.48 22.80 6.90
N LEU A 5 15.17 23.48 7.99
CA LEU A 5 13.94 23.16 8.68
C LEU A 5 13.15 24.43 8.93
N ILE A 7 10.13 26.23 11.29
CA ILE A 7 9.49 26.09 12.61
C ILE A 7 8.50 27.22 12.89
N GLY A 8 7.44 26.92 13.61
CA GLY A 8 6.46 27.93 13.92
C GLY A 8 6.46 28.28 15.37
N THR A 9 5.41 28.94 15.82
CA THR A 9 5.32 29.37 17.19
C THR A 9 3.91 29.22 17.78
N TRP A 10 3.86 29.17 19.10
CA TRP A 10 2.65 29.02 19.88
C TRP A 10 1.98 30.37 20.16
N THR A 11 2.72 31.43 19.87
CA THR A 11 2.28 32.76 20.20
C THR A 11 2.59 33.81 19.16
N PRO A 12 1.81 34.89 19.14
CA PRO A 12 2.06 35.97 18.17
C PRO A 12 3.38 36.61 18.61
N PRO A 13 4.09 37.32 17.72
CA PRO A 13 3.77 37.60 16.32
C PRO A 13 4.03 36.40 15.47
N GLY A 14 3.16 36.17 14.51
CA GLY A 14 3.34 35.03 13.63
C GLY A 14 4.59 35.15 12.79
N ALA A 15 5.31 34.04 12.63
CA ALA A 15 6.51 34.02 11.83
C ALA A 15 6.95 32.56 11.55
N ILE A 16 7.61 32.34 10.42
CA ILE A 16 8.09 31.01 10.09
C ILE A 16 9.61 31.15 10.08
N PHE A 17 10.30 30.33 10.88
CA PHE A 17 11.75 30.44 10.94
C PHE A 17 12.39 29.35 10.11
N THR A 18 13.45 29.70 9.40
CA THR A 18 14.16 28.71 8.60
C THR A 18 15.51 28.48 9.23
N VAL A 19 15.77 27.27 9.70
CA VAL A 19 17.07 26.94 10.29
C VAL A 19 17.87 26.07 9.33
N GLN A 20 19.15 26.32 9.27
CA GLN A 20 20.03 25.56 8.39
C GLN A 20 20.88 24.59 9.22
N PHE A 21 20.94 23.33 8.80
CA PHE A 21 21.72 22.34 9.50
C PHE A 21 22.81 21.77 8.58
N ASP A 22 24.07 21.92 8.99
CA ASP A 22 25.22 21.43 8.22
C ASP A 22 25.57 20.06 8.78
N ASP A 23 25.29 19.00 8.03
CA ASP A 23 25.57 17.64 8.51
C ASP A 23 27.02 17.24 8.46
N GLU A 24 27.89 18.18 8.06
CA GLU A 24 29.32 17.91 8.01
C GLU A 24 30.02 18.60 9.18
N LYS A 25 29.64 19.85 9.43
CA LYS A 25 30.22 20.60 10.53
C LYS A 25 29.39 20.37 11.78
N LEU A 26 28.19 19.85 11.57
CA LEU A 26 27.26 19.57 12.65
C LEU A 26 26.93 20.85 13.42
N THR A 27 26.42 21.85 12.70
CA THR A 27 26.01 23.12 13.28
C THR A 27 24.61 23.57 12.84
N CYS A 28 24.07 24.56 13.56
CA CYS A 28 22.75 25.12 13.33
C CYS A 28 22.81 26.62 13.31
N LYS A 29 22.12 27.22 12.34
CA LYS A 29 22.08 28.66 12.21
C LYS A 29 20.69 29.05 11.74
N LEU A 30 20.14 30.09 12.34
CA LEU A 30 18.85 30.59 11.89
C LEU A 30 19.23 31.41 10.67
N ILE A 31 18.59 31.19 9.52
CA ILE A 31 18.97 31.96 8.35
C ILE A 31 17.79 32.79 7.82
N LYS A 32 16.66 32.74 8.52
CA LYS A 32 15.52 33.48 8.03
C LYS A 32 14.30 33.49 8.90
N ARG A 33 13.81 34.71 9.13
CA ARG A 33 12.59 34.92 9.90
C ARG A 33 11.63 35.54 8.90
N THR A 34 10.72 34.73 8.39
CA THR A 34 9.72 35.19 7.45
C THR A 34 8.47 35.62 8.17
N GLU A 35 8.15 36.89 8.04
CA GLU A 35 6.99 37.44 8.71
C GLU A 35 5.68 36.93 8.08
N ILE A 36 4.65 36.66 8.88
CA ILE A 36 3.37 36.20 8.36
C ILE A 36 2.31 36.95 9.14
N PRO A 37 1.03 36.87 8.74
CA PRO A 37 -0.02 37.61 9.50
C PRO A 37 0.27 37.63 11.01
N GLN A 38 0.48 38.83 11.56
CA GLN A 38 0.82 38.98 12.97
C GLN A 38 0.02 38.13 13.92
N ASP A 39 -1.27 37.96 13.67
CA ASP A 39 -2.10 37.19 14.60
C ASP A 39 -2.41 35.77 14.16
N GLU A 40 -1.65 35.27 13.20
CA GLU A 40 -1.80 33.90 12.72
C GLU A 40 -0.51 33.06 12.94
N PRO A 41 0.00 33.05 14.18
CA PRO A 41 1.21 32.26 14.43
C PRO A 41 0.90 30.78 14.13
N ILE A 42 1.87 30.04 13.60
CA ILE A 42 1.62 28.63 13.27
C ILE A 42 2.12 27.59 14.30
N SER A 43 1.17 26.98 15.02
CA SER A 43 1.54 26.01 16.03
C SER A 43 1.74 24.63 15.45
N TRP A 44 1.39 24.45 14.19
CA TRP A 44 1.61 23.16 13.53
C TRP A 44 1.66 23.36 12.03
N THR A 46 3.06 21.85 8.06
CA THR A 46 3.36 20.65 7.31
C THR A 46 3.54 21.04 5.84
N PHE A 47 4.35 20.28 5.12
CA PHE A 47 4.58 20.51 3.71
C PHE A 47 3.59 19.71 2.86
N ASP A 48 3.39 20.14 1.61
CA ASP A 48 2.50 19.41 0.72
C ASP A 48 3.39 18.31 0.11
N HIS A 49 2.86 17.52 -0.83
CA HIS A 49 3.65 16.42 -1.37
C HIS A 49 4.95 16.73 -2.09
N GLU A 50 5.18 17.97 -2.49
CA GLU A 50 6.40 18.30 -3.18
C GLU A 50 7.17 19.33 -2.39
N ARG A 51 6.70 19.64 -1.20
CA ARG A 51 7.37 20.64 -0.38
C ARG A 51 7.45 21.97 -1.13
N LYS A 52 6.42 22.28 -1.89
CA LYS A 52 6.37 23.54 -2.62
C LYS A 52 5.42 24.48 -1.88
N ASN A 53 4.71 23.94 -0.89
CA ASN A 53 3.76 24.69 -0.09
C ASN A 53 3.85 24.32 1.38
N ILE A 54 3.51 25.26 2.26
CA ILE A 54 3.47 24.98 3.69
C ILE A 54 2.04 25.30 4.14
N TYR A 55 1.40 24.39 4.86
CA TYR A 55 0.05 24.65 5.35
C TYR A 55 0.19 24.77 6.86
N GLY A 56 -0.57 25.67 7.50
CA GLY A 56 -0.40 25.80 8.94
C GLY A 56 -1.66 25.92 9.76
N ALA A 57 -1.60 25.42 11.00
CA ALA A 57 -2.73 25.54 11.92
C ALA A 57 -2.35 26.87 12.55
N ALA A 58 -3.05 27.92 12.18
CA ALA A 58 -2.71 29.22 12.69
C ALA A 58 -3.76 29.95 13.52
N LYS A 60 -6.79 31.13 14.54
CA LYS A 60 -8.16 31.09 14.01
C LYS A 60 -8.18 30.83 12.53
N LYS A 61 -7.02 30.63 11.93
CA LYS A 61 -6.96 30.41 10.49
C LYS A 61 -6.20 29.14 10.07
N TRP A 62 -6.46 28.72 8.84
CA TRP A 62 -5.75 27.58 8.25
C TRP A 62 -5.01 28.33 7.11
N SER A 63 -3.70 28.52 7.26
CA SER A 63 -2.95 29.28 6.27
C SER A 63 -2.19 28.47 5.26
N SER A 64 -1.88 29.12 4.15
CA SER A 64 -1.20 28.45 3.05
C SER A 64 -0.06 29.33 2.55
N PHE A 65 1.14 28.76 2.40
CA PHE A 65 2.30 29.56 1.90
C PHE A 65 3.01 28.80 0.82
N ALA A 66 3.41 29.51 -0.23
CA ALA A 66 4.15 28.92 -1.37
C ALA A 66 5.60 29.04 -1.02
N VAL A 67 6.38 27.99 -1.26
CA VAL A 67 7.82 27.97 -0.92
C VAL A 67 8.71 27.80 -2.14
N LYS A 68 9.46 28.85 -2.48
CA LYS A 68 10.35 28.81 -3.65
C LYS A 68 11.69 28.26 -3.25
N SER A 69 12.13 28.61 -2.03
CA SER A 69 13.40 28.13 -1.49
C SER A 69 13.31 28.30 0.04
N PRO A 70 14.33 27.81 0.78
CA PRO A 70 14.33 27.94 2.25
C PRO A 70 14.07 29.35 2.75
N THR A 71 14.51 30.35 2.01
CA THR A 71 14.37 31.74 2.44
C THR A 71 13.27 32.53 1.76
N GLU A 72 12.55 31.86 0.87
CA GLU A 72 11.46 32.50 0.13
C GLU A 72 10.11 31.81 0.39
N ILE A 73 9.42 32.30 1.39
CA ILE A 73 8.13 31.75 1.74
C ILE A 73 7.09 32.87 1.59
N VAL A 74 6.08 32.64 0.76
CA VAL A 74 5.08 33.67 0.51
C VAL A 74 3.64 33.32 0.88
N HIS A 75 3.07 34.12 1.77
CA HIS A 75 1.70 33.93 2.19
C HIS A 75 0.77 33.99 0.98
N GLU A 76 -0.07 32.97 0.77
CA GLU A 76 -0.98 32.99 -0.36
C GLU A 76 -2.42 32.91 0.10
N ALA A 77 -2.67 32.53 1.35
CA ALA A 77 -4.08 32.44 1.79
C ALA A 77 -4.28 32.04 3.25
N SER A 78 -5.44 32.38 3.78
CA SER A 78 -5.78 32.06 5.15
C SER A 78 -7.30 31.86 5.23
N HIS A 79 -7.70 30.64 5.51
CA HIS A 79 -9.12 30.33 5.59
C HIS A 79 -9.59 30.23 7.02
N PRO A 80 -10.88 30.46 7.24
CA PRO A 80 -11.45 30.40 8.60
C PRO A 80 -11.79 28.97 8.96
N ILE A 81 -12.03 28.73 10.23
CA ILE A 81 -12.37 27.38 10.73
C ILE A 81 -13.80 27.03 10.35
N GLY A 82 -14.00 25.86 9.76
CA GLY A 82 -15.34 25.51 9.37
C GLY A 82 -16.00 24.59 10.38
N GLY A 83 -17.29 24.31 10.17
CA GLY A 83 -17.99 23.43 11.07
C GLY A 83 -18.99 24.18 11.92
N HIS A 84 -18.75 24.21 13.22
CA HIS A 84 -19.65 24.92 14.13
C HIS A 84 -19.59 26.43 13.85
N PRO A 85 -20.76 27.09 13.88
CA PRO A 85 -20.87 28.55 13.63
C PRO A 85 -19.94 29.42 14.48
N ARG A 86 -19.85 29.10 15.77
CA ARG A 86 -19.05 29.90 16.67
C ARG A 86 -17.56 29.63 16.65
N ALA A 87 -17.13 28.60 15.91
CA ALA A 87 -15.72 28.30 15.82
C ALA A 87 -14.86 29.53 15.52
N ASN A 88 -15.34 30.41 14.64
CA ASN A 88 -14.60 31.61 14.29
C ASN A 88 -14.80 32.85 15.13
N ASP A 89 -15.82 32.87 15.99
CA ASP A 89 -16.03 34.05 16.81
C ASP A 89 -14.73 34.37 17.54
N ALA A 90 -14.36 35.65 17.61
CA ALA A 90 -13.14 36.04 18.32
C ALA A 90 -13.31 35.84 19.84
N ASP A 91 -14.54 35.55 20.29
CA ASP A 91 -14.71 35.36 21.72
C ASP A 91 -14.70 33.88 22.17
N THR A 92 -14.48 32.93 21.25
CA THR A 92 -14.46 31.52 21.66
C THR A 92 -13.03 31.00 21.62
N ASN A 93 -12.73 29.99 22.41
CA ASN A 93 -11.36 29.47 22.41
C ASN A 93 -11.00 28.50 21.27
N THR A 94 -11.94 28.26 20.34
CA THR A 94 -11.68 27.33 19.24
C THR A 94 -10.39 27.71 18.57
N ARG A 95 -9.56 26.72 18.27
CA ARG A 95 -8.26 26.99 17.67
C ARG A 95 -7.84 25.93 16.64
N ALA A 96 -7.28 26.35 15.50
CA ALA A 96 -6.77 25.41 14.48
C ALA A 96 -5.58 24.69 15.12
N ILE A 97 -5.67 23.38 15.30
CA ILE A 97 -4.63 22.67 16.00
C ILE A 97 -3.77 21.69 15.21
N PHE A 98 -4.35 20.97 14.26
CA PHE A 98 -3.59 20.00 13.47
C PHE A 98 -3.97 20.04 12.01
N LEU A 99 -3.03 19.64 11.18
CA LEU A 99 -3.20 19.69 9.76
C LEU A 99 -2.52 18.51 9.05
N LEU A 100 -3.16 17.93 8.05
CA LEU A 100 -2.56 16.83 7.30
C LEU A 100 -2.72 16.99 5.78
N ALA A 101 -1.61 16.92 5.05
CA ALA A 101 -1.66 17.06 3.60
C ALA A 101 -1.50 15.72 2.86
N ALA A 102 -2.54 15.30 2.14
CA ALA A 102 -2.51 14.04 1.37
C ALA A 102 -1.39 14.05 0.37
N LYS A 103 -0.77 12.89 0.16
CA LYS A 103 0.33 12.86 -0.79
C LYS A 103 -0.05 12.23 -2.13
N GLN A 104 -1.31 11.81 -2.24
CA GLN A 104 -1.82 11.26 -3.51
C GLN A 104 -2.96 12.16 -3.97
N PRO A 105 -3.26 12.16 -5.27
CA PRO A 105 -4.35 13.00 -5.77
C PRO A 105 -5.61 12.75 -4.95
N PRO A 106 -6.43 13.79 -4.75
CA PRO A 106 -6.31 15.16 -5.21
C PRO A 106 -5.49 16.08 -4.34
N TYR A 107 -4.68 15.50 -3.48
CA TYR A 107 -3.80 16.27 -2.60
C TYR A 107 -4.54 17.22 -1.65
N ALA A 108 -5.73 16.82 -1.24
CA ALA A 108 -6.50 17.66 -0.32
C ALA A 108 -5.82 17.80 1.05
N VAL A 109 -6.25 18.78 1.82
CA VAL A 109 -5.68 18.99 3.14
C VAL A 109 -6.79 18.75 4.16
N TYR A 110 -6.49 17.99 5.18
CA TYR A 110 -7.46 17.64 6.22
C TYR A 110 -7.03 18.33 7.50
N ALA A 111 -7.92 19.15 8.08
CA ALA A 111 -7.61 19.96 9.26
C ALA A 111 -8.55 19.79 10.45
N ASN A 112 -7.98 19.92 11.64
CA ASN A 112 -8.75 19.77 12.87
C ASN A 112 -8.79 20.97 13.82
N PRO A 113 -10.00 21.50 14.11
CA PRO A 113 -10.09 22.62 15.04
C PRO A 113 -10.02 21.91 16.39
N PHE A 114 -9.80 22.66 17.47
CA PHE A 114 -9.68 22.06 18.80
C PHE A 114 -10.30 22.95 19.86
N TYR A 115 -10.56 22.37 21.02
CA TYR A 115 -11.19 23.03 22.18
C TYR A 115 -12.68 23.04 21.95
N LYS A 116 -13.37 24.14 22.27
CA LYS A 116 -14.81 24.16 22.07
C LYS A 116 -15.20 24.32 20.60
N PHE A 117 -16.44 23.93 20.30
CA PHE A 117 -17.00 24.02 18.96
C PHE A 117 -16.05 23.42 17.94
N ALA A 118 -15.60 22.19 18.20
CA ALA A 118 -14.64 21.57 17.31
C ALA A 118 -15.11 20.22 16.84
N GLY A 119 -16.42 20.00 16.84
CA GLY A 119 -16.97 18.71 16.43
C GLY A 119 -16.93 18.37 14.94
N TYR A 120 -16.07 19.06 14.19
CA TYR A 120 -15.98 18.80 12.77
C TYR A 120 -14.58 18.80 12.25
N GLY A 121 -14.39 18.12 11.11
CA GLY A 121 -13.12 18.15 10.43
C GLY A 121 -13.28 19.14 9.28
N ASN A 122 -12.20 19.73 8.81
CA ASN A 122 -12.28 20.66 7.70
C ASN A 122 -11.46 20.11 6.57
N VAL A 123 -12.07 19.94 5.41
CA VAL A 123 -11.35 19.42 4.26
C VAL A 123 -11.21 20.55 3.25
N PHE A 124 -10.00 20.74 2.73
CA PHE A 124 -9.74 21.81 1.77
C PHE A 124 -9.16 21.24 0.50
N SER A 125 -9.64 21.70 -0.64
CA SER A 125 -9.09 21.24 -1.88
C SER A 125 -7.95 22.23 -2.11
N VAL A 126 -7.03 21.92 -3.02
CA VAL A 126 -5.93 22.82 -3.31
C VAL A 126 -5.92 23.17 -4.80
N SER A 127 -5.33 24.32 -5.14
CA SER A 127 -5.26 24.77 -6.52
C SER A 127 -4.25 23.93 -7.32
N GLU A 128 -4.16 24.19 -8.63
CA GLU A 128 -3.21 23.46 -9.46
C GLU A 128 -1.81 23.71 -8.92
N THR A 129 -1.61 24.79 -8.15
CA THR A 129 -0.28 25.11 -7.58
C THR A 129 -0.09 24.60 -6.15
N GLY A 130 -1.14 24.01 -5.60
CA GLY A 130 -1.07 23.48 -4.26
C GLY A 130 -1.48 24.44 -3.17
N LYS A 131 -2.11 25.55 -3.53
CA LYS A 131 -2.52 26.55 -2.57
C LYS A 131 -3.84 26.10 -1.94
N LEU A 132 -4.04 26.37 -0.65
CA LEU A 132 -5.31 25.99 -0.02
C LEU A 132 -6.40 26.73 -0.79
N GLU A 133 -7.22 25.99 -1.53
CA GLU A 133 -8.28 26.58 -2.35
C GLU A 133 -9.62 26.88 -1.72
N LYS A 134 -10.35 25.83 -1.35
CA LYS A 134 -11.68 26.04 -0.83
C LYS A 134 -12.04 24.95 0.17
N ASN A 135 -12.80 25.30 1.20
CA ASN A 135 -13.25 24.32 2.18
C ASN A 135 -14.36 23.53 1.45
N VAL A 136 -14.03 22.33 1.00
CA VAL A 136 -15.03 21.54 0.29
C VAL A 136 -15.95 20.72 1.18
N GLN A 137 -15.58 20.52 2.44
CA GLN A 137 -16.42 19.73 3.34
C GLN A 137 -16.09 19.91 4.82
N ASN A 138 -17.13 19.89 5.65
CA ASN A 138 -16.98 19.95 7.08
C ASN A 138 -17.71 18.72 7.59
N TYR A 139 -16.99 17.62 7.75
CA TYR A 139 -17.58 16.37 8.20
C TYR A 139 -17.63 16.31 9.72
N GLU A 140 -18.69 15.73 10.26
CA GLU A 140 -18.80 15.69 11.71
C GLU A 140 -18.32 14.43 12.38
N TYR A 141 -17.90 14.65 13.63
CA TYR A 141 -17.44 13.64 14.55
C TYR A 141 -18.59 13.65 15.56
N GLN A 142 -18.39 14.26 16.73
CA GLN A 142 -19.46 14.41 17.75
C GLN A 142 -19.19 15.75 18.45
N GLU A 143 -20.24 16.38 19.01
CA GLU A 143 -20.12 17.73 19.65
C GLU A 143 -18.91 17.86 20.55
N ASN A 144 -18.67 16.73 21.21
CA ASN A 144 -17.65 16.38 22.18
C ASN A 144 -16.19 16.35 21.66
N THR A 145 -16.04 16.04 20.38
CA THR A 145 -14.75 15.88 19.77
C THR A 145 -13.68 16.94 19.92
N GLY A 146 -12.44 16.45 19.93
CA GLY A 146 -11.27 17.27 19.99
C GLY A 146 -10.16 16.48 19.30
N ILE A 147 -10.17 16.39 17.97
CA ILE A 147 -9.13 15.66 17.25
C ILE A 147 -7.83 16.44 17.36
N HIS A 148 -6.73 15.80 17.71
CA HIS A 148 -5.47 16.51 17.80
C HIS A 148 -4.42 15.93 16.83
N GLY A 149 -4.80 14.91 16.08
CA GLY A 149 -3.89 14.32 15.13
C GLY A 149 -4.55 13.26 14.30
N VAL A 151 -3.86 10.42 10.54
CA VAL A 151 -2.92 9.75 9.66
C VAL A 151 -3.70 8.87 8.70
N PHE A 152 -3.22 8.78 7.46
CA PHE A 152 -3.82 7.94 6.42
C PHE A 152 -3.17 6.56 6.40
N ASP A 153 -3.83 5.57 5.80
CA ASP A 153 -3.21 4.26 5.66
C ASP A 153 -2.31 4.50 4.44
N PRO A 154 -1.32 3.66 4.20
CA PRO A 154 -0.43 3.88 3.03
C PRO A 154 -1.11 4.19 1.69
N THR A 155 -2.33 3.70 1.54
CA THR A 155 -3.09 3.90 0.33
C THR A 155 -3.85 5.20 0.24
N GLU A 156 -4.08 5.81 1.40
CA GLU A 156 -4.82 7.06 1.52
C GLU A 156 -6.26 6.82 1.14
N THR A 157 -6.78 5.70 1.65
CA THR A 157 -8.15 5.31 1.45
C THR A 157 -8.87 5.40 2.80
N TYR A 158 -8.13 5.33 3.88
CA TYR A 158 -8.72 5.42 5.20
C TYR A 158 -7.97 6.42 6.05
N LEU A 159 -8.74 7.23 6.77
CA LEU A 159 -8.18 8.28 7.60
C LEU A 159 -8.52 7.97 9.04
N TYR A 160 -7.50 7.97 9.90
CA TYR A 160 -7.70 7.68 11.31
C TYR A 160 -7.50 8.93 12.14
N SER A 161 -8.40 9.17 13.08
CA SER A 161 -8.28 10.38 13.89
C SER A 161 -8.19 10.11 15.37
N ALA A 162 -7.28 10.80 16.05
CA ALA A 162 -7.11 10.65 17.51
C ALA A 162 -7.96 11.71 18.20
N ASP A 163 -9.08 11.27 18.79
CA ASP A 163 -10.03 12.16 19.45
C ASP A 163 -9.66 12.25 20.93
N LEU A 164 -8.94 13.30 21.28
CA LEU A 164 -8.46 13.47 22.64
C LEU A 164 -9.56 13.67 23.65
N THR A 165 -10.44 14.62 23.42
CA THR A 165 -11.49 14.87 24.41
C THR A 165 -12.62 13.85 24.40
N ALA A 166 -12.88 13.19 23.27
CA ALA A 166 -13.95 12.19 23.25
C ALA A 166 -13.37 10.82 23.61
N ASN A 167 -12.04 10.79 23.78
CA ASN A 167 -11.27 9.59 24.15
C ASN A 167 -11.50 8.41 23.21
N LYS A 168 -11.30 8.62 21.92
CA LYS A 168 -11.53 7.54 20.98
C LYS A 168 -10.73 7.71 19.71
N LEU A 169 -10.79 6.69 18.85
CA LEU A 169 -10.11 6.67 17.57
C LEU A 169 -11.19 6.51 16.52
N TRP A 170 -11.18 7.38 15.52
CA TRP A 170 -12.17 7.33 14.45
C TRP A 170 -11.56 6.80 13.15
N THR A 171 -12.42 6.24 12.31
CA THR A 171 -11.99 5.73 11.03
C THR A 171 -12.89 6.32 9.97
N HIS A 172 -12.28 6.91 8.96
CA HIS A 172 -13.05 7.45 7.86
C HIS A 172 -12.59 6.88 6.53
N ARG A 173 -13.49 6.83 5.56
CA ARG A 173 -13.12 6.34 4.24
C ARG A 173 -12.94 7.59 3.35
N LYS A 174 -11.86 7.68 2.61
CA LYS A 174 -11.65 8.85 1.73
C LYS A 174 -12.16 8.53 0.35
N LEU A 175 -13.16 9.28 -0.11
CA LEU A 175 -13.70 9.07 -1.45
C LEU A 175 -12.69 9.61 -2.47
N ALA A 176 -12.88 9.24 -3.73
CA ALA A 176 -11.96 9.69 -4.76
C ALA A 176 -11.93 11.21 -4.84
N SER A 177 -13.07 11.84 -4.51
CA SER A 177 -13.16 13.31 -4.55
C SER A 177 -12.24 13.96 -3.53
N GLY A 178 -11.87 13.20 -2.51
CA GLY A 178 -11.01 13.74 -1.47
C GLY A 178 -11.81 13.90 -0.21
N GLU A 179 -13.15 13.86 -0.35
CA GLU A 179 -14.03 14.00 0.80
C GLU A 179 -14.11 12.71 1.56
N VAL A 180 -14.49 12.82 2.83
CA VAL A 180 -14.55 11.63 3.63
C VAL A 180 -15.94 11.20 3.95
N GLU A 181 -16.00 10.04 4.59
CA GLU A 181 -17.25 9.40 4.96
C GLU A 181 -16.92 8.52 6.17
N LEU A 182 -17.73 8.62 7.22
CA LEU A 182 -17.51 7.83 8.42
C LEU A 182 -17.60 6.32 8.21
N VAL A 183 -16.73 5.59 8.91
CA VAL A 183 -16.71 4.13 8.92
C VAL A 183 -17.03 3.73 10.36
N GLY A 184 -16.34 4.32 11.34
CA GLY A 184 -16.62 3.97 12.72
C GLY A 184 -15.64 4.55 13.74
N SER A 185 -15.74 4.14 15.00
CA SER A 185 -14.86 4.62 16.07
C SER A 185 -14.73 3.59 17.18
N VAL A 186 -13.69 3.75 17.99
CA VAL A 186 -13.46 2.82 19.10
C VAL A 186 -13.02 3.67 20.28
N ASP A 187 -13.46 3.34 21.48
CA ASP A 187 -12.98 4.10 22.60
C ASP A 187 -11.57 3.67 22.89
N ALA A 188 -10.78 4.56 23.48
CA ALA A 188 -9.42 4.25 23.86
C ALA A 188 -9.52 3.17 24.94
N PRO A 189 -8.46 2.38 25.12
CA PRO A 189 -8.48 1.31 26.13
C PRO A 189 -8.91 1.72 27.54
N ASP A 190 -8.44 2.87 27.98
CA ASP A 190 -8.74 3.33 29.30
C ASP A 190 -9.36 4.73 29.26
N PRO A 191 -10.26 5.02 30.21
CA PRO A 191 -10.89 6.35 30.23
C PRO A 191 -9.89 7.46 30.35
N GLY A 192 -8.76 7.18 30.97
CA GLY A 192 -7.75 8.21 31.16
C GLY A 192 -6.69 8.33 30.07
N ASP A 193 -6.82 7.60 28.97
CA ASP A 193 -5.81 7.68 27.91
C ASP A 193 -5.75 9.01 27.16
N HIS A 194 -6.84 9.34 26.44
CA HIS A 194 -6.99 10.55 25.64
C HIS A 194 -6.07 10.54 24.39
N PRO A 195 -6.53 9.92 23.30
CA PRO A 195 -5.70 9.88 22.10
C PRO A 195 -5.33 11.26 21.59
N ARG A 196 -4.05 11.48 21.31
CA ARG A 196 -3.62 12.75 20.79
C ARG A 196 -2.94 12.61 19.43
N TRP A 197 -2.33 11.46 19.18
CA TRP A 197 -1.61 11.30 17.95
C TRP A 197 -1.66 9.86 17.42
N VAL A 198 -1.49 9.70 16.12
CA VAL A 198 -1.49 8.37 15.51
C VAL A 198 -0.50 8.31 14.35
N ALA A 199 0.22 7.20 14.28
CA ALA A 199 1.19 7.00 13.24
C ALA A 199 0.86 5.68 12.55
N HIS A 201 2.12 2.28 10.12
CA HIS A 201 3.23 1.44 9.68
C HIS A 201 3.13 1.34 8.14
N PRO A 202 4.26 1.38 7.42
CA PRO A 202 4.22 1.31 5.95
C PRO A 202 3.44 0.18 5.28
N THR A 203 3.29 -0.96 5.96
CA THR A 203 2.56 -2.07 5.38
C THR A 203 1.08 -1.85 5.48
N GLY A 204 0.70 -0.96 6.38
CA GLY A 204 -0.71 -0.70 6.59
C GLY A 204 -1.32 -1.69 7.60
N ASN A 205 -0.49 -2.58 8.17
CA ASN A 205 -0.95 -3.59 9.12
C ASN A 205 -1.15 -3.07 10.55
N TYR A 206 -0.37 -2.06 10.90
CA TYR A 206 -0.43 -1.53 12.24
C TYR A 206 -0.50 -0.04 12.30
N LEU A 207 -1.07 0.41 13.41
CA LEU A 207 -1.28 1.81 13.68
C LEU A 207 -0.88 2.02 15.14
N TYR A 208 -0.26 3.15 15.43
CA TYR A 208 0.16 3.39 16.80
C TYR A 208 -0.57 4.62 17.31
N ALA A 209 -1.21 4.50 18.47
CA ALA A 209 -1.91 5.64 19.05
C ALA A 209 -1.26 6.12 20.34
N LEU A 210 -0.84 7.39 20.34
CA LEU A 210 -0.24 8.01 21.50
C LEU A 210 -1.32 8.61 22.42
N GLU A 212 -2.34 10.97 25.35
CA GLU A 212 -1.79 12.12 26.05
C GLU A 212 -1.81 12.00 27.57
N ALA A 213 -2.99 11.76 28.14
CA ALA A 213 -3.04 11.68 29.59
C ALA A 213 -2.53 10.33 30.09
N GLY A 214 -2.64 9.32 29.24
CA GLY A 214 -2.19 7.99 29.62
C GLY A 214 -0.67 7.86 29.54
N ASN A 215 -0.05 8.81 28.84
CA ASN A 215 1.38 8.83 28.66
C ASN A 215 1.90 7.47 28.19
N ARG A 216 1.37 7.00 27.09
CA ARG A 216 1.79 5.70 26.56
C ARG A 216 1.41 5.53 25.11
N ILE A 217 2.05 4.58 24.45
CA ILE A 217 1.76 4.31 23.07
C ILE A 217 0.98 2.99 23.10
N CYS A 218 -0.18 2.94 22.46
CA CYS A 218 -0.99 1.70 22.39
C CYS A 218 -0.94 1.19 20.96
N GLU A 219 -0.72 -0.11 20.82
CA GLU A 219 -0.62 -0.77 19.52
C GLU A 219 -1.95 -1.25 18.92
N TYR A 220 -2.17 -0.99 17.64
CA TYR A 220 -3.40 -1.44 17.01
C TYR A 220 -3.17 -2.21 15.72
N VAL A 221 -3.85 -3.32 15.56
CA VAL A 221 -3.69 -4.04 14.31
C VAL A 221 -4.91 -3.58 13.52
N ILE A 222 -4.71 -3.31 12.23
CA ILE A 222 -5.80 -2.88 11.41
C ILE A 222 -6.54 -4.08 10.83
N ASP A 223 -7.82 -4.20 11.17
CA ASP A 223 -8.65 -5.31 10.68
C ASP A 223 -8.89 -5.09 9.19
N PRO A 224 -8.36 -5.97 8.32
CA PRO A 224 -8.55 -5.77 6.88
C PRO A 224 -10.01 -5.84 6.44
N ALA A 225 -10.83 -6.49 7.25
CA ALA A 225 -12.25 -6.60 6.93
C ALA A 225 -12.96 -5.25 7.02
N THR A 226 -12.69 -4.50 8.08
CA THR A 226 -13.34 -3.21 8.27
C THR A 226 -12.44 -2.01 8.15
N HIS A 227 -11.14 -2.23 8.19
CA HIS A 227 -10.18 -1.15 8.12
C HIS A 227 -10.10 -0.40 9.43
N PRO A 229 -8.98 -0.06 13.53
CA PRO A 229 -7.94 -0.50 14.45
C PRO A 229 -8.49 -1.26 15.63
N VAL A 230 -7.80 -2.34 15.96
CA VAL A 230 -8.17 -3.18 17.07
C VAL A 230 -6.95 -3.25 17.99
N TYR A 231 -7.17 -2.93 19.25
CA TYR A 231 -6.11 -2.91 20.24
C TYR A 231 -5.59 -4.33 20.48
N THR A 232 -4.26 -4.48 20.50
CA THR A 232 -3.59 -5.76 20.70
C THR A 232 -3.25 -6.02 22.16
N HIS A 233 -3.47 -5.00 23.01
CA HIS A 233 -3.20 -5.07 24.42
C HIS A 233 -1.75 -4.79 24.76
N HIS A 234 -0.99 -4.29 23.77
CA HIS A 234 0.41 -3.92 23.99
C HIS A 234 0.50 -2.41 24.07
N SER A 235 1.15 -1.94 25.11
CA SER A 235 1.36 -0.50 25.29
C SER A 235 2.78 -0.29 25.86
N PHE A 236 3.31 0.90 25.66
CA PHE A 236 4.62 1.25 26.13
C PHE A 236 4.58 2.59 26.81
N PRO A 237 5.33 2.73 27.90
CA PRO A 237 5.36 3.98 28.63
C PRO A 237 6.11 5.09 27.92
N LEU A 238 5.63 6.31 28.07
CA LEU A 238 6.23 7.47 27.47
C LEU A 238 6.78 8.35 28.60
N ILE A 239 6.59 7.94 29.84
CA ILE A 239 7.18 8.60 31.00
C ILE A 239 7.62 7.43 31.91
N PRO A 240 8.63 7.66 32.75
CA PRO A 240 9.11 6.59 33.62
C PRO A 240 8.06 5.96 34.50
N PRO A 241 7.99 4.61 34.53
CA PRO A 241 7.02 3.90 35.36
C PRO A 241 7.17 4.30 36.80
N GLY A 242 6.06 4.70 37.45
CA GLY A 242 6.06 5.11 38.85
C GLY A 242 6.39 6.57 39.14
N ILE A 243 6.81 7.32 38.14
CA ILE A 243 7.17 8.70 38.38
C ILE A 243 5.97 9.44 38.94
N PRO A 244 6.16 10.29 39.96
CA PRO A 244 5.04 11.06 40.53
C PRO A 244 4.42 11.87 39.38
N ASP A 245 3.13 11.68 39.12
CA ASP A 245 2.52 12.43 38.03
C ASP A 245 1.17 13.07 38.31
N ARG A 246 0.91 13.45 39.57
CA ARG A 246 -0.35 14.10 39.93
C ARG A 246 -0.20 15.46 40.64
N ASP A 247 -0.45 16.53 39.90
CA ASP A 247 -0.42 17.89 40.46
C ASP A 247 -1.28 17.90 41.72
N PRO A 248 -0.68 18.08 42.90
CA PRO A 248 -1.52 18.06 44.11
C PRO A 248 -2.47 19.26 44.34
N GLU A 249 -2.42 20.24 43.43
CA GLU A 249 -3.24 21.47 43.52
C GLU A 249 -4.21 21.41 42.36
N THR A 250 -4.43 20.20 41.86
CA THR A 250 -5.27 20.10 40.70
C THR A 250 -5.83 18.71 40.55
N GLY A 251 -5.04 17.72 40.98
CA GLY A 251 -5.47 16.36 40.77
C GLY A 251 -5.27 16.03 39.30
N LYS A 252 -5.02 17.04 38.43
CA LYS A 252 -4.75 16.71 37.03
C LYS A 252 -3.28 16.22 36.90
N GLY A 253 -2.93 15.59 35.78
CA GLY A 253 -1.60 15.03 35.60
C GLY A 253 -0.51 16.05 35.42
N LEU A 254 0.75 15.63 35.63
CA LEU A 254 1.93 16.49 35.47
C LEU A 254 2.59 16.27 34.11
N TYR A 255 2.21 15.20 33.41
CA TYR A 255 2.81 14.91 32.13
C TYR A 255 1.78 14.74 31.05
N ARG A 256 2.10 15.15 29.83
CA ARG A 256 1.20 15.04 28.70
C ARG A 256 1.99 14.56 27.49
N ALA A 257 1.73 13.33 27.06
CA ALA A 257 2.45 12.76 25.92
C ALA A 257 2.18 13.63 24.69
N ASP A 258 3.16 13.72 23.82
CA ASP A 258 3.04 14.61 22.68
C ASP A 258 2.85 14.01 21.29
N VAL A 259 3.94 13.57 20.69
CA VAL A 259 3.89 13.07 19.31
C VAL A 259 4.68 11.77 19.08
N CYS A 260 4.29 11.01 18.06
CA CYS A 260 5.01 9.79 17.73
C CYS A 260 5.21 9.78 16.22
N ALA A 261 6.37 9.31 15.78
CA ALA A 261 6.67 9.32 14.36
C ALA A 261 7.67 8.27 13.93
N LEU A 262 7.43 7.64 12.78
CA LEU A 262 8.34 6.62 12.29
C LEU A 262 9.49 7.24 11.54
N THR A 263 10.64 6.57 11.56
CA THR A 263 11.80 7.07 10.84
C THR A 263 11.65 6.65 9.40
N PHE A 264 12.53 7.16 8.55
CA PHE A 264 12.53 6.85 7.12
C PHE A 264 12.39 5.37 6.75
N SER A 265 13.18 4.52 7.38
CA SER A 265 13.16 3.10 7.07
C SER A 265 11.91 2.37 7.53
N GLY A 266 11.23 2.93 8.51
CA GLY A 266 10.06 2.29 9.02
C GLY A 266 10.43 1.29 10.08
N LYS A 267 11.73 1.16 10.38
CA LYS A 267 12.16 0.22 11.40
C LYS A 267 12.05 0.77 12.80
N TYR A 268 12.01 2.10 12.92
CA TYR A 268 11.92 2.73 14.22
C TYR A 268 10.84 3.78 14.34
N PHE A 270 10.01 7.25 17.11
CA PHE A 270 10.37 8.06 18.25
C PHE A 270 9.06 8.65 18.76
N ALA A 271 9.00 8.90 20.04
CA ALA A 271 7.81 9.48 20.64
C ALA A 271 8.27 10.38 21.76
N SER A 272 7.41 11.31 22.15
CA SER A 272 7.80 12.21 23.23
C SER A 272 6.64 12.59 24.12
N SER A 273 6.95 13.20 25.25
CA SER A 273 5.94 13.69 26.18
C SER A 273 6.55 14.90 26.85
N ARG A 274 5.70 15.78 27.34
CA ARG A 274 6.19 16.97 28.02
C ARG A 274 5.71 17.03 29.45
N ALA A 275 6.40 17.83 30.26
CA ALA A 275 6.04 18.04 31.65
C ALA A 275 5.27 19.35 31.70
N ASN A 276 4.35 19.46 32.65
CA ASN A 276 3.55 20.67 32.80
C ASN A 276 4.20 21.72 33.69
N LYS A 277 5.38 21.44 34.22
CA LYS A 277 6.10 22.42 35.04
C LYS A 277 7.51 22.57 34.51
N PHE A 278 7.99 23.81 34.41
CA PHE A 278 9.31 24.05 33.86
C PHE A 278 10.47 23.39 34.58
N GLU A 279 10.31 23.10 35.87
CA GLU A 279 11.40 22.45 36.59
C GLU A 279 11.46 20.93 36.38
N LEU A 280 10.47 20.38 35.67
CA LEU A 280 10.44 18.95 35.39
C LEU A 280 10.94 18.66 33.97
N GLN A 281 11.51 17.47 33.79
CA GLN A 281 12.00 17.06 32.50
C GLN A 281 10.91 16.38 31.70
N GLY A 282 10.95 16.59 30.39
CA GLY A 282 10.03 15.92 29.50
C GLY A 282 10.76 14.62 29.10
N TYR A 283 10.19 13.83 28.18
CA TYR A 283 10.85 12.59 27.79
C TYR A 283 10.74 12.34 26.32
N ILE A 284 11.67 11.51 25.86
CA ILE A 284 11.76 11.10 24.47
C ILE A 284 11.97 9.58 24.48
N ALA A 285 11.24 8.88 23.62
CA ALA A 285 11.34 7.44 23.58
C ALA A 285 11.52 6.93 22.17
N GLY A 286 12.12 5.74 22.07
CA GLY A 286 12.39 5.15 20.79
C GLY A 286 11.96 3.70 20.79
N PHE A 287 11.43 3.25 19.66
CA PHE A 287 10.97 1.89 19.52
C PHE A 287 11.45 1.24 18.26
N LYS A 288 11.57 -0.08 18.31
CA LYS A 288 11.97 -0.84 17.13
C LYS A 288 10.72 -1.60 16.66
N LEU A 289 10.49 -1.56 15.34
CA LEU A 289 9.32 -2.19 14.75
C LEU A 289 9.64 -3.43 13.93
N ARG A 290 8.91 -4.53 14.16
CA ARG A 290 9.11 -5.74 13.38
C ARG A 290 8.62 -5.43 11.95
N ASP A 291 9.07 -6.21 10.97
CA ASP A 291 8.66 -5.96 9.59
C ASP A 291 7.14 -6.03 9.34
N CYS A 292 6.45 -6.86 10.10
CA CYS A 292 5.02 -6.98 9.92
C CYS A 292 4.30 -5.80 10.54
N GLY A 293 5.02 -4.97 11.31
CA GLY A 293 4.39 -3.80 11.91
C GLY A 293 4.24 -3.73 13.42
N SER A 294 4.24 -4.86 14.13
CA SER A 294 4.13 -4.81 15.60
C SER A 294 5.40 -4.19 16.20
N ILE A 295 5.30 -3.67 17.41
CA ILE A 295 6.42 -3.05 18.08
C ILE A 295 7.22 -4.14 18.76
N GLU A 296 8.48 -4.29 18.34
CA GLU A 296 9.34 -5.30 18.91
C GLU A 296 9.75 -5.01 20.34
N LYS A 297 10.26 -3.81 20.57
CA LYS A 297 10.69 -3.44 21.91
C LYS A 297 10.89 -1.96 22.07
N GLN A 298 10.98 -1.52 23.31
CA GLN A 298 11.24 -0.11 23.55
C GLN A 298 12.76 -0.02 23.69
N LEU A 299 13.40 0.80 22.87
CA LEU A 299 14.85 0.92 22.93
C LEU A 299 15.31 1.90 24.01
N PHE A 300 14.51 2.93 24.26
CA PHE A 300 14.93 3.88 25.27
C PHE A 300 13.83 4.80 25.76
N LEU A 301 14.06 5.38 26.92
CA LEU A 301 13.15 6.34 27.51
C LEU A 301 14.11 7.25 28.27
N SER A 302 14.33 8.46 27.75
CA SER A 302 15.27 9.41 28.31
C SER A 302 14.71 10.82 28.52
N PRO A 303 15.24 11.54 29.51
CA PRO A 303 14.83 12.90 29.83
C PRO A 303 15.27 13.85 28.72
N THR A 304 14.46 14.88 28.43
CA THR A 304 14.79 15.85 27.42
C THR A 304 15.40 17.02 28.20
N PRO A 305 16.12 17.92 27.52
CA PRO A 305 16.71 19.00 28.28
C PRO A 305 15.72 19.86 29.06
N THR A 306 14.53 20.11 28.51
CA THR A 306 13.54 20.94 29.19
C THR A 306 12.26 20.16 29.37
N SER A 307 11.21 20.83 29.82
CA SER A 307 9.92 20.16 30.03
C SER A 307 9.28 20.01 28.68
N GLY A 308 9.84 20.69 27.70
CA GLY A 308 9.26 20.67 26.38
C GLY A 308 8.21 21.76 26.20
N GLY A 309 7.71 22.32 27.29
CA GLY A 309 6.71 23.35 27.17
C GLY A 309 5.47 22.80 26.50
N HIS A 310 4.97 23.49 25.48
CA HIS A 310 3.79 23.03 24.77
C HIS A 310 4.21 22.07 23.65
N SER A 311 5.51 21.86 23.49
CA SER A 311 5.95 21.02 22.40
C SER A 311 6.67 19.72 22.71
N ASN A 312 7.98 19.72 22.46
CA ASN A 312 8.82 18.55 22.61
C ASN A 312 8.51 17.59 21.45
N ALA A 313 7.98 18.16 20.37
CA ALA A 313 7.62 17.41 19.18
C ALA A 313 8.85 16.88 18.45
N VAL A 314 8.88 15.58 18.23
CA VAL A 314 10.02 15.02 17.54
C VAL A 314 9.75 14.95 16.04
N SER A 315 10.79 15.20 15.24
CA SER A 315 10.63 15.18 13.80
C SER A 315 11.76 14.47 13.07
N PRO A 316 11.56 13.19 12.73
CA PRO A 316 12.55 12.36 12.02
C PRO A 316 12.80 12.89 10.62
N CYS A 317 14.04 12.84 10.12
CA CYS A 317 14.32 13.29 8.74
C CYS A 317 13.53 12.30 7.89
N PRO A 318 12.71 12.80 6.94
CA PRO A 318 11.90 11.96 6.07
C PRO A 318 12.64 11.08 5.07
N TRP A 319 13.93 11.33 4.84
CA TRP A 319 14.67 10.53 3.87
C TRP A 319 15.83 9.75 4.47
N SER A 320 16.04 9.83 5.78
CA SER A 320 17.14 9.11 6.38
C SER A 320 16.90 8.92 7.86
N ASP A 321 17.16 7.71 8.34
CA ASP A 321 16.99 7.39 9.75
C ASP A 321 18.01 8.14 10.63
N GLU A 322 19.06 8.65 10.02
CA GLU A 322 20.14 9.28 10.77
C GLU A 322 19.87 10.53 11.62
N TRP A 323 18.92 11.35 11.21
CA TRP A 323 18.64 12.56 11.98
C TRP A 323 17.25 12.71 12.51
N ALA A 325 14.89 15.88 14.73
CA ALA A 325 14.86 17.20 15.34
C ALA A 325 13.78 17.21 16.43
N ILE A 326 13.94 18.10 17.40
CA ILE A 326 12.95 18.24 18.44
C ILE A 326 12.88 19.73 18.78
N THR A 327 11.68 20.21 19.12
CA THR A 327 11.52 21.62 19.44
C THR A 327 10.90 21.76 20.82
N ASP A 328 11.14 22.88 21.46
CA ASP A 328 10.54 23.13 22.76
C ASP A 328 10.23 24.62 22.81
N ASP A 329 9.23 25.01 23.57
CA ASP A 329 8.93 26.43 23.68
C ASP A 329 9.08 26.89 25.11
N GLN A 330 9.90 26.17 25.89
CA GLN A 330 10.17 26.55 27.26
C GLN A 330 11.37 27.50 27.18
N GLU A 331 12.40 27.05 26.49
CA GLU A 331 13.61 27.84 26.31
C GLU A 331 13.75 28.30 24.87
N GLY A 332 13.13 27.54 23.95
CA GLY A 332 13.16 27.90 22.55
C GLY A 332 14.24 27.29 21.71
N TRP A 333 14.53 26.03 21.92
CA TRP A 333 15.57 25.38 21.13
C TRP A 333 15.07 24.50 20.00
N LEU A 334 15.87 24.45 18.94
CA LEU A 334 15.64 23.51 17.86
C LEU A 334 16.91 22.67 18.05
N GLU A 335 16.76 21.42 18.43
CA GLU A 335 17.91 20.53 18.61
C GLU A 335 17.92 19.46 17.53
N ILE A 336 19.10 18.98 17.16
CA ILE A 336 19.19 17.95 16.18
C ILE A 336 20.01 16.82 16.72
N TYR A 337 19.43 15.62 16.68
CA TYR A 337 20.10 14.43 17.17
C TYR A 337 20.45 13.48 16.05
N ARG A 338 21.41 12.63 16.33
CA ARG A 338 21.80 11.62 15.37
C ARG A 338 21.38 10.26 15.95
N TRP A 339 20.87 9.38 15.09
CA TRP A 339 20.44 8.04 15.48
C TRP A 339 21.53 7.13 14.89
N LYS A 340 22.30 6.50 15.78
CA LYS A 340 23.42 5.64 15.37
C LYS A 340 23.56 4.41 16.28
N ASP A 341 23.56 3.23 15.68
CA ASP A 341 23.64 1.98 16.44
C ASP A 341 22.57 1.93 17.52
N GLU A 342 21.38 2.42 17.19
CA GLU A 342 20.27 2.46 18.11
C GLU A 342 20.50 3.20 19.43
N PHE A 343 21.25 4.29 19.35
CA PHE A 343 21.47 5.17 20.48
C PHE A 343 21.35 6.55 19.88
N LEU A 344 20.80 7.48 20.63
CA LEU A 344 20.60 8.85 20.17
C LEU A 344 21.59 9.81 20.84
N HIS A 345 22.18 10.70 20.06
CA HIS A 345 23.09 11.69 20.63
C HIS A 345 22.91 13.02 19.94
N ARG A 346 22.86 14.08 20.73
CA ARG A 346 22.67 15.42 20.17
C ARG A 346 23.92 15.83 19.38
N VAL A 347 23.75 16.48 18.24
CA VAL A 347 24.90 16.93 17.45
C VAL A 347 24.90 18.43 17.15
N ALA A 348 23.77 19.10 17.33
CA ALA A 348 23.69 20.55 17.06
C ALA A 348 22.39 21.18 17.58
N ARG A 349 22.41 22.48 17.79
CA ARG A 349 21.20 23.10 18.26
C ARG A 349 21.29 24.59 18.19
N VAL A 350 20.14 25.26 18.17
CA VAL A 350 20.14 26.70 18.14
C VAL A 350 18.94 27.20 18.92
N ARG A 351 19.16 28.29 19.61
CA ARG A 351 18.10 28.85 20.39
C ARG A 351 17.51 30.11 19.72
N ILE A 352 16.18 30.20 19.70
CA ILE A 352 15.52 31.36 19.11
C ILE A 352 14.69 32.09 20.16
N PRO A 353 15.19 33.24 20.62
CA PRO A 353 14.71 34.22 21.60
C PRO A 353 13.34 34.79 21.36
N GLU A 354 12.48 34.13 20.62
CA GLU A 354 11.20 34.78 20.34
C GLU A 354 10.02 34.22 21.07
N PRO A 355 8.93 35.01 21.14
CA PRO A 355 7.70 34.60 21.80
C PRO A 355 7.13 33.32 21.23
N GLY A 356 6.86 32.36 22.10
CA GLY A 356 6.26 31.09 21.71
C GLY A 356 7.06 30.24 20.77
N PHE A 357 8.33 30.58 20.57
CA PHE A 357 9.11 29.81 19.66
C PHE A 357 9.40 28.40 20.08
N GLY A 358 9.18 27.51 19.11
CA GLY A 358 9.42 26.11 19.26
C GLY A 358 8.19 25.25 19.22
N ASN A 360 6.95 23.06 16.23
CA ASN A 360 7.26 21.83 15.50
C ASN A 360 8.14 22.15 14.31
N ALA A 361 9.02 21.22 13.95
CA ALA A 361 9.92 21.43 12.84
C ALA A 361 9.63 20.49 11.69
N ILE A 362 9.73 21.00 10.48
CA ILE A 362 9.49 20.19 9.31
C ILE A 362 10.68 20.35 8.40
N TRP A 363 11.08 19.23 7.78
CA TRP A 363 12.22 19.20 6.86
C TRP A 363 11.95 19.48 5.38
N TYR A 364 12.72 20.40 4.86
CA TYR A 364 12.73 20.81 3.45
C TYR A 364 14.20 20.52 3.29
N ASP A 365 14.70 19.78 2.30
CA ASP A 365 16.18 19.65 2.31
C ASP A 365 16.91 18.83 3.38
N PRO B 1 10.12 8.36 55.39
CA PRO B 1 11.31 8.41 56.30
C PRO B 1 12.42 9.32 55.77
N LEU B 2 13.25 9.80 56.68
CA LEU B 2 14.32 10.69 56.27
C LEU B 2 15.63 9.94 56.05
N HIS B 3 16.44 10.42 55.11
CA HIS B 3 17.72 9.83 54.77
C HIS B 3 18.73 10.94 54.67
N HIS B 4 20.02 10.63 54.75
CA HIS B 4 21.01 11.70 54.67
C HIS B 4 22.23 11.41 53.81
N LEU B 5 22.72 12.42 53.12
CA LEU B 5 23.89 12.22 52.28
C LEU B 5 24.91 13.31 52.55
N ILE B 7 28.36 15.32 51.13
CA ILE B 7 29.01 15.62 49.86
C ILE B 7 30.18 16.57 50.06
N GLY B 8 31.20 16.40 49.24
CA GLY B 8 32.39 17.22 49.35
C GLY B 8 32.52 18.15 48.18
N THR B 9 33.69 18.76 48.05
CA THR B 9 33.92 19.71 46.98
C THR B 9 35.30 19.58 46.35
N TRP B 10 35.40 20.10 45.15
CA TRP B 10 36.60 20.06 44.33
C TRP B 10 37.51 21.22 44.63
N THR B 11 36.96 22.19 45.34
CA THR B 11 37.65 23.43 45.60
C THR B 11 37.50 23.94 47.00
N PRO B 12 38.47 24.77 47.47
CA PRO B 12 38.39 25.33 48.83
C PRO B 12 37.23 26.34 48.79
N PRO B 13 36.67 26.73 49.93
CA PRO B 13 36.98 26.32 51.30
C PRO B 13 36.43 24.94 51.56
N GLY B 14 37.18 24.15 52.31
CA GLY B 14 36.74 22.82 52.61
C GLY B 14 35.48 22.81 53.42
N ALA B 15 34.56 21.87 53.16
CA ALA B 15 33.31 21.75 53.92
C ALA B 15 32.63 20.43 53.55
N ILE B 16 31.86 19.89 54.48
CA ILE B 16 31.14 18.66 54.22
C ILE B 16 29.67 19.08 54.34
N PHE B 17 28.90 18.82 53.29
CA PHE B 17 27.51 19.20 53.32
C PHE B 17 26.61 18.02 53.58
N THR B 18 25.63 18.19 54.46
CA THR B 18 24.70 17.12 54.77
C THR B 18 23.32 17.43 54.16
N VAL B 19 22.90 16.64 53.19
CA VAL B 19 21.60 16.84 52.59
C VAL B 19 20.61 15.82 53.14
N GLN B 20 19.37 16.24 53.29
CA GLN B 20 18.36 15.36 53.82
C GLN B 20 17.39 15.05 52.69
N PHE B 21 17.04 13.77 52.56
CA PHE B 21 16.12 13.34 51.51
C PHE B 21 14.91 12.66 52.13
N ASP B 22 13.73 13.22 51.86
CA ASP B 22 12.49 12.66 52.38
C ASP B 22 11.93 11.71 51.30
N ASP B 23 11.93 10.41 51.55
CA ASP B 23 11.43 9.49 50.51
C ASP B 23 9.90 9.39 50.41
N GLU B 24 9.20 10.19 51.20
CA GLU B 24 7.74 10.21 51.17
C GLU B 24 7.26 11.47 50.46
N LYS B 25 7.90 12.59 50.75
CA LYS B 25 7.52 13.82 50.11
C LYS B 25 8.34 14.01 48.86
N LEU B 26 9.40 13.22 48.74
CA LEU B 26 10.35 13.29 47.62
C LEU B 26 10.96 14.69 47.47
N THR B 27 11.63 15.13 48.54
CA THR B 27 12.28 16.43 48.56
C THR B 27 13.71 16.37 49.11
N CYS B 28 14.45 17.44 48.87
CA CYS B 28 15.83 17.55 49.30
C CYS B 28 16.06 18.89 49.95
N LYS B 29 16.75 18.87 51.10
CA LYS B 29 17.08 20.09 51.83
C LYS B 29 18.50 19.98 52.36
N LEU B 30 19.24 21.07 52.24
CA LEU B 30 20.60 21.12 52.78
C LEU B 30 20.32 21.40 54.24
N ILE B 31 20.84 20.58 55.15
CA ILE B 31 20.57 20.82 56.57
C ILE B 31 21.83 21.12 57.35
N LYS B 32 22.98 21.11 56.70
CA LYS B 32 24.20 21.37 57.41
C LYS B 32 25.43 21.56 56.56
N ARG B 33 26.20 22.58 56.88
CA ARG B 33 27.46 22.85 56.20
C ARG B 33 28.49 22.77 57.31
N THR B 34 29.19 21.64 57.38
CA THR B 34 30.24 21.45 58.39
C THR B 34 31.58 21.93 57.89
N GLU B 35 32.12 22.92 58.56
CA GLU B 35 33.38 23.49 58.16
C GLU B 35 34.51 22.53 58.46
N ILE B 36 35.51 22.50 57.62
CA ILE B 36 36.67 21.63 57.84
C ILE B 36 37.90 22.43 57.36
N PRO B 37 39.12 21.96 57.69
CA PRO B 37 40.31 22.71 57.26
C PRO B 37 40.11 23.41 55.92
N GLN B 38 40.17 24.74 55.94
CA GLN B 38 39.93 25.54 54.75
C GLN B 38 40.61 24.99 53.51
N ASP B 39 41.83 24.52 53.64
CA ASP B 39 42.55 24.06 52.44
C ASP B 39 42.57 22.55 52.20
N GLU B 40 41.67 21.85 52.86
CA GLU B 40 41.54 20.39 52.71
C GLU B 40 40.15 20.00 52.22
N PRO B 41 39.69 20.59 51.10
CA PRO B 41 38.36 20.26 50.57
C PRO B 41 38.38 18.79 50.18
N ILE B 42 37.28 18.09 50.40
CA ILE B 42 37.24 16.67 50.09
C ILE B 42 36.59 16.28 48.77
N SER B 43 37.41 15.93 47.80
CA SER B 43 36.95 15.55 46.46
C SER B 43 36.46 14.08 46.39
N TRP B 44 36.74 13.31 47.43
CA TRP B 44 36.26 11.94 47.52
C TRP B 44 36.18 11.49 48.96
N THR B 46 34.27 8.69 51.91
CA THR B 46 33.68 7.37 52.06
C THR B 46 33.51 7.14 53.55
N PHE B 47 32.55 6.30 53.92
CA PHE B 47 32.28 5.95 55.32
C PHE B 47 33.04 4.72 55.72
N ASP B 48 33.24 4.55 57.03
CA ASP B 48 33.94 3.35 57.50
C ASP B 48 32.86 2.28 57.61
N HIS B 49 33.18 1.08 58.09
CA HIS B 49 32.21 0.01 58.11
C HIS B 49 30.95 0.20 58.93
N GLU B 50 30.97 1.13 59.89
CA GLU B 50 29.77 1.40 60.70
C GLU B 50 29.25 2.80 60.48
N ARG B 51 29.79 3.52 59.49
CA ARG B 51 29.38 4.87 59.19
C ARG B 51 29.52 5.74 60.45
N LYS B 52 30.56 5.45 61.22
CA LYS B 52 30.85 6.25 62.41
C LYS B 52 32.00 7.22 62.11
N ASN B 53 32.62 7.06 60.94
CA ASN B 53 33.71 7.92 60.54
C ASN B 53 33.62 8.24 59.05
N ILE B 54 34.24 9.34 58.64
CA ILE B 54 34.27 9.69 57.24
C ILE B 54 35.72 9.96 56.93
N TYR B 55 36.23 9.32 55.88
CA TYR B 55 37.61 9.51 55.46
C TYR B 55 37.55 10.26 54.14
N GLY B 56 38.48 11.17 53.89
CA GLY B 56 38.43 11.89 52.64
C GLY B 56 39.75 12.12 51.93
N ALA B 57 39.68 12.25 50.61
CA ALA B 57 40.85 12.52 49.79
C ALA B 57 40.78 14.03 49.80
N ALA B 58 41.64 14.65 50.58
CA ALA B 58 41.58 16.10 50.72
C ALA B 58 42.75 16.92 50.26
N LYS B 60 46.02 17.87 49.71
CA LYS B 60 47.33 17.33 50.12
C LYS B 60 47.22 16.49 51.35
N LYS B 61 46.01 16.22 51.82
CA LYS B 61 45.83 15.44 53.04
C LYS B 61 44.85 14.29 52.93
N TRP B 62 44.93 13.37 53.89
CA TRP B 62 44.01 12.25 53.95
C TRP B 62 43.36 12.56 55.29
N SER B 63 42.14 13.05 55.29
CA SER B 63 41.50 13.42 56.54
C SER B 63 40.53 12.42 57.12
N SER B 64 40.30 12.54 58.41
CA SER B 64 39.45 11.62 59.13
C SER B 64 38.44 12.36 59.99
N PHE B 65 37.18 11.97 59.94
CA PHE B 65 36.17 12.67 60.75
C PHE B 65 35.29 11.67 61.46
N ALA B 66 34.92 11.99 62.69
CA ALA B 66 34.06 11.13 63.49
C ALA B 66 32.65 11.68 63.28
N VAL B 67 31.69 10.79 63.09
CA VAL B 67 30.32 11.19 62.82
C VAL B 67 29.36 10.70 63.89
N LYS B 68 28.82 11.63 64.69
CA LYS B 68 27.88 11.25 65.73
C LYS B 68 26.46 11.20 65.16
N SER B 69 26.16 12.09 64.22
CA SER B 69 24.83 12.15 63.58
C SER B 69 25.01 12.93 62.28
N PRO B 70 23.95 13.05 61.47
CA PRO B 70 24.04 13.78 60.20
C PRO B 70 24.56 15.19 60.29
N THR B 71 24.31 15.83 61.43
CA THR B 71 24.72 17.21 61.64
C THR B 71 25.96 17.39 62.54
N GLU B 72 26.43 16.28 63.12
CA GLU B 72 27.60 16.30 63.99
C GLU B 72 28.82 15.55 63.40
N ILE B 73 29.64 16.28 62.67
CA ILE B 73 30.81 15.70 62.06
C ILE B 73 32.04 16.43 62.65
N VAL B 74 32.95 15.69 63.28
CA VAL B 74 34.11 16.32 63.91
C VAL B 74 35.48 15.88 63.39
N HIS B 75 36.23 16.85 62.86
CA HIS B 75 37.56 16.59 62.36
C HIS B 75 38.40 15.95 63.46
N GLU B 76 39.03 14.82 63.19
CA GLU B 76 39.89 14.14 64.18
C GLU B 76 41.32 14.00 63.70
N ALA B 77 41.59 14.12 62.39
CA ALA B 77 42.99 14.03 61.91
C ALA B 77 43.15 14.29 60.42
N SER B 78 44.37 14.63 60.03
CA SER B 78 44.71 14.87 58.64
C SER B 78 46.17 14.44 58.41
N HIS B 79 46.36 13.36 57.65
CA HIS B 79 47.70 12.83 57.36
C HIS B 79 48.21 13.28 56.01
N PRO B 80 49.53 13.33 55.85
CA PRO B 80 50.15 13.75 54.58
C PRO B 80 50.23 12.58 53.61
N ILE B 81 50.48 12.87 52.35
CA ILE B 81 50.57 11.83 51.35
C ILE B 81 51.91 11.08 51.49
N GLY B 82 51.86 9.75 51.53
CA GLY B 82 53.06 8.95 51.69
C GLY B 82 53.57 8.47 50.33
N GLY B 83 54.77 7.90 50.35
CA GLY B 83 55.37 7.39 49.14
C GLY B 83 56.53 8.22 48.64
N HIS B 84 56.38 8.84 47.48
CA HIS B 84 57.45 9.67 46.96
C HIS B 84 57.65 10.92 47.85
N PRO B 85 58.92 11.28 48.13
CA PRO B 85 59.29 12.43 48.97
C PRO B 85 58.58 13.74 48.60
N ARG B 86 58.53 14.05 47.31
CA ARG B 86 57.90 15.29 46.83
C ARG B 86 56.37 15.33 46.80
N ALA B 87 55.72 14.20 47.05
CA ALA B 87 54.26 14.15 47.04
C ALA B 87 53.67 15.26 47.90
N ASN B 88 54.33 15.58 49.02
CA ASN B 88 53.80 16.64 49.89
C ASN B 88 54.25 18.06 49.65
N ASP B 89 55.32 18.27 48.86
CA ASP B 89 55.75 19.64 48.63
C ASP B 89 54.56 20.46 48.15
N ALA B 90 54.42 21.67 48.66
CA ALA B 90 53.34 22.53 48.24
C ALA B 90 53.55 22.97 46.77
N ASP B 91 54.71 22.72 46.19
CA ASP B 91 54.93 23.12 44.79
C ASP B 91 54.67 22.01 43.76
N THR B 92 54.24 20.83 44.21
CA THR B 92 53.98 19.75 43.26
C THR B 92 52.46 19.53 43.10
N ASN B 93 52.03 19.06 41.95
CA ASN B 93 50.59 18.89 41.77
C ASN B 93 50.01 17.58 42.37
N THR B 94 50.82 16.79 43.07
CA THR B 94 50.32 15.56 43.65
C THR B 94 49.07 15.86 44.47
N ARG B 95 48.05 15.02 44.33
CA ARG B 95 46.82 15.24 45.06
C ARG B 95 46.18 13.96 45.56
N ALA B 96 45.62 13.97 46.77
CA ALA B 96 44.91 12.79 47.33
C ALA B 96 43.63 12.64 46.50
N ILE B 97 43.52 11.55 45.76
CA ILE B 97 42.39 11.40 44.85
C ILE B 97 41.32 10.37 45.12
N PHE B 98 41.70 9.24 45.71
CA PHE B 98 40.73 8.16 46.00
C PHE B 98 41.03 7.47 47.31
N LEU B 99 39.98 6.94 47.91
CA LEU B 99 40.10 6.33 49.21
C LEU B 99 39.18 5.13 49.36
N LEU B 100 39.65 4.08 50.03
CA LEU B 100 38.84 2.88 50.25
C LEU B 100 38.90 2.35 51.67
N ALA B 101 37.76 2.15 52.30
CA ALA B 101 37.78 1.67 53.67
C ALA B 101 37.33 0.23 53.77
N ALA B 102 38.22 -0.64 54.22
CA ALA B 102 37.91 -2.07 54.37
C ALA B 102 36.74 -2.27 55.33
N LYS B 103 35.88 -3.24 55.03
CA LYS B 103 34.76 -3.49 55.91
C LYS B 103 34.96 -4.69 56.86
N GLN B 104 36.11 -5.38 56.71
CA GLN B 104 36.47 -6.50 57.59
C GLN B 104 37.74 -6.12 58.35
N PRO B 105 37.98 -6.75 59.52
CA PRO B 105 39.16 -6.44 60.31
C PRO B 105 40.37 -6.56 59.41
N PRO B 106 41.41 -5.72 59.63
CA PRO B 106 41.53 -4.67 60.66
C PRO B 106 40.96 -3.30 60.28
N TYR B 107 40.06 -3.29 59.33
CA TYR B 107 39.42 -2.07 58.92
C TYR B 107 40.35 -0.99 58.45
N ALA B 108 41.46 -1.37 57.83
CA ALA B 108 42.43 -0.38 57.34
C ALA B 108 41.86 0.44 56.18
N VAL B 109 42.51 1.55 55.87
CA VAL B 109 42.07 2.42 54.79
C VAL B 109 43.17 2.47 53.73
N TYR B 110 42.79 2.29 52.47
CA TYR B 110 43.74 2.26 51.39
C TYR B 110 43.50 3.49 50.57
N ALA B 111 44.55 4.28 50.37
CA ALA B 111 44.42 5.54 49.66
C ALA B 111 45.34 5.72 48.49
N ASN B 112 44.91 6.49 47.49
CA ASN B 112 45.72 6.69 46.29
C ASN B 112 46.00 8.14 45.92
N PRO B 113 47.30 8.53 45.86
CA PRO B 113 47.64 9.90 45.48
C PRO B 113 47.50 9.87 43.95
N PHE B 114 47.47 11.01 43.30
CA PHE B 114 47.32 11.05 41.85
C PHE B 114 48.20 12.16 41.25
N TYR B 115 48.39 12.11 39.94
CA TYR B 115 49.21 13.08 39.23
C TYR B 115 50.69 12.74 39.40
N LYS B 116 51.57 13.74 39.55
CA LYS B 116 52.99 13.41 39.67
C LYS B 116 53.33 12.82 41.01
N PHE B 117 54.45 12.10 41.05
CA PHE B 117 54.95 11.49 42.29
C PHE B 117 53.86 10.67 43.00
N ALA B 118 53.13 9.87 42.23
CA ALA B 118 52.02 9.08 42.80
C ALA B 118 52.21 7.59 42.63
N GLY B 119 53.47 7.16 42.47
CA GLY B 119 53.76 5.74 42.30
C GLY B 119 53.59 4.83 43.50
N TYR B 120 52.84 5.25 44.49
CA TYR B 120 52.64 4.45 45.67
C TYR B 120 51.23 4.50 46.16
N GLY B 121 50.86 3.47 46.93
CA GLY B 121 49.56 3.41 47.56
C GLY B 121 49.84 3.72 49.03
N ASN B 122 48.87 4.28 49.76
CA ASN B 122 49.07 4.60 51.17
C ASN B 122 48.08 3.79 52.00
N VAL B 123 48.60 3.01 52.94
CA VAL B 123 47.74 2.20 53.79
C VAL B 123 47.78 2.81 55.17
N PHE B 124 46.61 2.99 55.76
CA PHE B 124 46.49 3.57 57.10
C PHE B 124 45.79 2.61 58.02
N SER B 125 46.25 2.48 59.26
CA SER B 125 45.56 1.64 60.21
C SER B 125 44.60 2.60 60.87
N VAL B 126 43.65 2.09 61.63
CA VAL B 126 42.71 2.97 62.28
C VAL B 126 42.70 2.65 63.76
N SER B 127 42.30 3.62 64.58
CA SER B 127 42.26 3.42 66.03
C SER B 127 41.08 2.54 66.43
N GLU B 128 40.97 2.22 67.73
CA GLU B 128 39.84 1.41 68.18
C GLU B 128 38.51 2.16 67.84
N THR B 129 38.55 3.48 67.66
CA THR B 129 37.33 4.24 67.32
C THR B 129 37.15 4.45 65.82
N GLY B 130 38.12 4.01 65.01
CA GLY B 130 37.99 4.15 63.58
C GLY B 130 38.64 5.39 63.00
N LYS B 131 39.45 6.06 63.81
CA LYS B 131 40.11 7.27 63.32
C LYS B 131 41.33 6.87 62.52
N LEU B 132 41.65 7.61 61.46
CA LEU B 132 42.85 7.30 60.69
C LEU B 132 43.99 7.42 61.70
N GLU B 133 44.65 6.30 61.99
CA GLU B 133 45.72 6.25 62.96
C GLU B 133 47.16 6.55 62.47
N LYS B 134 47.71 5.63 61.69
CA LYS B 134 49.08 5.77 61.23
C LYS B 134 49.26 5.19 59.84
N ASN B 135 50.16 5.78 59.07
CA ASN B 135 50.46 5.27 57.73
C ASN B 135 51.36 4.04 58.00
N VAL B 136 50.82 2.84 57.94
CA VAL B 136 51.60 1.63 58.17
C VAL B 136 52.34 1.11 56.92
N GLN B 137 52.00 1.59 55.73
CA GLN B 137 52.68 1.11 54.57
C GLN B 137 52.50 1.96 53.32
N ASN B 138 53.59 2.10 52.55
CA ASN B 138 53.54 2.80 51.28
C ASN B 138 54.06 1.80 50.25
N TYR B 139 53.14 1.03 49.66
CA TYR B 139 53.50 0.02 48.68
C TYR B 139 53.60 0.61 47.31
N GLU B 140 54.56 0.13 46.54
CA GLU B 140 54.73 0.70 45.21
C GLU B 140 54.08 0.02 44.04
N TYR B 141 53.75 0.85 43.06
CA TYR B 141 53.18 0.40 41.81
C TYR B 141 54.37 0.61 40.87
N GLN B 142 54.35 1.70 40.09
CA GLN B 142 55.48 2.05 39.20
C GLN B 142 55.53 3.57 39.11
N GLU B 143 56.73 4.11 38.85
CA GLU B 143 56.92 5.58 38.78
C GLU B 143 55.80 6.29 37.99
N ASN B 144 55.30 5.59 37.00
CA ASN B 144 54.28 5.96 36.05
C ASN B 144 52.82 6.03 36.57
N THR B 145 52.56 5.25 37.62
CA THR B 145 51.24 5.08 38.16
C THR B 145 50.38 6.28 38.52
N GLY B 146 49.08 6.04 38.40
CA GLY B 146 48.07 7.01 38.72
C GLY B 146 46.79 6.25 39.00
N ILE B 147 46.71 5.62 40.17
CA ILE B 147 45.51 4.86 40.53
C ILE B 147 44.40 5.85 40.82
N HIS B 148 43.22 5.65 40.25
CA HIS B 148 42.13 6.56 40.53
C HIS B 148 40.95 5.87 41.19
N GLY B 149 41.08 4.55 41.39
CA GLY B 149 40.04 3.76 42.03
C GLY B 149 40.45 2.33 42.33
N VAL B 151 39.05 -1.63 44.47
CA VAL B 151 37.95 -2.41 45.02
C VAL B 151 38.46 -3.76 45.50
N PHE B 152 37.88 -4.25 46.60
CA PHE B 152 38.27 -5.54 47.18
C PHE B 152 37.37 -6.64 46.63
N ASP B 153 37.81 -7.88 46.69
CA ASP B 153 36.94 -8.97 46.24
C ASP B 153 36.05 -9.08 47.49
N PRO B 154 34.91 -9.78 47.42
CA PRO B 154 34.03 -9.90 48.60
C PRO B 154 34.70 -10.32 49.92
N THR B 155 35.80 -11.07 49.81
CA THR B 155 36.52 -11.57 50.97
C THR B 155 37.53 -10.61 51.56
N GLU B 156 37.89 -9.61 50.77
CA GLU B 156 38.87 -8.61 51.18
C GLU B 156 40.21 -9.27 51.36
N THR B 157 40.55 -10.11 50.37
CA THR B 157 41.82 -10.80 50.35
C THR B 157 42.63 -10.29 49.18
N TYR B 158 41.92 -9.74 48.21
CA TYR B 158 42.56 -9.23 47.03
C TYR B 158 42.05 -7.86 46.69
N LEU B 159 42.99 -6.97 46.39
CA LEU B 159 42.71 -5.56 46.10
C LEU B 159 43.06 -5.27 44.66
N TYR B 160 42.10 -4.71 43.93
CA TYR B 160 42.31 -4.40 42.53
C TYR B 160 42.38 -2.91 42.33
N SER B 161 43.36 -2.45 41.55
CA SER B 161 43.53 -1.04 41.32
C SER B 161 43.46 -0.63 39.86
N ALA B 162 42.76 0.45 39.59
CA ALA B 162 42.63 0.97 38.24
C ALA B 162 43.74 2.02 38.04
N ASP B 163 44.74 1.68 37.23
CA ASP B 163 45.86 2.58 37.00
C ASP B 163 45.58 3.33 35.71
N LEU B 164 45.10 4.55 35.87
CA LEU B 164 44.73 5.39 34.75
C LEU B 164 45.89 5.82 33.86
N THR B 165 46.93 6.40 34.44
CA THR B 165 48.08 6.84 33.64
C THR B 165 49.03 5.72 33.19
N ALA B 166 49.08 4.60 33.90
CA ALA B 166 49.93 3.51 33.44
C ALA B 166 49.10 2.56 32.56
N ASN B 167 47.79 2.84 32.42
CA ASN B 167 46.87 2.06 31.59
C ASN B 167 46.85 0.58 31.93
N LYS B 168 46.60 0.25 33.20
CA LYS B 168 46.57 -1.14 33.60
C LYS B 168 45.74 -1.41 34.83
N LEU B 169 45.54 -2.69 35.15
CA LEU B 169 44.78 -3.10 36.33
C LEU B 169 45.77 -3.89 37.17
N TRP B 170 45.87 -3.56 38.46
CA TRP B 170 46.79 -4.24 39.34
C TRP B 170 46.04 -5.15 40.29
N THR B 171 46.71 -6.21 40.75
CA THR B 171 46.13 -7.12 41.72
C THR B 171 47.08 -7.21 42.94
N HIS B 172 46.57 -7.02 44.14
CA HIS B 172 47.40 -7.11 45.32
C HIS B 172 46.75 -8.09 46.28
N ARG B 173 47.58 -8.73 47.10
CA ARG B 173 47.06 -9.64 48.09
C ARG B 173 47.03 -8.86 49.42
N LYS B 174 45.95 -8.98 50.20
CA LYS B 174 45.91 -8.28 51.49
C LYS B 174 46.31 -9.26 52.57
N LEU B 175 47.40 -8.98 53.26
CA LEU B 175 47.85 -9.85 54.35
C LEU B 175 46.93 -9.62 55.55
N ALA B 176 47.01 -10.49 56.54
CA ALA B 176 46.15 -10.37 57.72
C ALA B 176 46.36 -9.06 58.47
N SER B 177 47.58 -8.55 58.38
CA SER B 177 47.91 -7.32 59.05
C SER B 177 47.17 -6.13 58.43
N GLY B 178 46.70 -6.31 57.20
CA GLY B 178 46.05 -5.22 56.50
C GLY B 178 46.96 -4.70 55.39
N GLU B 179 48.25 -5.02 55.47
CA GLU B 179 49.19 -4.58 54.46
C GLU B 179 49.02 -5.41 53.19
N VAL B 180 49.53 -4.89 52.10
CA VAL B 180 49.38 -5.58 50.85
C VAL B 180 50.68 -6.03 50.30
N GLU B 181 50.58 -6.81 49.24
CA GLU B 181 51.72 -7.42 48.60
C GLU B 181 51.30 -7.64 47.14
N LEU B 182 52.16 -7.22 46.20
CA LEU B 182 51.87 -7.37 44.79
C LEU B 182 51.66 -8.80 44.32
N VAL B 183 50.68 -8.97 43.43
CA VAL B 183 50.39 -10.26 42.83
C VAL B 183 50.74 -10.12 41.34
N GLY B 184 50.24 -9.06 40.69
CA GLY B 184 50.50 -8.84 39.27
C GLY B 184 49.67 -7.72 38.65
N SER B 185 49.74 -7.57 37.34
CA SER B 185 49.02 -6.51 36.64
C SER B 185 48.72 -6.92 35.19
N VAL B 186 47.80 -6.21 34.54
CA VAL B 186 47.44 -6.48 33.15
C VAL B 186 47.25 -5.15 32.46
N ASP B 187 47.65 -5.03 31.21
CA ASP B 187 47.44 -3.78 30.54
C ASP B 187 45.98 -3.73 30.13
N ALA B 188 45.43 -2.54 30.04
CA ALA B 188 44.05 -2.36 29.61
C ALA B 188 43.98 -2.89 28.18
N PRO B 189 42.80 -3.35 27.73
CA PRO B 189 42.67 -3.88 26.37
C PRO B 189 43.25 -2.94 25.26
N ASP B 190 43.01 -1.65 25.39
CA ASP B 190 43.45 -0.70 24.39
C ASP B 190 44.32 0.40 24.98
N PRO B 191 45.30 0.90 24.20
CA PRO B 191 46.17 1.95 24.71
C PRO B 191 45.40 3.18 25.13
N GLY B 192 44.25 3.41 24.49
CA GLY B 192 43.43 4.55 24.80
C GLY B 192 42.36 4.37 25.87
N ASP B 193 42.36 3.24 26.57
CA ASP B 193 41.33 3.04 27.59
C ASP B 193 41.49 3.90 28.85
N HIS B 194 42.58 3.68 29.58
CA HIS B 194 42.89 4.40 30.81
C HIS B 194 41.95 4.05 31.94
N PRO B 195 42.19 2.93 32.65
CA PRO B 195 41.31 2.54 33.74
C PRO B 195 41.18 3.60 34.81
N ARG B 196 39.96 3.91 35.21
CA ARG B 196 39.77 4.90 36.24
C ARG B 196 39.02 4.35 37.43
N TRP B 197 38.20 3.33 37.20
CA TRP B 197 37.39 2.78 38.29
C TRP B 197 37.15 1.29 38.14
N VAL B 198 36.89 0.62 39.25
CA VAL B 198 36.60 -0.80 39.23
C VAL B 198 35.53 -1.18 40.25
N ALA B 199 34.62 -2.06 39.84
CA ALA B 199 33.57 -2.49 40.74
C ALA B 199 33.63 -4.00 40.83
N HIS B 201 31.65 -7.81 41.62
CA HIS B 201 30.37 -8.53 41.70
C HIS B 201 30.37 -9.31 43.05
N PRO B 202 29.22 -9.38 43.72
CA PRO B 202 29.15 -10.09 45.01
C PRO B 202 29.66 -11.51 45.07
N THR B 203 29.58 -12.24 43.96
CA THR B 203 30.10 -13.61 43.98
C THR B 203 31.62 -13.63 43.96
N GLY B 204 32.22 -12.56 43.48
CA GLY B 204 33.66 -12.49 43.38
C GLY B 204 34.13 -13.05 42.06
N ASN B 205 33.18 -13.43 41.21
CA ASN B 205 33.49 -14.01 39.87
C ASN B 205 33.89 -13.01 38.82
N TYR B 206 33.32 -11.83 38.89
CA TYR B 206 33.56 -10.79 37.91
C TYR B 206 33.92 -9.45 38.48
N LEU B 207 34.66 -8.71 37.67
CA LEU B 207 35.10 -7.40 38.04
C LEU B 207 34.83 -6.50 36.84
N TYR B 208 34.41 -5.25 37.08
CA TYR B 208 34.13 -4.31 35.98
C TYR B 208 35.09 -3.12 36.04
N ALA B 209 35.77 -2.87 34.91
CA ALA B 209 36.72 -1.79 34.85
C ALA B 209 36.26 -0.66 33.94
N LEU B 210 36.06 0.50 34.51
CA LEU B 210 35.60 1.64 33.75
C LEU B 210 36.80 2.34 33.12
N GLU B 212 38.36 5.54 31.45
CA GLU B 212 38.09 6.96 31.30
C GLU B 212 38.17 7.49 29.87
N ALA B 213 39.31 7.34 29.23
CA ALA B 213 39.43 7.87 27.88
C ALA B 213 38.72 7.03 26.86
N GLY B 214 38.59 5.74 27.17
CA GLY B 214 37.92 4.82 26.25
C GLY B 214 36.39 4.91 26.35
N ASN B 215 35.93 5.56 27.43
CA ASN B 215 34.51 5.75 27.68
C ASN B 215 33.74 4.46 27.52
N ARG B 216 34.09 3.47 28.31
CA ARG B 216 33.41 2.19 28.23
C ARG B 216 33.69 1.34 29.43
N ILE B 217 32.85 0.34 29.65
CA ILE B 217 33.01 -0.59 30.74
C ILE B 217 33.51 -1.89 30.11
N CYS B 218 34.61 -2.43 30.63
CA CYS B 218 35.17 -3.68 30.13
C CYS B 218 34.97 -4.74 31.22
N GLU B 219 34.51 -5.93 30.82
CA GLU B 219 34.23 -7.04 31.71
C GLU B 219 35.41 -7.97 31.98
N TYR B 220 35.62 -8.33 33.24
CA TYR B 220 36.70 -9.23 33.58
C TYR B 220 36.25 -10.37 34.44
N VAL B 221 36.67 -11.59 34.08
CA VAL B 221 36.32 -12.71 34.92
C VAL B 221 37.56 -12.86 35.80
N ILE B 222 37.37 -13.17 37.06
CA ILE B 222 38.50 -13.33 37.96
C ILE B 222 38.99 -14.78 37.97
N ASP B 223 40.22 -15.00 37.54
CA ASP B 223 40.82 -16.34 37.51
C ASP B 223 41.01 -16.83 38.92
N PRO B 224 40.28 -17.87 39.35
CA PRO B 224 40.44 -18.37 40.73
C PRO B 224 41.84 -18.89 41.05
N ALA B 225 42.58 -19.27 40.02
CA ALA B 225 43.92 -19.78 40.24
C ALA B 225 44.89 -18.70 40.70
N THR B 226 44.78 -17.51 40.13
CA THR B 226 45.68 -16.43 40.46
C THR B 226 45.03 -15.22 41.11
N HIS B 227 43.70 -15.14 40.98
CA HIS B 227 42.94 -14.02 41.51
C HIS B 227 43.09 -12.80 40.66
N PRO B 229 42.29 -10.56 37.17
CA PRO B 229 41.23 -10.37 36.19
C PRO B 229 41.64 -10.67 34.75
N VAL B 230 40.78 -11.38 34.04
CA VAL B 230 41.02 -11.71 32.64
C VAL B 230 39.87 -11.10 31.81
N TYR B 231 40.24 -10.35 30.78
CA TYR B 231 39.28 -9.70 29.91
C TYR B 231 38.49 -10.73 29.10
N THR B 232 37.16 -10.58 29.08
CA THR B 232 36.28 -11.48 28.38
C THR B 232 35.98 -11.01 27.00
N HIS B 233 36.44 -9.82 26.67
CA HIS B 233 36.20 -9.23 25.36
C HIS B 233 34.84 -8.57 25.25
N HIS B 234 34.15 -8.42 26.38
CA HIS B 234 32.85 -7.73 26.39
C HIS B 234 33.05 -6.33 26.97
N SER B 235 32.57 -5.33 26.24
CA SER B 235 32.62 -3.96 26.69
C SER B 235 31.31 -3.28 26.33
N PHE B 236 31.02 -2.18 27.03
CA PHE B 236 29.82 -1.42 26.78
C PHE B 236 30.12 0.06 26.74
N PRO B 237 29.49 0.76 25.82
CA PRO B 237 29.72 2.20 25.71
C PRO B 237 29.15 3.01 26.88
N LEU B 238 29.87 4.07 27.25
CA LEU B 238 29.46 4.96 28.32
C LEU B 238 29.12 6.32 27.70
N ILE B 239 29.32 6.46 26.39
CA ILE B 239 28.90 7.66 25.67
C ILE B 239 28.29 7.11 24.38
N PRO B 240 27.38 7.86 23.75
CA PRO B 240 26.74 7.39 22.51
C PRO B 240 27.68 7.01 21.39
N PRO B 241 27.52 5.83 20.82
CA PRO B 241 28.39 5.41 19.72
C PRO B 241 28.40 6.41 18.58
N GLY B 242 29.59 6.77 18.13
CA GLY B 242 29.75 7.72 17.03
C GLY B 242 29.72 9.18 17.42
N ILE B 243 29.35 9.51 18.65
CA ILE B 243 29.28 10.92 19.05
C ILE B 243 30.63 11.59 18.85
N PRO B 244 30.64 12.82 18.30
CA PRO B 244 31.91 13.53 18.08
C PRO B 244 32.61 13.61 19.44
N ASP B 245 33.84 13.10 19.54
CA ASP B 245 34.54 13.13 20.84
C ASP B 245 35.99 13.58 20.83
N ARG B 246 36.33 14.39 19.85
CA ARG B 246 37.65 14.93 19.77
C ARG B 246 37.55 16.47 19.81
N ASP B 247 38.26 17.07 20.77
CA ASP B 247 38.34 18.52 20.89
C ASP B 247 39.35 18.91 19.79
N PRO B 248 38.92 19.67 18.76
CA PRO B 248 39.74 20.09 17.64
C PRO B 248 40.83 21.12 17.90
N GLU B 249 41.02 21.53 19.15
CA GLU B 249 42.12 22.45 19.46
C GLU B 249 42.91 21.78 20.58
N THR B 250 42.98 20.44 20.52
CA THR B 250 43.69 19.65 21.54
C THR B 250 43.88 18.23 21.09
N GLY B 251 42.92 17.75 20.30
CA GLY B 251 42.98 16.38 19.81
C GLY B 251 42.69 15.44 20.97
N LYS B 252 42.63 15.98 22.19
CA LYS B 252 42.32 15.16 23.35
C LYS B 252 40.81 14.99 23.23
N GLY B 253 40.28 13.97 23.91
CA GLY B 253 38.84 13.73 23.87
C GLY B 253 37.98 14.75 24.58
N LEU B 254 36.69 14.67 24.28
CA LEU B 254 35.71 15.55 24.85
C LEU B 254 34.95 14.89 26.00
N TYR B 255 35.10 13.58 26.15
CA TYR B 255 34.41 12.87 27.23
C TYR B 255 35.33 12.05 28.09
N ARG B 256 35.05 11.99 29.38
CA ARG B 256 35.86 11.20 30.30
C ARG B 256 34.92 10.44 31.21
N ALA B 257 34.90 9.11 31.07
CA ALA B 257 34.05 8.25 31.87
C ALA B 257 34.42 8.46 33.34
N ASP B 258 33.43 8.33 34.22
CA ASP B 258 33.65 8.60 35.61
C ASP B 258 33.66 7.44 36.58
N VAL B 259 32.48 7.01 36.98
CA VAL B 259 32.37 5.98 37.99
C VAL B 259 31.36 4.88 37.66
N CYS B 260 31.52 3.70 38.25
CA CYS B 260 30.56 2.60 38.05
C CYS B 260 30.30 1.99 39.40
N ALA B 261 29.06 1.60 39.68
CA ALA B 261 28.75 1.06 40.98
C ALA B 261 27.52 0.16 40.97
N LEU B 262 27.58 -0.96 41.70
CA LEU B 262 26.47 -1.89 41.76
C LEU B 262 25.43 -1.45 42.76
N THR B 263 24.19 -1.84 42.50
CA THR B 263 23.10 -1.51 43.36
C THR B 263 23.09 -2.54 44.45
N PHE B 264 22.33 -2.25 45.50
CA PHE B 264 22.19 -3.12 46.65
C PHE B 264 22.01 -4.61 46.33
N SER B 265 21.09 -4.94 45.44
CA SER B 265 20.83 -6.33 45.12
C SER B 265 21.95 -7.00 44.34
N GLY B 266 22.76 -6.22 43.67
CA GLY B 266 23.81 -6.84 42.90
C GLY B 266 23.32 -7.18 41.51
N LYS B 267 22.04 -6.92 41.24
CA LYS B 267 21.49 -7.21 39.91
C LYS B 267 21.77 -6.14 38.90
N TYR B 268 22.06 -4.92 39.36
CA TYR B 268 22.30 -3.84 38.44
C TYR B 268 23.56 -3.08 38.75
N PHE B 270 25.18 1.00 37.75
CA PHE B 270 25.06 2.29 37.10
C PHE B 270 26.49 2.79 36.83
N ALA B 271 26.66 3.58 35.78
CA ALA B 271 27.95 4.11 35.43
C ALA B 271 27.73 5.47 34.82
N SER B 272 28.78 6.25 34.71
CA SER B 272 28.61 7.58 34.15
C SER B 272 29.88 8.11 33.50
N SER B 273 29.71 9.19 32.76
CA SER B 273 30.82 9.84 32.11
C SER B 273 30.48 11.31 32.05
N ARG B 274 31.51 12.13 32.00
CA ARG B 274 31.27 13.55 31.95
C ARG B 274 31.82 14.15 30.66
N ALA B 275 31.32 15.34 30.30
CA ALA B 275 31.82 16.02 29.12
C ALA B 275 32.82 17.05 29.64
N ASN B 276 33.77 17.43 28.80
CA ASN B 276 34.79 18.40 29.17
C ASN B 276 34.40 19.86 28.88
N LYS B 277 33.20 20.06 28.33
CA LYS B 277 32.71 21.41 28.04
C LYS B 277 31.32 21.56 28.63
N PHE B 278 31.04 22.71 29.23
CA PHE B 278 29.76 22.92 29.87
C PHE B 278 28.56 22.90 28.96
N GLU B 279 28.75 23.13 27.66
CA GLU B 279 27.62 23.09 26.77
C GLU B 279 27.29 21.66 26.30
N LEU B 280 28.11 20.70 26.68
CA LEU B 280 27.84 19.32 26.30
C LEU B 280 27.21 18.58 27.46
N GLN B 281 26.45 17.55 27.17
CA GLN B 281 25.83 16.77 28.22
C GLN B 281 26.73 15.57 28.59
N GLY B 282 26.70 15.19 29.85
CA GLY B 282 27.42 14.02 30.27
C GLY B 282 26.44 12.86 30.12
N TYR B 283 26.81 11.65 30.55
CA TYR B 283 25.90 10.55 30.42
C TYR B 283 25.87 9.63 31.60
N ILE B 284 24.75 8.94 31.75
CA ILE B 284 24.57 7.99 32.82
C ILE B 284 24.12 6.67 32.14
N ALA B 285 24.61 5.53 32.60
CA ALA B 285 24.22 4.26 31.99
C ALA B 285 23.86 3.23 33.04
N GLY B 286 23.04 2.27 32.62
CA GLY B 286 22.60 1.20 33.50
C GLY B 286 22.78 -0.17 32.87
N PHE B 287 23.18 -1.16 33.69
CA PHE B 287 23.41 -2.50 33.22
C PHE B 287 22.77 -3.51 34.12
N LYS B 288 22.37 -4.64 33.53
CA LYS B 288 21.76 -5.73 34.27
C LYS B 288 22.81 -6.82 34.34
N LEU B 289 22.98 -7.42 35.51
CA LEU B 289 24.00 -8.45 35.70
C LEU B 289 23.40 -9.80 35.96
N ARG B 290 23.91 -10.81 35.27
CA ARG B 290 23.46 -12.19 35.47
C ARG B 290 23.93 -12.60 36.87
N ASP B 291 23.30 -13.62 37.46
CA ASP B 291 23.65 -14.05 38.81
C ASP B 291 25.09 -14.53 38.94
N CYS B 292 25.69 -14.99 37.84
CA CYS B 292 27.06 -15.49 37.92
C CYS B 292 28.02 -14.31 37.87
N GLY B 293 27.51 -13.14 37.50
CA GLY B 293 28.38 -11.99 37.43
C GLY B 293 28.58 -11.33 36.07
N SER B 294 28.40 -12.04 34.96
CA SER B 294 28.60 -11.38 33.66
C SER B 294 27.52 -10.30 33.43
N ILE B 295 27.81 -9.36 32.55
CA ILE B 295 26.87 -8.30 32.24
C ILE B 295 25.88 -8.81 31.19
N GLU B 296 24.62 -8.90 31.57
CA GLU B 296 23.61 -9.39 30.65
C GLU B 296 23.34 -8.46 29.50
N LYS B 297 23.08 -7.20 29.80
CA LYS B 297 22.79 -6.23 28.76
C LYS B 297 22.87 -4.82 29.28
N GLN B 298 22.91 -3.86 28.38
CA GLN B 298 22.92 -2.47 28.77
C GLN B 298 21.46 -2.03 28.72
N LEU B 299 20.92 -1.57 29.84
CA LEU B 299 19.54 -1.15 29.92
C LEU B 299 19.31 0.27 29.35
N PHE B 300 20.25 1.18 29.58
CA PHE B 300 20.08 2.54 29.08
C PHE B 300 21.38 3.32 29.05
N LEU B 301 21.37 4.39 28.26
CA LEU B 301 22.49 5.31 28.08
C LEU B 301 21.76 6.62 27.82
N SER B 302 21.73 7.51 28.80
CA SER B 302 21.01 8.77 28.72
C SER B 302 21.79 10.00 29.13
N PRO B 303 21.45 11.16 28.57
CA PRO B 303 22.11 12.44 28.86
C PRO B 303 21.85 12.86 30.29
N THR B 304 22.82 13.51 30.91
CA THR B 304 22.63 14.00 32.27
C THR B 304 22.30 15.47 32.11
N PRO B 305 21.71 16.10 33.13
CA PRO B 305 21.37 17.50 32.99
C PRO B 305 22.54 18.40 32.61
N THR B 306 23.71 18.14 33.19
CA THR B 306 24.90 18.96 32.89
C THR B 306 26.02 18.10 32.34
N SER B 307 27.16 18.72 32.07
CA SER B 307 28.32 18.01 31.56
C SER B 307 28.85 17.16 32.69
N GLY B 308 28.41 17.44 33.91
CA GLY B 308 28.88 16.71 35.07
C GLY B 308 30.08 17.37 35.71
N GLY B 309 30.76 18.25 34.97
CA GLY B 309 31.94 18.92 35.48
C GLY B 309 33.02 17.89 35.77
N HIS B 310 33.61 17.98 36.96
CA HIS B 310 34.66 17.04 37.36
C HIS B 310 34.01 15.81 37.97
N SER B 311 32.68 15.81 38.11
CA SER B 311 32.02 14.68 38.76
C SER B 311 31.09 13.81 37.95
N ASN B 312 29.78 13.94 38.20
CA ASN B 312 28.73 13.13 37.59
C ASN B 312 28.81 11.74 38.21
N ALA B 313 29.31 11.69 39.44
CA ALA B 313 29.47 10.43 40.15
C ALA B 313 28.14 9.91 40.62
N VAL B 314 27.86 8.66 40.30
CA VAL B 314 26.60 8.07 40.68
C VAL B 314 26.80 7.31 41.97
N SER B 315 25.79 7.33 42.83
CA SER B 315 25.90 6.68 44.11
C SER B 315 24.62 5.99 44.51
N PRO B 316 24.54 4.70 44.24
CA PRO B 316 23.36 3.87 44.57
C PRO B 316 23.16 3.77 46.06
N CYS B 317 21.90 3.70 46.54
CA CYS B 317 21.66 3.56 47.99
C CYS B 317 22.21 2.19 48.33
N PRO B 318 23.05 2.11 49.38
CA PRO B 318 23.64 0.82 49.77
C PRO B 318 22.68 -0.22 50.30
N TRP B 319 21.48 0.18 50.70
CA TRP B 319 20.54 -0.82 51.25
C TRP B 319 19.31 -1.08 50.40
N SER B 320 19.17 -0.36 49.29
CA SER B 320 17.99 -0.56 48.46
C SER B 320 18.25 -0.16 47.04
N ASP B 321 17.76 -0.96 46.10
CA ASP B 321 17.94 -0.69 44.68
C ASP B 321 17.17 0.55 44.24
N GLU B 322 16.19 0.94 45.03
CA GLU B 322 15.29 2.02 44.68
C GLU B 322 15.83 3.41 44.44
N TRP B 323 16.91 3.79 45.12
CA TRP B 323 17.43 5.13 44.96
C TRP B 323 18.85 5.22 44.47
N ALA B 325 21.88 8.52 43.74
CA ALA B 325 22.20 9.92 43.78
C ALA B 325 23.27 10.23 42.75
N ILE B 326 23.34 11.47 42.28
CA ILE B 326 24.39 11.87 41.35
C ILE B 326 24.76 13.32 41.67
N THR B 327 26.03 13.66 41.58
CA THR B 327 26.47 15.01 41.88
C THR B 327 27.19 15.58 40.68
N ASP B 328 27.20 16.90 40.54
CA ASP B 328 27.93 17.54 39.46
C ASP B 328 28.53 18.80 40.03
N ASP B 329 29.62 19.29 39.46
CA ASP B 329 30.18 20.50 39.98
C ASP B 329 30.22 21.56 38.90
N GLN B 330 29.30 21.45 37.93
CA GLN B 330 29.17 22.44 36.86
C GLN B 330 28.19 23.50 37.39
N GLU B 331 27.07 23.03 37.93
CA GLU B 331 26.07 23.92 38.47
C GLU B 331 25.95 23.70 39.96
N GLY B 332 26.31 22.50 40.39
CA GLY B 332 26.27 22.17 41.81
C GLY B 332 25.05 21.47 42.35
N TRP B 333 24.47 20.55 41.59
CA TRP B 333 23.29 19.83 42.07
C TRP B 333 23.56 18.47 42.69
N LEU B 334 22.70 18.11 43.62
CA LEU B 334 22.73 16.80 44.23
C LEU B 334 21.34 16.37 43.77
N GLU B 335 21.27 15.37 42.90
CA GLU B 335 20.00 14.88 42.39
C GLU B 335 19.76 13.47 42.86
N ILE B 336 18.50 13.13 43.07
CA ILE B 336 18.14 11.80 43.50
C ILE B 336 17.14 11.16 42.55
N TYR B 337 17.51 9.99 42.02
CA TYR B 337 16.67 9.28 41.10
C TYR B 337 16.10 8.02 41.72
N ARG B 338 14.97 7.60 41.17
CA ARG B 338 14.34 6.39 41.61
C ARG B 338 14.53 5.39 40.48
N TRP B 339 14.81 4.14 40.83
CA TRP B 339 15.00 3.03 39.87
C TRP B 339 13.74 2.16 40.04
N LYS B 340 12.90 2.13 39.01
CA LYS B 340 11.63 1.41 39.07
C LYS B 340 11.34 0.75 37.73
N ASP B 341 11.05 -0.55 37.75
CA ASP B 341 10.79 -1.30 36.53
C ASP B 341 11.86 -1.03 35.48
N GLU B 342 13.12 -0.99 35.93
CA GLU B 342 14.28 -0.79 35.09
C GLU B 342 14.29 0.49 34.23
N PHE B 343 13.73 1.54 34.82
CA PHE B 343 13.73 2.86 34.19
C PHE B 343 14.07 3.77 35.34
N LEU B 344 14.83 4.80 35.03
CA LEU B 344 15.26 5.76 36.02
C LEU B 344 14.49 7.07 35.86
N HIS B 345 14.02 7.66 36.96
CA HIS B 345 13.37 8.96 36.91
C HIS B 345 13.76 9.79 38.13
N ARG B 346 14.06 11.07 37.89
CA ARG B 346 14.47 11.99 38.94
C ARG B 346 13.27 12.25 39.85
N VAL B 347 13.50 12.35 41.16
CA VAL B 347 12.41 12.59 42.09
C VAL B 347 12.66 13.78 42.98
N ALA B 348 13.91 14.20 43.11
CA ALA B 348 14.25 15.36 43.94
C ALA B 348 15.64 15.84 43.69
N ARG B 349 15.87 17.12 44.00
CA ARG B 349 17.20 17.68 43.84
C ARG B 349 17.36 18.98 44.58
N VAL B 350 18.60 19.37 44.81
CA VAL B 350 18.89 20.60 45.49
C VAL B 350 20.20 21.12 45.00
N ARG B 351 20.27 22.42 44.82
CA ARG B 351 21.47 23.04 44.35
C ARG B 351 22.25 23.71 45.48
N ILE B 352 23.55 23.55 45.46
CA ILE B 352 24.38 24.18 46.47
C ILE B 352 25.36 25.10 45.79
N PRO B 353 25.07 26.40 45.79
CA PRO B 353 25.77 27.58 45.24
C PRO B 353 27.27 27.72 45.60
N GLU B 354 27.91 26.70 46.17
CA GLU B 354 29.28 26.89 46.63
C GLU B 354 30.41 26.50 45.72
N PRO B 355 31.58 27.11 45.92
CA PRO B 355 32.76 26.80 45.09
C PRO B 355 33.08 25.30 45.02
N GLY B 356 33.18 24.78 43.80
CA GLY B 356 33.52 23.37 43.60
C GLY B 356 32.54 22.36 44.15
N PHE B 357 31.36 22.80 44.56
CA PHE B 357 30.42 21.85 45.11
C PHE B 357 29.90 20.86 44.11
N GLY B 358 29.83 19.63 44.63
CA GLY B 358 29.36 18.47 43.93
C GLY B 358 30.41 17.44 43.52
N ASN B 360 31.08 14.03 45.17
CA ASN B 360 30.52 12.69 45.32
C ASN B 360 29.68 12.63 46.57
N ALA B 361 28.63 11.83 46.54
CA ALA B 361 27.74 11.71 47.66
C ALA B 361 27.83 10.34 48.28
N ILE B 362 27.70 10.28 49.60
CA ILE B 362 27.73 9.01 50.33
C ILE B 362 26.55 8.94 51.28
N TRP B 363 25.91 7.78 51.33
CA TRP B 363 24.75 7.61 52.18
C TRP B 363 24.99 7.16 53.61
N TYR B 364 24.38 7.90 54.52
CA TYR B 364 24.38 7.65 55.96
C TYR B 364 22.86 7.64 56.01
N ASP B 365 22.18 6.67 56.62
CA ASP B 365 20.71 6.82 56.64
C ASP B 365 19.91 6.70 55.35
N PRO C 1 25.20 -32.11 -6.29
CA PRO C 1 26.57 -32.65 -6.26
C PRO C 1 26.72 -33.76 -5.22
N LEU C 2 27.73 -34.61 -5.40
CA LEU C 2 27.95 -35.72 -4.48
C LEU C 2 29.00 -35.41 -3.42
N HIS C 3 28.80 -35.97 -2.23
CA HIS C 3 29.72 -35.79 -1.12
C HIS C 3 30.02 -37.15 -0.53
N HIS C 4 31.10 -37.28 0.24
CA HIS C 4 31.44 -38.58 0.82
C HIS C 4 31.87 -38.52 2.28
N LEU C 5 31.43 -39.50 3.06
CA LEU C 5 31.84 -39.56 4.45
C LEU C 5 32.43 -40.95 4.73
N ILE C 7 33.32 -43.70 7.88
CA ILE C 7 32.89 -43.98 9.24
C ILE C 7 33.56 -45.25 9.72
N GLY C 8 33.85 -45.31 11.01
CA GLY C 8 34.50 -46.49 11.59
C GLY C 8 33.59 -47.28 12.49
N THR C 9 34.17 -48.19 13.28
CA THR C 9 33.33 -49.00 14.14
C THR C 9 33.93 -49.20 15.53
N TRP C 10 33.08 -49.56 16.47
CA TRP C 10 33.44 -49.78 17.87
C TRP C 10 33.88 -51.21 18.12
N THR C 11 33.61 -52.06 17.14
CA THR C 11 33.86 -53.49 17.26
C THR C 11 34.47 -54.14 16.00
N PRO C 12 35.18 -55.26 16.18
CA PRO C 12 35.77 -55.96 15.04
C PRO C 12 34.58 -56.56 14.26
N PRO C 13 34.76 -56.89 12.98
CA PRO C 13 35.96 -56.78 12.13
C PRO C 13 36.14 -55.36 11.70
N GLY C 14 37.38 -54.91 11.72
CA GLY C 14 37.66 -53.55 11.33
C GLY C 14 37.35 -53.29 9.87
N ALA C 15 36.85 -52.09 9.59
CA ALA C 15 36.52 -51.66 8.23
C ALA C 15 36.20 -50.15 8.19
N ILE C 16 36.47 -49.51 7.07
CA ILE C 16 36.18 -48.11 6.90
C ILE C 16 35.03 -48.06 5.86
N PHE C 17 33.92 -47.45 6.21
CA PHE C 17 32.80 -47.38 5.29
C PHE C 17 32.72 -46.02 4.61
N THR C 18 32.47 -46.03 3.30
CA THR C 18 32.35 -44.79 2.57
C THR C 18 30.91 -44.59 2.15
N VAL C 19 30.27 -43.56 2.69
CA VAL C 19 28.88 -43.25 2.35
C VAL C 19 28.82 -42.04 1.43
N GLN C 20 27.92 -42.09 0.48
CA GLN C 20 27.80 -41.02 -0.49
C GLN C 20 26.54 -40.28 -0.22
N PHE C 21 26.62 -38.96 -0.16
CA PHE C 21 25.45 -38.11 0.10
C PHE C 21 25.19 -37.18 -1.11
N ASP C 22 23.99 -37.26 -1.67
CA ASP C 22 23.62 -36.43 -2.83
C ASP C 22 22.86 -35.24 -2.26
N ASP C 23 23.43 -34.04 -2.32
CA ASP C 23 22.74 -32.90 -1.75
C ASP C 23 21.64 -32.34 -2.64
N GLU C 24 21.38 -33.02 -3.74
CA GLU C 24 20.32 -32.57 -4.65
C GLU C 24 19.12 -33.50 -4.52
N LYS C 25 19.36 -34.79 -4.51
CA LYS C 25 18.29 -35.73 -4.35
C LYS C 25 18.05 -35.92 -2.86
N LEU C 26 19.03 -35.54 -2.05
CA LEU C 26 18.97 -35.72 -0.58
C LEU C 26 18.84 -37.20 -0.22
N THR C 27 19.83 -38.00 -0.65
CA THR C 27 19.86 -39.42 -0.37
C THR C 27 21.24 -39.86 0.13
N CYS C 28 21.26 -41.06 0.71
CA CYS C 28 22.45 -41.71 1.28
C CYS C 28 22.62 -43.12 0.77
N LYS C 29 23.84 -43.49 0.39
CA LYS C 29 24.09 -44.82 -0.11
C LYS C 29 25.48 -45.21 0.38
N LEU C 30 25.65 -46.48 0.78
CA LEU C 30 26.93 -46.97 1.21
C LEU C 30 27.52 -47.34 -0.13
N ILE C 31 28.72 -46.86 -0.45
CA ILE C 31 29.31 -47.21 -1.72
C ILE C 31 30.58 -48.02 -1.58
N LYS C 32 31.02 -48.23 -0.33
CA LYS C 32 32.26 -48.97 -0.15
C LYS C 32 32.57 -49.41 1.26
N ARG C 33 32.94 -50.69 1.42
CA ARG C 33 33.34 -51.20 2.72
C ARG C 33 34.79 -51.62 2.50
N THR C 34 35.72 -50.80 2.96
CA THR C 34 37.14 -51.09 2.81
C THR C 34 37.66 -51.87 4.00
N GLU C 35 38.10 -53.09 3.72
CA GLU C 35 38.63 -53.96 4.76
C GLU C 35 39.96 -53.44 5.32
N ILE C 36 40.16 -53.58 6.64
CA ILE C 36 41.37 -53.15 7.32
C ILE C 36 41.69 -54.23 8.36
N PRO C 37 42.89 -54.21 8.95
CA PRO C 37 43.24 -55.21 9.96
C PRO C 37 42.00 -55.64 10.79
N GLN C 38 41.58 -56.87 10.65
CA GLN C 38 40.39 -57.34 11.35
C GLN C 38 40.29 -56.93 12.80
N ASP C 39 41.40 -56.93 13.53
CA ASP C 39 41.36 -56.58 14.96
C ASP C 39 41.69 -55.12 15.30
N GLU C 40 41.73 -54.28 14.28
CA GLU C 40 42.02 -52.88 14.43
C GLU C 40 40.84 -51.99 13.99
N PRO C 41 39.62 -52.25 14.51
CA PRO C 41 38.49 -51.42 14.11
C PRO C 41 38.74 -49.98 14.59
N ILE C 42 38.32 -49.00 13.80
CA ILE C 42 38.55 -47.58 14.13
C ILE C 42 37.38 -46.86 14.80
N SER C 43 37.51 -46.58 16.09
CA SER C 43 36.46 -45.91 16.86
C SER C 43 36.54 -44.40 16.76
N TRP C 44 37.63 -43.90 16.20
CA TRP C 44 37.77 -42.48 15.95
C TRP C 44 38.75 -42.27 14.83
N THR C 46 40.16 -39.44 11.62
CA THR C 46 40.30 -38.05 11.25
C THR C 46 41.17 -37.95 9.99
N PHE C 47 40.97 -36.92 9.20
CA PHE C 47 41.77 -36.70 7.99
C PHE C 47 42.98 -35.85 8.31
N ASP C 48 44.00 -35.90 7.46
CA ASP C 48 45.17 -35.07 7.67
C ASP C 48 44.83 -33.73 6.98
N HIS C 49 45.77 -32.78 6.89
CA HIS C 49 45.43 -31.48 6.31
C HIS C 49 44.98 -31.38 4.88
N GLU C 50 45.19 -32.42 4.07
CA GLU C 50 44.74 -32.37 2.67
C GLU C 50 43.80 -33.51 2.39
N ARG C 51 43.34 -34.17 3.46
CA ARG C 51 42.45 -35.31 3.28
C ARG C 51 43.07 -36.37 2.33
N LYS C 52 44.40 -36.50 2.38
CA LYS C 52 45.07 -37.51 1.57
C LYS C 52 45.39 -38.73 2.44
N ASN C 53 45.16 -38.60 3.74
CA ASN C 53 45.41 -39.67 4.68
C ASN C 53 44.33 -39.73 5.75
N ILE C 54 44.10 -40.91 6.30
CA ILE C 54 43.14 -41.07 7.38
C ILE C 54 43.92 -41.71 8.53
N TYR C 55 43.83 -41.13 9.73
CA TYR C 55 44.50 -41.69 10.90
C TYR C 55 43.39 -42.20 11.82
N GLY C 56 43.60 -43.31 12.50
CA GLY C 56 42.56 -43.84 13.37
C GLY C 56 42.98 -44.38 14.74
N ALA C 57 42.08 -44.26 15.71
CA ALA C 57 42.34 -44.78 17.04
C ALA C 57 41.76 -46.14 16.83
N ALA C 58 42.61 -47.14 16.72
CA ALA C 58 42.16 -48.49 16.44
C ALA C 58 42.47 -49.54 17.45
N LYS C 60 44.23 -51.39 19.80
CA LYS C 60 45.59 -51.36 20.35
C LYS C 60 46.58 -50.70 19.41
N LYS C 61 46.08 -50.14 18.31
CA LYS C 61 46.96 -49.50 17.34
C LYS C 61 46.55 -48.09 16.95
N TRP C 62 47.49 -47.36 16.36
CA TRP C 62 47.24 -46.05 15.84
C TRP C 62 47.52 -46.33 14.37
N SER C 63 46.47 -46.43 13.57
CA SER C 63 46.65 -46.76 12.16
C SER C 63 46.69 -45.57 11.20
N SER C 64 47.28 -45.82 10.04
CA SER C 64 47.41 -44.81 9.03
C SER C 64 46.98 -45.33 7.64
N PHE C 65 46.12 -44.60 6.93
CA PHE C 65 45.69 -45.02 5.61
C PHE C 65 45.83 -43.91 4.59
N ALA C 66 46.23 -44.26 3.37
CA ALA C 66 46.39 -43.28 2.31
C ALA C 66 45.06 -43.33 1.55
N VAL C 67 44.53 -42.17 1.19
CA VAL C 67 43.24 -42.08 0.49
C VAL C 67 43.42 -41.47 -0.89
N LYS C 68 43.18 -42.28 -1.93
CA LYS C 68 43.32 -41.80 -3.30
C LYS C 68 41.98 -41.25 -3.80
N SER C 69 40.90 -41.84 -3.32
CA SER C 69 39.54 -41.43 -3.69
C SER C 69 38.61 -42.03 -2.64
N PRO C 70 37.30 -41.70 -2.68
CA PRO C 70 36.34 -42.22 -1.71
C PRO C 70 36.32 -43.72 -1.60
N THR C 71 36.66 -44.40 -2.69
CA THR C 71 36.66 -45.86 -2.72
C THR C 71 38.02 -46.54 -2.71
N GLU C 72 39.08 -45.74 -2.63
CA GLU C 72 40.46 -46.28 -2.61
C GLU C 72 41.20 -45.85 -1.36
N ILE C 73 41.10 -46.65 -0.33
CA ILE C 73 41.73 -46.38 0.94
C ILE C 73 42.68 -47.52 1.22
N VAL C 74 43.99 -47.22 1.30
CA VAL C 74 45.01 -48.25 1.51
C VAL C 74 45.78 -48.20 2.84
N HIS C 75 45.70 -49.28 3.60
CA HIS C 75 46.40 -49.35 4.87
C HIS C 75 47.88 -49.18 4.65
N GLU C 76 48.50 -48.20 5.31
CA GLU C 76 49.96 -48.01 5.16
C GLU C 76 50.76 -48.25 6.45
N ALA C 77 50.11 -48.31 7.62
CA ALA C 77 50.81 -48.53 8.88
C ALA C 77 49.94 -48.62 10.11
N SER C 78 50.46 -49.24 11.16
CA SER C 78 49.75 -49.39 12.43
C SER C 78 50.79 -49.40 13.56
N HIS C 79 50.84 -48.33 14.35
CA HIS C 79 51.79 -48.23 15.45
C HIS C 79 51.18 -48.63 16.78
N PRO C 80 52.01 -49.07 17.73
CA PRO C 80 51.55 -49.47 19.06
C PRO C 80 51.39 -48.26 19.98
N ILE C 81 50.67 -48.41 21.07
CA ILE C 81 50.45 -47.34 22.03
C ILE C 81 51.73 -47.07 22.82
N GLY C 82 52.13 -45.82 22.89
CA GLY C 82 53.34 -45.47 23.60
C GLY C 82 53.04 -44.96 25.01
N GLY C 83 54.10 -44.77 25.78
CA GLY C 83 53.95 -44.28 27.15
C GLY C 83 54.21 -45.36 28.19
N HIS C 84 53.17 -45.76 28.91
CA HIS C 84 53.34 -46.79 29.91
C HIS C 84 53.60 -48.14 29.24
N PRO C 85 54.59 -48.89 29.76
CA PRO C 85 54.97 -50.21 29.24
C PRO C 85 53.81 -51.16 29.01
N ARG C 86 52.88 -51.24 29.95
CA ARG C 86 51.78 -52.17 29.80
C ARG C 86 50.66 -51.74 28.86
N ALA C 87 50.74 -50.52 28.33
CA ALA C 87 49.70 -50.04 27.43
C ALA C 87 49.40 -51.03 26.28
N ASN C 88 50.45 -51.67 25.74
CA ASN C 88 50.28 -52.65 24.67
C ASN C 88 50.02 -54.09 25.05
N ASP C 89 50.32 -54.52 26.27
CA ASP C 89 50.03 -55.91 26.59
C ASP C 89 48.62 -56.24 26.10
N ALA C 90 48.42 -57.41 25.52
CA ALA C 90 47.08 -57.75 25.10
C ALA C 90 46.20 -58.06 26.33
N ASP C 91 46.82 -58.06 27.52
CA ASP C 91 46.01 -58.34 28.72
C ASP C 91 45.55 -57.13 29.50
N THR C 92 45.82 -55.93 28.98
CA THR C 92 45.38 -54.68 29.64
C THR C 92 44.29 -53.98 28.83
N ASN C 93 43.38 -53.27 29.47
CA ASN C 93 42.28 -52.66 28.74
C ASN C 93 42.61 -51.37 28.01
N THR C 94 43.88 -50.95 28.07
CA THR C 94 44.30 -49.71 27.43
C THR C 94 43.83 -49.72 25.98
N ARG C 95 43.27 -48.60 25.52
CA ARG C 95 42.75 -48.51 24.16
C ARG C 95 43.04 -47.18 23.50
N ALA C 96 43.40 -47.18 22.21
CA ALA C 96 43.63 -45.93 21.48
C ALA C 96 42.23 -45.31 21.35
N ILE C 97 42.02 -44.12 21.89
CA ILE C 97 40.68 -43.51 21.89
C ILE C 97 40.44 -42.21 21.09
N PHE C 98 41.44 -41.35 21.02
CA PHE C 98 41.29 -40.09 20.28
C PHE C 98 42.55 -39.76 19.52
N LEU C 99 42.36 -39.00 18.45
CA LEU C 99 43.47 -38.66 17.57
C LEU C 99 43.29 -37.29 16.98
N LEU C 100 44.37 -36.53 16.84
CA LEU C 100 44.31 -35.17 16.29
C LEU C 100 45.44 -34.92 15.33
N ALA C 101 45.12 -34.48 14.13
CA ALA C 101 46.14 -34.20 13.13
C ALA C 101 46.34 -32.71 12.89
N ALA C 102 47.54 -32.22 13.18
CA ALA C 102 47.89 -30.81 13.00
C ALA C 102 47.70 -30.38 11.56
N LYS C 103 47.25 -29.16 11.35
CA LYS C 103 47.04 -28.66 9.99
C LYS C 103 48.19 -27.75 9.50
N GLN C 104 49.14 -27.45 10.39
CA GLN C 104 50.28 -26.64 10.01
C GLN C 104 51.51 -27.49 10.18
N PRO C 105 52.59 -27.15 9.45
CA PRO C 105 53.84 -27.90 9.54
C PRO C 105 54.22 -28.04 11.02
N PRO C 106 54.83 -29.18 11.43
CA PRO C 106 55.19 -30.34 10.62
C PRO C 106 54.08 -31.36 10.42
N TYR C 107 52.83 -30.97 10.63
CA TYR C 107 51.71 -31.89 10.44
C TYR C 107 51.76 -33.14 11.30
N ALA C 108 52.25 -33.02 12.52
CA ALA C 108 52.33 -34.18 13.40
C ALA C 108 50.96 -34.61 13.87
N VAL C 109 50.87 -35.81 14.39
CA VAL C 109 49.61 -36.35 14.89
C VAL C 109 49.74 -36.59 16.40
N TYR C 110 48.74 -36.12 17.14
CA TYR C 110 48.74 -36.22 18.58
C TYR C 110 47.65 -37.17 18.98
N ALA C 111 48.01 -38.23 19.69
CA ALA C 111 47.06 -39.27 20.05
C ALA C 111 46.95 -39.58 21.53
N ASN C 112 45.75 -40.02 21.95
CA ASN C 112 45.50 -40.33 23.35
C ASN C 112 45.00 -41.74 23.68
N PRO C 113 45.75 -42.49 24.47
CA PRO C 113 45.32 -43.83 24.84
C PRO C 113 44.32 -43.56 25.95
N PHE C 114 43.54 -44.55 26.36
CA PHE C 114 42.52 -44.35 27.36
C PHE C 114 42.40 -45.57 28.25
N TYR C 115 41.71 -45.41 29.36
CA TYR C 115 41.51 -46.46 30.37
C TYR C 115 42.78 -46.64 31.20
N LYS C 116 43.18 -47.87 31.51
CA LYS C 116 44.38 -48.00 32.34
C LYS C 116 45.66 -47.73 31.60
N PHE C 117 46.72 -47.40 32.34
CA PHE C 117 48.05 -47.12 31.76
C PHE C 117 47.99 -46.10 30.63
N ALA C 118 47.23 -45.03 30.84
CA ALA C 118 47.06 -44.02 29.80
C ALA C 118 47.56 -42.64 30.20
N GLY C 119 48.51 -42.61 31.14
CA GLY C 119 49.04 -41.34 31.60
C GLY C 119 49.98 -40.60 30.67
N TYR C 120 49.91 -40.86 29.36
CA TYR C 120 50.79 -40.20 28.39
C TYR C 120 50.07 -39.89 27.12
N GLY C 121 50.65 -38.98 26.34
CA GLY C 121 50.15 -38.62 25.04
C GLY C 121 51.17 -39.21 24.08
N ASN C 122 50.76 -39.49 22.85
CA ASN C 122 51.65 -40.06 21.86
C ASN C 122 51.73 -39.10 20.69
N VAL C 123 52.94 -38.69 20.36
CA VAL C 123 53.10 -37.78 19.25
C VAL C 123 53.77 -38.52 18.12
N PHE C 124 53.21 -38.42 16.92
CA PHE C 124 53.79 -39.11 15.75
C PHE C 124 54.16 -38.15 14.66
N SER C 125 55.34 -38.32 14.09
CA SER C 125 55.70 -37.47 12.98
C SER C 125 55.08 -38.18 11.75
N VAL C 126 55.00 -37.48 10.63
CA VAL C 126 54.47 -38.11 9.44
C VAL C 126 55.54 -38.01 8.34
N SER C 127 55.43 -38.87 7.34
CA SER C 127 56.38 -38.89 6.22
C SER C 127 56.07 -37.77 5.23
N GLU C 128 56.91 -37.62 4.21
CA GLU C 128 56.67 -36.61 3.20
C GLU C 128 55.29 -36.82 2.56
N THR C 129 54.73 -38.04 2.64
CA THR C 129 53.39 -38.34 2.07
C THR C 129 52.24 -38.28 3.08
N GLY C 130 52.59 -37.99 4.34
CA GLY C 130 51.59 -37.88 5.39
C GLY C 130 51.29 -39.17 6.11
N LYS C 131 52.11 -40.19 5.93
CA LYS C 131 51.89 -41.48 6.61
C LYS C 131 52.41 -41.40 8.03
N LEU C 132 51.74 -42.07 8.96
CA LEU C 132 52.20 -42.04 10.33
C LEU C 132 53.58 -42.66 10.32
N GLU C 133 54.59 -41.83 10.58
CA GLU C 133 55.99 -42.26 10.53
C GLU C 133 56.61 -42.90 11.78
N LYS C 134 56.82 -42.10 12.81
CA LYS C 134 57.48 -42.57 14.02
C LYS C 134 56.95 -41.86 15.26
N ASN C 135 56.89 -42.60 16.36
CA ASN C 135 56.46 -42.04 17.64
C ASN C 135 57.65 -41.19 18.14
N VAL C 136 57.58 -39.88 17.96
CA VAL C 136 58.69 -39.02 18.34
C VAL C 136 58.66 -38.60 19.80
N GLN C 137 57.53 -38.77 20.47
CA GLN C 137 57.45 -38.37 21.86
C GLN C 137 56.26 -38.92 22.63
N ASN C 138 56.50 -39.27 23.88
CA ASN C 138 55.43 -39.75 24.75
C ASN C 138 55.47 -38.83 25.95
N TYR C 139 54.74 -37.73 25.88
CA TYR C 139 54.72 -36.75 26.98
C TYR C 139 53.78 -37.13 28.09
N GLU C 140 54.16 -36.89 29.33
CA GLU C 140 53.26 -37.30 30.42
C GLU C 140 52.31 -36.32 30.95
N TYR C 141 51.19 -36.84 31.43
CA TYR C 141 50.14 -36.10 32.08
C TYR C 141 50.31 -36.55 33.54
N GLN C 142 49.43 -37.43 34.02
CA GLN C 142 49.56 -37.95 35.40
C GLN C 142 49.02 -39.39 35.41
N GLU C 143 49.34 -40.14 36.45
CA GLU C 143 48.99 -41.58 36.56
C GLU C 143 47.55 -41.95 36.29
N ASN C 144 46.79 -40.92 36.61
CA ASN C 144 45.38 -40.82 36.63
C ASN C 144 44.69 -40.55 35.31
N THR C 145 45.41 -39.86 34.45
CA THR C 145 44.89 -39.39 33.19
C THR C 145 44.12 -40.29 32.25
N GLY C 146 43.18 -39.65 31.57
CA GLY C 146 42.35 -40.30 30.60
C GLY C 146 41.87 -39.25 29.62
N ILE C 147 42.77 -38.75 28.76
CA ILE C 147 42.41 -37.74 27.79
C ILE C 147 41.45 -38.36 26.79
N HIS C 148 40.35 -37.68 26.45
CA HIS C 148 39.42 -38.24 25.47
C HIS C 148 39.26 -37.31 24.29
N GLY C 149 39.90 -36.16 24.32
CA GLY C 149 39.77 -35.23 23.22
C GLY C 149 40.69 -34.03 23.41
N VAL C 151 42.36 -30.13 21.29
CA VAL C 151 42.18 -29.16 20.24
C VAL C 151 43.29 -28.15 20.34
N PHE C 152 43.72 -27.65 19.19
CA PHE C 152 44.76 -26.62 19.10
C PHE C 152 44.14 -25.23 19.06
N ASP C 153 44.90 -24.20 19.40
CA ASP C 153 44.41 -22.83 19.30
C ASP C 153 44.59 -22.59 17.82
N PRO C 154 43.95 -21.58 17.26
CA PRO C 154 44.10 -21.36 15.80
C PRO C 154 45.54 -21.35 15.24
N THR C 155 46.49 -20.96 16.06
CA THR C 155 47.89 -20.87 15.68
C THR C 155 48.66 -22.19 15.79
N GLU C 156 48.10 -23.14 16.50
CA GLU C 156 48.70 -24.46 16.71
C GLU C 156 49.99 -24.29 17.48
N THR C 157 49.89 -23.48 18.52
CA THR C 157 51.02 -23.21 19.39
C THR C 157 50.70 -23.79 20.73
N TYR C 158 49.41 -23.92 21.01
CA TYR C 158 48.95 -24.46 22.28
C TYR C 158 47.96 -25.56 22.07
N LEU C 159 48.13 -26.64 22.83
CA LEU C 159 47.28 -27.82 22.73
C LEU C 159 46.52 -28.03 24.04
N TYR C 160 45.20 -28.10 23.94
CA TYR C 160 44.37 -28.28 25.11
C TYR C 160 43.81 -29.68 25.19
N SER C 161 43.90 -30.29 26.36
CA SER C 161 43.41 -31.66 26.53
C SER C 161 42.30 -31.82 27.56
N ALA C 162 41.26 -32.57 27.21
CA ALA C 162 40.15 -32.84 28.13
C ALA C 162 40.46 -34.14 28.86
N ASP C 163 40.78 -34.03 30.15
CA ASP C 163 41.17 -35.19 30.97
C ASP C 163 39.93 -35.67 31.71
N LEU C 164 39.27 -36.67 31.15
CA LEU C 164 38.04 -37.20 31.71
C LEU C 164 38.18 -37.83 33.08
N THR C 165 39.11 -38.76 33.23
CA THR C 165 39.28 -39.40 34.52
C THR C 165 40.01 -38.59 35.57
N ALA C 166 40.90 -37.67 35.17
CA ALA C 166 41.59 -36.83 36.17
C ALA C 166 40.76 -35.53 36.42
N ASN C 167 39.65 -35.41 35.68
CA ASN C 167 38.72 -34.28 35.79
C ASN C 167 39.39 -32.91 35.65
N LYS C 168 40.08 -32.69 34.54
CA LYS C 168 40.76 -31.42 34.35
C LYS C 168 41.04 -31.08 32.90
N LEU C 169 41.52 -29.86 32.68
CA LEU C 169 41.87 -29.41 31.35
C LEU C 169 43.35 -29.06 31.42
N TRP C 170 44.13 -29.63 30.49
CA TRP C 170 45.56 -29.40 30.42
C TRP C 170 45.89 -28.45 29.29
N THR C 171 47.01 -27.74 29.44
CA THR C 171 47.51 -26.83 28.43
C THR C 171 48.96 -27.21 28.12
N HIS C 172 49.26 -27.38 26.84
CA HIS C 172 50.61 -27.69 26.42
C HIS C 172 51.04 -26.71 25.36
N ARG C 173 52.35 -26.48 25.27
CA ARG C 173 52.94 -25.58 24.29
C ARG C 173 53.54 -26.49 23.21
N LYS C 174 53.24 -26.21 21.94
CA LYS C 174 53.79 -27.03 20.86
C LYS C 174 55.04 -26.36 20.37
N LEU C 175 56.15 -27.06 20.45
CA LEU C 175 57.41 -26.50 19.98
C LEU C 175 57.39 -26.57 18.45
N ALA C 176 58.32 -25.90 17.81
CA ALA C 176 58.39 -25.93 16.34
C ALA C 176 58.61 -27.36 15.81
N SER C 177 59.27 -28.20 16.61
CA SER C 177 59.54 -29.57 16.18
C SER C 177 58.25 -30.39 16.07
N GLY C 178 57.19 -29.92 16.73
CA GLY C 178 55.93 -30.62 16.78
C GLY C 178 55.76 -31.20 18.19
N GLU C 179 56.86 -31.29 18.94
CA GLU C 179 56.80 -31.85 20.27
C GLU C 179 56.18 -30.85 21.22
N VAL C 180 55.64 -31.36 22.31
CA VAL C 180 54.96 -30.52 23.26
C VAL C 180 55.68 -30.41 24.57
N GLU C 181 55.20 -29.50 25.38
CA GLU C 181 55.81 -29.22 26.66
C GLU C 181 54.68 -28.68 27.54
N LEU C 182 54.59 -29.20 28.76
CA LEU C 182 53.53 -28.78 29.69
C LEU C 182 53.52 -27.30 30.07
N VAL C 183 52.33 -26.72 30.17
CA VAL C 183 52.20 -25.33 30.56
C VAL C 183 51.44 -25.34 31.89
N GLY C 184 50.33 -26.07 31.95
CA GLY C 184 49.56 -26.13 33.19
C GLY C 184 48.25 -26.87 33.03
N SER C 185 47.46 -26.88 34.10
CA SER C 185 46.17 -27.56 34.11
C SER C 185 45.19 -26.87 35.07
N VAL C 186 43.91 -27.18 34.95
CA VAL C 186 42.91 -26.61 35.82
C VAL C 186 41.89 -27.71 36.08
N ASP C 187 41.41 -27.82 37.30
CA ASP C 187 40.38 -28.81 37.52
C ASP C 187 39.05 -28.31 36.92
N ALA C 188 38.21 -29.25 36.50
CA ALA C 188 36.93 -28.92 35.97
C ALA C 188 36.16 -28.24 37.09
N PRO C 189 35.19 -27.39 36.74
CA PRO C 189 34.40 -26.66 37.74
C PRO C 189 33.83 -27.54 38.85
N ASP C 190 33.32 -28.71 38.47
CA ASP C 190 32.69 -29.57 39.46
C ASP C 190 33.33 -30.96 39.47
N PRO C 191 33.38 -31.64 40.63
CA PRO C 191 33.99 -32.97 40.68
C PRO C 191 33.29 -33.96 39.75
N GLY C 192 32.01 -33.74 39.51
CA GLY C 192 31.26 -34.62 38.64
C GLY C 192 31.20 -34.27 37.15
N ASP C 193 31.98 -33.27 36.72
CA ASP C 193 31.94 -32.90 35.32
C ASP C 193 32.56 -33.93 34.34
N HIS C 194 33.86 -34.18 34.51
CA HIS C 194 34.63 -35.10 33.68
C HIS C 194 34.77 -34.61 32.24
N PRO C 195 35.76 -33.75 31.96
CA PRO C 195 35.97 -33.25 30.60
C PRO C 195 36.19 -34.36 29.59
N ARG C 196 35.46 -34.35 28.48
CA ARG C 196 35.63 -35.37 27.47
C ARG C 196 36.00 -34.76 26.11
N TRP C 197 35.57 -33.53 25.89
CA TRP C 197 35.84 -32.91 24.60
C TRP C 197 36.08 -31.40 24.68
N VAL C 198 36.83 -30.87 23.74
CA VAL C 198 37.06 -29.45 23.72
C VAL C 198 37.08 -28.90 22.30
N ALA C 199 36.45 -27.75 22.12
CA ALA C 199 36.42 -27.12 20.81
C ALA C 199 37.01 -25.72 20.94
N HIS C 201 37.36 -21.64 19.38
CA HIS C 201 36.73 -20.60 18.58
C HIS C 201 37.82 -20.09 17.63
N PRO C 202 37.46 -19.73 16.40
CA PRO C 202 38.43 -19.23 15.40
C PRO C 202 39.30 -18.04 15.80
N THR C 203 38.84 -17.19 16.71
CA THR C 203 39.62 -16.04 17.16
C THR C 203 40.67 -16.48 18.17
N GLY C 204 40.44 -17.63 18.78
CA GLY C 204 41.37 -18.13 19.76
C GLY C 204 41.09 -17.54 21.14
N ASN C 205 39.99 -16.78 21.26
CA ASN C 205 39.59 -16.13 22.51
C ASN C 205 38.88 -17.03 23.46
N TYR C 206 38.15 -17.99 22.91
CA TYR C 206 37.37 -18.91 23.72
C TYR C 206 37.56 -20.39 23.39
N LEU C 207 37.32 -21.19 24.40
CA LEU C 207 37.41 -22.61 24.28
C LEU C 207 36.15 -23.18 24.96
N TYR C 208 35.59 -24.26 24.43
CA TYR C 208 34.38 -24.87 25.02
C TYR C 208 34.69 -26.29 25.44
N ALA C 209 34.40 -26.62 26.70
CA ALA C 209 34.71 -27.94 27.24
C ALA C 209 33.46 -28.70 27.54
N LEU C 210 33.31 -29.85 26.90
CA LEU C 210 32.15 -30.69 27.08
C LEU C 210 32.38 -31.63 28.27
N GLU C 212 31.49 -34.87 30.22
CA GLU C 212 30.74 -36.11 30.02
C GLU C 212 29.74 -36.43 31.15
N ALA C 213 30.19 -36.57 32.40
CA ALA C 213 29.26 -36.90 33.47
C ALA C 213 28.37 -35.75 33.88
N GLY C 214 28.90 -34.53 33.71
CA GLY C 214 28.14 -33.33 34.05
C GLY C 214 27.10 -32.96 33.01
N ASN C 215 27.19 -33.59 31.84
CA ASN C 215 26.27 -33.35 30.73
C ASN C 215 26.04 -31.88 30.48
N ARG C 216 27.11 -31.18 30.16
CA ARG C 216 27.00 -29.77 29.91
C ARG C 216 28.23 -29.22 29.20
N ILE C 217 28.09 -28.05 28.61
CA ILE C 217 29.19 -27.37 27.94
C ILE C 217 29.59 -26.22 28.87
N CYS C 218 30.87 -26.12 29.21
CA CYS C 218 31.36 -25.03 30.06
C CYS C 218 32.19 -24.11 29.18
N GLU C 219 32.03 -22.80 29.38
CA GLU C 219 32.73 -21.77 28.61
C GLU C 219 34.04 -21.30 29.22
N TYR C 220 35.10 -21.21 28.42
CA TYR C 220 36.38 -20.76 28.96
C TYR C 220 36.94 -19.66 28.13
N VAL C 221 37.46 -18.64 28.78
CA VAL C 221 38.08 -17.58 28.01
C VAL C 221 39.56 -17.95 28.12
N ILE C 222 40.31 -17.74 27.05
CA ILE C 222 41.72 -18.04 27.08
C ILE C 222 42.53 -16.83 27.51
N ASP C 223 43.22 -16.95 28.64
CA ASP C 223 44.03 -15.85 29.17
C ASP C 223 45.22 -15.66 28.25
N PRO C 224 45.33 -14.50 27.58
CA PRO C 224 46.45 -14.27 26.67
C PRO C 224 47.80 -14.26 27.35
N ALA C 225 47.80 -13.97 28.64
CA ALA C 225 49.04 -13.95 29.41
C ALA C 225 49.68 -15.33 29.54
N THR C 226 48.87 -16.35 29.85
CA THR C 226 49.36 -17.72 30.00
C THR C 226 48.91 -18.69 28.95
N HIS C 227 47.87 -18.35 28.20
CA HIS C 227 47.31 -19.23 27.18
C HIS C 227 46.47 -20.32 27.80
N PRO C 229 43.03 -21.72 29.77
CA PRO C 229 41.58 -21.44 29.85
C PRO C 229 41.13 -21.12 31.24
N VAL C 230 40.30 -20.09 31.36
CA VAL C 230 39.72 -19.66 32.63
C VAL C 230 38.20 -19.77 32.49
N TYR C 231 37.57 -20.45 33.44
CA TYR C 231 36.11 -20.64 33.42
C TYR C 231 35.36 -19.31 33.63
N THR C 232 34.39 -19.04 32.75
CA THR C 232 33.59 -17.82 32.82
C THR C 232 32.36 -17.96 33.65
N HIS C 233 32.07 -19.18 34.08
CA HIS C 233 30.92 -19.50 34.92
C HIS C 233 29.64 -19.73 34.11
N HIS C 234 29.79 -19.73 32.79
CA HIS C 234 28.67 -19.98 31.90
C HIS C 234 28.68 -21.42 31.44
N SER C 235 27.56 -22.11 31.63
CA SER C 235 27.46 -23.50 31.18
C SER C 235 26.08 -23.71 30.58
N PHE C 236 25.95 -24.74 29.76
CA PHE C 236 24.69 -25.03 29.15
C PHE C 236 24.45 -26.51 29.21
N PRO C 237 23.20 -26.91 29.42
CA PRO C 237 22.82 -28.31 29.52
C PRO C 237 22.83 -29.07 28.19
N LEU C 238 23.32 -30.31 28.25
CA LEU C 238 23.35 -31.19 27.10
C LEU C 238 22.28 -32.29 27.28
N ILE C 239 21.55 -32.26 28.40
CA ILE C 239 20.41 -33.17 28.59
C ILE C 239 19.37 -32.30 29.25
N PRO C 240 18.07 -32.62 29.12
CA PRO C 240 17.02 -31.81 29.72
C PRO C 240 17.13 -31.60 31.22
N PRO C 241 17.05 -30.34 31.68
CA PRO C 241 17.14 -30.04 33.11
C PRO C 241 16.12 -30.84 33.91
N GLY C 242 16.59 -31.49 34.97
CA GLY C 242 15.70 -32.28 35.80
C GLY C 242 15.43 -33.72 35.32
N ILE C 243 15.84 -34.07 34.10
CA ILE C 243 15.57 -35.41 33.62
C ILE C 243 16.15 -36.46 34.56
N PRO C 244 15.43 -37.55 34.85
CA PRO C 244 15.96 -38.58 35.75
C PRO C 244 17.27 -39.07 35.16
N ASP C 245 18.37 -38.98 35.90
CA ASP C 245 19.64 -39.42 35.34
C ASP C 245 20.54 -40.30 36.19
N ARG C 246 19.97 -41.10 37.07
CA ARG C 246 20.81 -41.97 37.87
C ARG C 246 20.40 -43.43 37.76
N ASP C 247 21.36 -44.28 37.41
CA ASP C 247 21.03 -45.72 37.34
C ASP C 247 20.84 -46.26 38.80
N PRO C 248 19.61 -46.72 39.16
CA PRO C 248 19.36 -47.21 40.53
C PRO C 248 20.24 -48.40 40.90
N GLU C 249 20.55 -49.21 39.87
CA GLU C 249 21.37 -50.41 40.02
C GLU C 249 22.86 -50.06 39.85
N THR C 250 23.22 -48.79 40.00
CA THR C 250 24.63 -48.43 39.80
C THR C 250 24.97 -47.09 40.38
N GLY C 251 23.96 -46.26 40.60
CA GLY C 251 24.24 -44.92 41.11
C GLY C 251 25.08 -44.19 40.05
N LYS C 252 25.57 -44.90 39.03
CA LYS C 252 26.31 -44.20 37.96
C LYS C 252 25.28 -43.51 37.01
N GLY C 253 25.68 -42.41 36.37
CA GLY C 253 24.75 -41.69 35.51
C GLY C 253 24.09 -42.49 34.40
N LEU C 254 22.96 -42.02 33.87
CA LEU C 254 22.26 -42.65 32.75
C LEU C 254 22.68 -41.94 31.44
N TYR C 255 23.22 -40.73 31.56
CA TYR C 255 23.62 -39.98 30.37
C TYR C 255 25.09 -39.60 30.35
N ARG C 256 25.68 -39.62 29.18
CA ARG C 256 27.09 -39.27 29.04
C ARG C 256 27.25 -38.36 27.83
N ALA C 257 27.56 -37.09 28.07
CA ALA C 257 27.75 -36.15 26.96
C ALA C 257 28.84 -36.68 26.03
N ASP C 258 28.73 -36.33 24.75
CA ASP C 258 29.66 -36.85 23.79
C ASP C 258 30.68 -35.93 23.12
N VAL C 259 30.21 -35.20 22.13
CA VAL C 259 31.07 -34.36 21.37
C VAL C 259 30.49 -32.95 21.11
N CYS C 260 31.36 -31.98 20.84
CA CYS C 260 30.92 -30.63 20.50
C CYS C 260 31.79 -30.18 19.34
N ALA C 261 31.20 -29.47 18.37
CA ALA C 261 31.97 -29.00 17.21
C ALA C 261 31.40 -27.75 16.57
N LEU C 262 32.25 -26.84 16.13
CA LEU C 262 31.77 -25.62 15.50
C LEU C 262 31.46 -25.83 14.05
N THR C 263 30.53 -25.06 13.50
CA THR C 263 30.20 -25.20 12.11
C THR C 263 31.22 -24.39 11.33
N PHE C 264 31.16 -24.52 10.01
CA PHE C 264 32.07 -23.84 9.09
C PHE C 264 32.27 -22.35 9.34
N SER C 265 31.17 -21.62 9.52
CA SER C 265 31.23 -20.17 9.74
C SER C 265 31.75 -19.76 11.10
N GLY C 266 31.69 -20.68 12.06
CA GLY C 266 32.14 -20.36 13.41
C GLY C 266 31.06 -19.66 14.18
N LYS C 267 29.89 -19.49 13.57
CA LYS C 267 28.79 -18.83 14.24
C LYS C 267 27.96 -19.77 15.07
N TYR C 268 28.12 -21.07 14.84
CA TYR C 268 27.36 -22.05 15.58
C TYR C 268 28.20 -23.20 16.06
N PHE C 270 27.43 -27.42 17.49
CA PHE C 270 26.49 -28.48 17.83
C PHE C 270 27.18 -29.36 18.86
N ALA C 271 26.39 -30.01 19.71
CA ALA C 271 26.96 -30.89 20.72
C ALA C 271 25.98 -32.01 20.92
N SER C 272 26.42 -33.08 21.54
CA SER C 272 25.51 -34.18 21.78
C SER C 272 25.81 -34.96 23.04
N SER C 273 24.88 -35.82 23.41
CA SER C 273 25.09 -36.67 24.55
C SER C 273 24.31 -37.97 24.24
N ARG C 274 24.75 -39.06 24.83
CA ARG C 274 24.09 -40.31 24.62
C ARG C 274 23.52 -40.86 25.90
N ALA C 275 22.53 -41.74 25.78
CA ALA C 275 21.92 -42.40 26.92
C ALA C 275 22.59 -43.77 27.07
N ASN C 276 22.68 -44.28 28.31
CA ASN C 276 23.30 -45.56 28.56
C ASN C 276 22.35 -46.76 28.36
N LYS C 277 21.06 -46.52 28.10
CA LYS C 277 20.13 -47.62 27.87
C LYS C 277 19.45 -47.39 26.53
N PHE C 278 19.24 -48.48 25.79
CA PHE C 278 18.66 -48.36 24.46
C PHE C 278 17.26 -47.79 24.42
N GLU C 279 16.50 -47.95 25.49
CA GLU C 279 15.15 -47.43 25.49
C GLU C 279 15.07 -45.94 25.78
N LEU C 280 16.23 -45.31 26.05
CA LEU C 280 16.25 -43.87 26.34
C LEU C 280 16.78 -43.12 25.10
N GLN C 281 16.38 -41.87 24.96
CA GLN C 281 16.84 -41.08 23.85
C GLN C 281 18.08 -40.31 24.22
N GLY C 282 18.95 -40.10 23.24
CA GLY C 282 20.14 -39.28 23.47
C GLY C 282 19.69 -37.86 23.09
N TYR C 283 20.62 -36.90 23.09
CA TYR C 283 20.26 -35.53 22.75
C TYR C 283 21.29 -34.84 21.89
N ILE C 284 20.79 -33.87 21.16
CA ILE C 284 21.64 -33.08 20.31
C ILE C 284 21.30 -31.62 20.65
N ALA C 285 22.32 -30.76 20.70
CA ALA C 285 22.09 -29.37 21.03
C ALA C 285 22.79 -28.44 20.07
N GLY C 286 22.26 -27.22 19.97
CA GLY C 286 22.82 -26.19 19.10
C GLY C 286 23.05 -24.88 19.83
N PHE C 287 24.14 -24.21 19.53
CA PHE C 287 24.48 -22.94 20.16
C PHE C 287 24.89 -21.89 19.16
N LYS C 288 24.61 -20.63 19.49
CA LYS C 288 25.02 -19.55 18.62
C LYS C 288 26.20 -18.86 19.33
N LEU C 289 27.23 -18.50 18.58
CA LEU C 289 28.40 -17.88 19.16
C LEU C 289 28.61 -16.44 18.72
N ARG C 290 28.85 -15.54 19.68
CA ARG C 290 29.08 -14.13 19.38
C ARG C 290 30.43 -14.08 18.64
N ASP C 291 30.67 -13.01 17.90
CA ASP C 291 31.92 -12.91 17.15
C ASP C 291 33.21 -12.92 18.00
N CYS C 292 33.14 -12.46 19.25
CA CYS C 292 34.31 -12.45 20.10
C CYS C 292 34.55 -13.84 20.67
N GLY C 293 33.57 -14.73 20.53
CA GLY C 293 33.73 -16.10 21.00
C GLY C 293 32.82 -16.62 22.11
N SER C 294 32.23 -15.75 22.92
CA SER C 294 31.36 -16.25 23.97
C SER C 294 30.13 -16.88 23.36
N ILE C 295 29.46 -17.72 24.14
CA ILE C 295 28.25 -18.39 23.70
C ILE C 295 27.07 -17.46 23.93
N GLU C 296 26.43 -17.03 22.85
CA GLU C 296 25.29 -16.14 22.95
C GLU C 296 24.07 -16.76 23.57
N LYS C 297 23.71 -17.94 23.10
CA LYS C 297 22.52 -18.63 23.60
C LYS C 297 22.43 -20.06 23.09
N GLN C 298 21.60 -20.84 23.74
CA GLN C 298 21.41 -22.21 23.33
C GLN C 298 20.18 -22.13 22.44
N LEU C 299 20.34 -22.55 21.19
CA LEU C 299 19.26 -22.53 20.22
C LEU C 299 18.29 -23.72 20.35
N PHE C 300 18.82 -24.89 20.69
CA PHE C 300 17.96 -26.06 20.86
C PHE C 300 18.58 -27.19 21.67
N LEU C 301 17.71 -28.06 22.15
CA LEU C 301 18.08 -29.25 22.89
C LEU C 301 16.97 -30.24 22.48
N SER C 302 17.29 -31.21 21.63
CA SER C 302 16.30 -32.15 21.16
C SER C 302 16.75 -33.61 21.22
N PRO C 303 15.78 -34.53 21.33
CA PRO C 303 16.01 -35.98 21.41
C PRO C 303 16.56 -36.50 20.08
N THR C 304 17.46 -37.46 20.12
CA THR C 304 17.98 -38.03 18.91
C THR C 304 17.11 -39.27 18.65
N PRO C 305 17.21 -39.88 17.47
CA PRO C 305 16.37 -41.05 17.27
C PRO C 305 16.69 -42.21 18.20
N THR C 306 17.96 -42.42 18.52
CA THR C 306 18.36 -43.50 19.42
C THR C 306 19.10 -42.98 20.65
N SER C 307 19.57 -43.89 21.49
CA SER C 307 20.32 -43.49 22.69
C SER C 307 21.67 -43.05 22.24
N GLY C 308 22.00 -43.34 20.99
CA GLY C 308 23.29 -42.99 20.44
C GLY C 308 24.35 -44.08 20.66
N GLY C 309 24.06 -45.00 21.58
CA GLY C 309 25.00 -46.06 21.89
C GLY C 309 26.29 -45.46 22.42
N HIS C 310 27.40 -45.89 21.86
CA HIS C 310 28.67 -45.37 22.26
C HIS C 310 29.02 -44.10 21.51
N SER C 311 28.15 -43.68 20.59
CA SER C 311 28.47 -42.51 19.78
C SER C 311 27.57 -41.27 19.91
N ASN C 312 26.78 -41.04 18.85
CA ASN C 312 25.88 -39.90 18.71
C ASN C 312 26.74 -38.72 18.41
N ALA C 313 27.92 -39.01 17.85
CA ALA C 313 28.90 -37.98 17.51
C ALA C 313 28.41 -37.14 16.34
N VAL C 314 28.37 -35.83 16.52
CA VAL C 314 27.92 -34.96 15.46
C VAL C 314 29.10 -34.47 14.68
N SER C 315 28.93 -34.33 13.37
CA SER C 315 30.02 -33.92 12.51
C SER C 315 29.57 -32.89 11.48
N PRO C 316 29.81 -31.59 11.76
CA PRO C 316 29.41 -30.52 10.83
C PRO C 316 30.22 -30.54 9.54
N CYS C 317 29.62 -30.16 8.40
CA CYS C 317 30.38 -30.12 7.12
C CYS C 317 31.45 -29.05 7.35
N PRO C 318 32.72 -29.39 7.06
CA PRO C 318 33.81 -28.41 7.26
C PRO C 318 33.79 -27.18 6.35
N TRP C 319 33.06 -27.22 5.24
CA TRP C 319 33.03 -26.11 4.31
C TRP C 319 31.69 -25.42 4.18
N SER C 320 30.69 -25.85 4.93
CA SER C 320 29.39 -25.20 4.85
C SER C 320 28.55 -25.46 6.07
N ASP C 321 27.92 -24.41 6.59
CA ASP C 321 27.07 -24.52 7.77
C ASP C 321 25.85 -25.39 7.53
N GLU C 322 25.49 -25.54 6.27
CA GLU C 322 24.30 -26.26 5.87
C GLU C 322 24.08 -27.72 6.30
N TRP C 323 25.14 -28.51 6.38
CA TRP C 323 24.99 -29.92 6.73
C TRP C 323 25.69 -30.39 8.00
N ALA C 325 26.34 -34.32 10.09
CA ALA C 325 26.13 -35.75 10.14
C ALA C 325 26.17 -36.22 11.58
N ILE C 326 25.54 -37.35 11.86
CA ILE C 326 25.57 -37.91 13.21
C ILE C 326 25.55 -39.43 13.08
N THR C 327 26.29 -40.13 13.92
CA THR C 327 26.36 -41.59 13.86
C THR C 327 25.93 -42.18 15.17
N ASP C 328 25.40 -43.40 15.14
CA ASP C 328 25.04 -44.06 16.39
C ASP C 328 25.40 -45.53 16.18
N ASP C 329 25.70 -46.27 17.24
CA ASP C 329 26.00 -47.67 17.06
C ASP C 329 25.00 -48.49 17.82
N GLN C 330 23.82 -47.94 18.07
CA GLN C 330 22.76 -48.66 18.72
C GLN C 330 22.07 -49.42 17.61
N GLU C 331 21.66 -48.70 16.57
CA GLU C 331 21.00 -49.29 15.41
C GLU C 331 21.90 -49.26 14.19
N GLY C 332 22.90 -48.37 14.20
CA GLY C 332 23.82 -48.26 13.09
C GLY C 332 23.48 -47.29 11.97
N TRP C 333 22.96 -46.11 12.31
CA TRP C 333 22.63 -45.13 11.30
C TRP C 333 23.63 -44.02 11.12
N LEU C 334 23.71 -43.57 9.88
CA LEU C 334 24.52 -42.41 9.53
C LEU C 334 23.36 -41.54 9.05
N GLU C 335 23.10 -40.44 9.76
CA GLU C 335 22.02 -39.53 9.37
C GLU C 335 22.63 -38.21 8.95
N ILE C 336 21.96 -37.51 8.07
CA ILE C 336 22.42 -36.21 7.64
C ILE C 336 21.31 -35.19 7.83
N TYR C 337 21.65 -34.11 8.55
CA TYR C 337 20.71 -33.04 8.79
C TYR C 337 21.12 -31.75 8.09
N ARG C 338 20.11 -30.91 7.86
CA ARG C 338 20.29 -29.63 7.23
C ARG C 338 20.02 -28.58 8.30
N TRP C 339 20.87 -27.56 8.31
CA TRP C 339 20.77 -26.44 9.26
C TRP C 339 20.26 -25.24 8.42
N LYS C 340 19.01 -24.88 8.68
CA LYS C 340 18.35 -23.83 7.94
C LYS C 340 17.56 -22.90 8.86
N ASP C 341 17.83 -21.60 8.77
CA ASP C 341 17.13 -20.65 9.62
C ASP C 341 17.20 -21.06 11.08
N GLU C 342 18.36 -21.56 11.50
CA GLU C 342 18.56 -21.98 12.87
C GLU C 342 17.61 -23.06 13.43
N PHE C 343 17.22 -23.97 12.56
CA PHE C 343 16.41 -25.11 12.95
C PHE C 343 17.07 -26.24 12.19
N LEU C 344 17.07 -27.42 12.79
CA LEU C 344 17.67 -28.60 12.20
C LEU C 344 16.59 -29.57 11.70
N HIS C 345 16.80 -30.14 10.51
CA HIS C 345 15.86 -31.15 10.01
C HIS C 345 16.62 -32.25 9.26
N ARG C 346 16.24 -33.48 9.51
CA ARG C 346 16.86 -34.60 8.85
C ARG C 346 16.51 -34.60 7.35
N VAL C 347 17.46 -34.96 6.48
CA VAL C 347 17.19 -34.99 5.06
C VAL C 347 17.54 -36.32 4.43
N ALA C 348 18.36 -37.12 5.09
CA ALA C 348 18.77 -38.41 4.52
C ALA C 348 19.43 -39.28 5.57
N ARG C 349 19.48 -40.59 5.31
CA ARG C 349 20.10 -41.49 6.25
C ARG C 349 20.22 -42.86 5.72
N VAL C 350 21.14 -43.62 6.24
CA VAL C 350 21.34 -44.98 5.79
C VAL C 350 21.76 -45.81 6.97
N ARG C 351 21.27 -47.03 7.00
CA ARG C 351 21.60 -47.92 8.06
C ARG C 351 22.62 -48.98 7.64
N ILE C 352 23.63 -49.17 8.47
CA ILE C 352 24.61 -50.18 8.18
C ILE C 352 24.60 -51.24 9.26
N PRO C 353 23.98 -52.39 8.95
CA PRO C 353 23.77 -53.66 9.70
C PRO C 353 25.04 -54.28 10.35
N GLU C 354 26.18 -53.57 10.40
CA GLU C 354 27.40 -54.22 10.89
C GLU C 354 27.78 -54.09 12.34
N PRO C 355 28.59 -55.04 12.83
CA PRO C 355 29.03 -55.01 14.22
C PRO C 355 29.73 -53.71 14.59
N GLY C 356 29.22 -53.07 15.63
CA GLY C 356 29.81 -51.84 16.13
C GLY C 356 29.75 -50.66 15.20
N PHE C 357 28.99 -50.77 14.11
CA PHE C 357 28.91 -49.65 13.19
C PHE C 357 28.22 -48.41 13.70
N GLY C 358 28.93 -47.32 13.45
CA GLY C 358 28.50 -46.00 13.81
C GLY C 358 29.35 -45.31 14.86
N ASN C 360 32.02 -42.52 14.30
CA ASN C 360 32.15 -41.11 13.96
C ASN C 360 32.33 -40.96 12.45
N ALA C 361 31.81 -39.87 11.90
CA ALA C 361 31.90 -39.64 10.47
C ALA C 361 32.78 -38.47 10.13
N ILE C 362 33.57 -38.58 9.08
CA ILE C 362 34.43 -37.48 8.64
C ILE C 362 34.21 -37.20 7.16
N TRP C 363 34.16 -35.91 6.82
CA TRP C 363 33.91 -35.49 5.47
C TRP C 363 35.12 -35.35 4.56
N TYR C 364 35.01 -35.96 3.41
CA TYR C 364 35.97 -35.94 2.33
C TYR C 364 34.96 -35.47 1.32
N ASP C 365 35.17 -34.43 0.53
CA ASP C 365 34.06 -34.14 -0.44
C ASP C 365 32.73 -33.60 0.06
N PRO D 1 2.21 -40.22 43.65
CA PRO D 1 0.75 -40.49 43.52
C PRO D 1 0.43 -41.07 42.15
N LEU D 2 -0.76 -41.68 42.05
CA LEU D 2 -1.22 -42.27 40.81
C LEU D 2 -2.17 -41.36 40.05
N HIS D 3 -2.05 -41.38 38.73
CA HIS D 3 -2.89 -40.58 37.84
C HIS D 3 -3.40 -41.51 36.77
N HIS D 4 -4.49 -41.13 36.10
CA HIS D 4 -5.06 -41.98 35.05
C HIS D 4 -5.42 -41.28 33.73
N LEU D 5 -5.15 -41.94 32.62
CA LEU D 5 -5.52 -41.36 31.34
C LEU D 5 -6.33 -42.36 30.53
N ILE D 7 -7.68 -43.44 26.64
CA ILE D 7 -7.31 -43.26 25.24
C ILE D 7 -8.23 -44.09 24.31
N GLY D 8 -8.50 -43.54 23.13
CA GLY D 8 -9.34 -44.23 22.17
C GLY D 8 -8.55 -44.73 20.96
N THR D 9 -9.28 -45.15 19.94
CA THR D 9 -8.63 -45.70 18.77
C THR D 9 -9.23 -45.18 17.48
N TRP D 10 -8.44 -45.28 16.42
CA TRP D 10 -8.79 -44.83 15.09
C TRP D 10 -9.53 -45.92 14.29
N THR D 11 -9.52 -47.12 14.85
CA THR D 11 -10.04 -48.29 14.20
C THR D 11 -10.76 -49.26 15.13
N PRO D 12 -11.67 -50.08 14.56
CA PRO D 12 -12.41 -51.07 15.36
C PRO D 12 -11.41 -52.16 15.77
N PRO D 13 -11.69 -52.92 16.83
CA PRO D 13 -12.85 -52.90 17.73
C PRO D 13 -12.78 -51.74 18.67
N GLY D 14 -13.93 -51.14 18.95
CA GLY D 14 -13.97 -50.00 19.85
C GLY D 14 -13.60 -50.38 21.26
N ALA D 15 -12.87 -49.51 21.95
CA ALA D 15 -12.46 -49.77 23.33
C ALA D 15 -11.86 -48.50 23.92
N ILE D 16 -12.02 -48.32 25.22
CA ILE D 16 -11.44 -47.19 25.92
C ILE D 16 -10.36 -47.80 26.80
N PHE D 17 -9.13 -47.31 26.68
CA PHE D 17 -8.05 -47.85 27.51
C PHE D 17 -7.73 -46.90 28.67
N THR D 18 -7.50 -47.48 29.86
CA THR D 18 -7.17 -46.70 31.02
C THR D 18 -5.72 -46.97 31.41
N VAL D 19 -4.86 -45.95 31.27
CA VAL D 19 -3.44 -46.07 31.61
C VAL D 19 -3.19 -45.35 32.91
N GLN D 20 -2.36 -45.98 33.73
CA GLN D 20 -2.01 -45.44 35.04
C GLN D 20 -0.58 -44.92 34.97
N PHE D 21 -0.38 -43.72 35.52
CA PHE D 21 0.93 -43.08 35.55
C PHE D 21 1.31 -42.76 37.00
N ASP D 22 2.43 -43.33 37.43
CA ASP D 22 2.92 -43.11 38.78
C ASP D 22 3.92 -41.96 38.69
N ASP D 23 3.59 -40.78 39.23
CA ASP D 23 4.52 -39.66 39.14
C ASP D 23 5.73 -39.77 40.07
N GLU D 24 5.78 -40.82 40.89
CA GLU D 24 6.91 -41.01 41.81
C GLU D 24 7.90 -42.00 41.24
N LYS D 25 7.37 -43.08 40.66
CA LYS D 25 8.21 -44.09 40.07
C LYS D 25 8.46 -43.78 38.61
N LEU D 26 7.63 -42.88 38.09
CA LEU D 26 7.70 -42.44 36.69
C LEU D 26 7.53 -43.63 35.77
N THR D 27 6.42 -44.35 35.94
CA THR D 27 6.10 -45.52 35.10
C THR D 27 4.69 -45.46 34.55
N CYS D 28 4.46 -46.27 33.51
CA CYS D 28 3.15 -46.38 32.85
C CYS D 28 2.66 -47.82 32.75
N LYS D 29 1.40 -48.05 33.06
CA LYS D 29 0.86 -49.42 32.96
C LYS D 29 -0.58 -49.34 32.44
N LEU D 30 -0.94 -50.26 31.56
CA LEU D 30 -2.32 -50.29 31.08
C LEU D 30 -3.05 -51.04 32.19
N ILE D 31 -4.12 -50.48 32.75
CA ILE D 31 -4.80 -51.18 33.82
C ILE D 31 -6.22 -51.56 33.44
N LYS D 32 -6.64 -51.21 32.24
CA LYS D 32 -8.00 -51.56 31.87
C LYS D 32 -8.36 -51.33 30.43
N ARG D 33 -9.02 -52.31 29.83
CA ARG D 33 -9.45 -52.19 28.43
C ARG D 33 -10.92 -52.37 28.50
N THR D 34 -11.65 -51.26 28.49
CA THR D 34 -13.10 -51.30 28.54
C THR D 34 -13.69 -51.40 27.14
N GLU D 35 -14.41 -52.49 26.93
CA GLU D 35 -15.02 -52.76 25.64
C GLU D 35 -16.23 -51.83 25.44
N ILE D 36 -16.40 -51.34 24.21
CA ILE D 36 -17.52 -50.46 23.85
C ILE D 36 -18.00 -50.94 22.50
N PRO D 37 -19.18 -50.46 22.03
CA PRO D 37 -19.73 -50.91 20.73
C PRO D 37 -18.64 -51.22 19.71
N GLN D 38 -18.53 -52.48 19.31
CA GLN D 38 -17.47 -52.89 18.39
C GLN D 38 -17.20 -51.94 17.24
N ASP D 39 -18.25 -51.38 16.66
CA ASP D 39 -18.04 -50.49 15.50
C ASP D 39 -18.11 -48.99 15.80
N GLU D 40 -17.94 -48.65 17.08
CA GLU D 40 -17.94 -47.27 17.51
C GLU D 40 -16.62 -46.89 18.20
N PRO D 41 -15.47 -47.14 17.55
CA PRO D 41 -14.17 -46.79 18.16
C PRO D 41 -14.10 -45.29 18.28
N ILE D 42 -13.55 -44.81 19.41
CA ILE D 42 -13.47 -43.38 19.68
C ILE D 42 -12.16 -42.66 19.31
N SER D 43 -12.21 -41.87 18.24
CA SER D 43 -11.03 -41.17 17.73
C SER D 43 -10.77 -39.85 18.45
N TRP D 44 -11.74 -39.43 19.25
CA TRP D 44 -11.59 -38.21 20.04
C TRP D 44 -12.55 -38.24 21.20
N THR D 46 -13.46 -36.78 25.33
CA THR D 46 -13.30 -35.66 26.22
C THR D 46 -14.18 -35.90 27.44
N PHE D 47 -13.83 -35.29 28.56
CA PHE D 47 -14.58 -35.41 29.82
C PHE D 47 -15.58 -34.28 29.99
N ASP D 48 -16.63 -34.51 30.77
CA ASP D 48 -17.60 -33.44 30.99
C ASP D 48 -17.00 -32.59 32.11
N HIS D 49 -17.72 -31.63 32.65
CA HIS D 49 -17.13 -30.74 33.66
C HIS D 49 -16.67 -31.28 35.01
N GLU D 50 -17.14 -32.48 35.37
CA GLU D 50 -16.72 -33.10 36.63
C GLU D 50 -16.05 -34.43 36.34
N ARG D 51 -15.73 -34.67 35.07
CA ARG D 51 -15.09 -35.93 34.74
C ARG D 51 -15.91 -37.15 35.21
N LYS D 52 -17.24 -37.01 35.19
CA LYS D 52 -18.13 -38.10 35.55
C LYS D 52 -18.64 -38.79 34.31
N ASN D 53 -18.42 -38.15 33.16
CA ASN D 53 -18.85 -38.73 31.85
C ASN D 53 -17.78 -38.58 30.78
N ILE D 54 -17.78 -39.47 29.81
CA ILE D 54 -16.84 -39.36 28.71
C ILE D 54 -17.66 -39.32 27.43
N TYR D 55 -17.49 -38.29 26.62
CA TYR D 55 -18.19 -38.20 25.34
C TYR D 55 -17.21 -38.52 24.22
N GLY D 56 -17.64 -39.22 23.18
CA GLY D 56 -16.71 -39.51 22.11
C GLY D 56 -17.19 -39.33 20.67
N ALA D 57 -16.25 -39.05 19.78
CA ALA D 57 -16.54 -38.94 18.38
C ALA D 57 -16.28 -40.37 17.98
N ALA D 58 -17.32 -41.13 17.74
CA ALA D 58 -17.13 -42.54 17.41
C ALA D 58 -17.64 -43.03 16.06
N LYS D 60 -19.65 -43.35 13.26
CA LYS D 60 -20.95 -42.83 12.86
C LYS D 60 -21.80 -42.45 14.04
N LYS D 61 -21.23 -42.48 15.25
CA LYS D 61 -22.02 -42.14 16.44
C LYS D 61 -21.34 -41.13 17.35
N TRP D 62 -22.13 -40.53 18.22
CA TRP D 62 -21.62 -39.60 19.23
C TRP D 62 -21.98 -40.40 20.47
N SER D 63 -20.99 -40.98 21.14
CA SER D 63 -21.27 -41.79 22.30
C SER D 63 -21.06 -41.11 23.65
N SER D 64 -21.75 -41.65 24.66
CA SER D 64 -21.73 -41.12 26.00
C SER D 64 -21.43 -42.27 27.00
N PHE D 65 -20.50 -42.05 27.92
CA PHE D 65 -20.18 -43.07 28.92
C PHE D 65 -20.08 -42.42 30.28
N ALA D 66 -20.61 -43.12 31.28
CA ALA D 66 -20.58 -42.65 32.66
C ALA D 66 -19.33 -43.28 33.29
N VAL D 67 -18.60 -42.46 34.04
CA VAL D 67 -17.35 -42.91 34.67
C VAL D 67 -17.42 -42.90 36.18
N LYS D 68 -17.40 -44.08 36.80
CA LYS D 68 -17.46 -44.15 38.27
C LYS D 68 -16.04 -44.13 38.83
N SER D 69 -15.09 -44.74 38.10
CA SER D 69 -13.67 -44.79 38.50
C SER D 69 -12.85 -45.07 37.26
N PRO D 70 -11.52 -45.03 37.38
CA PRO D 70 -10.68 -45.29 36.21
C PRO D 70 -10.99 -46.62 35.52
N THR D 71 -11.44 -47.60 36.28
CA THR D 71 -11.69 -48.91 35.69
C THR D 71 -13.16 -49.24 35.46
N GLU D 72 -14.03 -48.28 35.79
CA GLU D 72 -15.48 -48.43 35.65
C GLU D 72 -16.11 -47.44 34.70
N ILE D 73 -16.12 -47.80 33.42
CA ILE D 73 -16.67 -46.93 32.40
C ILE D 73 -17.86 -47.64 31.76
N VAL D 74 -19.04 -47.04 31.87
CA VAL D 74 -20.25 -47.67 31.34
C VAL D 74 -20.99 -46.95 30.22
N HIS D 75 -21.09 -47.64 29.07
CA HIS D 75 -21.80 -47.08 27.92
C HIS D 75 -23.24 -46.74 28.31
N GLU D 76 -23.64 -45.48 28.11
CA GLU D 76 -25.01 -45.08 28.42
C GLU D 76 -25.75 -44.60 27.17
N ALA D 77 -25.06 -44.36 26.05
CA ALA D 77 -25.77 -43.92 24.84
C ALA D 77 -24.91 -43.67 23.66
N SER D 78 -25.53 -43.76 22.48
CA SER D 78 -24.89 -43.50 21.19
C SER D 78 -25.90 -42.84 20.21
N HIS D 79 -25.68 -41.57 19.90
CA HIS D 79 -26.56 -40.84 19.00
C HIS D 79 -25.98 -40.78 17.60
N PRO D 80 -26.84 -40.63 16.60
CA PRO D 80 -26.40 -40.56 15.20
C PRO D 80 -25.94 -39.15 14.85
N ILE D 81 -25.33 -39.00 13.68
CA ILE D 81 -24.86 -37.70 13.25
C ILE D 81 -26.04 -36.88 12.74
N GLY D 82 -26.18 -35.65 13.20
CA GLY D 82 -27.27 -34.82 12.75
C GLY D 82 -26.83 -33.90 11.63
N GLY D 83 -27.80 -33.23 11.02
CA GLY D 83 -27.51 -32.30 9.95
C GLY D 83 -27.96 -32.79 8.59
N HIS D 84 -27.01 -33.05 7.71
CA HIS D 84 -27.34 -33.54 6.37
C HIS D 84 -27.91 -34.96 6.44
N PRO D 85 -29.01 -35.21 5.70
CA PRO D 85 -29.66 -36.53 5.68
C PRO D 85 -28.71 -37.73 5.51
N ARG D 86 -27.85 -37.67 4.49
CA ARG D 86 -26.91 -38.76 4.24
C ARG D 86 -25.73 -38.92 5.20
N ALA D 87 -25.59 -38.03 6.18
CA ALA D 87 -24.47 -38.15 7.11
C ALA D 87 -24.43 -39.54 7.77
N ASN D 88 -25.61 -40.11 8.02
CA ASN D 88 -25.67 -41.44 8.64
C ASN D 88 -25.66 -42.66 7.75
N ASP D 89 -25.88 -42.46 6.45
CA ASP D 89 -25.87 -43.60 5.55
C ASP D 89 -24.59 -44.37 5.76
N ALA D 90 -24.69 -45.69 5.80
CA ALA D 90 -23.49 -46.48 5.97
C ALA D 90 -22.63 -46.42 4.70
N ASP D 91 -23.14 -45.83 3.62
CA ASP D 91 -22.34 -45.76 2.39
C ASP D 91 -21.60 -44.45 2.18
N THR D 92 -21.72 -43.52 3.13
CA THR D 92 -21.04 -42.23 3.02
C THR D 92 -19.86 -42.17 4.03
N ASN D 93 -18.81 -41.47 3.66
CA ASN D 93 -17.65 -41.38 4.52
C ASN D 93 -17.81 -40.41 5.70
N THR D 94 -18.97 -39.78 5.88
CA THR D 94 -19.15 -38.84 6.98
C THR D 94 -18.72 -39.53 8.27
N ARG D 95 -18.01 -38.79 9.13
CA ARG D 95 -17.52 -39.37 10.36
C ARG D 95 -17.51 -38.38 11.53
N ALA D 96 -17.90 -38.82 12.73
CA ALA D 96 -17.89 -37.95 13.91
C ALA D 96 -16.41 -37.71 14.23
N ILE D 97 -15.95 -36.47 14.16
CA ILE D 97 -14.52 -36.19 14.32
C ILE D 97 -14.04 -35.42 15.56
N PHE D 98 -14.83 -34.50 16.06
CA PHE D 98 -14.45 -33.70 17.22
C PHE D 98 -15.66 -33.43 18.09
N LEU D 99 -15.39 -33.21 19.35
CA LEU D 99 -16.43 -33.04 20.33
C LEU D 99 -15.98 -32.05 21.40
N LEU D 100 -16.88 -31.22 21.92
CA LEU D 100 -16.51 -30.28 22.95
C LEU D 100 -17.58 -30.19 24.02
N ALA D 101 -17.20 -30.37 25.29
CA ALA D 101 -18.17 -30.29 26.41
C ALA D 101 -18.11 -29.00 27.22
N ALA D 102 -19.19 -28.23 27.18
CA ALA D 102 -19.25 -26.96 27.89
C ALA D 102 -18.98 -27.18 29.38
N LYS D 103 -18.32 -26.24 30.04
CA LYS D 103 -18.06 -26.42 31.44
C LYS D 103 -18.99 -25.60 32.34
N GLN D 104 -19.84 -24.77 31.71
CA GLN D 104 -20.80 -23.95 32.42
C GLN D 104 -22.17 -24.41 32.02
N PRO D 105 -23.18 -24.16 32.87
CA PRO D 105 -24.56 -24.57 32.55
C PRO D 105 -24.91 -24.02 31.14
N PRO D 106 -25.71 -24.76 30.37
CA PRO D 106 -26.31 -26.06 30.65
C PRO D 106 -25.45 -27.26 30.36
N TYR D 107 -24.14 -27.07 30.29
CA TYR D 107 -23.23 -28.18 30.04
C TYR D 107 -23.52 -28.98 28.78
N ALA D 108 -23.95 -28.29 27.74
CA ALA D 108 -24.24 -28.96 26.46
C ALA D 108 -22.95 -29.46 25.81
N VAL D 109 -23.10 -30.31 24.82
CA VAL D 109 -21.97 -30.84 24.11
C VAL D 109 -22.09 -30.43 22.64
N TYR D 110 -21.02 -29.87 22.10
CA TYR D 110 -21.00 -29.40 20.73
C TYR D 110 -20.12 -30.33 19.91
N ALA D 111 -20.69 -30.94 18.86
CA ALA D 111 -19.96 -31.91 18.04
C ALA D 111 -19.87 -31.63 16.54
N ASN D 112 -18.77 -32.07 15.93
CA ASN D 112 -18.55 -31.83 14.52
C ASN D 112 -18.35 -33.05 13.65
N PRO D 113 -19.22 -33.24 12.67
CA PRO D 113 -19.05 -34.39 11.76
C PRO D 113 -17.95 -33.91 10.79
N PHE D 114 -17.36 -34.81 10.01
CA PHE D 114 -16.29 -34.43 9.12
C PHE D 114 -16.39 -35.19 7.80
N TYR D 115 -15.66 -34.71 6.79
CA TYR D 115 -15.68 -35.27 5.43
C TYR D 115 -16.93 -34.81 4.69
N LYS D 116 -17.56 -35.67 3.91
CA LYS D 116 -18.75 -35.25 3.17
C LYS D 116 -19.96 -35.10 4.03
N PHE D 117 -20.92 -34.32 3.56
CA PHE D 117 -22.17 -34.09 4.28
C PHE D 117 -21.94 -33.66 5.72
N ALA D 118 -20.99 -32.73 5.91
CA ALA D 118 -20.67 -32.26 7.25
C ALA D 118 -20.89 -30.77 7.47
N GLY D 119 -21.75 -30.18 6.64
CA GLY D 119 -22.04 -28.76 6.74
C GLY D 119 -22.81 -28.28 7.96
N TYR D 120 -22.83 -29.05 9.03
CA TYR D 120 -23.57 -28.66 10.24
C TYR D 120 -22.83 -29.01 11.51
N GLY D 121 -23.24 -28.38 12.60
CA GLY D 121 -22.67 -28.70 13.89
C GLY D 121 -23.80 -29.45 14.59
N ASN D 122 -23.50 -30.22 15.62
CA ASN D 122 -24.52 -30.97 16.34
C ASN D 122 -24.45 -30.58 17.79
N VAL D 123 -25.55 -30.10 18.34
CA VAL D 123 -25.58 -29.70 19.74
C VAL D 123 -26.41 -30.72 20.51
N PHE D 124 -25.90 -31.17 21.65
CA PHE D 124 -26.63 -32.14 22.46
C PHE D 124 -26.81 -31.62 23.86
N SER D 125 -28.01 -31.80 24.41
CA SER D 125 -28.21 -31.37 25.80
C SER D 125 -27.81 -32.62 26.60
N VAL D 126 -27.61 -32.48 27.89
CA VAL D 126 -27.23 -33.61 28.71
C VAL D 126 -28.24 -33.78 29.84
N SER D 127 -28.33 -34.99 30.35
CA SER D 127 -29.29 -35.30 31.42
C SER D 127 -28.80 -34.73 32.73
N GLU D 128 -29.65 -34.78 33.77
CA GLU D 128 -29.23 -34.25 35.07
C GLU D 128 -27.94 -35.01 35.53
N THR D 129 -27.64 -36.18 34.95
CA THR D 129 -26.43 -36.95 35.31
C THR D 129 -25.25 -36.72 34.33
N GLY D 130 -25.47 -35.89 33.32
CA GLY D 130 -24.43 -35.63 32.33
C GLY D 130 -24.41 -36.60 31.16
N LYS D 131 -25.46 -37.40 30.95
CA LYS D 131 -25.49 -38.33 29.82
C LYS D 131 -25.93 -37.56 28.56
N LEU D 132 -25.39 -37.91 27.39
CA LEU D 132 -25.78 -37.24 26.15
C LEU D 132 -27.28 -37.52 26.01
N GLU D 133 -28.10 -36.48 26.18
CA GLU D 133 -29.55 -36.61 26.14
C GLU D 133 -30.26 -36.56 24.77
N LYS D 134 -30.26 -35.37 24.17
CA LYS D 134 -30.98 -35.17 22.91
C LYS D 134 -30.28 -34.15 21.98
N ASN D 135 -30.32 -34.42 20.68
CA ASN D 135 -29.75 -33.49 19.72
C ASN D 135 -30.76 -32.34 19.69
N VAL D 136 -30.44 -31.23 20.36
CA VAL D 136 -31.33 -30.10 20.38
C VAL D 136 -31.17 -29.14 19.21
N GLN D 137 -30.10 -29.25 18.44
CA GLN D 137 -29.91 -28.32 17.33
C GLN D 137 -28.81 -28.75 16.36
N ASN D 138 -29.07 -28.56 15.07
CA ASN D 138 -28.09 -28.83 14.02
C ASN D 138 -27.92 -27.51 13.31
N TYR D 139 -26.97 -26.71 13.73
CA TYR D 139 -26.74 -25.39 13.12
C TYR D 139 -25.87 -25.47 11.90
N GLU D 140 -26.16 -24.67 10.89
CA GLU D 140 -25.35 -24.77 9.69
C GLU D 140 -24.19 -23.85 9.57
N TYR D 141 -23.18 -24.35 8.85
CA TYR D 141 -22.00 -23.60 8.50
C TYR D 141 -22.22 -23.35 7.02
N GLN D 142 -21.52 -24.10 6.14
CA GLN D 142 -21.72 -24.00 4.69
C GLN D 142 -21.52 -25.38 4.08
N GLU D 143 -21.99 -25.56 2.84
CA GLU D 143 -21.96 -26.89 2.17
C GLU D 143 -20.65 -27.60 2.45
N ASN D 144 -19.67 -26.81 2.10
CA ASN D 144 -18.24 -26.96 2.12
C ASN D 144 -17.52 -27.33 3.42
N THR D 145 -18.13 -26.98 4.53
CA THR D 145 -17.52 -27.14 5.83
C THR D 145 -16.98 -28.45 6.30
N GLY D 146 -15.94 -28.33 7.12
CA GLY D 146 -15.27 -29.47 7.71
C GLY D 146 -14.60 -29.02 9.00
N ILE D 147 -15.41 -28.80 10.03
CA ILE D 147 -14.84 -28.33 11.29
C ILE D 147 -14.09 -29.46 11.91
N HIS D 148 -12.87 -29.21 12.37
CA HIS D 148 -12.11 -30.27 13.00
C HIS D 148 -11.78 -29.96 14.44
N GLY D 149 -12.17 -28.77 14.90
CA GLY D 149 -11.90 -28.37 16.28
C GLY D 149 -12.56 -27.07 16.65
N VAL D 151 -13.50 -24.13 20.24
CA VAL D 151 -13.13 -23.69 21.56
C VAL D 151 -13.99 -22.51 21.94
N PHE D 152 -14.35 -22.44 23.23
CA PHE D 152 -15.17 -21.35 23.77
C PHE D 152 -14.28 -20.24 24.32
N ASP D 153 -14.81 -19.03 24.47
CA ASP D 153 -14.04 -17.96 25.09
C ASP D 153 -14.19 -18.32 26.57
N PRO D 154 -13.36 -17.77 27.45
CA PRO D 154 -13.51 -18.13 28.87
C PRO D 154 -14.93 -18.08 29.46
N THR D 155 -15.76 -17.19 28.92
CA THR D 155 -17.13 -17.00 29.39
C THR D 155 -18.14 -18.01 28.85
N GLU D 156 -17.76 -18.72 27.80
CA GLU D 156 -18.63 -19.66 27.13
C GLU D 156 -19.85 -18.94 26.55
N THR D 157 -19.58 -17.80 25.91
CA THR D 157 -20.59 -16.98 25.26
C THR D 157 -20.32 -16.98 23.76
N TYR D 158 -19.08 -17.26 23.41
CA TYR D 158 -18.71 -17.34 22.00
C TYR D 158 -17.97 -18.60 21.69
N LEU D 159 -18.34 -19.23 20.58
CA LEU D 159 -17.78 -20.51 20.13
C LEU D 159 -17.06 -20.30 18.79
N TYR D 160 -15.78 -20.68 18.75
CA TYR D 160 -14.97 -20.52 17.56
C TYR D 160 -14.69 -21.87 16.91
N SER D 161 -14.86 -21.95 15.59
CA SER D 161 -14.66 -23.20 14.92
C SER D 161 -13.61 -23.12 13.85
N ALA D 162 -12.75 -24.14 13.78
CA ALA D 162 -11.70 -24.24 12.78
C ALA D 162 -12.28 -25.05 11.61
N ASP D 163 -12.55 -24.39 10.49
CA ASP D 163 -13.12 -25.04 9.30
C ASP D 163 -11.97 -25.40 8.36
N LEU D 164 -11.55 -26.65 8.45
CA LEU D 164 -10.43 -27.12 7.66
C LEU D 164 -10.63 -27.08 6.17
N THR D 165 -11.71 -27.67 5.68
CA THR D 165 -11.95 -27.71 4.24
C THR D 165 -12.48 -26.42 3.64
N ALA D 166 -13.19 -25.60 4.41
CA ALA D 166 -13.68 -24.34 3.88
C ALA D 166 -12.61 -23.27 4.12
N ASN D 167 -11.51 -23.64 4.79
CA ASN D 167 -10.38 -22.74 5.09
C ASN D 167 -10.74 -21.41 5.80
N LYS D 168 -11.47 -21.51 6.92
CA LYS D 168 -11.89 -20.32 7.66
C LYS D 168 -12.11 -20.57 9.14
N LEU D 169 -12.34 -19.50 9.87
CA LEU D 169 -12.60 -19.54 11.30
C LEU D 169 -13.99 -18.94 11.50
N TRP D 170 -14.87 -19.66 12.17
CA TRP D 170 -16.23 -19.19 12.40
C TRP D 170 -16.40 -18.73 13.83
N THR D 171 -17.32 -17.78 14.03
CA THR D 171 -17.67 -17.28 15.34
C THR D 171 -19.18 -17.43 15.54
N HIS D 172 -19.55 -18.04 16.67
CA HIS D 172 -20.95 -18.26 17.01
C HIS D 172 -21.21 -17.73 18.41
N ARG D 173 -22.44 -17.29 18.65
CA ARG D 173 -22.84 -16.78 19.95
C ARG D 173 -23.57 -17.95 20.62
N LYS D 174 -23.32 -18.22 21.89
CA LYS D 174 -24.03 -19.31 22.57
C LYS D 174 -25.17 -18.70 23.38
N LEU D 175 -26.40 -19.09 23.06
CA LEU D 175 -27.54 -18.55 23.78
C LEU D 175 -27.60 -19.22 25.14
N ALA D 176 -28.37 -18.65 26.05
CA ALA D 176 -28.50 -19.21 27.39
C ALA D 176 -29.00 -20.66 27.32
N SER D 177 -29.81 -20.96 26.32
CA SER D 177 -30.35 -22.31 26.18
C SER D 177 -29.26 -23.33 25.86
N GLY D 178 -28.12 -22.86 25.38
CA GLY D 178 -27.04 -23.77 25.00
C GLY D 178 -26.93 -23.80 23.48
N GLU D 179 -27.97 -23.32 22.81
CA GLU D 179 -27.97 -23.30 21.34
C GLU D 179 -27.14 -22.16 20.83
N VAL D 180 -26.70 -22.28 19.58
CA VAL D 180 -25.89 -21.26 19.03
C VAL D 180 -26.57 -20.48 17.92
N GLU D 181 -25.86 -19.45 17.49
CA GLU D 181 -26.36 -18.52 16.49
C GLU D 181 -25.12 -17.91 15.83
N LEU D 182 -25.09 -17.91 14.50
CA LEU D 182 -23.95 -17.36 13.77
C LEU D 182 -23.66 -15.90 14.03
N VAL D 183 -22.38 -15.57 14.09
CA VAL D 183 -21.94 -14.19 14.25
C VAL D 183 -21.17 -13.84 12.96
N GLY D 184 -20.21 -14.67 12.57
CA GLY D 184 -19.46 -14.42 11.35
C GLY D 184 -18.33 -15.40 11.11
N SER D 185 -17.52 -15.13 10.10
CA SER D 185 -16.38 -15.97 9.78
C SER D 185 -15.25 -15.15 9.12
N VAL D 186 -14.05 -15.71 9.03
CA VAL D 186 -12.91 -15.04 8.39
C VAL D 186 -12.13 -16.14 7.68
N ASP D 187 -11.64 -15.86 6.47
CA ASP D 187 -10.86 -16.85 5.80
C ASP D 187 -9.50 -16.91 6.46
N ALA D 188 -8.88 -18.08 6.44
CA ALA D 188 -7.55 -18.22 7.00
C ALA D 188 -6.62 -17.29 6.20
N PRO D 189 -5.50 -16.88 6.80
CA PRO D 189 -4.56 -15.98 6.11
C PRO D 189 -4.14 -16.38 4.69
N ASP D 190 -3.86 -17.66 4.52
CA ASP D 190 -3.41 -18.19 3.25
C ASP D 190 -4.32 -19.31 2.76
N PRO D 191 -4.50 -19.45 1.44
CA PRO D 191 -5.37 -20.51 0.92
C PRO D 191 -4.92 -21.91 1.31
N GLY D 192 -3.63 -22.08 1.55
CA GLY D 192 -3.11 -23.37 1.93
C GLY D 192 -3.04 -23.64 3.43
N ASP D 193 -3.58 -22.76 4.27
CA ASP D 193 -3.50 -23.02 5.71
C ASP D 193 -4.35 -24.19 6.23
N HIS D 194 -5.66 -24.10 6.04
CA HIS D 194 -6.62 -25.12 6.48
C HIS D 194 -6.70 -25.25 8.00
N PRO D 195 -7.51 -24.39 8.64
CA PRO D 195 -7.65 -24.46 10.11
C PRO D 195 -8.12 -25.82 10.60
N ARG D 196 -7.42 -26.36 11.59
CA ARG D 196 -7.80 -27.64 12.12
C ARG D 196 -8.07 -27.56 13.59
N TRP D 197 -7.40 -26.64 14.27
CA TRP D 197 -7.56 -26.55 15.73
C TRP D 197 -7.46 -25.12 16.26
N VAL D 198 -8.11 -24.86 17.38
CA VAL D 198 -8.08 -23.53 18.00
C VAL D 198 -8.05 -23.60 19.51
N ALA D 199 -7.18 -22.80 20.11
CA ALA D 199 -7.08 -22.78 21.55
C ALA D 199 -7.37 -21.36 22.05
N HIS D 201 -6.90 -18.21 25.05
CA HIS D 201 -6.10 -17.71 26.16
C HIS D 201 -7.07 -17.43 27.30
N PRO D 202 -6.68 -17.69 28.56
CA PRO D 202 -7.57 -17.46 29.70
C PRO D 202 -8.16 -16.09 29.85
N THR D 203 -7.50 -15.06 29.32
CA THR D 203 -8.03 -13.71 29.42
C THR D 203 -9.13 -13.50 28.43
N GLY D 204 -9.12 -14.30 27.37
CA GLY D 204 -10.11 -14.16 26.34
C GLY D 204 -9.67 -13.15 25.30
N ASN D 205 -8.45 -12.64 25.44
CA ASN D 205 -7.91 -11.64 24.50
C ASN D 205 -7.38 -12.25 23.22
N TYR D 206 -6.86 -13.47 23.33
CA TYR D 206 -6.27 -14.11 22.18
C TYR D 206 -6.74 -15.50 21.92
N LEU D 207 -6.64 -15.88 20.68
CA LEU D 207 -7.04 -17.19 20.22
C LEU D 207 -5.92 -17.64 19.29
N TYR D 208 -5.59 -18.93 19.34
CA TYR D 208 -4.53 -19.48 18.47
C TYR D 208 -5.15 -20.51 17.55
N ALA D 209 -4.88 -20.35 16.26
CA ALA D 209 -5.41 -21.24 15.24
C ALA D 209 -4.30 -22.05 14.59
N LEU D 210 -4.42 -23.37 14.70
CA LEU D 210 -3.43 -24.28 14.12
C LEU D 210 -3.86 -24.61 12.68
N GLU D 212 -3.57 -26.90 9.51
CA GLU D 212 -3.10 -28.24 9.15
C GLU D 212 -2.13 -28.28 7.98
N ALA D 213 -2.56 -27.83 6.82
CA ALA D 213 -1.68 -27.86 5.64
C ALA D 213 -0.60 -26.80 5.68
N GLY D 214 -0.88 -25.70 6.37
CA GLY D 214 0.08 -24.62 6.53
C GLY D 214 1.16 -24.93 7.56
N ASN D 215 0.92 -25.96 8.37
CA ASN D 215 1.88 -26.37 9.40
C ASN D 215 2.40 -25.20 10.23
N ARG D 216 1.49 -24.45 10.81
CA ARG D 216 1.89 -23.31 11.60
C ARG D 216 0.76 -22.89 12.50
N ILE D 217 1.09 -22.10 13.52
CA ILE D 217 0.13 -21.55 14.47
C ILE D 217 -0.03 -20.08 14.09
N CYS D 218 -1.26 -19.60 13.93
CA CYS D 218 -1.46 -18.19 13.59
C CYS D 218 -2.13 -17.57 14.79
N GLU D 219 -1.71 -16.37 15.13
CA GLU D 219 -2.21 -15.64 16.29
C GLU D 219 -3.37 -14.71 15.97
N TYR D 220 -4.40 -14.73 16.80
CA TYR D 220 -5.55 -13.86 16.60
C TYR D 220 -5.90 -13.07 17.85
N VAL D 221 -6.17 -11.78 17.69
CA VAL D 221 -6.60 -10.99 18.82
C VAL D 221 -8.11 -10.99 18.66
N ILE D 222 -8.84 -11.14 19.76
CA ILE D 222 -10.28 -11.13 19.70
C ILE D 222 -10.82 -9.70 19.84
N ASP D 223 -11.51 -9.23 18.79
CA ASP D 223 -12.06 -7.89 18.79
C ASP D 223 -13.17 -7.86 19.81
N PRO D 224 -13.06 -7.03 20.85
CA PRO D 224 -14.14 -6.99 21.85
C PRO D 224 -15.44 -6.44 21.32
N ALA D 225 -15.34 -5.66 20.25
CA ALA D 225 -16.54 -5.07 19.65
C ALA D 225 -17.44 -6.12 18.98
N THR D 226 -16.84 -7.07 18.26
CA THR D 226 -17.57 -8.13 17.56
C THR D 226 -17.38 -9.54 18.09
N HIS D 227 -16.32 -9.75 18.87
CA HIS D 227 -16.02 -11.06 19.41
C HIS D 227 -15.41 -11.95 18.35
N PRO D 229 -12.18 -13.04 15.79
CA PRO D 229 -10.71 -13.04 15.75
C PRO D 229 -10.13 -12.27 14.60
N VAL D 230 -9.11 -11.49 14.89
CA VAL D 230 -8.44 -10.71 13.88
C VAL D 230 -6.98 -11.15 13.88
N TYR D 231 -6.46 -11.49 12.70
CA TYR D 231 -5.11 -11.95 12.55
C TYR D 231 -4.09 -10.81 12.82
N THR D 232 -3.10 -11.10 13.65
CA THR D 232 -2.08 -10.13 14.02
C THR D 232 -0.87 -10.20 13.13
N HIS D 233 -0.89 -11.15 12.20
CA HIS D 233 0.23 -11.36 11.27
C HIS D 233 1.42 -12.12 11.91
N HIS D 234 1.23 -12.68 13.10
CA HIS D 234 2.27 -13.46 13.75
C HIS D 234 1.96 -14.93 13.60
N SER D 235 2.93 -15.69 13.14
CA SER D 235 2.74 -17.11 12.96
C SER D 235 4.03 -17.82 13.35
N PHE D 236 3.90 -19.11 13.66
CA PHE D 236 5.07 -19.87 14.04
C PHE D 236 5.03 -21.22 13.37
N PRO D 237 6.20 -21.71 12.96
CA PRO D 237 6.27 -23.01 12.28
C PRO D 237 6.06 -24.20 13.21
N LEU D 238 5.37 -25.21 12.69
CA LEU D 238 5.11 -26.43 13.42
C LEU D 238 5.94 -27.56 12.82
N ILE D 239 6.66 -27.27 11.73
CA ILE D 239 7.59 -28.22 11.12
C ILE D 239 8.81 -27.38 10.80
N PRO D 240 9.99 -27.98 10.73
CA PRO D 240 11.21 -27.22 10.43
C PRO D 240 11.17 -26.39 9.15
N PRO D 241 11.57 -25.11 9.23
CA PRO D 241 11.57 -24.24 8.05
C PRO D 241 12.44 -24.85 6.96
N GLY D 242 11.89 -24.93 5.75
CA GLY D 242 12.58 -25.48 4.60
C GLY D 242 12.56 -26.99 4.44
N ILE D 243 12.11 -27.74 5.44
CA ILE D 243 12.07 -29.19 5.31
C ILE D 243 11.25 -29.60 4.07
N PRO D 244 11.75 -30.57 3.30
CA PRO D 244 11.03 -31.02 2.10
C PRO D 244 9.63 -31.46 2.55
N ASP D 245 8.60 -30.87 1.97
CA ASP D 245 7.26 -31.26 2.40
C ASP D 245 6.25 -31.55 1.30
N ARG D 246 6.74 -32.03 0.16
CA ARG D 246 5.87 -32.32 -0.98
C ARG D 246 5.97 -33.78 -1.44
N ASP D 247 4.85 -34.52 -1.46
CA ASP D 247 4.90 -35.92 -1.90
C ASP D 247 4.97 -35.93 -3.43
N PRO D 248 6.15 -36.23 -3.98
CA PRO D 248 6.28 -36.22 -5.46
C PRO D 248 5.18 -37.00 -6.20
N GLU D 249 4.68 -38.08 -5.59
CA GLU D 249 3.63 -38.86 -6.22
C GLU D 249 2.27 -38.30 -5.77
N THR D 250 2.19 -37.03 -5.44
CA THR D 250 0.88 -36.52 -5.02
C THR D 250 0.81 -35.01 -4.99
N GLY D 251 1.96 -34.36 -5.00
CA GLY D 251 1.94 -32.90 -4.91
C GLY D 251 1.31 -32.50 -3.57
N LYS D 252 0.68 -33.49 -2.90
CA LYS D 252 0.06 -33.27 -1.58
C LYS D 252 1.10 -33.24 -0.44
N GLY D 253 0.80 -32.47 0.59
CA GLY D 253 1.74 -32.34 1.68
C GLY D 253 2.21 -33.59 2.43
N LEU D 254 3.48 -33.56 2.87
CA LEU D 254 4.05 -34.64 3.66
C LEU D 254 3.75 -34.42 5.13
N TYR D 255 3.39 -33.19 5.54
CA TYR D 255 3.12 -32.94 6.95
C TYR D 255 1.77 -32.32 7.20
N ARG D 256 1.15 -32.69 8.30
CA ARG D 256 -0.17 -32.18 8.66
C ARG D 256 -0.21 -31.80 10.15
N ALA D 257 -0.21 -30.51 10.46
CA ALA D 257 -0.22 -30.07 11.85
C ALA D 257 -1.41 -30.71 12.53
N ASP D 258 -1.30 -30.95 13.81
CA ASP D 258 -2.35 -31.64 14.54
C ASP D 258 -3.14 -30.87 15.56
N VAL D 259 -2.56 -30.68 16.73
CA VAL D 259 -3.26 -30.05 17.83
C VAL D 259 -2.43 -29.02 18.60
N CYS D 260 -3.11 -28.07 19.24
CA CYS D 260 -2.42 -27.10 20.09
C CYS D 260 -3.21 -27.00 21.39
N ALA D 261 -2.52 -26.80 22.52
CA ALA D 261 -3.20 -26.72 23.83
C ALA D 261 -2.39 -26.02 24.88
N LEU D 262 -3.04 -25.17 25.68
CA LEU D 262 -2.35 -24.47 26.72
C LEU D 262 -2.16 -25.32 27.97
N THR D 263 -1.10 -25.03 28.73
CA THR D 263 -0.81 -25.76 29.95
C THR D 263 -1.69 -25.12 31.03
N PHE D 264 -1.73 -25.79 32.19
CA PHE D 264 -2.50 -25.36 33.34
C PHE D 264 -2.35 -23.89 33.71
N SER D 265 -1.11 -23.41 33.76
CA SER D 265 -0.90 -22.03 34.14
C SER D 265 -1.28 -21.00 33.10
N GLY D 266 -1.42 -21.44 31.85
CA GLY D 266 -1.76 -20.51 30.79
C GLY D 266 -0.51 -19.81 30.26
N LYS D 267 0.64 -20.11 30.85
CA LYS D 267 1.89 -19.49 30.41
C LYS D 267 2.51 -20.15 29.20
N TYR D 268 2.14 -21.39 28.94
CA TYR D 268 2.70 -22.09 27.80
C TYR D 268 1.65 -22.77 26.95
N PHE D 270 1.61 -26.12 23.92
CA PHE D 270 2.30 -27.15 23.16
C PHE D 270 1.49 -27.37 21.89
N ALA D 271 2.14 -27.74 20.81
CA ALA D 271 1.44 -28.02 19.58
C ALA D 271 2.20 -29.13 18.88
N SER D 272 1.53 -29.79 17.93
CA SER D 272 2.21 -30.86 17.23
C SER D 272 1.81 -30.96 15.78
N SER D 273 2.54 -31.78 15.04
CA SER D 273 2.22 -32.03 13.66
C SER D 273 2.70 -33.44 13.36
N ARG D 274 2.04 -34.11 12.42
CA ARG D 274 2.43 -35.46 12.09
C ARG D 274 2.93 -35.57 10.68
N ALA D 275 3.69 -36.63 10.40
CA ALA D 275 4.21 -36.87 9.06
C ALA D 275 3.26 -37.87 8.41
N ASN D 276 3.16 -37.83 7.07
CA ASN D 276 2.28 -38.76 6.34
C ASN D 276 2.95 -40.08 5.96
N LYS D 277 4.23 -40.25 6.30
CA LYS D 277 4.92 -41.50 6.00
C LYS D 277 5.58 -41.98 7.28
N PHE D 278 5.58 -43.29 7.51
CA PHE D 278 6.13 -43.84 8.74
C PHE D 278 7.62 -43.64 8.91
N GLU D 279 8.35 -43.46 7.81
CA GLU D 279 9.79 -43.24 7.96
C GLU D 279 10.13 -41.78 8.27
N LEU D 280 9.13 -40.91 8.37
CA LEU D 280 9.40 -39.53 8.70
C LEU D 280 9.01 -39.25 10.14
N GLN D 281 9.69 -38.29 10.75
CA GLN D 281 9.36 -37.90 12.13
C GLN D 281 8.32 -36.80 12.14
N GLY D 282 7.49 -36.84 13.16
CA GLY D 282 6.50 -35.79 13.34
C GLY D 282 7.17 -34.73 14.25
N TYR D 283 6.46 -33.68 14.63
CA TYR D 283 7.07 -32.68 15.49
C TYR D 283 6.20 -32.18 16.60
N ILE D 284 6.85 -31.73 17.65
CA ILE D 284 6.16 -31.18 18.80
C ILE D 284 6.77 -29.79 19.03
N ALA D 285 5.94 -28.82 19.39
CA ALA D 285 6.45 -27.47 19.60
C ALA D 285 5.95 -26.88 20.89
N GLY D 286 6.74 -25.95 21.42
CA GLY D 286 6.37 -25.28 22.66
C GLY D 286 6.44 -23.77 22.54
N PHE D 287 5.49 -23.07 23.14
CA PHE D 287 5.46 -21.61 23.07
C PHE D 287 5.25 -21.02 24.42
N LYS D 288 5.77 -19.81 24.62
CA LYS D 288 5.57 -19.11 25.88
C LYS D 288 4.60 -17.96 25.58
N LEU D 289 3.62 -17.76 26.46
CA LEU D 289 2.61 -16.73 26.25
C LEU D 289 2.66 -15.56 27.22
N ARG D 290 2.64 -14.32 26.68
CA ARG D 290 2.66 -13.13 27.54
C ARG D 290 1.36 -13.12 28.34
N ASP D 291 1.32 -12.40 29.45
CA ASP D 291 0.11 -12.39 30.27
C ASP D 291 -1.13 -11.81 29.55
N CYS D 292 -0.92 -10.88 28.63
CA CYS D 292 -2.05 -10.33 27.91
C CYS D 292 -2.53 -11.33 26.85
N GLY D 293 -1.76 -12.38 26.58
CA GLY D 293 -2.20 -13.37 25.60
C GLY D 293 -1.37 -13.56 24.33
N SER D 294 -0.61 -12.58 23.91
CA SER D 294 0.18 -12.77 22.70
C SER D 294 1.25 -13.83 22.91
N ILE D 295 1.73 -14.41 21.82
CA ILE D 295 2.78 -15.42 21.89
C ILE D 295 4.13 -14.69 21.99
N GLU D 296 4.81 -14.87 23.11
CA GLU D 296 6.09 -14.23 23.30
C GLU D 296 7.20 -14.78 22.44
N LYS D 297 7.32 -16.10 22.38
CA LYS D 297 8.36 -16.74 21.59
C LYS D 297 8.15 -18.22 21.45
N GLN D 298 8.82 -18.83 20.48
CA GLN D 298 8.71 -20.27 20.32
C GLN D 298 9.91 -20.83 21.11
N LEU D 299 9.62 -21.68 22.09
CA LEU D 299 10.65 -22.28 22.92
C LEU D 299 11.36 -23.47 22.28
N PHE D 300 10.63 -24.26 21.51
CA PHE D 300 11.25 -25.41 20.86
C PHE D 300 10.41 -25.98 19.73
N LEU D 301 11.08 -26.75 18.88
CA LEU D 301 10.49 -27.45 17.74
C LEU D 301 11.41 -28.70 17.66
N SER D 302 10.87 -29.83 18.09
CA SER D 302 11.64 -31.07 18.12
C SER D 302 10.92 -32.27 17.51
N PRO D 303 11.70 -33.25 17.00
CA PRO D 303 11.15 -34.46 16.37
C PRO D 303 10.45 -35.33 17.42
N THR D 304 9.38 -36.01 17.03
CA THR D 304 8.70 -36.93 17.94
C THR D 304 9.26 -38.31 17.57
N PRO D 305 9.08 -39.31 18.44
CA PRO D 305 9.61 -40.63 18.12
C PRO D 305 9.10 -41.25 16.81
N THR D 306 7.83 -41.04 16.50
CA THR D 306 7.26 -41.57 15.26
C THR D 306 6.69 -40.45 14.41
N SER D 307 6.04 -40.83 13.32
CA SER D 307 5.42 -39.86 12.43
C SER D 307 4.18 -39.35 13.10
N GLY D 308 3.75 -40.06 14.12
CA GLY D 308 2.55 -39.68 14.81
C GLY D 308 1.33 -40.35 14.22
N GLY D 309 1.46 -40.91 13.02
CA GLY D 309 0.33 -41.55 12.38
C GLY D 309 -0.82 -40.56 12.19
N HIS D 310 -2.03 -40.94 12.61
CA HIS D 310 -3.19 -40.06 12.51
C HIS D 310 -3.27 -39.15 13.73
N SER D 311 -2.35 -39.33 14.68
CA SER D 311 -2.41 -38.54 15.91
C SER D 311 -1.29 -37.57 16.23
N ASN D 312 -0.46 -37.93 17.22
CA ASN D 312 0.61 -37.10 17.74
C ASN D 312 -0.04 -35.99 18.54
N ALA D 313 -1.24 -36.24 19.02
CA ALA D 313 -1.99 -35.27 19.80
C ALA D 313 -1.35 -35.08 21.18
N VAL D 314 -1.10 -33.83 21.54
CA VAL D 314 -0.51 -33.54 22.81
C VAL D 314 -1.61 -33.19 23.82
N SER D 315 -1.45 -33.62 25.05
CA SER D 315 -2.44 -33.39 26.07
C SER D 315 -1.82 -33.01 27.40
N PRO D 316 -1.73 -31.71 27.68
CA PRO D 316 -1.16 -31.15 28.92
C PRO D 316 -2.02 -31.53 30.10
N CYS D 317 -1.40 -31.77 31.27
CA CYS D 317 -2.17 -32.12 32.49
C CYS D 317 -2.97 -30.87 32.80
N PRO D 318 -4.30 -31.01 32.96
CA PRO D 318 -5.16 -29.86 33.26
C PRO D 318 -4.92 -29.14 34.59
N TRP D 319 -4.24 -29.79 35.55
CA TRP D 319 -3.99 -29.15 36.84
C TRP D 319 -2.54 -28.79 37.13
N SER D 320 -1.63 -29.13 36.24
CA SER D 320 -0.24 -28.81 36.49
C SER D 320 0.54 -28.71 35.20
N ASP D 321 1.43 -27.73 35.11
CA ASP D 321 2.25 -27.54 33.92
C ASP D 321 3.29 -28.63 33.77
N GLU D 322 3.55 -29.35 34.85
CA GLU D 322 4.58 -30.36 34.86
C GLU D 322 4.49 -31.53 33.90
N TRP D 323 3.28 -31.97 33.57
CA TRP D 323 3.17 -33.13 32.67
C TRP D 323 2.43 -32.91 31.36
N ALA D 325 1.04 -35.46 27.90
CA ALA D 325 0.96 -36.78 27.28
C ALA D 325 0.85 -36.62 25.78
N ILE D 326 1.26 -37.65 25.05
CA ILE D 326 1.16 -37.62 23.60
C ILE D 326 0.89 -39.03 23.11
N THR D 327 0.03 -39.16 22.11
CA THR D 327 -0.33 -40.47 21.59
C THR D 327 -0.01 -40.55 20.13
N ASP D 328 0.22 -41.76 19.63
CA ASP D 328 0.49 -41.94 18.19
C ASP D 328 -0.17 -43.25 17.83
N ASP D 329 -0.58 -43.42 16.58
CA ASP D 329 -1.15 -44.70 16.23
C ASP D 329 -0.31 -45.36 15.13
N GLN D 330 0.99 -45.04 15.12
CA GLN D 330 1.91 -45.65 14.14
C GLN D 330 2.45 -46.91 14.81
N GLU D 331 2.86 -46.78 16.06
CA GLU D 331 3.38 -47.89 16.82
C GLU D 331 2.46 -48.17 17.99
N GLY D 332 1.71 -47.14 18.42
CA GLY D 332 0.78 -47.28 19.51
C GLY D 332 1.28 -46.92 20.89
N TRP D 333 1.99 -45.81 21.03
CA TRP D 333 2.51 -45.40 22.33
C TRP D 333 1.73 -44.31 23.00
N LEU D 334 1.72 -44.35 24.33
CA LEU D 334 1.13 -43.29 25.13
C LEU D 334 2.42 -42.91 25.85
N GLU D 335 2.97 -41.73 25.57
CA GLU D 335 4.18 -41.27 26.25
C GLU D 335 3.84 -40.14 27.20
N ILE D 336 4.64 -40.00 28.25
CA ILE D 336 4.43 -38.91 29.19
C ILE D 336 5.72 -38.14 29.35
N TYR D 337 5.63 -36.82 29.18
CA TYR D 337 6.78 -35.96 29.32
C TYR D 337 6.63 -35.03 30.50
N ARG D 338 7.77 -34.58 30.99
CA ARG D 338 7.81 -33.64 32.09
C ARG D 338 8.29 -32.31 31.51
N TRP D 339 7.67 -31.22 31.94
CA TRP D 339 8.02 -29.89 31.47
C TRP D 339 8.76 -29.27 32.66
N LYS D 340 10.04 -29.02 32.50
CA LYS D 340 10.84 -28.48 33.62
C LYS D 340 11.83 -27.46 33.09
N ASP D 341 11.87 -26.27 33.69
CA ASP D 341 12.79 -25.19 33.27
C ASP D 341 12.71 -24.96 31.77
N GLU D 342 11.47 -25.03 31.26
CA GLU D 342 11.21 -24.83 29.85
C GLU D 342 11.95 -25.72 28.88
N PHE D 343 12.07 -26.98 29.26
CA PHE D 343 12.65 -28.03 28.40
C PHE D 343 11.76 -29.21 28.67
N LEU D 344 11.56 -30.03 27.66
CA LEU D 344 10.71 -31.19 27.78
C LEU D 344 11.54 -32.49 27.80
N HIS D 345 11.21 -33.42 28.70
CA HIS D 345 11.91 -34.70 28.70
C HIS D 345 10.93 -35.84 28.99
N ARG D 346 11.06 -36.93 28.24
CA ARG D 346 10.19 -38.08 28.41
C ARG D 346 10.52 -38.76 29.75
N VAL D 347 9.51 -39.19 30.49
CA VAL D 347 9.73 -39.87 31.77
C VAL D 347 9.12 -41.24 31.82
N ALA D 348 8.13 -41.51 30.97
CA ALA D 348 7.44 -42.81 30.93
C ALA D 348 6.65 -43.06 29.67
N ARG D 349 6.42 -44.33 29.40
CA ARG D 349 5.64 -44.65 28.24
C ARG D 349 5.23 -46.11 28.18
N VAL D 350 4.14 -46.38 27.49
CA VAL D 350 3.66 -47.73 27.35
C VAL D 350 3.11 -47.92 25.96
N ARG D 351 3.34 -49.09 25.42
CA ARG D 351 2.86 -49.40 24.10
C ARG D 351 1.63 -50.32 24.15
N ILE D 352 0.63 -50.01 23.34
CA ILE D 352 -0.54 -50.84 23.31
C ILE D 352 -0.73 -51.38 21.91
N PRO D 353 -0.46 -52.68 21.76
CA PRO D 353 -0.52 -53.55 20.58
C PRO D 353 -1.86 -53.62 19.86
N GLU D 354 -2.79 -52.70 20.10
CA GLU D 354 -4.10 -52.84 19.46
C GLU D 354 -4.35 -52.07 18.20
N PRO D 355 -5.33 -52.51 17.40
CA PRO D 355 -5.67 -51.85 16.14
C PRO D 355 -6.04 -50.39 16.36
N GLY D 356 -5.41 -49.51 15.58
CA GLY D 356 -5.70 -48.10 15.66
C GLY D 356 -5.43 -47.45 17.00
N PHE D 357 -4.75 -48.15 17.89
CA PHE D 357 -4.48 -47.54 19.17
C PHE D 357 -3.56 -46.33 19.13
N GLY D 358 -4.03 -45.33 19.89
CA GLY D 358 -3.36 -44.08 20.06
C GLY D 358 -4.01 -42.88 19.40
N ASN D 360 -6.08 -40.07 21.17
CA ASN D 360 -5.87 -38.89 22.01
C ASN D 360 -6.05 -39.33 23.45
N ALA D 361 -5.37 -38.66 24.38
CA ALA D 361 -5.48 -39.03 25.78
C ALA D 361 -6.12 -37.93 26.63
N ILE D 362 -6.92 -38.34 27.60
CA ILE D 362 -7.55 -37.36 28.47
C ILE D 362 -7.28 -37.73 29.93
N TRP D 363 -7.01 -36.72 30.73
CA TRP D 363 -6.70 -36.95 32.11
C TRP D 363 -7.89 -36.93 33.04
N TYR D 364 -7.93 -37.97 33.86
CA TYR D 364 -8.89 -38.16 34.94
C TYR D 364 -7.81 -38.33 36.00
N ASP D 365 -7.80 -37.66 37.15
CA ASP D 365 -6.70 -38.02 38.08
C ASP D 365 -5.27 -37.60 37.74
N PRO E 1 17.36 24.35 -11.46
CA PRO E 1 18.15 23.44 -10.59
C PRO E 1 18.72 22.28 -11.44
N LEU E 2 19.78 21.64 -10.93
CA LEU E 2 20.42 20.57 -11.64
C LEU E 2 19.92 19.18 -11.21
N HIS E 3 19.81 18.27 -12.17
CA HIS E 3 19.37 16.90 -11.93
C HIS E 3 20.37 15.97 -12.57
N HIS E 4 20.38 14.71 -12.16
CA HIS E 4 21.34 13.77 -12.73
C HIS E 4 20.80 12.41 -13.09
N LEU E 5 21.27 11.86 -14.19
CA LEU E 5 20.81 10.53 -14.60
C LEU E 5 22.03 9.69 -14.89
N ILE E 7 23.32 6.14 -16.86
CA ILE E 7 22.90 5.25 -17.94
C ILE E 7 23.96 4.21 -18.19
N GLY E 8 23.55 3.03 -18.64
CA GLY E 8 24.48 1.95 -18.90
C GLY E 8 24.54 1.62 -20.37
N THR E 9 25.13 0.47 -20.69
CA THR E 9 25.30 0.08 -22.09
C THR E 9 25.05 -1.40 -22.31
N TRP E 10 24.71 -1.73 -23.57
CA TRP E 10 24.39 -3.06 -24.08
C TRP E 10 25.64 -3.84 -24.45
N THR E 11 26.74 -3.09 -24.57
CA THR E 11 28.00 -3.63 -25.02
C THR E 11 29.24 -3.17 -24.23
N PRO E 12 30.31 -3.99 -24.24
CA PRO E 12 31.52 -3.60 -23.51
C PRO E 12 32.14 -2.42 -24.31
N PRO E 13 33.04 -1.64 -23.70
CA PRO E 13 33.56 -1.72 -22.34
C PRO E 13 32.52 -1.19 -21.38
N GLY E 14 32.44 -1.82 -20.22
CA GLY E 14 31.46 -1.42 -19.22
C GLY E 14 31.75 -0.03 -18.72
N ALA E 15 30.70 0.74 -18.48
CA ALA E 15 30.84 2.12 -17.95
C ALA E 15 29.48 2.67 -17.52
N ILE E 16 29.50 3.51 -16.50
CA ILE E 16 28.27 4.14 -16.05
C ILE E 16 28.42 5.62 -16.38
N PHE E 17 27.48 6.17 -17.15
CA PHE E 17 27.54 7.58 -17.54
C PHE E 17 26.62 8.44 -16.72
N THR E 18 27.10 9.59 -16.28
CA THR E 18 26.29 10.50 -15.48
C THR E 18 26.00 11.73 -16.29
N VAL E 19 24.73 11.93 -16.64
CA VAL E 19 24.30 13.09 -17.42
C VAL E 19 23.63 14.09 -16.51
N GLN E 20 23.89 15.36 -16.78
CA GLN E 20 23.32 16.43 -15.96
C GLN E 20 22.25 17.13 -16.76
N PHE E 21 21.10 17.38 -16.12
CA PHE E 21 19.99 18.04 -16.78
C PHE E 21 19.62 19.30 -16.03
N ASP E 22 19.73 20.45 -16.70
CA ASP E 22 19.39 21.76 -16.10
C ASP E 22 17.91 22.07 -16.43
N ASP E 23 17.01 22.01 -15.45
CA ASP E 23 15.60 22.26 -15.77
C ASP E 23 15.23 23.74 -15.95
N GLU E 24 16.23 24.62 -15.91
CA GLU E 24 15.97 26.04 -16.12
C GLU E 24 16.46 26.41 -17.53
N LYS E 25 17.65 25.93 -17.91
CA LYS E 25 18.20 26.26 -19.20
C LYS E 25 17.75 25.20 -20.19
N LEU E 26 17.22 24.12 -19.66
CA LEU E 26 16.78 23.00 -20.48
C LEU E 26 17.91 22.44 -21.35
N THR E 27 19.00 22.02 -20.70
CA THR E 27 20.15 21.45 -21.40
C THR E 27 20.66 20.14 -20.78
N CYS E 28 21.48 19.42 -21.55
CA CYS E 28 22.05 18.16 -21.13
C CYS E 28 23.54 18.17 -21.35
N LYS E 29 24.29 17.61 -20.41
CA LYS E 29 25.72 17.54 -20.54
C LYS E 29 26.16 16.25 -19.88
N LEU E 30 27.07 15.53 -20.54
CA LEU E 30 27.64 14.30 -19.96
C LEU E 30 28.69 14.87 -19.01
N ILE E 31 28.64 14.51 -17.72
CA ILE E 31 29.61 15.06 -16.78
C ILE E 31 30.50 14.01 -16.18
N LYS E 32 30.28 12.75 -16.56
CA LYS E 32 31.10 11.68 -16.00
C LYS E 32 30.92 10.32 -16.62
N ARG E 33 32.06 9.69 -16.93
CA ARG E 33 32.09 8.35 -17.50
C ARG E 33 32.84 7.56 -16.46
N THR E 34 32.11 6.83 -15.64
CA THR E 34 32.74 6.00 -14.63
C THR E 34 33.05 4.61 -15.16
N GLU E 35 34.33 4.27 -15.15
CA GLU E 35 34.74 2.98 -15.65
C GLU E 35 34.35 1.88 -14.65
N ILE E 36 33.94 0.73 -15.20
CA ILE E 36 33.56 -0.44 -14.40
C ILE E 36 34.12 -1.68 -15.09
N PRO E 37 34.12 -2.84 -14.41
CA PRO E 37 34.65 -4.05 -15.03
C PRO E 37 34.44 -4.10 -16.55
N GLN E 38 35.53 -3.99 -17.31
CA GLN E 38 35.41 -3.98 -18.76
C GLN E 38 34.37 -4.92 -19.35
N ASP E 39 34.23 -6.12 -18.81
CA ASP E 39 33.29 -7.06 -19.43
C ASP E 39 31.95 -7.24 -18.71
N GLU E 40 31.62 -6.25 -17.88
CA GLU E 40 30.38 -6.25 -17.11
C GLU E 40 29.55 -4.98 -17.46
N PRO E 41 29.34 -4.72 -18.76
CA PRO E 41 28.55 -3.53 -19.10
C PRO E 41 27.13 -3.72 -18.52
N ILE E 42 26.51 -2.63 -18.06
CA ILE E 42 25.19 -2.76 -17.46
C ILE E 42 24.01 -2.40 -18.36
N SER E 43 23.26 -3.42 -18.79
CA SER E 43 22.11 -3.21 -19.67
C SER E 43 20.82 -2.82 -18.92
N TRP E 44 20.85 -2.93 -17.59
CA TRP E 44 19.74 -2.49 -16.76
C TRP E 44 20.21 -2.18 -15.36
N THR E 46 19.42 0.03 -11.54
CA THR E 46 18.39 0.55 -10.66
C THR E 46 19.07 1.00 -9.36
N PHE E 47 18.41 1.91 -8.65
CA PHE E 47 18.93 2.45 -7.40
C PHE E 47 18.31 1.71 -6.24
N ASP E 48 18.98 1.71 -5.08
CA ASP E 48 18.41 1.07 -3.91
C ASP E 48 17.45 2.12 -3.32
N HIS E 49 16.87 1.84 -2.16
CA HIS E 49 15.89 2.76 -1.60
C HIS E 49 16.32 4.17 -1.23
N GLU E 50 17.63 4.41 -1.09
CA GLU E 50 18.11 5.75 -0.74
C GLU E 50 18.98 6.29 -1.84
N ARG E 51 19.02 5.57 -2.96
CA ARG E 51 19.87 5.97 -4.09
C ARG E 51 21.32 6.10 -3.63
N LYS E 52 21.73 5.26 -2.68
CA LYS E 52 23.09 5.30 -2.19
C LYS E 52 23.90 4.19 -2.91
N ASN E 53 23.17 3.29 -3.58
CA ASN E 53 23.79 2.19 -4.31
C ASN E 53 23.11 2.01 -5.66
N ILE E 54 23.84 1.46 -6.62
CA ILE E 54 23.30 1.18 -7.92
C ILE E 54 23.54 -0.31 -8.12
N TYR E 55 22.50 -1.06 -8.50
CA TYR E 55 22.67 -2.50 -8.78
C TYR E 55 22.48 -2.65 -10.29
N GLY E 56 23.23 -3.56 -10.92
CA GLY E 56 23.09 -3.71 -12.36
C GLY E 56 23.08 -5.10 -12.94
N ALA E 57 22.35 -5.27 -14.03
CA ALA E 57 22.31 -6.54 -14.72
C ALA E 57 23.50 -6.33 -15.65
N ALA E 58 24.60 -7.01 -15.35
CA ALA E 58 25.81 -6.81 -16.14
C ALA E 58 26.37 -8.04 -16.84
N LYS E 60 27.28 -11.35 -17.39
CA LYS E 60 27.30 -12.60 -16.60
C LYS E 60 27.35 -12.30 -15.11
N LYS E 61 27.29 -11.02 -14.75
CA LYS E 61 27.35 -10.64 -13.34
C LYS E 61 26.17 -9.78 -12.87
N TRP E 62 25.98 -9.74 -11.55
CA TRP E 62 24.97 -8.89 -10.94
C TRP E 62 25.94 -8.01 -10.16
N SER E 63 26.13 -6.78 -10.60
CA SER E 63 27.06 -5.88 -9.92
C SER E 63 26.42 -4.88 -8.97
N SER E 64 27.24 -4.40 -8.04
CA SER E 64 26.83 -3.47 -7.01
C SER E 64 27.81 -2.30 -6.90
N PHE E 65 27.30 -1.08 -6.84
CA PHE E 65 28.16 0.09 -6.75
C PHE E 65 27.60 1.02 -5.72
N ALA E 66 28.49 1.62 -4.94
CA ALA E 66 28.08 2.59 -3.93
C ALA E 66 28.17 3.97 -4.63
N VAL E 67 27.23 4.86 -4.30
CA VAL E 67 27.14 6.19 -4.90
C VAL E 67 27.25 7.32 -3.88
N LYS E 68 28.33 8.08 -3.91
CA LYS E 68 28.49 9.15 -2.92
C LYS E 68 27.96 10.44 -3.52
N SER E 69 28.04 10.56 -4.84
CA SER E 69 27.54 11.77 -5.52
C SER E 69 27.43 11.38 -6.98
N PRO E 70 26.88 12.26 -7.84
CA PRO E 70 26.73 11.96 -9.26
C PRO E 70 28.01 11.56 -9.98
N THR E 71 29.14 12.05 -9.48
CA THR E 71 30.42 11.76 -10.12
C THR E 71 31.33 10.77 -9.38
N GLU E 72 30.82 10.25 -8.26
CA GLU E 72 31.55 9.30 -7.42
C GLU E 72 30.79 7.99 -7.26
N ILE E 73 31.04 7.09 -8.20
CA ILE E 73 30.42 5.78 -8.18
C ILE E 73 31.55 4.74 -8.05
N VAL E 74 31.49 3.95 -6.98
CA VAL E 74 32.51 2.93 -6.71
C VAL E 74 32.07 1.47 -6.75
N HIS E 75 32.72 0.69 -7.60
CA HIS E 75 32.41 -0.72 -7.71
C HIS E 75 32.66 -1.41 -6.36
N GLU E 76 31.66 -2.14 -5.82
CA GLU E 76 31.86 -2.81 -4.54
C GLU E 76 31.69 -4.33 -4.63
N ALA E 77 31.11 -4.83 -5.73
CA ALA E 77 30.93 -6.28 -5.85
C ALA E 77 30.26 -6.72 -7.15
N SER E 78 30.49 -7.97 -7.50
CA SER E 78 29.92 -8.54 -8.71
C SER E 78 29.69 -10.03 -8.48
N HIS E 79 28.43 -10.43 -8.42
CA HIS E 79 28.09 -11.83 -8.16
C HIS E 79 27.71 -12.55 -9.44
N PRO E 80 27.86 -13.87 -9.44
CA PRO E 80 27.54 -14.71 -10.59
C PRO E 80 26.04 -15.05 -10.65
N ILE E 81 25.59 -15.52 -11.79
CA ILE E 81 24.18 -15.86 -11.94
C ILE E 81 23.88 -17.15 -11.22
N GLY E 82 22.86 -17.14 -10.37
CA GLY E 82 22.48 -18.35 -9.65
C GLY E 82 21.39 -19.14 -10.37
N GLY E 83 21.13 -20.35 -9.88
CA GLY E 83 20.10 -21.18 -10.48
C GLY E 83 20.70 -22.36 -11.21
N HIS E 84 20.46 -22.45 -12.51
CA HIS E 84 20.99 -23.54 -13.33
C HIS E 84 22.51 -23.47 -13.34
N PRO E 85 23.18 -24.64 -13.24
CA PRO E 85 24.66 -24.74 -13.21
C PRO E 85 25.35 -24.04 -14.39
N ARG E 86 24.86 -24.27 -15.59
CA ARG E 86 25.46 -23.67 -16.77
C ARG E 86 25.22 -22.17 -16.99
N ALA E 87 24.35 -21.57 -16.17
CA ALA E 87 24.06 -20.15 -16.31
C ALA E 87 25.38 -19.36 -16.39
N ASN E 88 26.41 -19.75 -15.64
CA ASN E 88 27.69 -18.99 -15.65
C ASN E 88 28.75 -19.38 -16.65
N ASP E 89 28.56 -20.53 -17.31
CA ASP E 89 29.58 -20.97 -18.26
C ASP E 89 29.77 -19.85 -19.25
N ALA E 90 31.04 -19.54 -19.54
CA ALA E 90 31.30 -18.49 -20.52
C ALA E 90 30.79 -18.94 -21.91
N ASP E 91 30.46 -20.23 -22.08
CA ASP E 91 29.99 -20.73 -23.39
C ASP E 91 28.49 -20.77 -23.58
N THR E 92 27.73 -20.28 -22.59
CA THR E 92 26.27 -20.27 -22.72
C THR E 92 25.79 -18.82 -22.87
N ASN E 93 24.67 -18.62 -23.56
CA ASN E 93 24.18 -17.26 -23.76
C ASN E 93 23.40 -16.65 -22.57
N THR E 94 23.30 -17.37 -21.45
CA THR E 94 22.58 -16.84 -20.30
C THR E 94 23.13 -15.46 -19.98
N ARG E 95 22.22 -14.52 -19.71
CA ARG E 95 22.63 -13.14 -19.40
C ARG E 95 21.78 -12.47 -18.30
N ALA E 96 22.41 -11.70 -17.42
CA ALA E 96 21.66 -11.00 -16.37
C ALA E 96 20.87 -9.90 -17.11
N ILE E 97 19.54 -9.99 -17.04
CA ILE E 97 18.72 -9.06 -17.80
C ILE E 97 17.90 -8.02 -17.06
N PHE E 98 17.39 -8.36 -15.87
CA PHE E 98 16.56 -7.44 -15.09
C PHE E 98 16.83 -7.51 -13.61
N LEU E 99 16.62 -6.40 -12.93
CA LEU E 99 16.93 -6.29 -11.53
C LEU E 99 15.91 -5.40 -10.82
N LEU E 100 15.55 -5.77 -9.58
CA LEU E 100 14.59 -4.97 -8.80
C LEU E 100 15.02 -4.86 -7.35
N ALA E 101 15.11 -3.64 -6.84
CA ALA E 101 15.51 -3.41 -5.45
C ALA E 101 14.32 -3.06 -4.55
N ALA E 102 14.01 -3.92 -3.57
CA ALA E 102 12.91 -3.70 -2.63
C ALA E 102 13.11 -2.41 -1.90
N LYS E 103 12.02 -1.67 -1.63
CA LYS E 103 12.18 -0.40 -0.91
C LYS E 103 11.88 -0.50 0.58
N GLN E 104 11.38 -1.66 1.00
CA GLN E 104 11.07 -1.93 2.42
C GLN E 104 12.00 -3.00 2.94
N PRO E 105 12.27 -2.98 4.24
CA PRO E 105 13.16 -3.99 4.83
C PRO E 105 12.72 -5.36 4.33
N PRO E 106 13.66 -6.28 4.12
CA PRO E 106 15.11 -6.14 4.31
C PRO E 106 15.88 -5.56 3.12
N TYR E 107 15.19 -4.83 2.25
CA TYR E 107 15.84 -4.23 1.10
C TYR E 107 16.60 -5.23 0.24
N ALA E 108 16.07 -6.43 0.06
CA ALA E 108 16.71 -7.43 -0.76
C ALA E 108 16.58 -7.04 -2.24
N VAL E 109 17.37 -7.68 -3.11
CA VAL E 109 17.37 -7.40 -4.55
C VAL E 109 16.96 -8.67 -5.30
N TYR E 110 16.00 -8.53 -6.20
CA TYR E 110 15.52 -9.70 -6.93
C TYR E 110 15.95 -9.55 -8.37
N ALA E 111 16.66 -10.56 -8.87
CA ALA E 111 17.20 -10.51 -10.21
C ALA E 111 16.79 -11.64 -11.16
N ASN E 112 16.73 -11.33 -12.45
CA ASN E 112 16.35 -12.31 -13.45
C ASN E 112 17.38 -12.59 -14.55
N PRO E 113 17.81 -13.86 -14.69
CA PRO E 113 18.77 -14.16 -15.76
C PRO E 113 17.85 -14.32 -16.95
N PHE E 114 18.40 -14.34 -18.16
CA PHE E 114 17.55 -14.46 -19.35
C PHE E 114 18.22 -15.37 -20.38
N TYR E 115 17.43 -15.78 -21.38
CA TYR E 115 17.88 -16.69 -22.46
C TYR E 115 17.90 -18.12 -21.92
N LYS E 116 18.90 -18.92 -22.30
CA LYS E 116 18.93 -20.31 -21.83
C LYS E 116 19.31 -20.38 -20.36
N PHE E 117 18.99 -21.53 -19.77
CA PHE E 117 19.32 -21.80 -18.37
C PHE E 117 18.91 -20.64 -17.48
N ALA E 118 17.67 -20.14 -17.66
CA ALA E 118 17.20 -19.00 -16.86
C ALA E 118 15.95 -19.29 -16.07
N GLY E 119 15.69 -20.57 -15.79
CA GLY E 119 14.50 -20.96 -15.05
C GLY E 119 14.46 -20.64 -13.57
N TYR E 120 15.29 -19.70 -13.13
CA TYR E 120 15.31 -19.34 -11.70
C TYR E 120 15.39 -17.86 -11.50
N GLY E 121 15.02 -17.42 -10.30
CA GLY E 121 15.15 -16.03 -9.98
C GLY E 121 16.33 -16.03 -9.01
N ASN E 122 17.01 -14.88 -8.87
CA ASN E 122 18.12 -14.79 -7.92
C ASN E 122 17.80 -13.72 -6.89
N VAL E 123 17.82 -14.09 -5.61
CA VAL E 123 17.55 -13.13 -4.56
C VAL E 123 18.84 -12.87 -3.81
N PHE E 124 19.14 -11.60 -3.58
CA PHE E 124 20.36 -11.20 -2.88
C PHE E 124 20.05 -10.37 -1.66
N SER E 125 20.69 -10.67 -0.54
CA SER E 125 20.48 -9.83 0.62
C SER E 125 21.48 -8.69 0.43
N VAL E 126 21.35 -7.60 1.18
CA VAL E 126 22.32 -6.52 1.05
C VAL E 126 22.93 -6.28 2.41
N SER E 127 24.10 -5.66 2.44
CA SER E 127 24.81 -5.38 3.68
C SER E 127 24.17 -4.20 4.39
N GLU E 128 24.66 -3.88 5.59
CA GLU E 128 24.10 -2.75 6.33
C GLU E 128 24.26 -1.45 5.53
N THR E 129 25.17 -1.47 4.53
CA THR E 129 25.43 -0.29 3.68
C THR E 129 24.69 -0.32 2.37
N GLY E 130 23.99 -1.43 2.09
CA GLY E 130 23.23 -1.54 0.87
C GLY E 130 23.95 -2.26 -0.26
N LYS E 131 25.11 -2.86 0.03
CA LYS E 131 25.90 -3.58 -0.97
C LYS E 131 25.30 -4.99 -1.24
N LEU E 132 25.35 -5.43 -2.49
CA LEU E 132 24.86 -6.76 -2.81
C LEU E 132 25.72 -7.69 -1.96
N GLU E 133 25.09 -8.38 -1.00
CA GLU E 133 25.80 -9.24 -0.07
C GLU E 133 25.99 -10.70 -0.43
N LYS E 134 24.88 -11.44 -0.51
CA LYS E 134 24.96 -12.87 -0.74
C LYS E 134 23.70 -13.37 -1.43
N ASN E 135 23.85 -14.33 -2.32
CA ASN E 135 22.69 -14.91 -2.99
C ASN E 135 22.02 -15.81 -1.93
N VAL E 136 20.96 -15.30 -1.31
CA VAL E 136 20.29 -16.09 -0.31
C VAL E 136 19.29 -17.10 -0.86
N GLN E 137 18.95 -17.01 -2.15
CA GLN E 137 17.96 -17.95 -2.71
C GLN E 137 17.86 -17.94 -4.22
N ASN E 138 17.66 -19.11 -4.79
CA ASN E 138 17.47 -19.25 -6.24
C ASN E 138 16.14 -19.99 -6.39
N TYR E 139 15.04 -19.24 -6.43
CA TYR E 139 13.70 -19.85 -6.54
C TYR E 139 13.36 -20.19 -7.99
N GLU E 140 12.70 -21.31 -8.21
CA GLU E 140 12.40 -21.69 -9.57
C GLU E 140 11.04 -21.33 -10.12
N TYR E 141 11.06 -21.13 -11.44
CA TYR E 141 9.89 -20.84 -12.24
C TYR E 141 9.72 -22.18 -12.97
N GLN E 142 10.12 -22.26 -14.24
CA GLN E 142 10.04 -23.52 -15.02
C GLN E 142 11.20 -23.46 -16.02
N GLU E 143 11.69 -24.62 -16.48
CA GLU E 143 12.85 -24.71 -17.40
C GLU E 143 12.78 -23.68 -18.51
N ASN E 144 11.57 -23.55 -18.99
CA ASN E 144 11.12 -22.67 -20.05
C ASN E 144 11.24 -21.14 -19.83
N THR E 145 11.14 -20.73 -18.57
CA THR E 145 11.15 -19.32 -18.20
C THR E 145 12.18 -18.36 -18.75
N GLY E 146 11.74 -17.11 -18.84
CA GLY E 146 12.57 -16.01 -19.31
C GLY E 146 11.94 -14.75 -18.76
N ILE E 147 12.07 -14.50 -17.46
CA ILE E 147 11.48 -13.30 -16.86
C ILE E 147 12.26 -12.10 -17.35
N HIS E 148 11.59 -11.04 -17.78
CA HIS E 148 12.32 -9.86 -18.25
C HIS E 148 12.00 -8.61 -17.42
N GLY E 149 11.07 -8.76 -16.47
CA GLY E 149 10.69 -7.65 -15.61
C GLY E 149 9.75 -8.10 -14.50
N VAL E 151 7.64 -6.60 -10.57
CA VAL E 151 7.16 -5.46 -9.80
C VAL E 151 6.48 -5.97 -8.54
N PHE E 152 6.60 -5.20 -7.49
CA PHE E 152 6.00 -5.53 -6.19
C PHE E 152 4.67 -4.80 -6.05
N ASP E 153 3.79 -5.29 -5.19
CA ASP E 153 2.52 -4.61 -4.95
C ASP E 153 2.99 -3.50 -4.01
N PRO E 154 2.20 -2.45 -3.80
CA PRO E 154 2.67 -1.38 -2.91
C PRO E 154 3.20 -1.84 -1.53
N THR E 155 2.74 -2.98 -1.05
CA THR E 155 3.12 -3.49 0.26
C THR E 155 4.43 -4.29 0.26
N GLU E 156 4.80 -4.76 -0.92
CA GLU E 156 6.00 -5.55 -1.11
C GLU E 156 5.80 -6.88 -0.43
N THR E 157 4.61 -7.42 -0.62
CA THR E 157 4.23 -8.70 -0.06
C THR E 157 4.06 -9.68 -1.20
N TYR E 158 3.81 -9.14 -2.38
CA TYR E 158 3.63 -9.98 -3.56
C TYR E 158 4.48 -9.49 -4.73
N LEU E 159 5.18 -10.42 -5.36
CA LEU E 159 6.08 -10.13 -6.46
C LEU E 159 5.53 -10.69 -7.74
N TYR E 160 5.35 -9.84 -8.75
CA TYR E 160 4.80 -10.29 -10.04
C TYR E 160 5.88 -10.32 -11.12
N SER E 161 5.94 -11.43 -11.85
CA SER E 161 6.95 -11.59 -12.89
C SER E 161 6.40 -11.78 -14.31
N ALA E 162 7.02 -11.07 -15.25
CA ALA E 162 6.62 -11.16 -16.65
C ALA E 162 7.51 -12.21 -17.32
N ASP E 163 6.91 -13.37 -17.62
CA ASP E 163 7.65 -14.46 -18.22
C ASP E 163 7.48 -14.37 -19.73
N LEU E 164 8.47 -13.78 -20.37
CA LEU E 164 8.43 -13.58 -21.81
C LEU E 164 8.41 -14.87 -22.59
N THR E 165 9.39 -15.76 -22.37
CA THR E 165 9.43 -17.00 -23.15
C THR E 165 8.42 -18.06 -22.75
N ALA E 166 7.97 -18.05 -21.51
CA ALA E 166 6.96 -19.04 -21.09
C ALA E 166 5.56 -18.45 -21.33
N ASN E 167 5.52 -17.17 -21.75
CA ASN E 167 4.28 -16.45 -22.05
C ASN E 167 3.28 -16.46 -20.89
N LYS E 168 3.71 -16.01 -19.71
CA LYS E 168 2.82 -15.99 -18.56
C LYS E 168 3.21 -14.96 -17.52
N LEU E 169 2.32 -14.79 -16.54
CA LEU E 169 2.58 -13.86 -15.43
C LEU E 169 2.60 -14.69 -14.16
N TRP E 170 3.66 -14.57 -13.37
CA TRP E 170 3.81 -15.31 -12.13
C TRP E 170 3.53 -14.45 -10.92
N THR E 171 3.08 -15.10 -9.85
CA THR E 171 2.82 -14.39 -8.59
C THR E 171 3.57 -15.10 -7.47
N HIS E 172 4.35 -14.35 -6.70
CA HIS E 172 5.10 -14.93 -5.60
C HIS E 172 4.79 -14.16 -4.35
N ARG E 173 4.95 -14.82 -3.21
CA ARG E 173 4.70 -14.19 -1.92
C ARG E 173 6.08 -13.91 -1.34
N LYS E 174 6.28 -12.70 -0.83
CA LYS E 174 7.58 -12.38 -0.24
C LYS E 174 7.50 -12.62 1.28
N LEU E 175 8.32 -13.54 1.78
CA LEU E 175 8.34 -13.84 3.22
C LEU E 175 9.07 -12.70 3.91
N ALA E 176 8.94 -12.63 5.23
CA ALA E 176 9.58 -11.53 5.95
C ALA E 176 11.05 -11.57 5.75
N SER E 177 11.58 -12.77 5.53
CA SER E 177 13.05 -12.89 5.35
C SER E 177 13.54 -12.25 4.07
N GLY E 178 12.61 -12.02 3.12
CA GLY E 178 12.99 -11.42 1.85
C GLY E 178 12.87 -12.47 0.78
N GLU E 179 12.87 -13.72 1.21
CA GLU E 179 12.77 -14.84 0.28
C GLU E 179 11.34 -14.98 -0.22
N VAL E 180 11.20 -15.64 -1.37
CA VAL E 180 9.90 -15.76 -1.93
C VAL E 180 9.40 -17.16 -1.93
N GLU E 181 8.14 -17.28 -2.32
CA GLU E 181 7.44 -18.55 -2.34
C GLU E 181 6.36 -18.44 -3.42
N LEU E 182 6.26 -19.44 -4.27
CA LEU E 182 5.29 -19.45 -5.36
C LEU E 182 3.84 -19.39 -4.89
N VAL E 183 3.02 -18.60 -5.62
CA VAL E 183 1.58 -18.50 -5.35
C VAL E 183 0.88 -19.10 -6.57
N GLY E 184 1.29 -18.67 -7.77
CA GLY E 184 0.69 -19.21 -8.99
C GLY E 184 1.08 -18.45 -10.25
N SER E 185 0.47 -18.79 -11.38
CA SER E 185 0.77 -18.12 -12.62
C SER E 185 -0.44 -18.10 -13.55
N VAL E 186 -0.41 -17.26 -14.59
CA VAL E 186 -1.52 -17.20 -15.57
C VAL E 186 -0.89 -17.02 -16.95
N ASP E 187 -1.45 -17.71 -17.96
CA ASP E 187 -0.90 -17.53 -19.30
C ASP E 187 -1.35 -16.17 -19.80
N ALA E 188 -0.54 -15.56 -20.67
CA ALA E 188 -0.87 -14.27 -21.24
C ALA E 188 -2.15 -14.52 -22.04
N PRO E 189 -2.94 -13.48 -22.29
CA PRO E 189 -4.19 -13.65 -23.05
C PRO E 189 -4.05 -14.37 -24.39
N ASP E 190 -3.00 -14.05 -25.14
CA ASP E 190 -2.78 -14.63 -26.45
C ASP E 190 -1.41 -15.29 -26.53
N PRO E 191 -1.30 -16.39 -27.28
CA PRO E 191 0.00 -17.07 -27.41
C PRO E 191 1.11 -16.15 -27.94
N GLY E 192 0.74 -15.14 -28.72
CA GLY E 192 1.74 -14.26 -29.28
C GLY E 192 2.07 -13.03 -28.45
N ASP E 193 1.58 -12.96 -27.21
CA ASP E 193 1.85 -11.76 -26.43
C ASP E 193 3.29 -11.63 -25.93
N HIS E 194 3.69 -12.58 -25.08
CA HIS E 194 5.03 -12.61 -24.52
C HIS E 194 5.27 -11.47 -23.50
N PRO E 195 4.83 -11.67 -22.25
CA PRO E 195 5.04 -10.62 -21.24
C PRO E 195 6.50 -10.24 -21.06
N ARG E 196 6.80 -8.95 -21.10
CA ARG E 196 8.15 -8.48 -20.90
C ARG E 196 8.27 -7.53 -19.71
N TRP E 197 7.19 -6.83 -19.39
CA TRP E 197 7.25 -5.86 -18.32
C TRP E 197 5.93 -5.73 -17.57
N VAL E 198 6.02 -5.34 -16.30
CA VAL E 198 4.82 -5.13 -15.50
C VAL E 198 4.94 -3.91 -14.59
N ALA E 199 3.87 -3.13 -14.51
CA ALA E 199 3.87 -1.96 -13.65
C ALA E 199 2.72 -2.07 -12.69
N HIS E 201 -0.13 -0.20 -9.98
CA HIS E 201 -0.85 1.03 -9.61
C HIS E 201 -0.68 1.22 -8.09
N PRO E 202 -0.50 2.44 -7.64
CA PRO E 202 -0.31 2.71 -6.20
C PRO E 202 -1.32 2.13 -5.21
N THR E 203 -2.56 1.94 -5.64
CA THR E 203 -3.59 1.39 -4.76
C THR E 203 -3.40 -0.11 -4.56
N GLY E 204 -2.71 -0.74 -5.51
CA GLY E 204 -2.51 -2.16 -5.45
C GLY E 204 -3.67 -2.87 -6.12
N ASN E 205 -4.60 -2.13 -6.72
CA ASN E 205 -5.78 -2.71 -7.37
C ASN E 205 -5.52 -3.19 -8.76
N TYR E 206 -4.60 -2.54 -9.43
CA TYR E 206 -4.32 -2.90 -10.81
C TYR E 206 -2.86 -3.10 -11.15
N LEU E 207 -2.66 -3.94 -12.15
CA LEU E 207 -1.33 -4.26 -12.61
C LEU E 207 -1.38 -4.14 -14.13
N TYR E 208 -0.31 -3.64 -14.73
CA TYR E 208 -0.29 -3.50 -16.19
C TYR E 208 0.83 -4.39 -16.75
N ALA E 209 0.48 -5.23 -17.73
CA ALA E 209 1.48 -6.10 -18.33
C ALA E 209 1.76 -5.72 -19.78
N LEU E 210 3.02 -5.43 -20.07
CA LEU E 210 3.42 -5.05 -21.42
C LEU E 210 3.77 -6.29 -22.20
N GLU E 212 5.62 -7.97 -25.21
CA GLU E 212 6.64 -7.65 -26.21
C GLU E 212 6.27 -7.97 -27.65
N ALA E 213 5.86 -9.21 -27.93
CA ALA E 213 5.53 -9.58 -29.31
C ALA E 213 4.15 -9.10 -29.68
N GLY E 214 3.26 -9.05 -28.70
CA GLY E 214 1.90 -8.60 -28.97
C GLY E 214 1.80 -7.09 -29.07
N ASN E 215 2.89 -6.40 -28.72
CA ASN E 215 2.95 -4.94 -28.81
C ASN E 215 1.71 -4.26 -28.26
N ARG E 216 1.46 -4.45 -26.96
CA ARG E 216 0.27 -3.86 -26.34
C ARG E 216 0.36 -3.95 -24.86
N ILE E 217 -0.46 -3.14 -24.19
CA ILE E 217 -0.52 -3.17 -22.75
C ILE E 217 -1.84 -3.90 -22.40
N CYS E 218 -1.77 -4.86 -21.49
CA CYS E 218 -2.99 -5.58 -21.04
C CYS E 218 -3.22 -5.21 -19.57
N GLU E 219 -4.47 -4.94 -19.24
CA GLU E 219 -4.88 -4.54 -17.90
C GLU E 219 -5.29 -5.69 -17.02
N TYR E 220 -4.80 -5.72 -15.78
CA TYR E 220 -5.17 -6.77 -14.83
C TYR E 220 -5.66 -6.22 -13.51
N VAL E 221 -6.75 -6.77 -13.03
CA VAL E 221 -7.23 -6.33 -11.73
C VAL E 221 -6.66 -7.38 -10.79
N ILE E 222 -6.18 -6.94 -9.63
CA ILE E 222 -5.61 -7.89 -8.68
C ILE E 222 -6.68 -8.48 -7.75
N ASP E 223 -6.90 -9.78 -7.84
CA ASP E 223 -7.89 -10.43 -6.97
C ASP E 223 -7.38 -10.40 -5.52
N PRO E 224 -8.07 -9.63 -4.65
CA PRO E 224 -7.62 -9.54 -3.25
C PRO E 224 -7.62 -10.90 -2.51
N ALA E 225 -8.45 -11.83 -2.99
CA ALA E 225 -8.55 -13.18 -2.39
C ALA E 225 -7.26 -14.00 -2.60
N THR E 226 -6.70 -13.96 -3.81
CA THR E 226 -5.48 -14.71 -4.10
C THR E 226 -4.25 -13.87 -4.37
N HIS E 227 -4.46 -12.57 -4.61
CA HIS E 227 -3.37 -11.67 -4.93
C HIS E 227 -2.86 -11.86 -6.34
N PRO E 229 -3.25 -11.63 -10.58
CA PRO E 229 -3.85 -10.77 -11.58
C PRO E 229 -4.87 -11.46 -12.48
N VAL E 230 -6.00 -10.81 -12.69
CA VAL E 230 -7.04 -11.35 -13.56
C VAL E 230 -7.22 -10.33 -14.71
N TYR E 231 -7.15 -10.82 -15.94
CA TYR E 231 -7.29 -9.97 -17.13
C TYR E 231 -8.71 -9.43 -17.23
N THR E 232 -8.81 -8.12 -17.46
CA THR E 232 -10.09 -7.45 -17.58
C THR E 232 -10.57 -7.38 -19.03
N HIS E 233 -9.75 -7.85 -19.96
CA HIS E 233 -10.08 -7.82 -21.39
C HIS E 233 -9.81 -6.46 -22.03
N HIS E 234 -9.13 -5.57 -21.32
CA HIS E 234 -8.78 -4.28 -21.90
C HIS E 234 -7.31 -4.25 -22.28
N SER E 235 -7.03 -3.88 -23.52
CA SER E 235 -5.64 -3.78 -23.95
C SER E 235 -5.50 -2.52 -24.81
N PHE E 236 -4.28 -2.05 -24.97
CA PHE E 236 -4.05 -0.88 -25.77
C PHE E 236 -2.83 -1.10 -26.62
N PRO E 237 -2.86 -0.61 -27.85
CA PRO E 237 -1.75 -0.76 -28.78
C PRO E 237 -0.50 0.06 -28.42
N LEU E 238 0.66 -0.53 -28.69
CA LEU E 238 1.91 0.12 -28.42
C LEU E 238 2.59 0.42 -29.76
N ILE E 239 1.92 0.05 -30.85
CA ILE E 239 2.38 0.37 -32.18
C ILE E 239 1.10 0.67 -32.95
N PRO E 240 1.19 1.51 -33.99
CA PRO E 240 0.01 1.85 -34.77
C PRO E 240 -0.78 0.64 -35.28
N PRO E 241 -2.12 0.64 -35.09
CA PRO E 241 -2.95 -0.48 -35.57
C PRO E 241 -2.78 -0.64 -37.07
N GLY E 242 -2.59 -1.89 -37.51
CA GLY E 242 -2.42 -2.18 -38.93
C GLY E 242 -1.04 -1.98 -39.53
N ILE E 243 -0.12 -1.36 -38.78
CA ILE E 243 1.20 -1.16 -39.32
C ILE E 243 1.84 -2.49 -39.74
N PRO E 244 2.51 -2.51 -40.90
CA PRO E 244 3.16 -3.74 -41.35
C PRO E 244 4.12 -4.16 -40.25
N ASP E 245 3.96 -5.37 -39.73
CA ASP E 245 4.84 -5.82 -38.66
C ASP E 245 5.43 -7.23 -38.70
N ARG E 246 5.52 -7.86 -39.87
CA ARG E 246 6.12 -9.20 -39.97
C ARG E 246 7.37 -9.07 -40.89
N ASP E 247 8.57 -9.41 -40.42
CA ASP E 247 9.77 -9.31 -41.30
C ASP E 247 9.63 -10.46 -42.36
N PRO E 248 9.62 -10.16 -43.70
CA PRO E 248 9.45 -11.22 -44.74
C PRO E 248 10.54 -12.25 -44.90
N GLU E 249 11.68 -11.96 -44.26
CA GLU E 249 12.82 -12.85 -44.32
C GLU E 249 13.03 -13.40 -42.92
N THR E 250 11.94 -13.82 -42.26
CA THR E 250 11.97 -14.35 -40.86
C THR E 250 10.61 -14.69 -40.22
N GLY E 251 9.52 -14.14 -40.77
CA GLY E 251 8.20 -14.33 -40.19
C GLY E 251 8.13 -13.69 -38.78
N LYS E 252 9.29 -13.45 -38.14
CA LYS E 252 9.27 -12.84 -36.80
C LYS E 252 9.01 -11.31 -36.84
N GLY E 253 8.40 -10.85 -35.74
CA GLY E 253 8.00 -9.45 -35.62
C GLY E 253 9.01 -8.36 -35.95
N LEU E 254 8.51 -7.24 -36.48
CA LEU E 254 9.37 -6.10 -36.80
C LEU E 254 9.36 -5.18 -35.59
N TYR E 255 8.42 -5.38 -34.67
CA TYR E 255 8.34 -4.52 -33.48
C TYR E 255 8.33 -5.33 -32.16
N ARG E 256 8.99 -4.78 -31.16
CA ARG E 256 9.05 -5.43 -29.87
C ARG E 256 8.79 -4.38 -28.79
N ALA E 257 7.65 -4.48 -28.12
CA ALA E 257 7.31 -3.52 -27.05
C ALA E 257 8.40 -3.58 -26.00
N ASP E 258 8.64 -2.47 -25.33
CA ASP E 258 9.72 -2.42 -24.38
C ASP E 258 9.42 -2.30 -22.90
N VAL E 259 9.11 -1.09 -22.48
CA VAL E 259 8.85 -0.82 -21.08
C VAL E 259 7.62 0.07 -20.80
N CYS E 260 7.04 -0.07 -19.60
CA CYS E 260 5.91 0.76 -19.20
C CYS E 260 6.17 1.22 -17.78
N ALA E 261 5.83 2.48 -17.47
CA ALA E 261 6.08 3.03 -16.15
C ALA E 261 5.13 4.16 -15.75
N LEU E 262 4.74 4.19 -14.48
CA LEU E 262 3.84 5.23 -14.04
C LEU E 262 4.62 6.48 -13.67
N THR E 263 3.98 7.63 -13.86
CA THR E 263 4.58 8.90 -13.48
C THR E 263 4.39 9.05 -11.97
N PHE E 264 5.06 10.05 -11.41
CA PHE E 264 5.03 10.36 -9.98
C PHE E 264 3.65 10.37 -9.31
N SER E 265 2.72 11.09 -9.92
CA SER E 265 1.37 11.19 -9.38
C SER E 265 0.57 9.90 -9.48
N GLY E 266 0.95 9.03 -10.40
CA GLY E 266 0.21 7.79 -10.55
C GLY E 266 -0.96 8.00 -11.50
N LYS E 267 -1.14 9.24 -11.97
CA LYS E 267 -2.25 9.51 -12.89
C LYS E 267 -1.98 9.11 -14.32
N TYR E 268 -0.70 8.98 -14.64
CA TYR E 268 -0.29 8.60 -15.98
C TYR E 268 0.72 7.47 -16.04
N PHE E 270 3.61 5.87 -19.13
CA PHE E 270 4.26 5.95 -20.42
C PHE E 270 4.72 4.54 -20.76
N ALA E 271 4.74 4.21 -22.04
CA ALA E 271 5.18 2.91 -22.46
C ALA E 271 5.82 3.11 -23.81
N SER E 272 6.62 2.14 -24.22
CA SER E 272 7.29 2.26 -25.49
C SER E 272 7.48 0.91 -26.18
N SER E 273 7.93 0.97 -27.42
CA SER E 273 8.23 -0.23 -28.19
C SER E 273 9.29 0.20 -29.16
N ARG E 274 10.12 -0.77 -29.55
CA ARG E 274 11.19 -0.49 -30.51
C ARG E 274 11.02 -1.26 -31.84
N ALA E 275 11.66 -0.76 -32.89
CA ALA E 275 11.58 -1.42 -34.19
C ALA E 275 12.85 -2.24 -34.30
N ASN E 276 12.80 -3.34 -35.04
CA ASN E 276 13.95 -4.20 -35.23
C ASN E 276 14.88 -3.77 -36.37
N LYS E 277 14.54 -2.71 -37.10
CA LYS E 277 15.37 -2.22 -38.19
C LYS E 277 15.59 -0.73 -37.99
N PHE E 278 16.82 -0.28 -38.28
CA PHE E 278 17.18 1.12 -38.05
C PHE E 278 16.42 2.15 -38.87
N GLU E 279 15.88 1.73 -40.02
CA GLU E 279 15.13 2.67 -40.82
C GLU E 279 13.66 2.81 -40.35
N LEU E 280 13.24 2.01 -39.39
CA LEU E 280 11.88 2.11 -38.90
C LEU E 280 11.87 2.91 -37.61
N GLN E 281 10.74 3.53 -37.29
CA GLN E 281 10.62 4.31 -36.06
C GLN E 281 10.04 3.45 -34.94
N GLY E 282 10.51 3.72 -33.71
CA GLY E 282 9.98 3.04 -32.56
C GLY E 282 8.79 3.88 -32.12
N TYR E 283 8.13 3.52 -31.02
CA TYR E 283 7.01 4.34 -30.57
C TYR E 283 6.97 4.54 -29.07
N ILE E 284 6.29 5.60 -28.67
CA ILE E 284 6.12 5.94 -27.27
C ILE E 284 4.62 6.19 -27.05
N ALA E 285 4.07 5.68 -25.96
CA ALA E 285 2.65 5.87 -25.70
C ALA E 285 2.38 6.41 -24.32
N GLY E 286 1.23 7.06 -24.15
CA GLY E 286 0.88 7.61 -22.87
C GLY E 286 -0.53 7.24 -22.52
N PHE E 287 -0.76 6.96 -21.23
CA PHE E 287 -2.09 6.60 -20.76
C PHE E 287 -2.49 7.37 -19.52
N LYS E 288 -3.79 7.57 -19.38
CA LYS E 288 -4.29 8.23 -18.18
C LYS E 288 -4.96 7.14 -17.33
N LEU E 289 -4.71 7.17 -16.03
CA LEU E 289 -5.26 6.16 -15.13
C LEU E 289 -6.31 6.71 -14.14
N ARG E 290 -7.46 6.05 -14.05
CA ARG E 290 -8.51 6.46 -13.11
C ARG E 290 -7.92 6.27 -11.70
N ASP E 291 -8.52 6.91 -10.71
CA ASP E 291 -8.03 6.75 -9.34
C ASP E 291 -8.06 5.31 -8.79
N CYS E 292 -9.05 4.52 -9.21
CA CYS E 292 -9.14 3.15 -8.73
C CYS E 292 -8.07 2.31 -9.40
N GLY E 293 -7.48 2.82 -10.47
CA GLY E 293 -6.43 2.07 -11.14
C GLY E 293 -6.66 1.63 -12.59
N SER E 294 -7.90 1.55 -13.04
CA SER E 294 -8.13 1.13 -14.41
C SER E 294 -7.59 2.19 -15.37
N ILE E 295 -7.31 1.80 -16.60
CA ILE E 295 -6.78 2.72 -17.58
C ILE E 295 -7.97 3.44 -18.21
N GLU E 296 -8.00 4.75 -18.04
CA GLU E 296 -9.09 5.53 -18.58
C GLU E 296 -9.06 5.65 -20.08
N LYS E 297 -7.89 6.00 -20.62
CA LYS E 297 -7.76 6.15 -22.05
C LYS E 297 -6.32 6.27 -22.48
N GLN E 298 -6.08 6.07 -23.76
CA GLN E 298 -4.73 6.19 -24.30
C GLN E 298 -4.64 7.64 -24.78
N LEU E 299 -3.73 8.42 -24.22
CA LEU E 299 -3.60 9.82 -24.62
C LEU E 299 -2.84 10.02 -25.93
N PHE E 300 -1.86 9.16 -26.20
CA PHE E 300 -1.11 9.29 -27.43
C PHE E 300 -0.32 8.05 -27.80
N LEU E 301 0.07 7.99 -29.07
CA LEU E 301 0.91 6.94 -29.63
C LEU E 301 1.71 7.67 -30.71
N SER E 302 2.98 7.92 -30.44
CA SER E 302 3.80 8.69 -31.37
C SER E 302 5.16 8.10 -31.69
N PRO E 303 5.68 8.35 -32.89
CA PRO E 303 6.98 7.86 -33.34
C PRO E 303 8.12 8.42 -32.49
N THR E 304 9.14 7.62 -32.24
CA THR E 304 10.29 8.10 -31.50
C THR E 304 11.30 8.52 -32.58
N PRO E 305 12.37 9.24 -32.21
CA PRO E 305 13.33 9.63 -33.23
C PRO E 305 14.02 8.46 -33.92
N THR E 306 14.34 7.41 -33.17
CA THR E 306 14.98 6.25 -33.77
C THR E 306 14.15 4.99 -33.60
N SER E 307 14.70 3.87 -34.02
CA SER E 307 14.00 2.60 -33.86
C SER E 307 14.07 2.26 -32.38
N GLY E 308 14.94 2.96 -31.64
CA GLY E 308 15.12 2.68 -30.23
C GLY E 308 16.21 1.62 -30.01
N GLY E 309 16.52 0.86 -31.06
CA GLY E 309 17.56 -0.16 -30.95
C GLY E 309 17.10 -1.24 -29.99
N HIS E 310 17.96 -1.58 -29.03
CA HIS E 310 17.62 -2.58 -28.03
C HIS E 310 16.90 -1.91 -26.86
N SER E 311 16.77 -0.58 -26.89
CA SER E 311 16.16 0.13 -25.76
C SER E 311 14.84 0.85 -26.02
N ASN E 312 14.88 2.18 -26.02
CA ASN E 312 13.71 3.06 -26.16
C ASN E 312 12.98 3.04 -24.81
N ALA E 313 13.74 2.69 -23.76
CA ALA E 313 13.20 2.62 -22.42
C ALA E 313 12.83 4.00 -21.91
N VAL E 314 11.61 4.13 -21.41
CA VAL E 314 11.16 5.40 -20.89
C VAL E 314 11.34 5.45 -19.40
N SER E 315 11.76 6.60 -18.88
CA SER E 315 11.99 6.74 -17.46
C SER E 315 11.43 8.04 -16.89
N PRO E 316 10.23 7.98 -16.31
CA PRO E 316 9.60 9.16 -15.72
C PRO E 316 10.36 9.65 -14.50
N CYS E 317 10.43 10.96 -14.25
CA CYS E 317 11.09 11.49 -13.04
C CYS E 317 10.29 10.93 -11.88
N PRO E 318 10.96 10.25 -10.93
CA PRO E 318 10.24 9.67 -9.78
C PRO E 318 9.52 10.64 -8.84
N TRP E 319 9.90 11.93 -8.83
CA TRP E 319 9.29 12.91 -7.91
C TRP E 319 8.40 13.94 -8.57
N SER E 320 8.24 13.89 -9.89
CA SER E 320 7.43 14.89 -10.55
C SER E 320 6.97 14.38 -11.88
N ASP E 321 5.70 14.66 -12.20
CA ASP E 321 5.13 14.23 -13.47
C ASP E 321 5.74 14.95 -14.68
N GLU E 322 6.30 16.12 -14.41
CA GLU E 322 6.84 16.96 -15.46
C GLU E 322 7.91 16.44 -16.42
N TRP E 323 8.77 15.52 -15.98
CA TRP E 323 9.82 15.06 -16.88
C TRP E 323 9.84 13.56 -17.15
N ALA E 325 12.58 10.70 -19.31
CA ALA E 325 13.78 10.46 -20.08
C ALA E 325 13.60 9.21 -20.93
N ILE E 326 14.34 9.12 -22.03
CA ILE E 326 14.28 7.95 -22.89
C ILE E 326 15.66 7.73 -23.47
N THR E 327 16.04 6.47 -23.62
CA THR E 327 17.34 6.16 -24.16
C THR E 327 17.20 5.27 -25.35
N ASP E 328 18.17 5.34 -26.25
CA ASP E 328 18.18 4.45 -27.43
C ASP E 328 19.64 4.05 -27.66
N ASP E 329 19.86 2.88 -28.26
CA ASP E 329 21.22 2.50 -28.52
C ASP E 329 21.42 2.34 -30.03
N GLN E 330 20.60 3.06 -30.80
CA GLN E 330 20.73 3.02 -32.26
C GLN E 330 21.75 4.09 -32.58
N GLU E 331 21.48 5.29 -32.09
CA GLU E 331 22.36 6.45 -32.28
C GLU E 331 23.04 6.84 -30.98
N GLY E 332 22.42 6.51 -29.84
CA GLY E 332 23.06 6.82 -28.58
C GLY E 332 22.60 8.10 -27.90
N TRP E 333 21.31 8.39 -27.93
CA TRP E 333 20.81 9.60 -27.27
C TRP E 333 20.15 9.36 -25.93
N LEU E 334 20.26 10.37 -25.09
CA LEU E 334 19.57 10.39 -23.83
C LEU E 334 18.71 11.63 -24.14
N GLU E 335 17.39 11.47 -24.22
CA GLU E 335 16.53 12.61 -24.48
C GLU E 335 15.69 12.89 -23.27
N ILE E 336 15.32 14.15 -23.06
CA ILE E 336 14.45 14.49 -21.96
C ILE E 336 13.23 15.25 -22.42
N TYR E 337 12.06 14.73 -22.07
CA TYR E 337 10.82 15.36 -22.46
C TYR E 337 10.08 15.95 -21.29
N ARG E 338 9.20 16.88 -21.61
CA ARG E 338 8.38 17.55 -20.62
C ARG E 338 6.93 17.09 -20.88
N TRP E 339 6.19 16.82 -19.81
CA TRP E 339 4.79 16.38 -19.88
C TRP E 339 4.01 17.59 -19.38
N LYS E 340 3.30 18.24 -20.29
CA LYS E 340 2.55 19.46 -19.96
C LYS E 340 1.18 19.45 -20.64
N ASP E 341 0.12 19.66 -19.85
CA ASP E 341 -1.25 19.64 -20.37
C ASP E 341 -1.49 18.40 -21.19
N GLU E 342 -0.99 17.27 -20.72
CA GLU E 342 -1.15 16.00 -21.39
C GLU E 342 -0.66 15.91 -22.83
N PHE E 343 0.44 16.60 -23.11
CA PHE E 343 1.14 16.55 -24.39
C PHE E 343 2.62 16.47 -24.03
N LEU E 344 3.37 15.71 -24.79
CA LEU E 344 4.79 15.54 -24.55
C LEU E 344 5.66 16.34 -25.57
N HIS E 345 6.69 17.01 -25.08
CA HIS E 345 7.57 17.74 -25.97
C HIS E 345 9.02 17.66 -25.49
N ARG E 346 9.93 17.39 -26.42
CA ARG E 346 11.34 17.26 -26.11
C ARG E 346 11.91 18.60 -25.70
N VAL E 347 12.75 18.63 -24.68
CA VAL E 347 13.35 19.90 -24.21
C VAL E 347 14.88 19.88 -24.20
N ALA E 348 15.46 18.69 -24.18
CA ALA E 348 16.91 18.57 -24.16
C ALA E 348 17.36 17.16 -24.52
N ARG E 349 18.62 17.06 -24.94
CA ARG E 349 19.16 15.76 -25.28
C ARG E 349 20.65 15.83 -25.51
N VAL E 350 21.31 14.69 -25.34
CA VAL E 350 22.74 14.60 -25.55
C VAL E 350 23.05 13.27 -26.16
N ARG E 351 24.03 13.26 -27.04
CA ARG E 351 24.41 12.04 -27.68
C ARG E 351 25.73 11.53 -27.15
N ILE E 352 25.78 10.22 -26.93
CA ILE E 352 26.99 9.63 -26.43
C ILE E 352 27.49 8.57 -27.41
N PRO E 353 28.53 8.92 -28.14
CA PRO E 353 29.31 8.20 -29.17
C PRO E 353 29.84 6.81 -28.75
N GLU E 354 29.41 6.25 -27.62
CA GLU E 354 30.04 4.98 -27.18
C GLU E 354 29.38 3.67 -27.55
N PRO E 355 30.17 2.59 -27.59
CA PRO E 355 29.62 1.28 -27.95
C PRO E 355 28.47 0.87 -27.06
N GLY E 356 27.34 0.51 -27.70
CA GLY E 356 26.16 0.06 -26.98
C GLY E 356 25.53 1.09 -26.07
N PHE E 357 25.93 2.35 -26.19
CA PHE E 357 25.34 3.33 -25.31
C PHE E 357 23.84 3.60 -25.53
N GLY E 358 23.18 3.68 -24.38
CA GLY E 358 21.77 3.94 -24.25
C GLY E 358 20.87 2.78 -23.87
N ASN E 360 19.25 2.19 -20.40
CA ASN E 360 18.17 2.70 -19.53
C ASN E 360 18.72 3.77 -18.60
N ALA E 361 17.91 4.78 -18.29
CA ALA E 361 18.37 5.87 -17.44
C ALA E 361 17.64 5.85 -16.12
N ILE E 362 18.37 6.18 -15.05
CA ILE E 362 17.74 6.23 -13.75
C ILE E 362 18.04 7.57 -13.14
N TRP E 363 17.06 8.10 -12.41
CA TRP E 363 17.21 9.40 -11.75
C TRP E 363 17.74 9.42 -10.32
N TYR E 364 18.74 10.26 -10.14
CA TYR E 364 19.40 10.51 -8.86
C TYR E 364 19.20 12.00 -8.98
N ASP E 365 18.72 12.73 -7.99
CA ASP E 365 18.62 14.18 -8.23
C ASP E 365 17.62 14.72 -9.26
N PRO F 1 -1.48 -2.02 -56.26
CA PRO F 1 -1.56 -1.11 -57.43
C PRO F 1 -0.58 0.05 -57.27
N LEU F 2 -0.21 0.68 -58.39
CA LEU F 2 0.71 1.82 -58.38
C LEU F 2 0.01 3.18 -58.36
N HIS F 3 0.62 4.13 -57.67
CA HIS F 3 0.09 5.49 -57.56
C HIS F 3 1.23 6.43 -57.87
N HIS F 4 0.92 7.68 -58.16
CA HIS F 4 1.98 8.64 -58.50
C HIS F 4 1.79 10.02 -57.90
N LEU F 5 2.89 10.62 -57.46
CA LEU F 5 2.81 11.96 -56.88
C LEU F 5 3.83 12.88 -57.53
N ILE F 7 6.02 16.46 -57.20
CA ILE F 7 6.53 17.36 -56.17
C ILE F 7 7.41 18.45 -56.78
N GLY F 8 7.37 19.63 -56.19
CA GLY F 8 8.21 20.70 -56.70
C GLY F 8 9.34 21.06 -55.75
N THR F 9 9.94 22.22 -55.96
CA THR F 9 11.04 22.66 -55.12
C THR F 9 10.98 24.14 -54.78
N TRP F 10 11.68 24.49 -53.71
CA TRP F 10 11.74 25.84 -53.17
C TRP F 10 12.86 26.63 -53.84
N THR F 11 13.72 25.93 -54.58
CA THR F 11 14.90 26.52 -55.16
C THR F 11 15.23 26.03 -56.57
N PRO F 12 15.96 26.84 -57.36
CA PRO F 12 16.34 26.47 -58.73
C PRO F 12 17.37 25.36 -58.58
N PRO F 13 17.56 24.52 -59.61
CA PRO F 13 16.90 24.51 -60.92
C PRO F 13 15.49 23.98 -60.79
N GLY F 14 14.57 24.52 -61.58
CA GLY F 14 13.20 24.06 -61.53
C GLY F 14 13.08 22.66 -62.09
N ALA F 15 12.21 21.86 -61.47
CA ALA F 15 11.96 20.50 -61.93
C ALA F 15 10.73 19.95 -61.25
N ILE F 16 10.02 19.05 -61.92
CA ILE F 16 8.86 18.43 -61.31
C ILE F 16 9.25 16.96 -61.16
N PHE F 17 9.14 16.45 -59.92
CA PHE F 17 9.50 15.04 -59.69
C PHE F 17 8.28 14.14 -59.60
N THR F 18 8.35 12.99 -60.24
CA THR F 18 7.25 12.04 -60.19
C THR F 18 7.72 10.84 -59.37
N VAL F 19 7.07 10.62 -58.22
CA VAL F 19 7.38 9.50 -57.37
C VAL F 19 6.24 8.49 -57.51
N GLN F 20 6.61 7.21 -57.46
CA GLN F 20 5.65 6.13 -57.59
C GLN F 20 5.54 5.45 -56.25
N PHE F 21 4.30 5.17 -55.83
CA PHE F 21 4.03 4.51 -54.57
C PHE F 21 3.27 3.23 -54.83
N ASP F 22 3.84 2.11 -54.42
CA ASP F 22 3.22 0.79 -54.59
C ASP F 22 2.50 0.50 -53.27
N ASP F 23 1.15 0.49 -53.29
CA ASP F 23 0.39 0.26 -52.07
C ASP F 23 0.34 -1.21 -51.63
N GLU F 24 0.98 -2.09 -52.38
CA GLU F 24 1.03 -3.48 -52.04
C GLU F 24 2.37 -3.83 -51.40
N LYS F 25 3.45 -3.37 -52.02
CA LYS F 25 4.79 -3.61 -51.48
C LYS F 25 5.16 -2.53 -50.47
N LEU F 26 4.40 -1.43 -50.50
CA LEU F 26 4.59 -0.28 -49.62
C LEU F 26 5.99 0.29 -49.84
N THR F 27 6.26 0.70 -51.08
CA THR F 27 7.57 1.27 -51.42
C THR F 27 7.46 2.55 -52.25
N CYS F 28 8.55 3.30 -52.32
CA CYS F 28 8.60 4.55 -53.05
C CYS F 28 9.80 4.57 -53.96
N LYS F 29 9.61 5.03 -55.21
CA LYS F 29 10.70 5.13 -56.17
C LYS F 29 10.49 6.39 -56.99
N LEU F 30 11.57 7.13 -57.20
CA LEU F 30 11.49 8.33 -58.02
C LEU F 30 11.51 7.74 -59.42
N ILE F 31 10.54 8.08 -60.27
CA ILE F 31 10.57 7.51 -61.60
C ILE F 31 10.76 8.58 -62.66
N LYS F 32 10.88 9.84 -62.26
CA LYS F 32 11.03 10.87 -63.25
C LYS F 32 11.32 12.27 -62.76
N ARG F 33 12.32 12.89 -63.37
CA ARG F 33 12.67 14.26 -63.04
C ARG F 33 12.44 15.05 -64.33
N THR F 34 11.34 15.77 -64.39
CA THR F 34 11.00 16.55 -65.56
C THR F 34 11.55 17.94 -65.43
N GLU F 35 12.41 18.29 -66.37
CA GLU F 35 13.03 19.60 -66.34
C GLU F 35 12.03 20.66 -66.76
N ILE F 36 12.06 21.81 -66.09
CA ILE F 36 11.17 22.95 -66.40
C ILE F 36 12.03 24.22 -66.38
N PRO F 37 11.51 25.36 -66.88
CA PRO F 37 12.33 26.59 -66.87
C PRO F 37 13.26 26.67 -65.65
N GLN F 38 14.56 26.61 -65.88
CA GLN F 38 15.54 26.64 -64.79
C GLN F 38 15.23 27.61 -63.65
N ASP F 39 14.70 28.78 -63.96
CA ASP F 39 14.44 29.77 -62.91
C ASP F 39 13.00 29.90 -62.47
N GLU F 40 12.21 28.87 -62.77
CA GLU F 40 10.81 28.83 -62.39
C GLU F 40 10.51 27.58 -61.51
N PRO F 41 11.28 27.37 -60.45
CA PRO F 41 11.00 26.20 -59.60
C PRO F 41 9.58 26.35 -58.97
N ILE F 42 8.86 25.25 -58.84
CA ILE F 42 7.52 25.29 -58.31
C ILE F 42 7.37 24.98 -56.83
N SER F 43 7.11 26.02 -56.02
CA SER F 43 6.97 25.86 -54.59
C SER F 43 5.56 25.46 -54.19
N TRP F 44 4.64 25.50 -55.13
CA TRP F 44 3.29 25.03 -54.87
C TRP F 44 2.61 24.66 -56.18
N THR F 46 -0.63 22.31 -58.18
CA THR F 46 -1.96 21.76 -58.03
C THR F 46 -2.43 21.26 -59.39
N PHE F 47 -3.33 20.29 -59.38
CA PHE F 47 -3.89 19.74 -60.61
C PHE F 47 -5.18 20.45 -60.96
N ASP F 48 -5.56 20.40 -62.24
CA ASP F 48 -6.82 20.99 -62.65
C ASP F 48 -7.88 19.94 -62.37
N HIS F 49 -9.14 20.17 -62.74
CA HIS F 49 -10.20 19.22 -62.39
C HIS F 49 -10.14 17.81 -62.92
N GLU F 50 -9.38 17.57 -63.98
CA GLU F 50 -9.23 16.20 -64.54
C GLU F 50 -7.78 15.70 -64.41
N ARG F 51 -6.94 16.46 -63.71
CA ARG F 51 -5.56 16.08 -63.54
C ARG F 51 -4.89 15.94 -64.90
N LYS F 52 -5.30 16.79 -65.85
CA LYS F 52 -4.71 16.79 -67.19
C LYS F 52 -3.68 17.93 -67.30
N ASN F 53 -3.71 18.82 -66.31
CA ASN F 53 -2.82 19.96 -66.25
C ASN F 53 -2.27 20.16 -64.85
N ILE F 54 -1.11 20.77 -64.73
CA ILE F 54 -0.52 21.08 -63.45
C ILE F 54 -0.23 22.56 -63.50
N TYR F 55 -0.71 23.33 -62.52
CA TYR F 55 -0.43 24.77 -62.48
C TYR F 55 0.52 24.97 -61.31
N GLY F 56 1.46 25.91 -61.44
CA GLY F 56 2.38 26.12 -60.34
C GLY F 56 2.75 27.54 -59.99
N ALA F 57 3.01 27.76 -58.71
CA ALA F 57 3.46 29.04 -58.20
C ALA F 57 4.98 28.88 -58.40
N ALA F 58 5.49 29.53 -59.44
CA ALA F 58 6.90 29.40 -59.77
C ALA F 58 7.78 30.66 -59.69
N LYS F 60 8.75 33.93 -60.06
CA LYS F 60 8.14 35.13 -60.63
C LYS F 60 7.08 34.81 -61.67
N LYS F 61 6.76 33.52 -61.82
CA LYS F 61 5.79 33.13 -62.84
C LYS F 61 4.68 32.25 -62.30
N TRP F 62 3.64 32.11 -63.10
CA TRP F 62 2.53 31.25 -62.80
C TRP F 62 2.64 30.34 -64.02
N SER F 63 3.12 29.10 -63.83
CA SER F 63 3.30 28.20 -64.96
C SER F 63 2.22 27.17 -65.13
N SER F 64 2.14 26.66 -66.36
CA SER F 64 1.12 25.69 -66.74
C SER F 64 1.72 24.51 -67.48
N PHE F 65 1.38 23.29 -67.07
CA PHE F 65 1.92 22.11 -67.73
C PHE F 65 0.81 21.15 -68.04
N ALA F 66 0.92 20.51 -69.21
CA ALA F 66 -0.06 19.52 -69.66
C ALA F 66 0.53 18.18 -69.22
N VAL F 67 -0.33 17.31 -68.70
CA VAL F 67 0.11 16.00 -68.22
C VAL F 67 -0.53 14.87 -68.97
N LYS F 68 0.27 14.11 -69.73
CA LYS F 68 -0.29 13.00 -70.52
C LYS F 68 -0.22 11.72 -69.70
N SER F 69 0.81 11.63 -68.86
CA SER F 69 0.99 10.48 -67.97
C SER F 69 1.96 10.90 -66.85
N PRO F 70 2.18 10.03 -65.84
CA PRO F 70 3.10 10.37 -64.75
C PRO F 70 4.47 10.80 -65.21
N THR F 71 4.91 10.30 -66.35
CA THR F 71 6.24 10.62 -66.85
C THR F 71 6.30 11.57 -68.02
N GLU F 72 5.14 12.06 -68.46
CA GLU F 72 5.05 12.97 -69.60
C GLU F 72 4.38 14.27 -69.17
N ILE F 73 5.19 15.24 -68.78
CA ILE F 73 4.69 16.53 -68.33
C ILE F 73 5.32 17.59 -69.23
N VAL F 74 4.50 18.33 -69.97
CA VAL F 74 5.00 19.33 -70.92
C VAL F 74 4.67 20.77 -70.64
N HIS F 75 5.70 21.59 -70.51
CA HIS F 75 5.53 23.00 -70.24
C HIS F 75 4.71 23.65 -71.33
N GLU F 76 3.60 24.32 -70.99
CA GLU F 76 2.80 24.97 -72.04
C GLU F 76 2.74 26.48 -71.87
N ALA F 77 3.06 27.00 -70.68
CA ALA F 77 3.02 28.45 -70.50
C ALA F 77 3.51 28.94 -69.14
N SER F 78 3.88 30.21 -69.09
CA SER F 78 4.34 30.85 -67.87
C SER F 78 3.95 32.32 -67.91
N HIS F 79 3.02 32.72 -67.06
CA HIS F 79 2.54 34.11 -67.01
C HIS F 79 3.19 34.88 -65.89
N PRO F 80 3.28 36.21 -66.03
CA PRO F 80 3.86 37.08 -65.01
C PRO F 80 2.85 37.37 -63.88
N ILE F 81 3.33 37.88 -62.76
CA ILE F 81 2.47 38.20 -61.65
C ILE F 81 1.66 39.45 -62.00
N GLY F 82 0.36 39.41 -61.80
CA GLY F 82 -0.45 40.60 -62.08
C GLY F 82 -0.71 41.41 -60.83
N GLY F 83 -1.29 42.60 -61.01
CA GLY F 83 -1.57 43.46 -59.89
C GLY F 83 -0.68 44.69 -59.84
N HIS F 84 0.17 44.78 -58.81
CA HIS F 84 1.08 45.90 -58.67
C HIS F 84 2.14 45.86 -59.79
N PRO F 85 2.46 47.02 -60.37
CA PRO F 85 3.45 47.14 -61.45
C PRO F 85 4.80 46.50 -61.11
N ARG F 86 5.31 46.74 -59.91
CA ARG F 86 6.63 46.21 -59.52
C ARG F 86 6.71 44.74 -59.18
N ALA F 87 5.55 44.08 -59.08
CA ALA F 87 5.51 42.66 -58.70
C ALA F 87 6.49 41.82 -59.54
N ASN F 88 6.68 42.21 -60.80
CA ASN F 88 7.55 41.47 -61.69
C ASN F 88 8.99 41.93 -61.77
N ASP F 89 9.31 43.10 -61.25
CA ASP F 89 10.69 43.59 -61.34
C ASP F 89 11.61 42.54 -60.75
N ALA F 90 12.76 42.36 -61.39
CA ALA F 90 13.70 41.36 -60.90
C ALA F 90 14.34 41.86 -59.58
N ASP F 91 14.08 43.10 -59.25
CA ASP F 91 14.64 43.63 -58.02
C ASP F 91 13.67 43.69 -56.84
N THR F 92 12.51 43.08 -56.93
CA THR F 92 11.60 43.07 -55.78
C THR F 92 11.47 41.63 -55.29
N ASN F 93 11.11 41.45 -54.02
CA ASN F 93 10.98 40.12 -53.50
C ASN F 93 9.62 39.45 -53.75
N THR F 94 8.73 40.12 -54.47
CA THR F 94 7.42 39.52 -54.76
C THR F 94 7.59 38.11 -55.33
N ARG F 95 6.81 37.15 -54.83
CA ARG F 95 6.90 35.77 -55.30
C ARG F 95 5.52 35.10 -55.46
N ALA F 96 5.35 34.26 -56.47
CA ALA F 96 4.07 33.52 -56.68
C ALA F 96 4.12 32.47 -55.58
N ILE F 97 3.14 32.52 -54.67
CA ILE F 97 3.14 31.64 -53.52
C ILE F 97 2.04 30.60 -53.41
N PHE F 98 0.83 30.89 -53.89
CA PHE F 98 -0.23 29.90 -53.81
C PHE F 98 -1.10 29.93 -55.04
N LEU F 99 -1.71 28.79 -55.34
CA LEU F 99 -2.53 28.62 -56.52
C LEU F 99 -3.75 27.72 -56.25
N LEU F 100 -4.89 28.02 -56.86
CA LEU F 100 -6.09 27.23 -56.65
C LEU F 100 -6.85 27.06 -57.95
N ALA F 101 -7.11 25.81 -58.34
CA ALA F 101 -7.80 25.56 -59.58
C ALA F 101 -9.26 25.16 -59.36
N ALA F 102 -10.20 25.98 -59.83
CA ALA F 102 -11.63 25.70 -59.68
C ALA F 102 -11.98 24.34 -60.32
N LYS F 103 -12.94 23.63 -59.72
CA LYS F 103 -13.33 22.35 -60.26
C LYS F 103 -14.64 22.38 -61.02
N GLN F 104 -15.30 23.54 -61.04
CA GLN F 104 -16.55 23.71 -61.79
C GLN F 104 -16.31 24.77 -62.85
N PRO F 105 -17.08 24.73 -63.94
CA PRO F 105 -16.93 25.73 -65.01
C PRO F 105 -16.88 27.12 -64.38
N PRO F 106 -16.09 28.05 -64.93
CA PRO F 106 -15.24 27.91 -66.11
C PRO F 106 -13.84 27.36 -65.82
N TYR F 107 -13.65 26.71 -64.67
CA TYR F 107 -12.35 26.15 -64.34
C TYR F 107 -11.21 27.16 -64.31
N ALA F 108 -11.49 28.37 -63.87
CA ALA F 108 -10.44 29.39 -63.77
C ALA F 108 -9.46 29.04 -62.66
N VAL F 109 -8.32 29.71 -62.66
CA VAL F 109 -7.29 29.49 -61.67
C VAL F 109 -7.12 30.80 -60.92
N TYR F 110 -7.08 30.70 -59.59
CA TYR F 110 -6.94 31.86 -58.73
C TYR F 110 -5.58 31.78 -58.07
N ALA F 111 -4.78 32.81 -58.22
CA ALA F 111 -3.41 32.81 -57.70
C ALA F 111 -3.07 33.97 -56.81
N ASN F 112 -2.16 33.72 -55.86
CA ASN F 112 -1.75 34.74 -54.91
C ASN F 112 -0.26 35.04 -54.87
N PRO F 113 0.13 36.28 -55.17
CA PRO F 113 1.56 36.63 -55.10
C PRO F 113 1.79 36.84 -53.58
N PHE F 114 3.04 36.92 -53.14
CA PHE F 114 3.29 37.10 -51.72
C PHE F 114 4.47 38.04 -51.48
N TYR F 115 4.65 38.47 -50.25
CA TYR F 115 5.70 39.43 -49.86
C TYR F 115 5.31 40.85 -50.30
N LYS F 116 6.25 41.64 -50.80
CA LYS F 116 5.91 43.00 -51.20
C LYS F 116 5.11 43.09 -52.50
N PHE F 117 4.42 44.21 -52.68
CA PHE F 117 3.61 44.44 -53.88
C PHE F 117 2.70 43.25 -54.17
N ALA F 118 2.03 42.74 -53.15
CA ALA F 118 1.18 41.57 -53.35
C ALA F 118 -0.28 41.84 -52.99
N GLY F 119 -0.70 43.10 -53.04
CA GLY F 119 -2.06 43.47 -52.69
C GLY F 119 -3.18 43.08 -53.66
N TYR F 120 -2.93 42.10 -54.52
CA TYR F 120 -3.92 41.69 -55.49
C TYR F 120 -3.93 40.20 -55.67
N GLY F 121 -5.07 39.71 -56.18
CA GLY F 121 -5.23 38.31 -56.50
C GLY F 121 -5.11 38.29 -58.01
N ASN F 122 -4.75 37.14 -58.59
CA ASN F 122 -4.61 37.02 -60.04
C ASN F 122 -5.53 35.91 -60.48
N VAL F 123 -6.45 36.22 -61.39
CA VAL F 123 -7.38 35.24 -61.90
C VAL F 123 -7.03 34.94 -63.35
N PHE F 124 -6.88 33.66 -63.67
CA PHE F 124 -6.55 33.25 -65.03
C PHE F 124 -7.63 32.36 -65.62
N SER F 125 -8.00 32.60 -66.88
CA SER F 125 -8.97 31.76 -67.53
C SER F 125 -8.10 30.65 -68.10
N VAL F 126 -8.71 29.54 -68.50
CA VAL F 126 -7.97 28.44 -69.09
C VAL F 126 -8.52 28.13 -70.47
N SER F 127 -7.69 27.52 -71.32
CA SER F 127 -8.09 27.21 -72.69
C SER F 127 -9.00 26.00 -72.67
N GLU F 128 -9.52 25.63 -73.85
CA GLU F 128 -10.40 24.49 -73.96
C GLU F 128 -9.65 23.23 -73.48
N THR F 129 -8.30 23.29 -73.45
CA THR F 129 -7.49 22.14 -72.99
C THR F 129 -7.06 22.26 -71.52
N GLY F 130 -7.39 23.37 -70.88
CA GLY F 130 -7.01 23.53 -69.50
C GLY F 130 -5.68 24.25 -69.28
N LYS F 131 -5.14 24.85 -70.35
CA LYS F 131 -3.87 25.58 -70.24
C LYS F 131 -4.15 26.96 -69.68
N LEU F 132 -3.25 27.47 -68.84
CA LEU F 132 -3.41 28.81 -68.28
C LEU F 132 -3.45 29.75 -69.48
N GLU F 133 -4.63 30.33 -69.73
CA GLU F 133 -4.80 31.18 -70.91
C GLU F 133 -4.47 32.66 -70.80
N LYS F 134 -5.27 33.38 -70.01
CA LYS F 134 -5.11 34.81 -69.89
C LYS F 134 -5.47 35.32 -68.49
N ASN F 135 -4.72 36.32 -68.02
CA ASN F 135 -5.00 36.93 -66.74
C ASN F 135 -6.23 37.77 -67.02
N VAL F 136 -7.38 37.28 -66.61
CA VAL F 136 -8.60 38.03 -66.86
C VAL F 136 -8.94 39.06 -65.80
N GLN F 137 -8.31 38.99 -64.63
CA GLN F 137 -8.60 39.97 -63.58
C GLN F 137 -7.57 40.04 -62.47
N ASN F 138 -7.32 41.23 -61.98
CA ASN F 138 -6.42 41.43 -60.85
C ASN F 138 -7.26 42.16 -59.80
N TYR F 139 -7.88 41.41 -58.92
CA TYR F 139 -8.74 42.00 -57.90
C TYR F 139 -7.95 42.39 -56.67
N GLU F 140 -8.28 43.54 -56.07
CA GLU F 140 -7.50 43.97 -54.91
C GLU F 140 -8.00 43.61 -53.54
N TYR F 141 -7.05 43.46 -52.64
CA TYR F 141 -7.29 43.19 -51.26
C TYR F 141 -6.92 44.52 -50.65
N GLN F 142 -5.71 44.63 -50.09
CA GLN F 142 -5.21 45.91 -49.51
C GLN F 142 -3.71 45.91 -49.66
N GLU F 143 -3.12 47.10 -49.74
CA GLU F 143 -1.65 47.30 -49.93
C GLU F 143 -0.80 46.35 -49.09
N ASN F 144 -1.33 46.12 -47.91
CA ASN F 144 -0.81 45.32 -46.82
C ASN F 144 -0.81 43.77 -47.02
N THR F 145 -1.77 43.30 -47.81
CA THR F 145 -2.01 41.87 -48.02
C THR F 145 -0.91 40.94 -48.38
N GLY F 146 -1.09 39.71 -47.91
CA GLY F 146 -0.18 38.63 -48.18
C GLY F 146 -0.98 37.35 -48.07
N ILE F 147 -1.81 37.04 -49.07
CA ILE F 147 -2.61 35.83 -49.06
C ILE F 147 -1.67 34.65 -49.25
N HIS F 148 -1.83 33.59 -48.46
CA HIS F 148 -0.96 32.41 -48.60
C HIS F 148 -1.77 31.16 -48.86
N GLY F 149 -3.08 31.32 -48.93
CA GLY F 149 -3.94 30.17 -49.18
C GLY F 149 -5.40 30.55 -49.31
N VAL F 151 -9.66 28.85 -50.45
CA VAL F 151 -10.50 27.68 -50.63
C VAL F 151 -11.90 28.11 -50.99
N PHE F 152 -12.57 27.36 -51.86
CA PHE F 152 -13.92 27.68 -52.26
C PHE F 152 -14.90 26.95 -51.31
N ASP F 153 -16.16 27.40 -51.26
CA ASP F 153 -17.19 26.72 -50.49
C ASP F 153 -17.50 25.57 -51.49
N PRO F 154 -18.20 24.50 -51.07
CA PRO F 154 -18.50 23.41 -52.02
C PRO F 154 -19.12 23.76 -53.35
N THR F 155 -19.86 24.86 -53.39
CA THR F 155 -20.53 25.32 -54.59
C THR F 155 -19.66 26.13 -55.52
N GLU F 156 -18.54 26.64 -55.01
CA GLU F 156 -17.62 27.50 -55.76
C GLU F 156 -18.31 28.80 -56.13
N THR F 157 -19.01 29.36 -55.15
CA THR F 157 -19.69 30.63 -55.28
C THR F 157 -18.98 31.65 -54.38
N TYR F 158 -18.28 31.13 -53.37
CA TYR F 158 -17.57 32.00 -52.47
C TYR F 158 -16.15 31.55 -52.28
N LEU F 159 -15.24 32.50 -52.34
CA LEU F 159 -13.81 32.24 -52.20
C LEU F 159 -13.27 32.89 -50.93
N TYR F 160 -12.65 32.09 -50.09
CA TYR F 160 -12.08 32.56 -48.82
C TYR F 160 -10.55 32.62 -48.89
N SER F 161 -9.99 33.73 -48.41
CA SER F 161 -8.54 33.90 -48.46
C SER F 161 -7.92 34.14 -47.11
N ALA F 162 -6.82 33.47 -46.85
CA ALA F 162 -6.11 33.64 -45.60
C ALA F 162 -5.03 34.72 -45.84
N ASP F 163 -5.24 35.89 -45.25
CA ASP F 163 -4.32 37.02 -45.39
C ASP F 163 -3.37 36.97 -44.19
N LEU F 164 -2.18 36.41 -44.44
CA LEU F 164 -1.17 36.26 -43.40
C LEU F 164 -0.61 37.56 -42.87
N THR F 165 -0.15 38.45 -43.76
CA THR F 165 0.42 39.71 -43.28
C THR F 165 -0.60 40.76 -42.86
N ALA F 166 -1.81 40.71 -43.39
CA ALA F 166 -2.81 41.68 -42.97
C ALA F 166 -3.61 41.10 -41.79
N ASN F 167 -3.32 39.84 -41.44
CA ASN F 167 -3.95 39.11 -40.32
C ASN F 167 -5.47 39.08 -40.38
N LYS F 168 -6.01 38.60 -41.50
CA LYS F 168 -7.45 38.56 -41.66
C LYS F 168 -7.91 37.51 -42.64
N LEU F 169 -9.23 37.29 -42.69
CA LEU F 169 -9.82 36.33 -43.61
C LEU F 169 -10.75 37.14 -44.53
N TRP F 170 -10.58 36.95 -45.84
CA TRP F 170 -11.40 37.65 -46.80
C TRP F 170 -12.46 36.73 -47.38
N THR F 171 -13.57 37.32 -47.82
CA THR F 171 -14.63 36.56 -48.46
C THR F 171 -14.95 37.24 -49.81
N HIS F 172 -14.93 36.47 -50.89
CA HIS F 172 -15.24 37.01 -52.21
C HIS F 172 -16.34 36.18 -52.84
N ARG F 173 -17.10 36.82 -53.71
CA ARG F 173 -18.19 36.16 -54.41
C ARG F 173 -17.62 35.86 -55.83
N LYS F 174 -17.82 34.65 -56.32
CA LYS F 174 -17.32 34.30 -57.66
C LYS F 174 -18.47 34.46 -58.65
N LEU F 175 -18.28 35.33 -59.65
CA LEU F 175 -19.33 35.58 -60.60
C LEU F 175 -19.30 34.45 -61.59
N ALA F 176 -20.34 34.34 -62.40
CA ALA F 176 -20.42 33.25 -63.40
C ALA F 176 -19.24 33.28 -64.38
N SER F 177 -18.74 34.48 -64.66
CA SER F 177 -17.61 34.61 -65.56
C SER F 177 -16.33 33.99 -64.97
N GLY F 178 -16.32 33.78 -63.66
CA GLY F 178 -15.13 33.24 -63.02
C GLY F 178 -14.42 34.32 -62.22
N GLU F 179 -14.75 35.59 -62.52
CA GLU F 179 -14.16 36.71 -61.82
C GLU F 179 -14.80 36.84 -60.45
N VAL F 180 -14.11 37.53 -59.55
CA VAL F 180 -14.61 37.69 -58.21
C VAL F 180 -15.01 39.10 -57.91
N GLU F 181 -15.59 39.24 -56.73
CA GLU F 181 -16.09 40.51 -56.26
C GLU F 181 -16.03 40.44 -54.71
N LEU F 182 -15.50 41.47 -54.07
CA LEU F 182 -15.40 41.48 -52.63
C LEU F 182 -16.74 41.42 -51.88
N VAL F 183 -16.77 40.62 -50.82
CA VAL F 183 -17.94 40.55 -49.94
C VAL F 183 -17.51 41.20 -48.60
N GLY F 184 -16.37 40.80 -48.05
CA GLY F 184 -15.90 41.40 -46.79
C GLY F 184 -14.71 40.69 -46.21
N SER F 185 -14.33 41.04 -44.98
CA SER F 185 -13.19 40.43 -44.31
C SER F 185 -13.38 40.50 -42.80
N VAL F 186 -12.59 39.73 -42.06
CA VAL F 186 -12.65 39.69 -40.59
C VAL F 186 -11.20 39.59 -40.12
N ASP F 187 -10.87 40.23 -39.01
CA ASP F 187 -9.52 40.09 -38.50
C ASP F 187 -9.43 38.77 -37.79
N ALA F 188 -8.24 38.18 -37.79
CA ALA F 188 -8.02 36.92 -37.10
C ALA F 188 -8.31 37.18 -35.62
N PRO F 189 -8.68 36.14 -34.87
CA PRO F 189 -8.99 36.34 -33.44
C PRO F 189 -7.92 37.09 -32.64
N ASP F 190 -6.65 36.83 -32.94
CA ASP F 190 -5.57 37.47 -32.18
C ASP F 190 -4.56 38.13 -33.11
N PRO F 191 -4.00 39.27 -32.68
CA PRO F 191 -3.01 39.95 -33.52
C PRO F 191 -1.84 39.05 -33.93
N GLY F 192 -1.49 38.09 -33.08
CA GLY F 192 -0.37 37.20 -33.38
C GLY F 192 -0.73 35.92 -34.12
N ASP F 193 -1.96 35.78 -34.64
CA ASP F 193 -2.32 34.56 -35.37
C ASP F 193 -1.71 34.42 -36.76
N HIS F 194 -2.02 35.37 -37.65
CA HIS F 194 -1.54 35.38 -39.04
C HIS F 194 -2.08 34.20 -39.89
N PRO F 195 -3.29 34.35 -40.46
CA PRO F 195 -3.87 33.28 -41.29
C PRO F 195 -2.96 32.86 -42.47
N ARG F 196 -2.71 31.57 -42.62
CA ARG F 196 -1.89 31.13 -43.72
C ARG F 196 -2.64 30.13 -44.58
N TRP F 197 -3.61 29.43 -44.00
CA TRP F 197 -4.32 28.42 -44.77
C TRP F 197 -5.79 28.25 -44.35
N VAL F 198 -6.61 27.81 -45.29
CA VAL F 198 -8.01 27.57 -44.99
C VAL F 198 -8.56 26.31 -45.69
N ALA F 199 -9.34 25.52 -44.96
CA ALA F 199 -9.91 24.31 -45.54
C ALA F 199 -11.41 24.41 -45.37
N HIS F 201 -15.30 22.45 -45.09
CA HIS F 201 -16.03 21.22 -44.80
C HIS F 201 -17.02 21.00 -45.96
N PRO F 202 -17.18 19.75 -46.41
CA PRO F 202 -18.08 19.40 -47.52
C PRO F 202 -19.51 19.94 -47.48
N THR F 203 -20.03 20.14 -46.27
CA THR F 203 -21.38 20.66 -46.16
C THR F 203 -21.42 22.15 -46.48
N GLY F 204 -20.26 22.79 -46.31
CA GLY F 204 -20.16 24.22 -46.52
C GLY F 204 -20.51 24.98 -45.23
N ASN F 205 -20.75 24.26 -44.14
CA ASN F 205 -21.13 24.87 -42.86
C ASN F 205 -19.96 25.42 -42.12
N TYR F 206 -18.81 24.79 -42.30
CA TYR F 206 -17.66 25.23 -41.55
C TYR F 206 -16.43 25.41 -42.37
N LEU F 207 -15.55 26.22 -41.84
CA LEU F 207 -14.31 26.55 -42.48
C LEU F 207 -13.25 26.52 -41.39
N TYR F 208 -12.05 26.03 -41.71
CA TYR F 208 -10.98 25.97 -40.72
C TYR F 208 -9.83 26.84 -41.18
N ALA F 209 -9.38 27.73 -40.31
CA ALA F 209 -8.28 28.65 -40.64
C ALA F 209 -7.02 28.33 -39.83
N LEU F 210 -5.93 28.04 -40.53
CA LEU F 210 -4.68 27.71 -39.86
C LEU F 210 -3.87 28.99 -39.63
N GLU F 212 -0.49 30.80 -38.90
CA GLU F 212 0.92 30.49 -38.93
C GLU F 212 1.70 30.84 -37.65
N ALA F 213 1.67 32.10 -37.24
CA ALA F 213 2.40 32.49 -36.01
C ALA F 213 1.69 32.01 -34.73
N GLY F 214 0.36 31.87 -34.79
CA GLY F 214 -0.38 31.44 -33.63
C GLY F 214 -0.30 29.96 -33.41
N ASN F 215 0.17 29.26 -34.45
CA ASN F 215 0.35 27.81 -34.41
C ASN F 215 -0.89 27.10 -33.90
N ARG F 216 -2.01 27.29 -34.58
CA ARG F 216 -3.25 26.69 -34.16
C ARG F 216 -4.27 26.74 -35.24
N ILE F 217 -5.29 25.91 -35.12
CA ILE F 217 -6.39 25.86 -36.06
C ILE F 217 -7.59 26.56 -35.38
N CYS F 218 -8.20 27.54 -36.04
CA CYS F 218 -9.39 28.22 -35.51
C CYS F 218 -10.61 27.82 -36.34
N GLU F 219 -11.70 27.51 -35.65
CA GLU F 219 -12.95 27.05 -36.29
C GLU F 219 -13.91 28.18 -36.66
N TYR F 220 -14.48 28.14 -37.85
CA TYR F 220 -15.41 29.18 -38.25
C TYR F 220 -16.70 28.61 -38.77
N VAL F 221 -17.84 29.15 -38.35
CA VAL F 221 -19.09 28.67 -38.90
C VAL F 221 -19.39 29.68 -39.98
N ILE F 222 -19.87 29.24 -41.13
CA ILE F 222 -20.17 30.13 -42.23
C ILE F 222 -21.57 30.66 -42.11
N ASP F 223 -21.70 31.98 -41.98
CA ASP F 223 -23.01 32.60 -41.86
C ASP F 223 -23.77 32.49 -43.20
N PRO F 224 -24.89 31.73 -43.25
CA PRO F 224 -25.61 31.60 -44.52
C PRO F 224 -26.17 32.88 -45.08
N ALA F 225 -26.39 33.87 -44.21
CA ALA F 225 -26.93 35.15 -44.61
C ALA F 225 -25.90 35.95 -45.44
N THR F 226 -24.65 35.98 -45.01
CA THR F 226 -23.61 36.74 -45.72
C THR F 226 -22.53 35.89 -46.38
N HIS F 227 -22.42 34.63 -45.98
CA HIS F 227 -21.40 33.73 -46.51
C HIS F 227 -20.07 34.01 -45.90
N PRO F 229 -17.30 33.90 -42.70
CA PRO F 229 -16.97 33.08 -41.55
C PRO F 229 -17.04 33.81 -40.22
N VAL F 230 -17.65 33.16 -39.24
CA VAL F 230 -17.73 33.72 -37.91
C VAL F 230 -16.98 32.76 -36.98
N TYR F 231 -16.08 33.31 -36.15
CA TYR F 231 -15.29 32.52 -35.20
C TYR F 231 -16.17 31.94 -34.08
N THR F 232 -16.04 30.63 -33.83
CA THR F 232 -16.84 29.97 -32.81
C THR F 232 -16.14 29.98 -31.47
N HIS F 233 -14.87 30.42 -31.46
CA HIS F 233 -14.05 30.48 -30.26
C HIS F 233 -13.36 29.16 -29.96
N HIS F 234 -13.41 28.21 -30.89
CA HIS F 234 -12.74 26.94 -30.70
C HIS F 234 -11.46 26.97 -31.50
N SER F 235 -10.36 26.59 -30.84
CA SER F 235 -9.09 26.53 -31.53
C SER F 235 -8.35 25.31 -31.01
N PHE F 236 -7.38 24.84 -31.79
CA PHE F 236 -6.59 23.67 -31.40
C PHE F 236 -5.12 23.93 -31.69
N PRO F 237 -4.25 23.48 -30.78
CA PRO F 237 -2.82 23.65 -30.95
C PRO F 237 -2.22 22.78 -32.05
N LEU F 238 -1.26 23.37 -32.77
CA LEU F 238 -0.54 22.71 -33.84
C LEU F 238 0.90 22.45 -33.38
N ILE F 239 1.25 22.91 -32.18
CA ILE F 239 2.56 22.65 -31.57
C ILE F 239 2.24 22.35 -30.09
N PRO F 240 3.08 21.56 -29.41
CA PRO F 240 2.82 21.23 -28.02
C PRO F 240 2.62 22.40 -27.08
N PRO F 241 1.53 22.40 -26.29
CA PRO F 241 1.27 23.50 -25.35
C PRO F 241 2.46 23.72 -24.44
N GLY F 242 2.88 24.97 -24.30
CA GLY F 242 3.99 25.28 -23.44
C GLY F 242 5.38 25.10 -24.03
N ILE F 243 5.49 24.49 -25.21
CA ILE F 243 6.81 24.31 -25.80
C ILE F 243 7.53 25.66 -25.98
N PRO F 244 8.84 25.72 -25.69
CA PRO F 244 9.55 27.00 -25.85
C PRO F 244 9.42 27.41 -27.30
N ASP F 245 8.86 28.58 -27.59
CA ASP F 245 8.72 28.98 -28.97
C ASP F 245 9.23 30.36 -29.33
N ARG F 246 10.23 30.81 -28.57
CA ARG F 246 10.82 32.12 -28.81
C ARG F 246 12.33 32.02 -29.13
N ASP F 247 12.72 32.52 -30.29
CA ASP F 247 14.14 32.48 -30.62
C ASP F 247 14.72 33.68 -29.85
N PRO F 248 15.70 33.44 -28.98
CA PRO F 248 16.34 34.49 -28.17
C PRO F 248 17.11 35.60 -28.92
N GLU F 249 17.46 35.37 -30.17
CA GLU F 249 18.20 36.37 -30.92
C GLU F 249 17.25 36.95 -31.97
N THR F 250 15.96 36.96 -31.66
CA THR F 250 15.04 37.48 -32.65
C THR F 250 13.73 37.77 -31.98
N GLY F 251 13.50 37.08 -30.86
CA GLY F 251 12.26 37.26 -30.14
C GLY F 251 11.15 36.84 -31.09
N LYS F 252 11.52 36.39 -32.30
CA LYS F 252 10.52 35.95 -33.26
C LYS F 252 10.38 34.44 -32.95
N GLY F 253 9.17 33.91 -33.16
CA GLY F 253 8.87 32.52 -32.87
C GLY F 253 9.78 31.48 -33.48
N LEU F 254 9.68 30.27 -32.97
CA LEU F 254 10.49 29.18 -33.48
C LEU F 254 9.64 28.24 -34.32
N TYR F 255 8.31 28.41 -34.26
CA TYR F 255 7.41 27.57 -35.05
C TYR F 255 6.45 28.35 -35.93
N ARG F 256 6.18 27.78 -37.10
CA ARG F 256 5.29 28.37 -38.08
C ARG F 256 4.39 27.29 -38.64
N ALA F 257 3.09 27.34 -38.29
CA ALA F 257 2.12 26.36 -38.76
C ALA F 257 2.09 26.43 -40.27
N ASP F 258 1.82 25.28 -40.88
CA ASP F 258 1.87 25.18 -42.32
C ASP F 258 0.57 25.01 -43.07
N VAL F 259 0.10 23.78 -43.13
CA VAL F 259 -1.07 23.49 -43.92
C VAL F 259 -2.10 22.62 -43.21
N CYS F 260 -3.37 22.71 -43.64
CA CYS F 260 -4.42 21.84 -43.09
C CYS F 260 -5.25 21.33 -44.26
N ALA F 261 -5.65 20.06 -44.22
CA ALA F 261 -6.44 19.49 -45.29
C ALA F 261 -7.30 18.35 -44.82
N LEU F 262 -8.52 18.24 -45.39
CA LEU F 262 -9.46 17.19 -45.01
C LEU F 262 -9.18 15.94 -45.80
N THR F 263 -9.53 14.79 -45.23
CA THR F 263 -9.32 13.52 -45.92
C THR F 263 -10.50 13.30 -46.85
N PHE F 264 -10.38 12.29 -47.70
CA PHE F 264 -11.43 11.99 -48.65
C PHE F 264 -12.84 11.96 -48.05
N SER F 265 -13.00 11.28 -46.93
CA SER F 265 -14.34 11.13 -46.34
C SER F 265 -14.93 12.36 -45.74
N GLY F 266 -14.07 13.29 -45.41
CA GLY F 266 -14.51 14.52 -44.78
C GLY F 266 -14.63 14.35 -43.27
N LYS F 267 -14.34 13.15 -42.77
CA LYS F 267 -14.43 12.90 -41.35
C LYS F 267 -13.19 13.35 -40.59
N TYR F 268 -12.08 13.51 -41.30
CA TYR F 268 -10.86 13.90 -40.66
C TYR F 268 -10.15 15.03 -41.36
N PHE F 270 -5.96 16.70 -41.36
CA PHE F 270 -4.57 16.66 -40.88
C PHE F 270 -4.04 18.08 -41.02
N ALA F 271 -3.13 18.45 -40.14
CA ALA F 271 -2.55 19.77 -40.18
C ALA F 271 -1.10 19.65 -39.74
N SER F 272 -0.29 20.65 -40.06
CA SER F 272 1.10 20.56 -39.71
C SER F 272 1.69 21.90 -39.40
N SER F 273 2.89 21.89 -38.83
CA SER F 273 3.65 23.10 -38.56
C SER F 273 5.12 22.74 -38.62
N ARG F 274 5.94 23.72 -38.92
CA ARG F 274 7.36 23.45 -39.05
C ARG F 274 8.18 24.24 -38.03
N ALA F 275 9.40 23.80 -37.79
CA ALA F 275 10.30 24.49 -36.87
C ALA F 275 11.29 25.32 -37.69
N ASN F 276 11.72 26.43 -37.15
CA ASN F 276 12.62 27.30 -37.90
C ASN F 276 14.11 26.92 -37.79
N LYS F 277 14.39 25.88 -37.04
CA LYS F 277 15.75 25.43 -36.87
C LYS F 277 15.80 23.93 -37.13
N PHE F 278 16.81 23.49 -37.87
CA PHE F 278 16.95 22.09 -38.23
C PHE F 278 17.04 21.12 -37.06
N GLU F 279 17.48 21.59 -35.90
CA GLU F 279 17.59 20.67 -34.77
C GLU F 279 16.27 20.52 -34.02
N LEU F 280 15.23 21.22 -34.46
CA LEU F 280 13.95 21.08 -33.80
C LEU F 280 13.04 20.23 -34.68
N GLN F 281 12.09 19.56 -34.04
CA GLN F 281 11.11 18.79 -34.79
C GLN F 281 9.90 19.63 -35.12
N GLY F 282 9.30 19.35 -36.27
CA GLY F 282 8.08 20.01 -36.68
C GLY F 282 6.93 19.14 -36.14
N TYR F 283 5.69 19.42 -36.49
CA TYR F 283 4.61 18.61 -35.96
C TYR F 283 3.51 18.38 -36.96
N ILE F 284 2.80 17.29 -36.74
CA ILE F 284 1.68 16.93 -37.58
C ILE F 284 0.51 16.66 -36.62
N ALA F 285 -0.68 17.11 -36.96
CA ALA F 285 -1.84 16.88 -36.09
C ALA F 285 -2.99 16.29 -36.86
N GLY F 286 -3.91 15.67 -36.14
CA GLY F 286 -5.08 15.07 -36.75
C GLY F 286 -6.35 15.40 -35.98
N PHE F 287 -7.42 15.67 -36.71
CA PHE F 287 -8.68 16.02 -36.10
C PHE F 287 -9.83 15.23 -36.64
N LYS F 288 -10.84 15.03 -35.79
CA LYS F 288 -12.02 14.33 -36.21
C LYS F 288 -13.12 15.38 -36.37
N LEU F 289 -13.90 15.29 -37.45
CA LEU F 289 -14.96 16.27 -37.67
C LEU F 289 -16.38 15.71 -37.56
N ARG F 290 -17.24 16.45 -36.86
CA ARG F 290 -18.62 16.02 -36.75
C ARG F 290 -19.28 16.17 -38.12
N ASP F 291 -20.37 15.45 -38.36
CA ASP F 291 -21.03 15.51 -39.68
C ASP F 291 -21.52 16.90 -40.07
N CYS F 292 -21.88 17.73 -39.09
CA CYS F 292 -22.34 19.08 -39.36
C CYS F 292 -21.15 19.99 -39.68
N GLY F 293 -19.93 19.54 -39.39
CA GLY F 293 -18.78 20.35 -39.71
C GLY F 293 -17.90 20.80 -38.56
N SER F 294 -18.41 20.83 -37.33
CA SER F 294 -17.56 21.27 -36.22
C SER F 294 -16.48 20.25 -35.93
N ILE F 295 -15.40 20.70 -35.32
CA ILE F 295 -14.28 19.81 -35.00
C ILE F 295 -14.62 19.09 -33.71
N GLU F 296 -14.79 17.77 -33.79
CA GLU F 296 -15.13 17.01 -32.60
C GLU F 296 -14.00 16.97 -31.59
N LYS F 297 -12.81 16.58 -32.04
CA LYS F 297 -11.66 16.48 -31.11
C LYS F 297 -10.35 16.40 -31.85
N GLN F 298 -9.27 16.62 -31.12
CA GLN F 298 -7.95 16.51 -31.70
C GLN F 298 -7.52 15.10 -31.38
N LEU F 299 -7.30 14.30 -32.41
CA LEU F 299 -6.87 12.92 -32.27
C LEU F 299 -5.37 12.78 -31.93
N PHE F 300 -4.52 13.60 -32.53
CA PHE F 300 -3.11 13.52 -32.20
C PHE F 300 -2.33 14.76 -32.54
N LEU F 301 -1.15 14.85 -31.94
CA LEU F 301 -0.19 15.94 -32.15
C LEU F 301 1.15 15.22 -31.95
N SER F 302 1.88 14.99 -33.04
CA SER F 302 3.14 14.27 -32.99
C SER F 302 4.28 14.91 -33.74
N PRO F 303 5.51 14.64 -33.30
CA PRO F 303 6.72 15.20 -33.93
C PRO F 303 6.92 14.61 -35.32
N THR F 304 7.37 15.41 -36.26
CA THR F 304 7.66 14.90 -37.59
C THR F 304 9.16 14.53 -37.59
N PRO F 305 9.62 13.75 -38.58
CA PRO F 305 11.05 13.42 -38.55
C PRO F 305 12.01 14.63 -38.61
N THR F 306 11.65 15.68 -39.36
CA THR F 306 12.51 16.86 -39.47
C THR F 306 11.78 18.10 -39.04
N SER F 307 12.42 19.25 -39.16
CA SER F 307 11.77 20.49 -38.79
C SER F 307 10.73 20.81 -39.88
N GLY F 308 10.80 20.05 -40.98
CA GLY F 308 9.93 20.30 -42.11
C GLY F 308 10.51 21.35 -43.07
N GLY F 309 11.50 22.14 -42.61
CA GLY F 309 12.10 23.19 -43.42
C GLY F 309 11.04 24.20 -43.81
N HIS F 310 10.97 24.53 -45.10
CA HIS F 310 9.95 25.47 -45.58
C HIS F 310 8.63 24.75 -45.82
N SER F 311 8.60 23.42 -45.68
CA SER F 311 7.38 22.69 -45.98
C SER F 311 6.64 21.99 -44.83
N ASN F 312 6.74 20.66 -44.82
CA ASN F 312 6.07 19.78 -43.87
C ASN F 312 4.59 19.79 -44.25
N ALA F 313 4.33 20.05 -45.53
CA ALA F 313 2.96 20.11 -46.07
C ALA F 313 2.37 18.72 -46.14
N VAL F 314 1.18 18.56 -45.62
CA VAL F 314 0.55 17.26 -45.64
C VAL F 314 -0.40 17.19 -46.79
N SER F 315 -0.45 16.02 -47.43
CA SER F 315 -1.32 15.84 -48.57
C SER F 315 -2.09 14.52 -48.56
N PRO F 316 -3.33 14.53 -48.10
CA PRO F 316 -4.19 13.35 -48.03
C PRO F 316 -4.55 12.84 -49.41
N CYS F 317 -4.65 11.52 -49.60
CA CYS F 317 -5.05 10.97 -50.92
C CYS F 317 -6.45 11.49 -51.13
N PRO F 318 -6.71 12.11 -52.29
CA PRO F 318 -8.03 12.66 -52.60
C PRO F 318 -9.18 11.65 -52.72
N TRP F 319 -8.89 10.38 -52.98
CA TRP F 319 -9.96 9.35 -53.11
C TRP F 319 -10.00 8.31 -52.00
N SER F 320 -9.14 8.41 -50.99
CA SER F 320 -9.18 7.42 -49.93
C SER F 320 -8.55 7.97 -48.68
N ASP F 321 -9.21 7.75 -47.54
CA ASP F 321 -8.72 8.19 -46.25
C ASP F 321 -7.44 7.48 -45.85
N GLU F 322 -7.19 6.33 -46.47
CA GLU F 322 -6.04 5.52 -46.11
C GLU F 322 -4.62 6.09 -46.22
N TRP F 323 -4.37 6.97 -47.17
CA TRP F 323 -3.00 7.46 -47.31
C TRP F 323 -2.82 8.95 -47.18
N ALA F 325 0.55 11.96 -47.67
CA ALA F 325 1.94 12.19 -47.98
C ALA F 325 2.38 13.48 -47.29
N ILE F 326 3.67 13.60 -47.02
CA ILE F 326 4.20 14.81 -46.42
C ILE F 326 5.58 15.04 -47.03
N THR F 327 5.93 16.30 -47.22
CA THR F 327 7.21 16.65 -47.81
C THR F 327 7.97 17.59 -46.91
N ASP F 328 9.29 17.56 -47.01
CA ASP F 328 10.11 18.47 -46.22
C ASP F 328 11.28 18.83 -47.12
N ASP F 329 11.84 20.02 -46.91
CA ASP F 329 12.98 20.45 -47.67
C ASP F 329 14.19 20.67 -46.79
N GLN F 330 14.23 19.98 -45.66
CA GLN F 330 15.36 20.07 -44.75
C GLN F 330 16.30 18.94 -45.23
N GLU F 331 15.75 17.74 -45.35
CA GLU F 331 16.52 16.61 -45.82
C GLU F 331 16.08 16.17 -47.20
N GLY F 332 14.86 16.51 -47.58
CA GLY F 332 14.35 16.16 -48.89
C GLY F 332 13.55 14.88 -49.01
N TRP F 333 12.73 14.56 -48.02
CA TRP F 333 11.94 13.34 -48.08
C TRP F 333 10.50 13.52 -48.52
N LEU F 334 10.01 12.50 -49.20
CA LEU F 334 8.62 12.42 -49.56
C LEU F 334 8.28 11.16 -48.73
N GLU F 335 7.44 11.31 -47.72
CA GLU F 335 7.06 10.17 -46.92
C GLU F 335 5.59 9.88 -47.12
N ILE F 336 5.21 8.61 -46.99
CA ILE F 336 3.83 8.24 -47.12
C ILE F 336 3.37 7.51 -45.86
N TYR F 337 2.26 7.98 -45.29
CA TYR F 337 1.72 7.38 -44.09
C TYR F 337 0.38 6.75 -44.39
N ARG F 338 0.04 5.82 -43.51
CA ARG F 338 -1.22 5.11 -43.61
C ARG F 338 -2.04 5.57 -42.39
N TRP F 339 -3.33 5.80 -42.62
CA TRP F 339 -4.29 6.21 -41.59
C TRP F 339 -5.17 4.96 -41.33
N LYS F 340 -5.03 4.38 -40.15
CA LYS F 340 -5.75 3.16 -39.80
C LYS F 340 -6.23 3.20 -38.34
N ASP F 341 -7.52 2.98 -38.12
CA ASP F 341 -8.06 3.00 -36.75
C ASP F 341 -7.63 4.25 -36.03
N GLU F 342 -7.69 5.36 -36.75
CA GLU F 342 -7.32 6.66 -36.22
C GLU F 342 -5.93 6.82 -35.59
N PHE F 343 -4.95 6.17 -36.19
CA PHE F 343 -3.55 6.29 -35.77
C PHE F 343 -2.83 6.33 -37.12
N LEU F 344 -1.74 7.07 -37.16
CA LEU F 344 -0.93 7.23 -38.36
C LEU F 344 0.40 6.47 -38.26
N HIS F 345 0.76 5.76 -39.31
CA HIS F 345 2.04 5.06 -39.32
C HIS F 345 2.69 5.11 -40.70
N ARG F 346 3.98 5.44 -40.71
CA ARG F 346 4.73 5.58 -41.94
C ARG F 346 4.84 4.20 -42.59
N VAL F 347 4.70 4.14 -43.92
CA VAL F 347 4.79 2.87 -44.64
C VAL F 347 5.82 2.89 -45.78
N ALA F 348 6.21 4.08 -46.24
CA ALA F 348 7.22 4.19 -47.31
C ALA F 348 7.76 5.61 -47.45
N ARG F 349 8.95 5.72 -48.02
CA ARG F 349 9.54 7.04 -48.20
C ARG F 349 10.71 7.02 -49.13
N VAL F 350 11.05 8.17 -49.68
CA VAL F 350 12.17 8.28 -50.58
C VAL F 350 12.80 9.65 -50.41
N ARG F 351 14.10 9.68 -50.51
CA ARG F 351 14.83 10.91 -50.39
C ARG F 351 15.34 11.44 -51.73
N ILE F 352 15.13 12.72 -51.96
CA ILE F 352 15.60 13.31 -53.19
C ILE F 352 16.59 14.41 -52.88
N PRO F 353 17.88 14.09 -53.08
CA PRO F 353 19.14 14.84 -52.92
C PRO F 353 19.21 16.21 -53.62
N GLU F 354 18.09 16.78 -54.06
CA GLU F 354 18.20 18.01 -54.85
C GLU F 354 17.95 19.33 -54.14
N PRO F 355 18.45 20.42 -54.73
CA PRO F 355 18.27 21.75 -54.15
C PRO F 355 16.83 22.11 -53.91
N GLY F 356 16.50 22.45 -52.66
CA GLY F 356 15.15 22.87 -52.34
C GLY F 356 14.09 21.80 -52.46
N PHE F 357 14.48 20.56 -52.73
CA PHE F 357 13.45 19.54 -52.87
C PHE F 357 12.62 19.23 -51.64
N GLY F 358 11.32 19.16 -51.93
CA GLY F 358 10.32 18.88 -50.95
C GLY F 358 9.36 19.99 -50.63
N ASN F 360 5.70 20.44 -51.87
CA ASN F 360 4.34 19.92 -51.69
C ASN F 360 4.06 18.81 -52.68
N ALA F 361 3.29 17.81 -52.28
CA ALA F 361 3.01 16.69 -53.15
C ALA F 361 1.59 16.65 -53.58
N ILE F 362 1.34 16.31 -54.84
CA ILE F 362 -0.03 16.21 -55.33
C ILE F 362 -0.26 14.83 -55.96
N TRP F 363 -1.45 14.28 -55.71
CA TRP F 363 -1.77 12.96 -56.24
C TRP F 363 -2.45 12.87 -57.62
N TYR F 364 -1.79 12.11 -58.47
CA TYR F 364 -2.24 11.78 -59.82
C TYR F 364 -2.27 10.28 -59.54
N ASP F 365 -3.34 9.53 -59.81
CA ASP F 365 -3.20 8.07 -59.55
C ASP F 365 -3.13 7.56 -58.13
N PRO G 1 -31.17 28.71 6.18
CA PRO G 1 -31.71 30.07 5.95
C PRO G 1 -32.98 30.00 5.09
N LEU G 2 -33.79 31.06 5.18
CA LEU G 2 -35.04 31.11 4.43
C LEU G 2 -34.90 31.86 3.12
N HIS G 3 -35.61 31.39 2.10
CA HIS G 3 -35.60 32.04 0.78
C HIS G 3 -37.06 32.24 0.40
N HIS G 4 -37.31 33.10 -0.61
CA HIS G 4 -38.68 33.35 -1.00
C HIS G 4 -38.92 33.39 -2.48
N LEU G 5 -40.04 32.84 -2.95
CA LEU G 5 -40.32 32.89 -4.38
C LEU G 5 -41.71 33.42 -4.58
N ILE G 7 -44.99 33.67 -7.26
CA ILE G 7 -45.55 32.96 -8.41
C ILE G 7 -46.87 33.55 -8.84
N GLY G 8 -47.15 33.56 -10.14
CA GLY G 8 -48.40 34.09 -10.65
C GLY G 8 -49.34 33.02 -11.16
N THR G 9 -50.38 33.41 -11.88
CA THR G 9 -51.34 32.45 -12.40
C THR G 9 -51.77 32.72 -13.84
N TRP G 10 -52.29 31.66 -14.46
CA TRP G 10 -52.75 31.64 -15.84
C TRP G 10 -54.20 32.08 -15.93
N THR G 11 -54.85 32.10 -14.79
CA THR G 11 -56.26 32.40 -14.75
C THR G 11 -56.69 33.30 -13.60
N PRO G 12 -57.82 34.00 -13.75
CA PRO G 12 -58.31 34.88 -12.68
C PRO G 12 -58.76 33.93 -11.54
N PRO G 13 -58.85 34.42 -10.29
CA PRO G 13 -58.60 35.78 -9.81
C PRO G 13 -57.10 36.02 -9.71
N GLY G 14 -56.68 37.22 -10.07
CA GLY G 14 -55.27 37.55 -10.02
C GLY G 14 -54.76 37.54 -8.58
N ALA G 15 -53.55 37.03 -8.41
CA ALA G 15 -52.91 37.01 -7.11
C ALA G 15 -51.43 36.68 -7.23
N ILE G 16 -50.64 37.18 -6.31
CA ILE G 16 -49.22 36.88 -6.33
C ILE G 16 -49.00 36.03 -5.07
N PHE G 17 -48.45 34.84 -5.24
CA PHE G 17 -48.21 33.97 -4.10
C PHE G 17 -46.73 34.02 -3.65
N THR G 18 -46.51 34.13 -2.34
CA THR G 18 -45.14 34.12 -1.81
C THR G 18 -44.87 32.79 -1.10
N VAL G 19 -43.94 32.01 -1.64
CA VAL G 19 -43.57 30.74 -1.05
C VAL G 19 -42.23 30.84 -0.33
N GLN G 20 -42.15 30.22 0.83
CA GLN G 20 -40.94 30.24 1.62
C GLN G 20 -40.25 28.89 1.50
N PHE G 21 -38.96 28.90 1.20
CA PHE G 21 -38.17 27.66 1.07
C PHE G 21 -37.05 27.67 2.09
N ASP G 22 -37.04 26.68 2.99
CA ASP G 22 -36.03 26.54 4.06
C ASP G 22 -34.96 25.59 3.50
N ASP G 23 -33.76 26.09 3.19
CA ASP G 23 -32.73 25.24 2.63
C ASP G 23 -32.04 24.31 3.63
N GLU G 24 -32.44 24.38 4.89
CA GLU G 24 -31.84 23.52 5.92
C GLU G 24 -32.81 22.38 6.17
N LYS G 25 -34.09 22.70 6.38
CA LYS G 25 -35.08 21.66 6.65
C LYS G 25 -35.60 21.09 5.33
N LEU G 26 -35.32 21.82 4.24
CA LEU G 26 -35.74 21.43 2.88
C LEU G 26 -37.26 21.31 2.76
N THR G 27 -37.95 22.40 3.11
CA THR G 27 -39.40 22.43 3.05
C THR G 27 -39.92 23.65 2.33
N CYS G 28 -41.21 23.60 1.98
CA CYS G 28 -41.91 24.70 1.31
C CYS G 28 -43.22 25.01 1.99
N LYS G 29 -43.51 26.30 2.15
CA LYS G 29 -44.75 26.72 2.77
C LYS G 29 -45.21 27.98 2.03
N LEU G 30 -46.51 28.06 1.76
CA LEU G 30 -47.07 29.26 1.15
C LEU G 30 -47.21 30.19 2.35
N ILE G 31 -46.67 31.39 2.28
CA ILE G 31 -46.78 32.32 3.42
C ILE G 31 -47.55 33.57 3.08
N LYS G 32 -48.04 33.67 1.84
CA LYS G 32 -48.78 34.86 1.47
C LYS G 32 -49.45 34.86 0.12
N ARG G 33 -50.74 35.20 0.11
CA ARG G 33 -51.47 35.30 -1.12
C ARG G 33 -51.83 36.77 -1.19
N THR G 34 -51.13 37.52 -2.04
CA THR G 34 -51.39 38.95 -2.20
C THR G 34 -52.39 39.15 -3.32
N GLU G 35 -53.52 39.74 -2.98
CA GLU G 35 -54.56 39.99 -3.96
C GLU G 35 -54.15 41.12 -4.89
N ILE G 36 -54.52 41.01 -6.17
CA ILE G 36 -54.20 42.02 -7.17
C ILE G 36 -55.44 42.14 -8.08
N PRO G 37 -55.49 43.16 -8.94
CA PRO G 37 -56.68 43.29 -9.80
C PRO G 37 -57.25 41.93 -10.23
N GLN G 38 -58.49 41.65 -9.83
CA GLN G 38 -59.12 40.36 -10.13
C GLN G 38 -58.94 39.89 -11.55
N ASP G 39 -58.97 40.79 -12.51
CA ASP G 39 -58.88 40.33 -13.90
C ASP G 39 -57.51 40.55 -14.54
N GLU G 40 -56.50 40.75 -13.70
CA GLU G 40 -55.14 40.95 -14.17
C GLU G 40 -54.20 39.87 -13.62
N PRO G 41 -54.55 38.57 -13.77
CA PRO G 41 -53.66 37.53 -13.25
C PRO G 41 -52.32 37.61 -13.99
N ILE G 42 -51.22 37.29 -13.32
CA ILE G 42 -49.90 37.41 -13.95
C ILE G 42 -49.32 36.09 -14.39
N SER G 43 -49.28 35.89 -15.71
CA SER G 43 -48.75 34.66 -16.29
C SER G 43 -47.23 34.69 -16.44
N TRP G 44 -46.64 35.86 -16.29
CA TRP G 44 -45.19 36.01 -16.33
C TRP G 44 -44.78 37.24 -15.52
N THR G 46 -41.44 39.30 -13.31
CA THR G 46 -40.00 39.44 -13.21
C THR G 46 -39.71 40.57 -12.24
N PHE G 47 -38.54 40.52 -11.61
CA PHE G 47 -38.11 41.58 -10.68
C PHE G 47 -37.27 42.64 -11.44
N ASP G 48 -37.19 43.84 -10.88
CA ASP G 48 -36.39 44.89 -11.47
C ASP G 48 -34.98 44.64 -10.96
N HIS G 49 -34.04 45.52 -11.25
CA HIS G 49 -32.67 45.24 -10.86
C HIS G 49 -32.35 45.12 -9.37
N GLU G 50 -33.19 45.67 -8.50
CA GLU G 50 -32.96 45.57 -7.07
C GLU G 50 -34.03 44.77 -6.38
N ARG G 51 -34.86 44.09 -7.16
CA ARG G 51 -35.93 43.29 -6.57
C ARG G 51 -36.82 44.14 -5.67
N LYS G 52 -36.96 45.41 -6.02
CA LYS G 52 -37.80 46.33 -5.25
C LYS G 52 -39.17 46.46 -5.91
N ASN G 53 -39.27 45.96 -7.13
CA ASN G 53 -40.50 46.01 -7.90
C ASN G 53 -40.72 44.71 -8.63
N ILE G 54 -41.97 44.38 -8.89
CA ILE G 54 -42.30 43.20 -9.68
C ILE G 54 -43.14 43.70 -10.86
N TYR G 55 -42.76 43.31 -12.09
CA TYR G 55 -43.53 43.72 -13.28
C TYR G 55 -44.21 42.45 -13.81
N GLY G 56 -45.42 42.59 -14.32
CA GLY G 56 -46.10 41.39 -14.81
C GLY G 56 -46.85 41.44 -16.13
N ALA G 57 -46.86 40.31 -16.83
CA ALA G 57 -47.61 40.24 -18.09
C ALA G 57 -48.96 39.81 -17.53
N ALA G 58 -49.91 40.72 -17.51
CA ALA G 58 -51.18 40.40 -16.89
C ALA G 58 -52.42 40.49 -17.72
N LYS G 60 -54.66 41.68 -20.10
CA LYS G 60 -54.69 42.85 -20.96
C LYS G 60 -53.84 44.00 -20.43
N LYS G 61 -53.15 43.78 -19.33
CA LYS G 61 -52.36 44.86 -18.75
C LYS G 61 -50.88 44.52 -18.53
N TRP G 62 -50.08 45.55 -18.28
CA TRP G 62 -48.68 45.38 -17.95
C TRP G 62 -48.70 46.00 -16.56
N SER G 63 -48.65 45.19 -15.50
CA SER G 63 -48.73 45.73 -14.15
C SER G 63 -47.40 45.90 -13.43
N SER G 64 -47.42 46.77 -12.43
CA SER G 64 -46.23 47.10 -11.66
C SER G 64 -46.53 47.05 -10.14
N PHE G 65 -45.68 46.39 -9.37
CA PHE G 65 -45.89 46.30 -7.93
C PHE G 65 -44.61 46.59 -7.18
N ALA G 66 -44.73 47.34 -6.09
CA ALA G 66 -43.57 47.69 -5.26
C ALA G 66 -43.46 46.59 -4.20
N VAL G 67 -42.24 46.17 -3.89
CA VAL G 67 -42.05 45.09 -2.95
C VAL G 67 -41.20 45.50 -1.75
N LYS G 68 -41.81 45.59 -0.58
CA LYS G 68 -41.08 46.00 0.62
C LYS G 68 -40.46 44.79 1.29
N SER G 69 -41.15 43.66 1.22
CA SER G 69 -40.68 42.42 1.82
C SER G 69 -41.47 41.29 1.14
N PRO G 70 -41.14 40.02 1.43
CA PRO G 70 -41.84 38.88 0.82
C PRO G 70 -43.35 38.91 0.99
N THR G 71 -43.82 39.54 2.05
CA THR G 71 -45.25 39.56 2.33
C THR G 71 -45.92 40.92 2.09
N GLU G 72 -45.13 41.89 1.65
CA GLU G 72 -45.61 43.23 1.37
C GLU G 72 -45.39 43.61 -0.09
N ILE G 73 -46.42 43.35 -0.89
CA ILE G 73 -46.38 43.66 -2.30
C ILE G 73 -47.57 44.56 -2.57
N VAL G 74 -47.30 45.77 -3.09
CA VAL G 74 -48.34 46.75 -3.35
C VAL G 74 -48.50 47.18 -4.79
N HIS G 75 -49.73 47.04 -5.30
CA HIS G 75 -50.02 47.41 -6.67
C HIS G 75 -49.80 48.90 -6.87
N GLU G 76 -48.97 49.28 -7.84
CA GLU G 76 -48.73 50.71 -8.10
C GLU G 76 -49.21 51.17 -9.51
N ALA G 77 -49.42 50.23 -10.43
CA ALA G 77 -49.88 50.62 -11.76
C ALA G 77 -50.16 49.47 -12.71
N SER G 78 -50.99 49.75 -13.70
CA SER G 78 -51.35 48.79 -14.73
C SER G 78 -51.56 49.55 -16.06
N HIS G 79 -50.67 49.32 -17.01
CA HIS G 79 -50.74 49.97 -18.31
C HIS G 79 -51.37 49.07 -19.37
N PRO G 80 -52.00 49.67 -20.40
CA PRO G 80 -52.64 48.92 -21.47
C PRO G 80 -51.59 48.47 -22.49
N ILE G 81 -51.97 47.55 -23.37
CA ILE G 81 -51.06 47.06 -24.40
C ILE G 81 -50.89 48.10 -25.50
N GLY G 82 -49.66 48.38 -25.88
CA GLY G 82 -49.40 49.38 -26.90
C GLY G 82 -49.21 48.74 -28.25
N GLY G 83 -49.17 49.57 -29.29
CA GLY G 83 -48.97 49.06 -30.64
C GLY G 83 -50.22 49.12 -31.52
N HIS G 84 -50.73 47.95 -31.86
CA HIS G 84 -51.92 47.90 -32.69
C HIS G 84 -53.11 48.39 -31.88
N PRO G 85 -53.95 49.23 -32.51
CA PRO G 85 -55.14 49.79 -31.86
C PRO G 85 -56.02 48.74 -31.18
N ARG G 86 -56.34 47.65 -31.88
CA ARG G 86 -57.20 46.61 -31.31
C ARG G 86 -56.59 45.72 -30.22
N ALA G 87 -55.29 45.84 -29.95
CA ALA G 87 -54.68 45.00 -28.90
C ALA G 87 -55.48 45.10 -27.57
N ASN G 88 -56.00 46.28 -27.27
CA ASN G 88 -56.75 46.43 -26.02
C ASN G 88 -58.23 46.13 -26.05
N ASP G 89 -58.83 45.99 -27.23
CA ASP G 89 -60.25 45.71 -27.27
C ASP G 89 -60.53 44.48 -26.40
N ALA G 90 -61.59 44.51 -25.61
CA ALA G 90 -61.91 43.34 -24.80
C ALA G 90 -62.38 42.19 -25.70
N ASP G 91 -62.64 42.45 -26.98
CA ASP G 91 -63.10 41.35 -27.84
C ASP G 91 -62.01 40.64 -28.65
N THR G 92 -60.74 41.01 -28.44
CA THR G 92 -59.64 40.39 -29.18
C THR G 92 -58.82 39.53 -28.23
N ASN G 93 -58.21 38.49 -28.75
CA ASN G 93 -57.43 37.62 -27.90
C ASN G 93 -56.03 38.12 -27.55
N THR G 94 -55.64 39.31 -27.98
CA THR G 94 -54.29 39.80 -27.67
C THR G 94 -54.03 39.71 -26.15
N ARG G 95 -52.84 39.25 -25.77
CA ARG G 95 -52.54 39.10 -24.37
C ARG G 95 -51.10 39.46 -24.02
N ALA G 96 -50.90 40.14 -22.88
CA ALA G 96 -49.54 40.48 -22.43
C ALA G 96 -48.92 39.12 -22.09
N ILE G 97 -47.83 38.75 -22.77
CA ILE G 97 -47.23 37.44 -22.56
C ILE G 97 -45.82 37.34 -21.95
N PHE G 98 -44.96 38.31 -22.21
CA PHE G 98 -43.61 38.28 -21.69
C PHE G 98 -43.12 39.67 -21.34
N LEU G 99 -42.20 39.72 -20.38
CA LEU G 99 -41.71 40.97 -19.86
C LEU G 99 -40.23 40.86 -19.49
N LEU G 100 -39.45 41.90 -19.78
CA LEU G 100 -38.03 41.89 -19.45
C LEU G 100 -37.60 43.22 -18.84
N ALA G 101 -36.94 43.17 -17.68
CA ALA G 101 -36.51 44.41 -17.02
C ALA G 101 -35.00 44.62 -17.12
N ALA G 102 -34.59 45.67 -17.82
CA ALA G 102 -33.17 46.01 -18.00
C ALA G 102 -32.47 46.17 -16.64
N LYS G 103 -31.23 45.73 -16.52
CA LYS G 103 -30.55 45.84 -15.26
C LYS G 103 -29.56 47.01 -15.22
N GLN G 104 -29.43 47.71 -16.34
CA GLN G 104 -28.54 48.87 -16.40
C GLN G 104 -29.40 50.09 -16.73
N PRO G 105 -28.92 51.29 -16.35
CA PRO G 105 -29.67 52.51 -16.62
C PRO G 105 -30.06 52.53 -18.09
N PRO G 106 -31.28 53.03 -18.43
CA PRO G 106 -32.33 53.58 -17.57
C PRO G 106 -33.29 52.61 -16.96
N TYR G 107 -32.92 51.34 -16.88
CA TYR G 107 -33.80 50.36 -16.25
C TYR G 107 -35.19 50.28 -16.86
N ALA G 108 -35.28 50.49 -18.17
CA ALA G 108 -36.57 50.37 -18.83
C ALA G 108 -37.08 48.91 -18.85
N VAL G 109 -38.36 48.75 -19.17
CA VAL G 109 -38.99 47.44 -19.22
C VAL G 109 -39.50 47.21 -20.63
N TYR G 110 -39.14 46.07 -21.20
CA TYR G 110 -39.51 45.73 -22.56
C TYR G 110 -40.52 44.61 -22.49
N ALA G 111 -41.66 44.81 -23.14
CA ALA G 111 -42.75 43.85 -23.08
C ALA G 111 -43.31 43.40 -24.41
N ASN G 112 -43.82 42.17 -24.44
CA ASN G 112 -44.36 41.58 -25.65
C ASN G 112 -45.81 41.09 -25.60
N PRO G 113 -46.68 41.69 -26.43
CA PRO G 113 -48.07 41.21 -26.44
C PRO G 113 -47.98 39.94 -27.25
N PHE G 114 -49.03 39.13 -27.26
CA PHE G 114 -49.01 37.88 -28.01
C PHE G 114 -50.36 37.61 -28.65
N TYR G 115 -50.39 36.65 -29.59
CA TYR G 115 -51.58 36.29 -30.36
C TYR G 115 -51.85 37.35 -31.43
N LYS G 116 -53.13 37.68 -31.65
CA LYS G 116 -53.43 38.67 -32.69
C LYS G 116 -53.04 40.08 -32.31
N PHE G 117 -52.87 40.92 -33.34
CA PHE G 117 -52.51 42.32 -33.13
C PHE G 117 -51.34 42.46 -32.19
N ALA G 118 -50.28 41.65 -32.42
CA ALA G 118 -49.13 41.70 -31.55
C ALA G 118 -47.83 42.06 -32.26
N GLY G 119 -47.94 42.73 -33.42
CA GLY G 119 -46.79 43.12 -34.23
C GLY G 119 -45.89 44.23 -33.72
N TYR G 120 -45.92 44.49 -32.40
CA TYR G 120 -45.10 45.51 -31.78
C TYR G 120 -44.54 45.12 -30.43
N GLY G 121 -43.48 45.80 -30.02
CA GLY G 121 -42.95 45.58 -28.70
C GLY G 121 -43.42 46.80 -27.94
N ASN G 122 -43.46 46.75 -26.61
CA ASN G 122 -43.85 47.89 -25.79
C ASN G 122 -42.69 48.21 -24.87
N VAL G 123 -42.21 49.45 -24.91
CA VAL G 123 -41.11 49.86 -24.03
C VAL G 123 -41.65 50.82 -22.98
N PHE G 124 -41.35 50.57 -21.72
CA PHE G 124 -41.82 51.43 -20.66
C PHE G 124 -40.66 51.99 -19.88
N SER G 125 -40.71 53.27 -19.52
CA SER G 125 -39.65 53.85 -18.70
C SER G 125 -40.16 53.61 -17.27
N VAL G 126 -39.28 53.76 -16.28
CA VAL G 126 -39.68 53.57 -14.89
C VAL G 126 -39.42 54.84 -14.11
N SER G 127 -40.13 55.02 -13.01
CA SER G 127 -39.97 56.22 -12.18
C SER G 127 -38.71 56.07 -11.38
N GLU G 128 -38.37 57.12 -10.62
CA GLU G 128 -37.17 57.09 -9.79
C GLU G 128 -37.28 55.93 -8.79
N THR G 129 -38.49 55.44 -8.51
CA THR G 129 -38.68 54.32 -7.57
C THR G 129 -38.79 52.98 -8.27
N GLY G 130 -38.75 52.98 -9.60
CA GLY G 130 -38.84 51.73 -10.35
C GLY G 130 -40.25 51.34 -10.77
N LYS G 131 -41.21 52.21 -10.58
CA LYS G 131 -42.56 51.90 -10.98
C LYS G 131 -42.72 52.07 -12.51
N LEU G 132 -43.53 51.20 -13.14
CA LEU G 132 -43.77 51.31 -14.57
C LEU G 132 -44.36 52.68 -14.78
N GLU G 133 -43.61 53.56 -15.44
CA GLU G 133 -44.04 54.95 -15.65
C GLU G 133 -44.89 55.28 -16.87
N LYS G 134 -44.25 55.20 -18.04
CA LYS G 134 -44.94 55.56 -19.28
C LYS G 134 -44.48 54.71 -20.46
N ASN G 135 -45.41 54.45 -21.38
CA ASN G 135 -45.05 53.69 -22.59
C ASN G 135 -44.32 54.70 -23.45
N VAL G 136 -43.00 54.62 -23.51
CA VAL G 136 -42.23 55.55 -24.30
C VAL G 136 -42.09 55.17 -25.78
N GLN G 137 -42.38 53.90 -26.13
CA GLN G 137 -42.21 53.47 -27.51
C GLN G 137 -42.87 52.16 -27.82
N ASN G 138 -43.42 52.08 -29.02
CA ASN G 138 -44.03 50.88 -29.51
C ASN G 138 -43.30 50.59 -30.81
N TYR G 139 -42.22 49.84 -30.76
CA TYR G 139 -41.45 49.50 -31.96
C TYR G 139 -42.05 48.31 -32.71
N GLU G 140 -42.05 48.36 -34.05
CA GLU G 140 -42.62 47.26 -34.81
C GLU G 140 -41.71 46.16 -35.26
N TYR G 141 -42.31 44.98 -35.32
CA TYR G 141 -41.67 43.80 -35.82
C TYR G 141 -42.34 43.63 -37.19
N GLN G 142 -43.30 42.72 -37.28
CA GLN G 142 -44.08 42.51 -38.52
C GLN G 142 -45.46 42.08 -38.09
N GLU G 143 -46.44 42.28 -38.97
CA GLU G 143 -47.90 41.98 -38.67
C GLU G 143 -48.18 40.61 -38.09
N ASN G 144 -47.32 39.73 -38.53
CA ASN G 144 -47.22 38.32 -38.25
C ASN G 144 -46.62 37.93 -36.87
N THR G 145 -45.83 38.84 -36.30
CA THR G 145 -45.13 38.59 -35.08
C THR G 145 -45.86 38.09 -33.86
N GLY G 146 -45.09 37.38 -33.04
CA GLY G 146 -45.59 36.85 -31.80
C GLY G 146 -44.36 36.55 -30.94
N ILE G 147 -43.74 37.58 -30.37
CA ILE G 147 -42.56 37.38 -29.56
C ILE G 147 -43.02 36.75 -28.28
N HIS G 148 -42.30 35.75 -27.80
CA HIS G 148 -42.69 35.11 -26.56
C HIS G 148 -41.56 35.14 -25.53
N GLY G 149 -40.41 35.70 -25.92
CA GLY G 149 -39.28 35.81 -25.04
C GLY G 149 -38.16 36.65 -25.61
N VAL G 151 -33.99 38.64 -24.62
CA VAL G 151 -32.82 38.64 -23.77
C VAL G 151 -31.82 39.67 -24.30
N PHE G 152 -31.11 40.33 -23.38
CA PHE G 152 -30.09 41.33 -23.70
C PHE G 152 -28.71 40.66 -23.72
N ASP G 153 -27.76 41.27 -24.42
CA ASP G 153 -26.40 40.74 -24.45
C ASP G 153 -25.93 41.29 -23.11
N PRO G 154 -24.85 40.74 -22.53
CA PRO G 154 -24.37 41.22 -21.22
C PRO G 154 -24.28 42.75 -21.04
N THR G 155 -24.02 43.45 -22.14
CA THR G 155 -23.90 44.90 -22.14
C THR G 155 -25.23 45.68 -22.20
N GLU G 156 -26.29 45.00 -22.58
CA GLU G 156 -27.60 45.62 -22.73
C GLU G 156 -27.56 46.70 -23.84
N THR G 157 -26.92 46.33 -24.94
CA THR G 157 -26.79 47.18 -26.10
C THR G 157 -27.59 46.53 -27.24
N TYR G 158 -27.79 45.22 -27.14
CA TYR G 158 -28.54 44.50 -28.14
C TYR G 158 -29.60 43.65 -27.51
N LEU G 159 -30.79 43.71 -28.08
CA LEU G 159 -31.95 42.97 -27.59
C LEU G 159 -32.36 41.93 -28.62
N TYR G 160 -32.42 40.66 -28.20
CA TYR G 160 -32.79 39.57 -29.11
C TYR G 160 -34.18 39.05 -28.80
N SER G 161 -35.01 38.93 -29.83
CA SER G 161 -36.38 38.45 -29.61
C SER G 161 -36.75 37.14 -30.31
N ALA G 162 -37.40 36.25 -29.57
CA ALA G 162 -37.82 34.97 -30.14
C ALA G 162 -39.22 35.15 -30.72
N ASP G 163 -39.32 35.17 -32.05
CA ASP G 163 -40.60 35.36 -32.72
C ASP G 163 -41.16 33.97 -33.01
N LEU G 164 -42.09 33.53 -32.17
CA LEU G 164 -42.69 32.22 -32.33
C LEU G 164 -43.56 32.07 -33.57
N THR G 165 -44.54 32.94 -33.77
CA THR G 165 -45.40 32.82 -34.94
C THR G 165 -44.75 33.24 -36.26
N ALA G 166 -43.75 34.14 -36.24
CA ALA G 166 -43.13 34.54 -37.51
C ALA G 166 -41.91 33.64 -37.78
N ASN G 167 -41.65 32.74 -36.82
CA ASN G 167 -40.55 31.77 -36.89
C ASN G 167 -39.18 32.39 -37.13
N LYS G 168 -38.80 33.37 -36.32
CA LYS G 168 -37.52 33.98 -36.52
C LYS G 168 -36.95 34.58 -35.24
N LEU G 169 -35.71 35.06 -35.34
CA LEU G 169 -35.02 35.67 -34.23
C LEU G 169 -34.66 37.07 -34.68
N TRP G 170 -35.07 38.08 -33.91
CA TRP G 170 -34.80 39.46 -34.23
C TRP G 170 -33.65 40.02 -33.40
N THR G 171 -32.99 41.04 -33.94
CA THR G 171 -31.93 41.72 -33.23
C THR G 171 -32.26 43.23 -33.24
N HIS G 172 -32.19 43.85 -32.08
CA HIS G 172 -32.42 45.29 -31.96
C HIS G 172 -31.26 45.93 -31.20
N ARG G 173 -31.03 47.20 -31.47
CA ARG G 173 -29.95 47.95 -30.81
C ARG G 173 -30.68 48.81 -29.77
N LYS G 174 -30.17 48.86 -28.55
CA LYS G 174 -30.82 49.68 -27.51
C LYS G 174 -30.06 50.98 -27.45
N LEU G 175 -30.77 52.07 -27.73
CA LEU G 175 -30.17 53.38 -27.67
C LEU G 175 -29.99 53.76 -26.20
N ALA G 176 -29.16 54.77 -25.93
CA ALA G 176 -28.93 55.21 -24.55
C ALA G 176 -30.23 55.57 -23.84
N SER G 177 -31.20 56.10 -24.59
CA SER G 177 -32.47 56.49 -24.02
C SER G 177 -33.29 55.32 -23.48
N GLY G 178 -32.93 54.10 -23.89
CA GLY G 178 -33.68 52.91 -23.49
C GLY G 178 -34.52 52.43 -24.69
N GLU G 179 -34.70 53.29 -25.68
CA GLU G 179 -35.47 52.94 -26.88
C GLU G 179 -34.66 52.07 -27.81
N VAL G 180 -35.34 51.27 -28.61
CA VAL G 180 -34.68 50.38 -29.51
C VAL G 180 -34.82 50.80 -30.96
N GLU G 181 -34.08 50.08 -31.80
CA GLU G 181 -33.97 50.37 -33.22
C GLU G 181 -33.60 49.03 -33.84
N LEU G 182 -34.28 48.66 -34.91
CA LEU G 182 -34.06 47.38 -35.57
C LEU G 182 -32.69 47.23 -36.19
N VAL G 183 -32.11 46.03 -36.06
CA VAL G 183 -30.81 45.69 -36.67
C VAL G 183 -31.09 44.61 -37.75
N GLY G 184 -31.81 43.57 -37.40
CA GLY G 184 -32.10 42.56 -38.41
C GLY G 184 -32.82 41.33 -37.84
N SER G 185 -32.99 40.30 -38.66
CA SER G 185 -33.65 39.08 -38.21
C SER G 185 -33.11 37.88 -38.98
N VAL G 186 -33.36 36.68 -38.47
CA VAL G 186 -32.97 35.42 -39.12
C VAL G 186 -34.10 34.41 -38.94
N ASP G 187 -34.41 33.65 -39.97
CA ASP G 187 -35.48 32.69 -39.80
C ASP G 187 -34.91 31.57 -39.00
N ALA G 188 -35.77 30.91 -38.23
CA ALA G 188 -35.31 29.75 -37.46
C ALA G 188 -34.83 28.70 -38.46
N PRO G 189 -33.93 27.79 -38.03
CA PRO G 189 -33.40 26.76 -38.92
C PRO G 189 -34.43 25.96 -39.72
N ASP G 190 -35.52 25.63 -39.06
CA ASP G 190 -36.56 24.83 -39.70
C ASP G 190 -37.93 25.50 -39.63
N PRO G 191 -38.77 25.31 -40.66
CA PRO G 191 -40.08 25.94 -40.61
C PRO G 191 -40.92 25.53 -39.39
N GLY G 192 -40.68 24.34 -38.87
CA GLY G 192 -41.45 23.91 -37.73
C GLY G 192 -40.81 24.18 -36.37
N ASP G 193 -39.75 24.99 -36.30
CA ASP G 193 -39.12 25.26 -35.00
C ASP G 193 -39.94 26.12 -34.04
N HIS G 194 -40.22 27.35 -34.46
CA HIS G 194 -41.01 28.33 -33.72
C HIS G 194 -40.30 28.81 -32.45
N PRO G 195 -39.41 29.82 -32.58
CA PRO G 195 -38.69 30.34 -31.42
C PRO G 195 -39.60 30.86 -30.30
N ARG G 196 -39.40 30.36 -29.09
CA ARG G 196 -40.21 30.81 -28.00
C ARG G 196 -39.37 31.48 -26.91
N TRP G 197 -38.11 31.08 -26.79
CA TRP G 197 -37.27 31.61 -25.74
C TRP G 197 -35.79 31.74 -26.10
N VAL G 198 -35.12 32.69 -25.48
CA VAL G 198 -33.71 32.88 -25.72
C VAL G 198 -32.93 33.20 -24.46
N ALA G 199 -31.75 32.60 -24.35
CA ALA G 199 -30.92 32.83 -23.19
C ALA G 199 -29.56 33.31 -23.67
N HIS G 201 -25.25 33.84 -23.00
CA HIS G 201 -24.09 33.39 -22.28
C HIS G 201 -23.44 34.66 -21.72
N PRO G 202 -22.92 34.60 -20.50
CA PRO G 202 -22.27 35.75 -19.86
C PRO G 202 -21.17 36.44 -20.67
N THR G 203 -20.44 35.70 -21.51
CA THR G 203 -19.39 36.33 -22.31
C THR G 203 -19.99 37.15 -23.45
N GLY G 204 -21.21 36.83 -23.83
CA GLY G 204 -21.86 37.50 -24.93
C GLY G 204 -21.52 36.85 -26.26
N ASN G 205 -20.79 35.74 -26.21
CA ASN G 205 -20.39 35.02 -27.42
C ASN G 205 -21.46 34.14 -28.01
N TYR G 206 -22.30 33.60 -27.14
CA TYR G 206 -23.36 32.71 -27.58
C TYR G 206 -24.72 33.01 -27.05
N LEU G 207 -25.70 32.55 -27.81
CA LEU G 207 -27.07 32.74 -27.48
C LEU G 207 -27.75 31.40 -27.73
N TYR G 208 -28.75 31.07 -26.93
CA TYR G 208 -29.44 29.80 -27.10
C TYR G 208 -30.91 30.08 -27.37
N ALA G 209 -31.44 29.50 -28.45
CA ALA G 209 -32.82 29.69 -28.81
C ALA G 209 -33.63 28.41 -28.64
N LEU G 210 -34.64 28.46 -27.80
CA LEU G 210 -35.49 27.32 -27.57
C LEU G 210 -36.64 27.32 -28.58
N GLU G 212 -40.19 26.11 -29.67
CA GLU G 212 -41.40 25.48 -29.10
C GLU G 212 -41.92 24.23 -29.85
N ALA G 213 -42.20 24.39 -31.15
CA ALA G 213 -42.73 23.25 -31.90
C ALA G 213 -41.64 22.26 -32.27
N GLY G 214 -40.42 22.77 -32.43
CA GLY G 214 -39.32 21.90 -32.78
C GLY G 214 -38.81 21.11 -31.59
N ASN G 215 -39.24 21.53 -30.39
CA ASN G 215 -38.83 20.90 -29.14
C ASN G 215 -37.32 20.65 -29.08
N ARG G 216 -36.56 21.72 -29.15
CA ARG G 216 -35.12 21.58 -29.13
C ARG G 216 -34.47 22.93 -28.84
N ILE G 217 -33.19 22.89 -28.46
CA ILE G 217 -32.42 24.10 -28.21
C ILE G 217 -31.42 24.21 -29.37
N CYS G 218 -31.39 25.36 -30.04
CA CYS G 218 -30.47 25.56 -31.13
C CYS G 218 -29.44 26.56 -30.63
N GLU G 219 -28.17 26.33 -30.97
CA GLU G 219 -27.06 27.19 -30.57
C GLU G 219 -26.70 28.26 -31.59
N TYR G 220 -26.44 29.48 -31.13
CA TYR G 220 -26.07 30.55 -32.03
C TYR G 220 -24.82 31.24 -31.55
N VAL G 221 -23.89 31.53 -32.46
CA VAL G 221 -22.70 32.29 -32.08
C VAL G 221 -23.07 33.72 -32.49
N ILE G 222 -22.73 34.70 -31.67
CA ILE G 222 -23.05 36.08 -31.98
C ILE G 222 -21.93 36.71 -32.80
N ASP G 223 -22.26 37.12 -34.03
CA ASP G 223 -21.27 37.72 -34.89
C ASP G 223 -20.90 39.08 -34.31
N PRO G 224 -19.63 39.28 -33.91
CA PRO G 224 -19.27 40.58 -33.34
C PRO G 224 -19.35 41.73 -34.33
N ALA G 225 -19.25 41.43 -35.62
CA ALA G 225 -19.35 42.47 -36.66
C ALA G 225 -20.75 43.09 -36.70
N THR G 226 -21.80 42.27 -36.61
CA THR G 226 -23.19 42.75 -36.68
C THR G 226 -24.01 42.62 -35.40
N HIS G 227 -23.54 41.80 -34.49
CA HIS G 227 -24.25 41.54 -33.27
C HIS G 227 -25.43 40.63 -33.49
N PRO G 229 -27.12 36.82 -34.29
CA PRO G 229 -26.86 35.41 -34.04
C PRO G 229 -26.78 34.62 -35.33
N VAL G 230 -25.78 33.75 -35.40
CA VAL G 230 -25.58 32.86 -36.52
C VAL G 230 -25.65 31.44 -35.99
N TYR G 231 -26.49 30.62 -36.63
CA TYR G 231 -26.68 29.21 -36.23
C TYR G 231 -25.41 28.37 -36.51
N THR G 232 -24.97 27.63 -35.49
CA THR G 232 -23.79 26.78 -35.58
C THR G 232 -24.10 25.36 -36.03
N HIS G 233 -25.39 25.04 -36.16
CA HIS G 233 -25.85 23.73 -36.60
C HIS G 233 -25.89 22.72 -35.47
N HIS G 234 -25.74 23.18 -34.24
CA HIS G 234 -25.83 22.31 -33.07
C HIS G 234 -27.16 22.53 -32.38
N SER G 235 -27.90 21.45 -32.21
CA SER G 235 -29.18 21.52 -31.53
C SER G 235 -29.29 20.33 -30.57
N PHE G 236 -30.14 20.45 -29.57
CA PHE G 236 -30.32 19.39 -28.60
C PHE G 236 -31.78 19.19 -28.34
N PRO G 237 -32.19 17.93 -28.23
CA PRO G 237 -33.60 17.61 -27.99
C PRO G 237 -34.11 17.99 -26.60
N LEU G 238 -35.34 18.46 -26.55
CA LEU G 238 -35.97 18.80 -25.30
C LEU G 238 -37.06 17.77 -24.99
N ILE G 239 -37.27 16.82 -25.92
CA ILE G 239 -38.20 15.72 -25.69
C ILE G 239 -37.46 14.48 -26.18
N PRO G 240 -37.81 13.30 -25.67
CA PRO G 240 -37.11 12.09 -26.10
C PRO G 240 -37.16 11.85 -27.62
N PRO G 241 -36.00 11.60 -28.25
CA PRO G 241 -35.97 11.35 -29.68
C PRO G 241 -36.93 10.23 -30.03
N GLY G 242 -37.74 10.45 -31.07
CA GLY G 242 -38.70 9.48 -31.57
C GLY G 242 -40.01 9.34 -30.81
N ILE G 243 -40.16 10.05 -29.72
CA ILE G 243 -41.38 9.92 -28.94
C ILE G 243 -42.57 10.33 -29.81
N PRO G 244 -43.67 9.57 -29.75
CA PRO G 244 -44.84 9.91 -30.57
C PRO G 244 -45.21 11.36 -30.21
N ASP G 245 -45.31 12.25 -31.20
CA ASP G 245 -45.63 13.63 -30.91
C ASP G 245 -46.61 14.34 -31.80
N ARG G 246 -47.53 13.64 -32.44
CA ARG G 246 -48.48 14.31 -33.33
C ARG G 246 -49.94 13.99 -32.93
N ASP G 247 -50.66 14.97 -32.38
CA ASP G 247 -52.06 14.72 -32.00
C ASP G 247 -52.88 14.28 -33.24
N PRO G 248 -53.21 12.96 -33.36
CA PRO G 248 -53.95 12.47 -34.54
C PRO G 248 -55.31 13.12 -34.86
N GLU G 249 -55.89 13.82 -33.88
CA GLU G 249 -57.17 14.50 -34.08
C GLU G 249 -56.91 16.01 -34.12
N THR G 250 -55.84 16.41 -34.82
CA THR G 250 -55.38 17.82 -34.95
C THR G 250 -54.04 17.98 -35.74
N GLY G 251 -53.26 16.88 -35.86
CA GLY G 251 -51.99 16.91 -36.60
C GLY G 251 -50.97 17.78 -35.88
N LYS G 252 -51.48 18.78 -35.14
CA LYS G 252 -50.62 19.66 -34.35
C LYS G 252 -49.93 18.83 -33.22
N GLY G 253 -48.80 19.37 -32.76
CA GLY G 253 -47.97 18.73 -31.77
C GLY G 253 -48.48 18.37 -30.40
N LEU G 254 -47.91 17.30 -29.84
CA LEU G 254 -48.29 16.89 -28.47
C LEU G 254 -47.36 17.57 -27.47
N TYR G 255 -46.21 18.04 -27.92
CA TYR G 255 -45.26 18.68 -27.02
C TYR G 255 -44.92 20.10 -27.46
N ARG G 256 -44.70 20.96 -26.48
CA ARG G 256 -44.34 22.35 -26.72
C ARG G 256 -43.22 22.77 -25.78
N ALA G 257 -42.00 22.95 -26.30
CA ALA G 257 -40.88 23.36 -25.45
C ALA G 257 -41.24 24.68 -24.74
N ASP G 258 -40.68 24.87 -23.55
CA ASP G 258 -41.05 26.02 -22.78
C ASP G 258 -40.01 27.12 -22.57
N VAL G 259 -39.08 26.86 -21.65
CA VAL G 259 -38.11 27.85 -21.25
C VAL G 259 -36.69 27.31 -21.05
N CYS G 260 -35.69 28.17 -21.19
CA CYS G 260 -34.31 27.78 -20.98
C CYS G 260 -33.64 28.90 -20.17
N ALA G 261 -32.76 28.52 -19.25
CA ALA G 261 -32.12 29.51 -18.39
C ALA G 261 -30.80 29.04 -17.81
N LEU G 262 -29.80 29.92 -17.77
CA LEU G 262 -28.52 29.52 -17.24
C LEU G 262 -28.48 29.61 -15.75
N THR G 263 -27.63 28.80 -15.14
CA THR G 263 -27.46 28.81 -13.69
C THR G 263 -26.52 29.95 -13.32
N PHE G 264 -26.45 30.24 -12.04
CA PHE G 264 -25.63 31.31 -11.52
C PHE G 264 -24.21 31.36 -12.05
N SER G 265 -23.57 30.20 -12.12
CA SER G 265 -22.19 30.16 -12.55
C SER G 265 -21.98 30.31 -14.05
N GLY G 266 -23.04 30.13 -14.82
CA GLY G 266 -22.94 30.21 -16.26
C GLY G 266 -22.42 28.91 -16.83
N LYS G 267 -22.15 27.93 -15.98
CA LYS G 267 -21.64 26.66 -16.45
C LYS G 267 -22.70 25.70 -16.91
N TYR G 268 -23.94 25.95 -16.50
CA TYR G 268 -25.02 25.08 -16.88
C TYR G 268 -26.25 25.82 -17.34
N PHE G 270 -30.63 24.90 -17.78
CA PHE G 270 -31.76 23.99 -17.67
C PHE G 270 -32.78 24.45 -18.69
N ALA G 271 -33.59 23.53 -19.19
CA ALA G 271 -34.63 23.86 -20.15
C ALA G 271 -35.77 22.89 -19.94
N SER G 272 -36.94 23.24 -20.44
CA SER G 272 -38.06 22.34 -20.26
C SER G 272 -39.02 22.34 -21.44
N SER G 273 -39.97 21.43 -21.42
CA SER G 273 -41.00 21.37 -22.43
C SER G 273 -42.20 20.77 -21.74
N ARG G 274 -43.38 21.08 -22.26
CA ARG G 274 -44.58 20.53 -21.65
C ARG G 274 -45.36 19.67 -22.62
N ALA G 275 -46.22 18.80 -22.10
CA ALA G 275 -47.05 17.94 -22.92
C ALA G 275 -48.40 18.66 -23.00
N ASN G 276 -49.14 18.42 -24.08
CA ASN G 276 -50.43 19.07 -24.25
C ASN G 276 -51.58 18.29 -23.66
N LYS G 277 -51.31 17.11 -23.10
CA LYS G 277 -52.36 16.28 -22.47
C LYS G 277 -51.90 15.92 -21.08
N PHE G 278 -52.82 15.99 -20.13
CA PHE G 278 -52.49 15.71 -18.75
C PHE G 278 -51.94 14.31 -18.49
N GLU G 279 -52.31 13.34 -19.32
CA GLU G 279 -51.78 12.02 -19.06
C GLU G 279 -50.36 11.83 -19.59
N LEU G 280 -49.79 12.87 -20.20
CA LEU G 280 -48.44 12.79 -20.72
C LEU G 280 -47.47 13.52 -19.82
N GLN G 281 -46.23 13.06 -19.76
CA GLN G 281 -45.24 13.74 -18.94
C GLN G 281 -44.54 14.82 -19.75
N GLY G 282 -44.19 15.91 -19.09
CA GLY G 282 -43.41 16.94 -19.74
C GLY G 282 -41.94 16.57 -19.49
N TYR G 283 -41.01 17.43 -19.88
CA TYR G 283 -39.60 17.11 -19.66
C TYR G 283 -38.76 18.28 -19.20
N ILE G 284 -37.65 17.95 -18.58
CA ILE G 284 -36.72 18.93 -18.11
C ILE G 284 -35.33 18.46 -18.58
N ALA G 285 -34.49 19.38 -19.04
CA ALA G 285 -33.19 18.99 -19.54
C ALA G 285 -32.11 19.86 -18.96
N GLY G 286 -30.89 19.33 -18.94
CA GLY G 286 -29.74 20.04 -18.41
C GLY G 286 -28.57 20.02 -19.39
N PHE G 287 -27.84 21.12 -19.48
CA PHE G 287 -26.71 21.20 -20.37
C PHE G 287 -25.50 21.79 -19.67
N LYS G 288 -24.31 21.42 -20.13
CA LYS G 288 -23.10 21.97 -19.59
C LYS G 288 -22.53 22.89 -20.68
N LEU G 289 -22.07 24.07 -20.29
CA LEU G 289 -21.54 25.07 -21.24
C LEU G 289 -20.02 25.29 -21.09
N ARG G 290 -19.32 25.26 -22.22
CA ARG G 290 -17.87 25.49 -22.20
C ARG G 290 -17.70 26.96 -21.81
N ASP G 291 -16.50 27.33 -21.39
CA ASP G 291 -16.26 28.73 -20.98
C ASP G 291 -16.44 29.77 -22.09
N CYS G 292 -16.18 29.38 -23.34
CA CYS G 292 -16.35 30.31 -24.44
C CYS G 292 -17.83 30.46 -24.79
N GLY G 293 -18.67 29.58 -24.24
CA GLY G 293 -20.09 29.67 -24.51
C GLY G 293 -20.79 28.54 -25.24
N SER G 294 -20.08 27.75 -26.04
CA SER G 294 -20.73 26.66 -26.75
C SER G 294 -21.26 25.60 -25.79
N ILE G 295 -22.25 24.85 -26.22
CA ILE G 295 -22.83 23.81 -25.38
C ILE G 295 -21.96 22.57 -25.49
N GLU G 296 -21.34 22.20 -24.37
CA GLU G 296 -20.49 21.03 -24.36
C GLU G 296 -21.22 19.72 -24.55
N LYS G 297 -22.30 19.54 -23.81
CA LYS G 297 -23.05 18.29 -23.91
C LYS G 297 -24.37 18.40 -23.20
N GLN G 298 -25.26 17.47 -23.47
CA GLN G 298 -26.53 17.45 -22.77
C GLN G 298 -26.32 16.49 -21.60
N LEU G 299 -26.52 16.96 -20.38
CA LEU G 299 -26.32 16.12 -19.21
C LEU G 299 -27.50 15.23 -18.92
N PHE G 300 -28.72 15.70 -19.17
CA PHE G 300 -29.90 14.87 -18.91
C PHE G 300 -31.17 15.35 -19.62
N LEU G 301 -32.13 14.45 -19.71
CA LEU G 301 -33.42 14.72 -20.30
C LEU G 301 -34.28 13.76 -19.52
N SER G 302 -35.10 14.30 -18.63
CA SER G 302 -35.96 13.49 -17.75
C SER G 302 -37.42 13.94 -17.67
N PRO G 303 -38.31 13.00 -17.41
CA PRO G 303 -39.75 13.29 -17.30
C PRO G 303 -40.02 14.16 -16.06
N THR G 304 -40.97 15.08 -16.15
CA THR G 304 -41.36 15.93 -15.02
C THR G 304 -42.56 15.21 -14.38
N PRO G 305 -42.95 15.61 -13.17
CA PRO G 305 -44.10 14.88 -12.60
C PRO G 305 -45.41 15.00 -13.40
N THR G 306 -45.66 16.16 -13.99
CA THR G 306 -46.89 16.37 -14.74
C THR G 306 -46.57 16.77 -16.18
N SER G 307 -47.61 17.08 -16.93
CA SER G 307 -47.41 17.51 -18.31
C SER G 307 -46.86 18.93 -18.28
N GLY G 308 -46.91 19.56 -17.11
CA GLY G 308 -46.45 20.92 -16.94
C GLY G 308 -47.56 21.93 -17.22
N GLY G 309 -48.62 21.47 -17.89
CA GLY G 309 -49.72 22.36 -18.22
C GLY G 309 -49.24 23.43 -19.18
N HIS G 310 -49.54 24.67 -18.83
CA HIS G 310 -49.14 25.82 -19.63
C HIS G 310 -47.75 26.28 -19.19
N SER G 311 -47.19 25.61 -18.18
CA SER G 311 -45.91 26.06 -17.67
C SER G 311 -44.73 25.08 -17.79
N ASN G 312 -44.30 24.55 -16.64
CA ASN G 312 -43.14 23.67 -16.51
C ASN G 312 -41.92 24.53 -16.63
N ALA G 313 -42.09 25.83 -16.34
CA ALA G 313 -41.03 26.83 -16.43
C ALA G 313 -39.99 26.62 -15.34
N VAL G 314 -38.75 26.52 -15.74
CA VAL G 314 -37.71 26.29 -14.76
C VAL G 314 -37.10 27.59 -14.34
N SER G 315 -36.73 27.69 -13.06
CA SER G 315 -36.16 28.91 -12.56
C SER G 315 -34.97 28.70 -11.65
N PRO G 316 -33.75 28.78 -12.20
CA PRO G 316 -32.50 28.61 -11.42
C PRO G 316 -32.35 29.69 -10.36
N CYS G 317 -31.75 29.37 -9.21
CA CYS G 317 -31.53 30.41 -8.17
C CYS G 317 -30.52 31.35 -8.81
N PRO G 318 -30.80 32.65 -8.83
CA PRO G 318 -29.88 33.61 -9.43
C PRO G 318 -28.49 33.75 -8.77
N TRP G 319 -28.34 33.30 -7.51
CA TRP G 319 -27.06 33.45 -6.78
C TRP G 319 -26.33 32.15 -6.47
N SER G 320 -26.92 31.02 -6.83
CA SER G 320 -26.27 29.77 -6.55
C SER G 320 -26.76 28.66 -7.48
N ASP G 321 -25.82 27.88 -8.01
CA ASP G 321 -26.14 26.79 -8.91
C ASP G 321 -26.92 25.70 -8.23
N GLU G 322 -26.85 25.69 -6.91
CA GLU G 322 -27.48 24.65 -6.12
C GLU G 322 -28.97 24.40 -6.24
N TRP G 323 -29.76 25.46 -6.46
CA TRP G 323 -31.22 25.27 -6.53
C TRP G 323 -31.89 25.63 -7.84
N ALA G 325 -36.14 25.94 -9.33
CA ALA G 325 -37.55 25.81 -9.07
C ALA G 325 -38.30 25.55 -10.39
N ILE G 326 -39.46 24.91 -10.30
CA ILE G 326 -40.24 24.65 -11.48
C ILE G 326 -41.68 24.72 -11.08
N THR G 327 -42.52 25.24 -11.97
CA THR G 327 -43.94 25.37 -11.67
C THR G 327 -44.76 24.67 -12.73
N ASP G 328 -45.98 24.29 -12.37
CA ASP G 328 -46.87 23.65 -13.32
C ASP G 328 -48.26 24.09 -12.94
N ASP G 329 -49.17 24.17 -13.91
CA ASP G 329 -50.52 24.56 -13.60
C ASP G 329 -51.47 23.44 -13.96
N GLN G 330 -50.96 22.20 -14.00
CA GLN G 330 -51.81 21.04 -14.25
C GLN G 330 -52.39 20.66 -12.91
N GLU G 331 -51.53 20.56 -11.90
CA GLU G 331 -51.94 20.19 -10.55
C GLU G 331 -51.71 21.35 -9.60
N GLY G 332 -50.77 22.24 -9.97
CA GLY G 332 -50.47 23.42 -9.16
C GLY G 332 -49.30 23.30 -8.18
N TRP G 333 -48.17 22.76 -8.62
CA TRP G 333 -47.02 22.61 -7.73
C TRP G 333 -45.90 23.61 -7.96
N LEU G 334 -45.21 23.92 -6.88
CA LEU G 334 -44.01 24.73 -6.93
C LEU G 334 -43.05 23.69 -6.36
N GLU G 335 -42.12 23.23 -7.17
CA GLU G 335 -41.18 22.25 -6.71
C GLU G 335 -39.77 22.87 -6.68
N ILE G 336 -38.92 22.38 -5.80
CA ILE G 336 -37.57 22.86 -5.74
C ILE G 336 -36.60 21.69 -5.80
N TYR G 337 -35.69 21.77 -6.74
CA TYR G 337 -34.69 20.74 -6.93
C TYR G 337 -33.31 21.22 -6.58
N ARG G 338 -32.46 20.27 -6.24
CA ARG G 338 -31.09 20.56 -5.89
C ARG G 338 -30.24 20.03 -7.02
N TRP G 339 -29.22 20.80 -7.40
CA TRP G 339 -28.30 20.41 -8.49
C TRP G 339 -27.00 20.04 -7.77
N LYS G 340 -26.63 18.78 -7.83
CA LYS G 340 -25.45 18.32 -7.11
C LYS G 340 -24.71 17.27 -7.93
N ASP G 341 -23.41 17.46 -8.10
CA ASP G 341 -22.57 16.54 -8.88
C ASP G 341 -23.21 16.24 -10.22
N GLU G 342 -23.79 17.28 -10.82
CA GLU G 342 -24.45 17.18 -12.10
C GLU G 342 -25.59 16.20 -12.24
N PHE G 343 -26.36 16.05 -11.15
CA PHE G 343 -27.57 15.24 -11.13
C PHE G 343 -28.56 16.09 -10.40
N LEU G 344 -29.81 15.98 -10.79
CA LEU G 344 -30.86 16.79 -10.16
C LEU G 344 -31.75 15.93 -9.26
N HIS G 345 -32.09 16.43 -8.08
CA HIS G 345 -33.00 15.68 -7.20
C HIS G 345 -33.95 16.65 -6.49
N ARG G 346 -35.23 16.29 -6.44
CA ARG G 346 -36.25 17.10 -5.80
C ARG G 346 -36.03 17.09 -4.28
N VAL G 347 -36.19 18.24 -3.61
CA VAL G 347 -35.97 18.31 -2.15
C VAL G 347 -37.18 18.87 -1.41
N ALA G 348 -38.04 19.60 -2.14
CA ALA G 348 -39.20 20.18 -1.52
C ALA G 348 -40.26 20.59 -2.51
N ARG G 349 -41.48 20.70 -2.01
CA ARG G 349 -42.57 21.14 -2.86
C ARG G 349 -43.85 21.45 -2.15
N VAL G 350 -44.66 22.30 -2.73
CA VAL G 350 -45.91 22.66 -2.12
C VAL G 350 -46.94 22.80 -3.19
N ARG G 351 -48.16 22.37 -2.88
CA ARG G 351 -49.23 22.48 -3.83
C ARG G 351 -50.13 23.66 -3.53
N ILE G 352 -50.52 24.36 -4.58
CA ILE G 352 -51.44 25.46 -4.40
C ILE G 352 -52.71 25.20 -5.23
N PRO G 353 -53.80 24.80 -4.57
CA PRO G 353 -55.19 24.48 -4.99
C PRO G 353 -55.92 25.60 -5.79
N GLU G 354 -55.20 26.59 -6.32
CA GLU G 354 -55.92 27.70 -6.94
C GLU G 354 -56.05 27.70 -8.45
N PRO G 355 -57.04 28.44 -8.95
CA PRO G 355 -57.24 28.50 -10.40
C PRO G 355 -56.00 28.99 -11.14
N GLY G 356 -55.56 28.18 -12.11
CA GLY G 356 -54.45 28.58 -12.95
C GLY G 356 -53.14 28.76 -12.24
N PHE G 357 -53.08 28.33 -10.97
CA PHE G 357 -51.83 28.44 -10.26
C PHE G 357 -50.68 27.62 -10.81
N GLY G 358 -49.56 28.33 -10.91
CA GLY G 358 -48.30 27.78 -11.34
C GLY G 358 -47.78 28.24 -12.67
N ASN G 360 -44.95 30.90 -13.32
CA ASN G 360 -43.49 31.00 -13.30
C ASN G 360 -43.09 31.52 -11.96
N ALA G 361 -41.93 31.10 -11.48
CA ALA G 361 -41.44 31.52 -10.17
C ALA G 361 -40.20 32.40 -10.24
N ILE G 362 -40.18 33.46 -9.42
CA ILE G 362 -39.03 34.33 -9.36
C ILE G 362 -38.47 34.41 -7.95
N TRP G 363 -37.15 34.42 -7.86
CA TRP G 363 -36.49 34.48 -6.57
C TRP G 363 -36.19 35.87 -6.03
N TYR G 364 -36.61 36.06 -4.78
CA TYR G 364 -36.38 37.25 -3.99
C TYR G 364 -35.71 36.49 -2.88
N ASP G 365 -34.56 36.85 -2.33
CA ASP G 365 -34.09 36.01 -1.19
C ASP G 365 -33.65 34.59 -1.45
N PRO H 1 -48.53 -4.89 -34.24
CA PRO H 1 -48.75 -6.27 -33.75
C PRO H 1 -49.05 -6.27 -32.24
N LEU H 2 -49.70 -7.34 -31.77
CA LEU H 2 -50.01 -7.42 -30.36
C LEU H 2 -48.97 -8.22 -29.57
N HIS H 3 -48.72 -7.78 -28.33
CA HIS H 3 -47.77 -8.44 -27.43
C HIS H 3 -48.47 -8.64 -26.11
N HIS H 4 -47.98 -9.56 -25.30
CA HIS H 4 -48.62 -9.79 -24.00
C HIS H 4 -47.67 -9.89 -22.83
N LEU H 5 -48.09 -9.35 -21.68
CA LEU H 5 -47.25 -9.45 -20.50
C LEU H 5 -48.05 -10.03 -19.32
N ILE H 7 -48.35 -10.39 -15.12
CA ILE H 7 -47.89 -9.71 -13.91
C ILE H 7 -48.52 -10.36 -12.69
N GLY H 8 -47.80 -10.33 -11.57
CA GLY H 8 -48.28 -10.92 -10.34
C GLY H 8 -48.55 -9.86 -9.29
N THR H 9 -48.69 -10.27 -8.04
CA THR H 9 -48.98 -9.33 -6.96
C THR H 9 -48.22 -9.66 -5.68
N TRP H 10 -48.13 -8.66 -4.82
CA TRP H 10 -47.42 -8.73 -3.55
C TRP H 10 -48.35 -9.21 -2.43
N THR H 11 -49.62 -9.23 -2.76
CA THR H 11 -50.66 -9.52 -1.80
C THR H 11 -51.79 -10.40 -2.30
N PRO H 12 -52.49 -11.05 -1.37
CA PRO H 12 -53.61 -11.91 -1.77
C PRO H 12 -54.75 -10.95 -2.19
N PRO H 13 -55.73 -11.41 -2.98
CA PRO H 13 -55.91 -12.73 -3.54
C PRO H 13 -54.94 -12.94 -4.68
N GLY H 14 -54.39 -14.14 -4.80
CA GLY H 14 -53.46 -14.39 -5.88
C GLY H 14 -54.15 -14.39 -7.23
N ALA H 15 -53.45 -13.90 -8.24
CA ALA H 15 -53.99 -13.85 -9.59
C ALA H 15 -52.87 -13.49 -10.53
N ILE H 16 -52.96 -13.95 -11.77
CA ILE H 16 -51.97 -13.62 -12.81
C ILE H 16 -52.73 -12.74 -13.83
N PHE H 17 -52.25 -11.53 -14.07
CA PHE H 17 -52.90 -10.64 -15.01
C PHE H 17 -52.19 -10.66 -16.35
N THR H 18 -52.97 -10.67 -17.44
CA THR H 18 -52.42 -10.67 -18.78
C THR H 18 -52.75 -9.33 -19.41
N VAL H 19 -51.73 -8.55 -19.70
CA VAL H 19 -51.90 -7.26 -20.34
C VAL H 19 -51.46 -7.33 -21.79
N GLN H 20 -52.22 -6.67 -22.64
CA GLN H 20 -51.93 -6.67 -24.06
C GLN H 20 -51.37 -5.33 -24.44
N PHE H 21 -50.29 -5.33 -25.22
CA PHE H 21 -49.65 -4.08 -25.69
C PHE H 21 -49.65 -4.06 -27.21
N ASP H 22 -50.23 -3.01 -27.78
CA ASP H 22 -50.31 -2.85 -29.23
C ASP H 22 -49.15 -1.94 -29.61
N ASP H 23 -48.15 -2.46 -30.30
CA ASP H 23 -47.01 -1.64 -30.65
C ASP H 23 -47.24 -0.68 -31.83
N GLU H 24 -48.46 -0.67 -32.36
CA GLU H 24 -48.79 0.23 -33.48
C GLU H 24 -49.65 1.38 -32.98
N LYS H 25 -50.62 1.08 -32.13
CA LYS H 25 -51.47 2.11 -31.58
C LYS H 25 -50.85 2.64 -30.31
N LEU H 26 -49.91 1.87 -29.76
CA LEU H 26 -49.21 2.22 -28.51
C LEU H 26 -50.19 2.34 -27.36
N THR H 27 -50.89 1.24 -27.08
CA THR H 27 -51.86 1.18 -26.00
C THR H 27 -51.74 -0.08 -25.14
N CYS H 28 -52.37 -0.04 -23.98
CA CYS H 28 -52.36 -1.13 -23.03
C CYS H 28 -53.77 -1.46 -22.55
N LYS H 29 -54.08 -2.75 -22.50
CA LYS H 29 -55.39 -3.18 -22.02
C LYS H 29 -55.23 -4.48 -21.21
N LEU H 30 -55.91 -4.54 -20.06
CA LEU H 30 -55.87 -5.75 -19.25
C LEU H 30 -56.82 -6.64 -20.01
N ILE H 31 -56.43 -7.85 -20.39
CA ILE H 31 -57.35 -8.70 -21.13
C ILE H 31 -57.65 -9.98 -20.36
N LYS H 32 -57.10 -10.12 -19.16
CA LYS H 32 -57.34 -11.33 -18.41
C LYS H 32 -56.80 -11.35 -16.98
N ARG H 33 -57.67 -11.77 -16.07
CA ARG H 33 -57.31 -11.91 -14.66
C ARG H 33 -57.52 -13.40 -14.36
N THR H 34 -56.43 -14.15 -14.40
CA THR H 34 -56.51 -15.58 -14.12
C THR H 34 -56.37 -15.86 -12.63
N GLU H 35 -57.43 -16.39 -12.04
CA GLU H 35 -57.44 -16.72 -10.63
C GLU H 35 -56.49 -17.89 -10.31
N ILE H 36 -55.80 -17.81 -9.17
CA ILE H 36 -54.88 -18.85 -8.73
C ILE H 36 -55.08 -18.99 -7.22
N PRO H 37 -54.55 -20.07 -6.61
CA PRO H 37 -54.73 -20.25 -5.16
C PRO H 37 -54.79 -18.90 -4.41
N GLN H 38 -55.94 -18.59 -3.83
CA GLN H 38 -56.13 -17.33 -3.12
C GLN H 38 -54.99 -16.87 -2.25
N ASP H 39 -54.31 -17.78 -1.56
CA ASP H 39 -53.22 -17.38 -0.66
C ASP H 39 -51.81 -17.64 -1.23
N GLU H 40 -51.71 -17.75 -2.55
CA GLU H 40 -50.42 -17.98 -3.22
C GLU H 40 -50.14 -16.89 -4.28
N PRO H 41 -50.28 -15.61 -3.88
CA PRO H 41 -50.03 -14.53 -4.84
C PRO H 41 -48.56 -14.59 -5.31
N ILE H 42 -48.32 -14.33 -6.59
CA ILE H 42 -46.97 -14.40 -7.11
C ILE H 42 -46.17 -13.09 -7.18
N SER H 43 -45.22 -12.95 -6.26
CA SER H 43 -44.42 -11.73 -6.21
C SER H 43 -43.27 -11.72 -7.19
N TRP H 44 -43.03 -12.84 -7.84
CA TRP H 44 -41.99 -12.96 -8.86
C TRP H 44 -42.24 -14.16 -9.75
N THR H 46 -41.61 -16.12 -13.73
CA THR H 46 -40.70 -16.25 -14.84
C THR H 46 -41.22 -17.34 -15.75
N PHE H 47 -40.86 -17.28 -17.03
CA PHE H 47 -41.26 -18.29 -18.03
C PHE H 47 -40.20 -19.38 -18.15
N ASP H 48 -40.60 -20.55 -18.63
CA ASP H 48 -39.64 -21.62 -18.82
C ASP H 48 -38.98 -21.35 -20.20
N HIS H 49 -38.17 -22.26 -20.71
CA HIS H 49 -37.48 -21.93 -21.95
C HIS H 49 -38.32 -21.73 -23.23
N GLU H 50 -39.57 -22.19 -23.23
CA GLU H 50 -40.40 -22.04 -24.44
C GLU H 50 -41.62 -21.26 -24.06
N ARG H 51 -41.59 -20.65 -22.91
CA ARG H 51 -42.75 -19.89 -22.51
C ARG H 51 -44.03 -20.73 -22.54
N LYS H 52 -43.90 -22.01 -22.19
CA LYS H 52 -45.09 -22.86 -22.14
C LYS H 52 -45.56 -23.01 -20.70
N ASN H 53 -44.71 -22.60 -19.77
CA ASN H 53 -44.99 -22.69 -18.33
C ASN H 53 -44.62 -21.39 -17.61
N ILE H 54 -45.30 -21.11 -16.51
CA ILE H 54 -44.94 -19.96 -15.70
C ILE H 54 -44.67 -20.50 -14.31
N TYR H 55 -43.51 -20.16 -13.74
CA TYR H 55 -43.14 -20.59 -12.37
C TYR H 55 -43.19 -19.37 -11.48
N GLY H 56 -43.66 -19.51 -10.25
CA GLY H 56 -43.74 -18.35 -9.38
C GLY H 56 -43.34 -18.47 -7.92
N ALA H 57 -42.80 -17.39 -7.38
CA ALA H 57 -42.43 -17.33 -5.97
C ALA H 57 -43.76 -16.88 -5.38
N ALA H 58 -44.48 -17.81 -4.78
CA ALA H 58 -45.78 -17.45 -4.25
C ALA H 58 -45.99 -17.62 -2.77
N LYS H 60 -45.84 -18.92 0.48
CA LYS H 60 -45.25 -20.13 1.06
C LYS H 60 -45.09 -21.26 0.06
N LYS H 61 -45.36 -20.99 -1.23
CA LYS H 61 -45.26 -22.03 -2.26
C LYS H 61 -44.46 -21.64 -3.48
N TRP H 62 -44.03 -22.65 -4.23
CA TRP H 62 -43.33 -22.45 -5.46
C TRP H 62 -44.36 -23.05 -6.42
N SER H 63 -45.07 -22.19 -7.16
CA SER H 63 -46.12 -22.69 -8.05
C SER H 63 -45.75 -22.80 -9.51
N SER H 64 -46.47 -23.67 -10.20
CA SER H 64 -46.22 -23.95 -11.60
C SER H 64 -47.51 -23.85 -12.42
N PHE H 65 -47.48 -23.14 -13.54
CA PHE H 65 -48.66 -23.03 -14.37
C PHE H 65 -48.30 -23.32 -15.82
N ALA H 66 -49.22 -23.99 -16.52
CA ALA H 66 -49.04 -24.32 -17.93
C ALA H 66 -49.74 -23.22 -18.68
N VAL H 67 -49.10 -22.72 -19.74
CA VAL H 67 -49.65 -21.61 -20.52
C VAL H 67 -49.95 -22.03 -21.96
N LYS H 68 -51.23 -22.05 -22.34
CA LYS H 68 -51.57 -22.42 -23.72
C LYS H 68 -51.60 -21.18 -24.61
N SER H 69 -52.06 -20.08 -24.02
CA SER H 69 -52.15 -18.79 -24.73
C SER H 69 -52.18 -17.68 -23.68
N PRO H 70 -52.12 -16.40 -24.10
CA PRO H 70 -52.15 -15.31 -23.14
C PRO H 70 -53.29 -15.36 -22.14
N THR H 71 -54.41 -15.92 -22.55
CA THR H 71 -55.58 -15.99 -21.67
C THR H 71 -55.87 -17.36 -21.05
N GLU H 72 -55.07 -18.37 -21.40
CA GLU H 72 -55.23 -19.72 -20.88
C GLU H 72 -54.03 -20.18 -20.04
N ILE H 73 -54.14 -19.93 -18.74
CA ILE H 73 -53.10 -20.24 -17.79
C ILE H 73 -53.69 -21.17 -16.77
N VAL H 74 -53.16 -22.40 -16.71
CA VAL H 74 -53.68 -23.39 -15.78
C VAL H 74 -52.75 -23.86 -14.67
N HIS H 75 -53.22 -23.71 -13.43
CA HIS H 75 -52.46 -24.14 -12.25
C HIS H 75 -52.20 -25.64 -12.33
N GLU H 76 -50.94 -26.04 -12.31
CA GLU H 76 -50.59 -27.47 -12.34
C GLU H 76 -49.89 -27.97 -11.08
N ALA H 77 -49.39 -27.09 -10.21
CA ALA H 77 -48.69 -27.52 -8.98
C ALA H 77 -48.20 -26.39 -8.08
N SER H 78 -48.02 -26.72 -6.81
CA SER H 78 -47.53 -25.79 -5.80
C SER H 78 -46.72 -26.57 -4.75
N HIS H 79 -45.41 -26.41 -4.78
CA HIS H 79 -44.53 -27.09 -3.83
C HIS H 79 -44.15 -26.22 -2.63
N PRO H 80 -43.89 -26.86 -1.49
CA PRO H 80 -43.51 -26.12 -0.28
C PRO H 80 -42.03 -25.70 -0.34
N ILE H 81 -41.64 -24.82 0.57
CA ILE H 81 -40.27 -24.35 0.61
C ILE H 81 -39.42 -25.44 1.23
N GLY H 82 -38.32 -25.80 0.57
CA GLY H 82 -37.43 -26.81 1.09
C GLY H 82 -36.28 -26.19 1.87
N GLY H 83 -35.53 -27.03 2.56
CA GLY H 83 -34.39 -26.55 3.34
C GLY H 83 -34.58 -26.64 4.83
N HIS H 84 -34.68 -25.49 5.49
CA HIS H 84 -34.85 -25.49 6.91
C HIS H 84 -36.26 -25.96 7.21
N PRO H 85 -36.40 -26.81 8.25
CA PRO H 85 -37.71 -27.36 8.69
C PRO H 85 -38.80 -26.29 8.90
N ARG H 86 -38.49 -25.24 9.64
CA ARG H 86 -39.51 -24.19 9.89
C ARG H 86 -39.86 -23.26 8.72
N ALA H 87 -39.17 -23.40 7.61
CA ALA H 87 -39.46 -22.56 6.45
C ALA H 87 -40.97 -22.58 6.10
N ASN H 88 -41.61 -23.75 6.22
CA ASN H 88 -43.02 -23.84 5.89
C ASN H 88 -44.04 -23.53 6.97
N ASP H 89 -43.61 -23.49 8.23
CA ASP H 89 -44.55 -23.22 9.31
C ASP H 89 -45.35 -21.96 8.95
N ALA H 90 -46.65 -21.97 9.22
CA ALA H 90 -47.44 -20.80 8.90
C ALA H 90 -47.12 -19.68 9.88
N ASP H 91 -46.37 -19.97 10.94
CA ASP H 91 -46.01 -18.92 11.92
C ASP H 91 -44.65 -18.23 11.72
N THR H 92 -43.93 -18.58 10.65
CA THR H 92 -42.62 -17.99 10.36
C THR H 92 -42.75 -17.11 9.14
N ASN H 93 -41.96 -16.04 9.08
CA ASN H 93 -42.04 -15.12 7.95
C ASN H 93 -41.33 -15.59 6.65
N THR H 94 -40.76 -16.80 6.63
CA THR H 94 -40.07 -17.29 5.44
C THR H 94 -40.99 -17.14 4.23
N ARG H 95 -40.44 -16.65 3.13
CA ARG H 95 -41.23 -16.42 1.94
C ARG H 95 -40.49 -16.75 0.64
N ALA H 96 -41.16 -17.36 -0.32
CA ALA H 96 -40.55 -17.70 -1.63
C ALA H 96 -40.39 -16.35 -2.30
N ILE H 97 -39.16 -15.97 -2.59
CA ILE H 97 -38.87 -14.64 -3.13
C ILE H 97 -38.35 -14.51 -4.56
N PHE H 98 -37.58 -15.49 -5.03
CA PHE H 98 -37.03 -15.40 -6.38
C PHE H 98 -36.98 -16.76 -6.98
N LEU H 99 -37.02 -16.80 -8.30
CA LEU H 99 -37.07 -18.04 -9.06
C LEU H 99 -36.31 -17.92 -10.39
N LEU H 100 -35.59 -18.95 -10.79
CA LEU H 100 -34.85 -18.89 -12.04
C LEU H 100 -35.00 -20.18 -12.83
N ALA H 101 -35.38 -20.08 -14.10
CA ALA H 101 -35.58 -21.28 -14.92
C ALA H 101 -34.48 -21.47 -15.97
N ALA H 102 -33.72 -22.56 -15.83
CA ALA H 102 -32.64 -22.87 -16.73
C ALA H 102 -33.15 -22.97 -18.18
N LYS H 103 -32.36 -22.53 -19.14
CA LYS H 103 -32.83 -22.63 -20.52
C LYS H 103 -32.21 -23.79 -21.30
N GLN H 104 -31.28 -24.51 -20.67
CA GLN H 104 -30.65 -25.68 -21.29
C GLN H 104 -31.03 -26.87 -20.45
N PRO H 105 -31.02 -28.06 -21.07
CA PRO H 105 -31.36 -29.30 -20.36
C PRO H 105 -30.54 -29.41 -19.06
N PRO H 106 -31.13 -29.96 -18.02
CA PRO H 106 -32.49 -30.51 -17.91
C PRO H 106 -33.60 -29.51 -17.61
N TYR H 107 -33.36 -28.22 -17.85
CA TYR H 107 -34.38 -27.19 -17.60
C TYR H 107 -34.86 -27.13 -16.16
N ALA H 108 -33.97 -27.35 -15.20
CA ALA H 108 -34.37 -27.34 -13.81
C ALA H 108 -34.71 -25.89 -13.39
N VAL H 109 -35.39 -25.75 -12.25
CA VAL H 109 -35.75 -24.44 -11.75
C VAL H 109 -35.04 -24.27 -10.40
N TYR H 110 -34.38 -23.12 -10.24
CA TYR H 110 -33.65 -22.83 -9.02
C TYR H 110 -34.38 -21.74 -8.27
N ALA H 111 -34.77 -22.01 -7.02
CA ALA H 111 -35.53 -21.03 -6.22
C ALA H 111 -34.93 -20.62 -4.88
N ASN H 112 -35.23 -19.39 -4.47
CA ASN H 112 -34.69 -18.86 -3.23
C ASN H 112 -35.72 -18.41 -2.21
N PRO H 113 -35.75 -19.02 -1.02
CA PRO H 113 -36.70 -18.58 0.01
C PRO H 113 -35.99 -17.33 0.58
N PHE H 114 -36.69 -16.53 1.37
CA PHE H 114 -36.09 -15.31 1.91
C PHE H 114 -36.56 -15.08 3.34
N TYR H 115 -35.92 -14.12 4.02
CA TYR H 115 -36.19 -13.80 5.42
C TYR H 115 -35.60 -14.88 6.34
N LYS H 116 -36.30 -15.26 7.40
CA LYS H 116 -35.75 -16.27 8.31
C LYS H 116 -35.79 -17.66 7.73
N PHE H 117 -34.96 -18.54 8.28
CA PHE H 117 -34.90 -19.92 7.84
C PHE H 117 -34.81 -20.02 6.34
N ALA H 118 -33.90 -19.25 5.77
CA ALA H 118 -33.72 -19.24 4.31
C ALA H 118 -32.31 -19.60 3.86
N GLY H 119 -31.54 -20.25 4.74
CA GLY H 119 -30.18 -20.66 4.41
C GLY H 119 -29.94 -21.74 3.35
N TYR H 120 -30.94 -21.99 2.49
CA TYR H 120 -30.82 -23.01 1.44
C TYR H 120 -31.40 -22.56 0.14
N GLY H 121 -31.00 -23.23 -0.94
CA GLY H 121 -31.56 -22.95 -2.25
C GLY H 121 -32.46 -24.15 -2.50
N ASN H 122 -33.44 -24.02 -3.40
CA ASN H 122 -34.33 -25.13 -3.71
C ASN H 122 -34.23 -25.40 -5.19
N VAL H 123 -33.89 -26.64 -5.55
CA VAL H 123 -33.77 -26.99 -6.94
C VAL H 123 -34.95 -27.92 -7.26
N PHE H 124 -35.64 -27.68 -8.37
CA PHE H 124 -36.76 -28.51 -8.76
C PHE H 124 -36.54 -29.04 -10.17
N SER H 125 -36.87 -30.30 -10.38
CA SER H 125 -36.75 -30.88 -11.71
C SER H 125 -38.10 -30.59 -12.35
N VAL H 126 -38.18 -30.71 -13.66
CA VAL H 126 -39.46 -30.48 -14.31
C VAL H 126 -39.85 -31.71 -15.12
N SER H 127 -41.14 -31.89 -15.30
CA SER H 127 -41.65 -33.03 -16.07
C SER H 127 -41.38 -32.87 -17.57
N GLU H 128 -41.73 -33.89 -18.35
CA GLU H 128 -41.50 -33.82 -19.79
C GLU H 128 -42.26 -32.60 -20.40
N THR H 129 -43.30 -32.11 -19.70
CA THR H 129 -44.09 -30.95 -20.18
C THR H 129 -43.65 -29.62 -19.54
N GLY H 130 -42.66 -29.67 -18.67
CA GLY H 130 -42.18 -28.46 -18.04
C GLY H 130 -42.85 -28.09 -16.74
N LYS H 131 -43.64 -29.00 -16.17
CA LYS H 131 -44.29 -28.70 -14.89
C LYS H 131 -43.27 -28.87 -13.77
N LEU H 132 -43.37 -28.09 -12.68
CA LEU H 132 -42.46 -28.24 -11.55
C LEU H 132 -42.71 -29.63 -10.98
N GLU H 133 -41.74 -30.52 -11.15
CA GLU H 133 -41.88 -31.88 -10.73
C GLU H 133 -41.59 -32.25 -9.27
N LYS H 134 -40.32 -32.18 -8.90
CA LYS H 134 -39.92 -32.61 -7.57
C LYS H 134 -38.75 -31.82 -7.07
N ASN H 135 -38.72 -31.55 -5.77
CA ASN H 135 -37.60 -30.84 -5.20
C ASN H 135 -36.46 -31.88 -5.15
N VAL H 136 -35.52 -31.81 -6.10
CA VAL H 136 -34.40 -32.75 -6.12
C VAL H 136 -33.22 -32.37 -5.23
N GLN H 137 -33.16 -31.14 -4.72
CA GLN H 137 -32.05 -30.76 -3.87
C GLN H 137 -32.26 -29.46 -3.12
N ASN H 138 -31.83 -29.42 -1.87
CA ASN H 138 -31.88 -28.22 -1.06
C ASN H 138 -30.40 -27.97 -0.68
N TYR H 139 -29.69 -27.16 -1.46
CA TYR H 139 -28.28 -26.92 -1.19
C TYR H 139 -28.09 -25.78 -0.23
N GLU H 140 -27.11 -25.89 0.67
CA GLU H 140 -26.95 -24.82 1.65
C GLU H 140 -25.98 -23.72 1.32
N TYR H 141 -26.32 -22.55 1.85
CA TYR H 141 -25.50 -21.38 1.77
C TYR H 141 -24.98 -21.26 3.21
N GLN H 142 -25.57 -20.35 4.00
CA GLN H 142 -25.20 -20.22 5.43
C GLN H 142 -26.46 -19.79 6.19
N GLU H 143 -26.53 -20.10 7.49
CA GLU H 143 -27.72 -19.78 8.30
C GLU H 143 -28.25 -18.36 8.01
N ASN H 144 -27.29 -17.50 7.87
CA ASN H 144 -27.39 -16.09 7.62
C ASN H 144 -28.05 -15.67 6.29
N THR H 145 -27.86 -16.49 5.27
CA THR H 145 -28.32 -16.20 3.93
C THR H 145 -29.71 -15.67 3.62
N GLY H 146 -29.75 -14.86 2.55
CA GLY H 146 -30.99 -14.28 2.06
C GLY H 146 -30.79 -13.99 0.57
N ILE H 147 -30.79 -15.02 -0.27
CA ILE H 147 -30.57 -14.81 -1.68
C ILE H 147 -31.80 -14.11 -2.22
N HIS H 148 -31.63 -13.06 -3.02
CA HIS H 148 -32.79 -12.37 -3.58
C HIS H 148 -32.76 -12.40 -5.09
N GLY H 149 -31.70 -12.99 -5.64
CA GLY H 149 -31.57 -13.07 -7.09
C GLY H 149 -30.37 -13.86 -7.54
N VAL H 151 -28.25 -15.71 -11.32
CA VAL H 151 -28.08 -15.70 -12.77
C VAL H 151 -27.03 -16.72 -13.16
N PHE H 152 -27.24 -17.36 -14.30
CA PHE H 152 -26.31 -18.37 -14.83
C PHE H 152 -25.32 -17.70 -15.77
N ASP H 153 -24.16 -18.31 -16.03
CA ASP H 153 -23.21 -17.75 -16.98
C ASP H 153 -23.89 -18.22 -18.30
N PRO H 154 -23.50 -17.69 -19.47
CA PRO H 154 -24.14 -18.12 -20.72
C PRO H 154 -24.24 -19.64 -20.96
N THR H 155 -23.26 -20.38 -20.43
CA THR H 155 -23.21 -21.83 -20.57
C THR H 155 -24.10 -22.62 -19.62
N GLU H 156 -24.54 -21.96 -18.57
CA GLU H 156 -25.36 -22.61 -17.55
C GLU H 156 -24.54 -23.70 -16.87
N THR H 157 -23.30 -23.35 -16.51
CA THR H 157 -22.38 -24.22 -15.83
C THR H 157 -22.10 -23.65 -14.45
N TYR H 158 -22.29 -22.35 -14.32
CA TYR H 158 -22.06 -21.66 -13.07
C TYR H 158 -23.26 -20.79 -12.70
N LEU H 159 -23.62 -20.86 -11.42
CA LEU H 159 -24.75 -20.14 -10.93
C LEU H 159 -24.26 -19.15 -9.88
N TYR H 160 -24.59 -17.87 -10.08
CA TYR H 160 -24.19 -16.83 -9.16
C TYR H 160 -25.39 -16.34 -8.35
N SER H 161 -25.18 -16.20 -7.05
CA SER H 161 -26.25 -15.76 -6.16
C SER H 161 -25.96 -14.49 -5.40
N ALA H 162 -26.94 -13.59 -5.37
CA ALA H 162 -26.84 -12.33 -4.66
C ALA H 162 -27.39 -12.56 -3.26
N ASP H 163 -26.50 -12.64 -2.26
CA ASP H 163 -26.89 -12.86 -0.87
C ASP H 163 -27.04 -11.50 -0.18
N LEU H 164 -28.27 -11.01 -0.09
CA LEU H 164 -28.58 -9.71 0.49
C LEU H 164 -28.26 -9.58 1.97
N THR H 165 -28.76 -10.50 2.79
CA THR H 165 -28.52 -10.44 4.24
C THR H 165 -27.15 -10.89 4.69
N ALA H 166 -26.49 -11.75 3.92
CA ALA H 166 -25.15 -12.18 4.32
C ALA H 166 -24.12 -11.27 3.65
N ASN H 167 -24.60 -10.36 2.79
CA ASN H 167 -23.79 -9.38 2.08
C ASN H 167 -22.65 -9.99 1.27
N LYS H 168 -22.99 -10.90 0.36
CA LYS H 168 -21.97 -11.56 -0.46
C LYS H 168 -22.50 -12.10 -1.79
N LEU H 169 -21.57 -12.54 -2.63
CA LEU H 169 -21.93 -13.12 -3.91
C LEU H 169 -21.42 -14.58 -3.92
N TRP H 170 -22.32 -15.53 -4.17
CA TRP H 170 -21.92 -16.92 -4.19
C TRP H 170 -21.70 -17.46 -5.60
N THR H 171 -20.86 -18.46 -5.73
CA THR H 171 -20.63 -19.12 -7.01
C THR H 171 -20.85 -20.62 -6.84
N HIS H 172 -21.73 -21.18 -7.66
CA HIS H 172 -22.00 -22.60 -7.64
C HIS H 172 -21.74 -23.22 -9.02
N ARG H 173 -21.36 -24.49 -9.03
CA ARG H 173 -21.12 -25.19 -10.28
C ARG H 173 -22.39 -26.04 -10.51
N LYS H 174 -22.92 -26.03 -11.73
CA LYS H 174 -24.13 -26.83 -12.03
C LYS H 174 -23.69 -28.17 -12.63
N LEU H 175 -24.07 -29.26 -11.99
CA LEU H 175 -23.67 -30.56 -12.48
C LEU H 175 -24.59 -30.87 -13.65
N ALA H 176 -24.27 -31.90 -14.42
CA ALA H 176 -25.11 -32.26 -15.56
C ALA H 176 -26.54 -32.65 -15.09
N SER H 177 -26.65 -33.16 -13.87
CA SER H 177 -27.95 -33.57 -13.37
C SER H 177 -28.85 -32.38 -13.14
N GLY H 178 -28.26 -31.19 -13.07
CA GLY H 178 -29.04 -30.00 -12.78
C GLY H 178 -28.76 -29.56 -11.33
N GLU H 179 -28.23 -30.47 -10.51
CA GLU H 179 -27.92 -30.15 -9.11
C GLU H 179 -26.67 -29.30 -9.05
N VAL H 180 -26.53 -28.56 -7.95
CA VAL H 180 -25.38 -27.69 -7.82
C VAL H 180 -24.38 -28.16 -6.77
N GLU H 181 -23.27 -27.44 -6.74
CA GLU H 181 -22.19 -27.75 -5.84
C GLU H 181 -21.44 -26.42 -5.61
N LEU H 182 -21.18 -26.08 -4.35
CA LEU H 182 -20.51 -24.85 -4.00
C LEU H 182 -19.10 -24.72 -4.57
N VAL H 183 -18.76 -23.52 -5.04
CA VAL H 183 -17.41 -23.22 -5.54
C VAL H 183 -16.80 -22.17 -4.57
N GLY H 184 -17.56 -21.11 -4.23
CA GLY H 184 -17.03 -20.11 -3.32
C GLY H 184 -17.88 -18.89 -3.20
N SER H 185 -17.41 -17.88 -2.48
CA SER H 185 -18.17 -16.66 -2.29
C SER H 185 -17.22 -15.48 -2.08
N VAL H 186 -17.74 -14.26 -2.16
CA VAL H 186 -16.95 -13.05 -1.94
C VAL H 186 -17.87 -12.07 -1.23
N ASP H 187 -17.34 -11.34 -0.26
CA ASP H 187 -18.16 -10.34 0.40
C ASP H 187 -18.34 -9.15 -0.54
N ALA H 188 -19.48 -8.49 -0.45
CA ALA H 188 -19.74 -7.32 -1.26
C ALA H 188 -18.65 -6.32 -0.89
N PRO H 189 -18.34 -5.39 -1.78
CA PRO H 189 -17.30 -4.40 -1.50
C PRO H 189 -17.41 -3.66 -0.18
N ASP H 190 -18.63 -3.28 0.18
CA ASP H 190 -18.86 -2.49 1.38
C ASP H 190 -19.90 -3.17 2.25
N PRO H 191 -19.75 -3.04 3.59
CA PRO H 191 -20.72 -3.66 4.52
C PRO H 191 -22.16 -3.23 4.28
N GLY H 192 -22.34 -2.01 3.78
CA GLY H 192 -23.67 -1.53 3.52
C GLY H 192 -24.23 -1.78 2.11
N ASP H 193 -23.56 -2.57 1.30
CA ASP H 193 -24.08 -2.80 -0.04
C ASP H 193 -25.36 -3.64 -0.12
N HIS H 194 -25.26 -4.89 0.32
CA HIS H 194 -26.36 -5.88 0.34
C HIS H 194 -26.77 -6.33 -1.08
N PRO H 195 -26.08 -7.30 -1.67
CA PRO H 195 -26.44 -7.74 -3.00
C PRO H 195 -27.90 -8.22 -3.09
N ARG H 196 -28.62 -7.74 -4.10
CA ARG H 196 -30.00 -8.16 -4.25
C ARG H 196 -30.21 -8.77 -5.62
N TRP H 197 -29.44 -8.33 -6.62
CA TRP H 197 -29.62 -8.80 -7.97
C TRP H 197 -28.33 -8.92 -8.77
N VAL H 198 -28.31 -9.86 -9.72
CA VAL H 198 -27.14 -10.03 -10.57
C VAL H 198 -27.53 -10.28 -12.01
N ALA H 199 -26.79 -9.68 -12.93
CA ALA H 199 -27.07 -9.87 -14.34
C ALA H 199 -25.79 -10.34 -15.02
N HIS H 201 -23.36 -10.73 -18.61
CA HIS H 201 -23.09 -10.25 -19.96
C HIS H 201 -23.02 -11.51 -20.87
N PRO H 202 -23.53 -11.43 -22.10
CA PRO H 202 -23.53 -12.57 -23.02
C PRO H 202 -22.22 -13.28 -23.31
N THR H 203 -21.09 -12.58 -23.16
CA THR H 203 -19.80 -13.20 -23.41
C THR H 203 -19.37 -14.01 -22.23
N GLY H 204 -19.97 -13.76 -21.08
CA GLY H 204 -19.60 -14.50 -19.89
C GLY H 204 -18.42 -13.88 -19.20
N ASN H 205 -17.93 -12.76 -19.72
CA ASN H 205 -16.77 -12.07 -19.14
C ASN H 205 -17.07 -11.20 -17.94
N TYR H 206 -18.30 -10.67 -17.89
CA TYR H 206 -18.69 -9.79 -16.81
C TYR H 206 -20.01 -10.08 -16.18
N LEU H 207 -20.11 -9.69 -14.93
CA LEU H 207 -21.32 -9.88 -14.18
C LEU H 207 -21.62 -8.54 -13.47
N TYR H 208 -22.89 -8.18 -13.34
CA TYR H 208 -23.21 -6.92 -12.66
C TYR H 208 -24.03 -7.22 -11.40
N ALA H 209 -23.60 -6.65 -10.28
CA ALA H 209 -24.28 -6.89 -9.02
C ALA H 209 -24.94 -5.64 -8.47
N LEU H 210 -26.26 -5.69 -8.32
CA LEU H 210 -27.01 -4.56 -7.83
C LEU H 210 -27.06 -4.61 -6.32
N GLU H 212 -28.68 -3.46 -2.96
CA GLU H 212 -29.91 -2.86 -2.45
C GLU H 212 -29.71 -1.67 -1.51
N ALA H 213 -28.97 -1.85 -0.43
CA ALA H 213 -28.77 -0.74 0.49
C ALA H 213 -27.75 0.25 0.00
N GLY H 214 -26.78 -0.22 -0.78
CA GLY H 214 -25.76 0.66 -1.31
C GLY H 214 -26.24 1.46 -2.50
N ASN H 215 -27.39 1.07 -3.05
CA ASN H 215 -28.00 1.77 -4.17
C ASN H 215 -27.01 2.04 -5.29
N ARG H 216 -26.47 0.98 -5.83
CA ARG H 216 -25.50 1.11 -6.90
C ARG H 216 -25.25 -0.22 -7.60
N ILE H 217 -24.68 -0.16 -8.79
CA ILE H 217 -24.36 -1.34 -9.54
C ILE H 217 -22.85 -1.49 -9.43
N CYS H 218 -22.38 -2.68 -9.07
CA CYS H 218 -20.93 -2.94 -9.00
C CYS H 218 -20.54 -3.88 -10.13
N GLU H 219 -19.40 -3.61 -10.76
CA GLU H 219 -18.94 -4.39 -11.88
C GLU H 219 -17.98 -5.50 -11.49
N TYR H 220 -18.19 -6.70 -12.02
CA TYR H 220 -17.29 -7.82 -11.73
C TYR H 220 -16.79 -8.48 -12.97
N VAL H 221 -15.51 -8.82 -12.99
CA VAL H 221 -14.98 -9.54 -14.13
C VAL H 221 -14.93 -10.97 -13.64
N ILE H 222 -15.33 -11.90 -14.49
CA ILE H 222 -15.34 -13.29 -14.10
C ILE H 222 -13.98 -13.89 -14.39
N ASP H 223 -13.33 -14.37 -13.33
CA ASP H 223 -12.02 -15.00 -13.46
C ASP H 223 -12.24 -16.36 -14.15
N PRO H 224 -11.66 -16.53 -15.35
CA PRO H 224 -11.83 -17.80 -16.06
C PRO H 224 -11.21 -18.98 -15.34
N ALA H 225 -10.19 -18.71 -14.51
CA ALA H 225 -9.51 -19.76 -13.74
C ALA H 225 -10.43 -20.42 -12.71
N THR H 226 -11.19 -19.61 -11.97
CA THR H 226 -12.10 -20.11 -10.94
C THR H 226 -13.57 -19.95 -11.26
N HIS H 227 -13.91 -19.06 -12.19
CA HIS H 227 -15.31 -18.81 -12.54
C HIS H 227 -15.97 -17.95 -11.49
N PRO H 229 -16.51 -14.17 -9.60
CA PRO H 229 -16.46 -12.76 -9.92
C PRO H 229 -15.47 -12.01 -9.07
N VAL H 230 -14.72 -11.11 -9.73
CA VAL H 230 -13.75 -10.26 -9.06
C VAL H 230 -14.15 -8.81 -9.31
N TYR H 231 -14.29 -8.03 -8.24
CA TYR H 231 -14.65 -6.62 -8.31
C TYR H 231 -13.56 -5.78 -9.02
N THR H 232 -13.97 -4.97 -9.98
CA THR H 232 -13.07 -4.14 -10.77
C THR H 232 -12.95 -2.76 -10.17
N HIS H 233 -13.73 -2.49 -9.13
CA HIS H 233 -13.73 -1.18 -8.46
C HIS H 233 -14.57 -0.13 -9.18
N HIS H 234 -15.36 -0.54 -10.17
CA HIS H 234 -16.24 0.36 -10.89
C HIS H 234 -17.63 0.17 -10.38
N SER H 235 -18.28 1.26 -10.01
CA SER H 235 -19.67 1.19 -9.56
C SER H 235 -20.41 2.40 -10.08
N PHE H 236 -21.73 2.30 -10.13
CA PHE H 236 -22.55 3.39 -10.61
C PHE H 236 -23.73 3.60 -9.72
N PRO H 237 -24.11 4.88 -9.54
CA PRO H 237 -25.24 5.18 -8.67
C PRO H 237 -26.60 4.83 -9.26
N LEU H 238 -27.49 4.36 -8.40
CA LEU H 238 -28.85 4.01 -8.77
C LEU H 238 -29.83 5.03 -8.15
N ILE H 239 -29.30 5.99 -7.40
CA ILE H 239 -30.08 7.10 -6.85
C ILE H 239 -29.18 8.34 -7.02
N PRO H 240 -29.77 9.54 -7.10
CA PRO H 240 -28.96 10.74 -7.28
C PRO H 240 -27.91 10.97 -6.23
N PRO H 241 -26.65 11.22 -6.62
CA PRO H 241 -25.57 11.45 -5.65
C PRO H 241 -25.93 12.58 -4.72
N GLY H 242 -25.74 12.34 -3.42
CA GLY H 242 -26.06 13.36 -2.42
C GLY H 242 -27.50 13.50 -1.96
N ILE H 243 -28.45 12.82 -2.62
CA ILE H 243 -29.85 12.88 -2.21
C ILE H 243 -30.01 12.42 -0.74
N PRO H 244 -30.87 13.07 0.02
CA PRO H 244 -31.09 12.69 1.42
C PRO H 244 -31.58 11.26 1.41
N ASP H 245 -30.84 10.34 2.05
CA ASP H 245 -31.28 8.94 2.04
C ASP H 245 -31.37 8.29 3.38
N ARG H 246 -31.57 9.11 4.40
CA ARG H 246 -31.70 8.57 5.73
C ARG H 246 -33.04 8.95 6.38
N ASP H 247 -33.79 7.94 6.79
CA ASP H 247 -35.06 8.18 7.47
C ASP H 247 -34.70 8.69 8.89
N PRO H 248 -35.20 9.87 9.28
CA PRO H 248 -34.84 10.37 10.64
C PRO H 248 -35.55 9.75 11.86
N GLU H 249 -36.49 8.84 11.62
CA GLU H 249 -37.13 8.14 12.73
C GLU H 249 -36.64 6.68 12.58
N THR H 250 -35.44 6.52 12.02
CA THR H 250 -34.96 5.16 11.88
C THR H 250 -33.46 5.15 11.76
N GLY H 251 -32.92 6.08 10.97
CA GLY H 251 -31.50 6.01 10.69
C GLY H 251 -31.42 5.01 9.52
N LYS H 252 -32.51 4.28 9.24
CA LYS H 252 -32.50 3.36 8.09
C LYS H 252 -32.58 4.08 6.71
N GLY H 253 -32.21 3.38 5.65
CA GLY H 253 -32.24 4.03 4.36
C GLY H 253 -33.61 4.38 3.84
N LEU H 254 -33.67 5.36 2.94
CA LEU H 254 -34.93 5.77 2.32
C LEU H 254 -35.06 5.15 0.93
N TYR H 255 -33.95 4.61 0.39
CA TYR H 255 -33.97 3.98 -0.93
C TYR H 255 -33.42 2.56 -0.92
N ARG H 256 -34.01 1.71 -1.77
CA ARG H 256 -33.58 0.33 -1.89
C ARG H 256 -33.54 -0.03 -3.38
N ALA H 257 -32.33 -0.22 -3.92
CA ALA H 257 -32.18 -0.59 -5.33
C ALA H 257 -32.96 -1.87 -5.59
N ASP H 258 -33.46 -2.03 -6.79
CA ASP H 258 -34.30 -3.16 -7.09
C ASP H 258 -33.78 -4.21 -8.02
N VAL H 259 -33.84 -3.92 -9.32
CA VAL H 259 -33.43 -4.89 -10.32
C VAL H 259 -32.54 -4.36 -11.45
N CYS H 260 -31.76 -5.23 -12.10
CA CYS H 260 -30.96 -4.80 -13.24
C CYS H 260 -31.10 -5.86 -14.32
N ALA H 261 -31.15 -5.45 -15.58
CA ALA H 261 -31.36 -6.38 -16.69
C ALA H 261 -30.88 -5.87 -18.02
N LEU H 262 -30.24 -6.73 -18.80
CA LEU H 262 -29.72 -6.36 -20.09
C LEU H 262 -30.80 -6.43 -21.15
N THR H 263 -30.62 -5.60 -22.17
CA THR H 263 -31.57 -5.56 -23.27
C THR H 263 -31.22 -6.65 -24.24
N PHE H 264 -32.13 -6.92 -25.17
CA PHE H 264 -31.92 -7.94 -26.18
C PHE H 264 -30.53 -7.97 -26.85
N SER H 265 -30.04 -6.83 -27.26
CA SER H 265 -28.77 -6.79 -27.97
C SER H 265 -27.59 -7.01 -27.05
N GLY H 266 -27.78 -6.75 -25.76
CA GLY H 266 -26.68 -6.95 -24.84
C GLY H 266 -25.86 -5.69 -24.76
N LYS H 267 -26.24 -4.69 -25.55
CA LYS H 267 -25.49 -3.42 -25.51
C LYS H 267 -25.90 -2.52 -24.38
N TYR H 268 -27.07 -2.75 -23.83
CA TYR H 268 -27.53 -1.91 -22.75
C TYR H 268 -28.04 -2.68 -21.57
N PHE H 270 -30.70 -1.82 -18.01
CA PHE H 270 -31.55 -0.92 -17.27
C PHE H 270 -31.49 -1.40 -15.83
N ALA H 271 -31.62 -0.48 -14.87
CA ALA H 271 -31.63 -0.80 -13.46
C ALA H 271 -32.58 0.17 -12.77
N SER H 272 -33.04 -0.22 -11.60
CA SER H 272 -33.96 0.62 -10.89
C SER H 272 -33.80 0.55 -9.41
N SER H 273 -34.45 1.47 -8.71
CA SER H 273 -34.45 1.49 -7.28
C SER H 273 -35.77 2.12 -6.84
N ARG H 274 -36.23 1.76 -5.66
CA ARG H 274 -37.46 2.31 -5.17
C ARG H 274 -37.26 3.13 -3.91
N ALA H 275 -38.22 4.00 -3.62
CA ALA H 275 -38.18 4.82 -2.39
C ALA H 275 -39.07 4.10 -1.37
N ASN H 276 -38.77 4.29 -0.09
CA ASN H 276 -39.52 3.67 0.98
C ASN H 276 -40.75 4.45 1.46
N LYS H 277 -40.98 5.62 0.86
CA LYS H 277 -42.13 6.46 1.21
C LYS H 277 -42.83 6.86 -0.07
N PHE H 278 -44.16 6.85 -0.04
CA PHE H 278 -44.95 7.16 -1.23
C PHE H 278 -44.78 8.55 -1.81
N GLU H 279 -44.38 9.51 -0.99
CA GLU H 279 -44.17 10.84 -1.49
C GLU H 279 -42.80 11.02 -2.15
N LEU H 280 -41.97 9.99 -2.16
CA LEU H 280 -40.66 10.12 -2.78
C LEU H 280 -40.66 9.40 -4.11
N GLN H 281 -39.83 9.86 -5.04
CA GLN H 281 -39.72 9.21 -6.34
C GLN H 281 -38.68 8.08 -6.35
N GLY H 282 -38.97 7.02 -7.09
CA GLY H 282 -37.99 5.97 -7.23
C GLY H 282 -37.15 6.38 -8.43
N TYR H 283 -36.24 5.52 -8.89
CA TYR H 283 -35.39 5.86 -10.02
C TYR H 283 -35.14 4.70 -10.97
N ILE H 284 -34.84 5.08 -12.21
CA ILE H 284 -34.57 4.12 -13.25
C ILE H 284 -33.26 4.57 -13.90
N ALA H 285 -32.36 3.64 -14.19
CA ALA H 285 -31.08 4.01 -14.79
C ALA H 285 -30.77 3.17 -16.00
N GLY H 286 -29.95 3.71 -16.89
CA GLY H 286 -29.57 2.99 -18.09
C GLY H 286 -28.07 3.00 -18.28
N PHE H 287 -27.53 1.91 -18.79
CA PHE H 287 -26.09 1.83 -19.02
C PHE H 287 -25.74 1.27 -20.37
N LYS H 288 -24.61 1.70 -20.90
CA LYS H 288 -24.14 1.16 -22.18
C LYS H 288 -22.98 0.19 -21.88
N LEU H 289 -22.98 -0.98 -22.50
CA LEU H 289 -21.95 -1.97 -22.26
C LEU H 289 -21.00 -2.19 -23.45
N ARG H 290 -19.69 -2.13 -23.19
CA ARG H 290 -18.70 -2.35 -24.24
C ARG H 290 -18.86 -3.80 -24.70
N ASP H 291 -18.35 -4.15 -25.87
CA ASP H 291 -18.53 -5.52 -26.35
C ASP H 291 -17.87 -6.59 -25.49
N CYS H 292 -16.78 -6.24 -24.82
CA CYS H 292 -16.09 -7.19 -23.96
C CYS H 292 -16.85 -7.39 -22.67
N GLY H 293 -17.80 -6.52 -22.37
CA GLY H 293 -18.60 -6.66 -21.16
C GLY H 293 -18.53 -5.58 -20.09
N SER H 294 -17.47 -4.79 -20.07
CA SER H 294 -17.39 -3.76 -19.04
C SER H 294 -18.46 -2.72 -19.31
N ILE H 295 -18.80 -1.95 -18.29
CA ILE H 295 -19.80 -0.90 -18.43
C ILE H 295 -19.10 0.35 -18.96
N GLU H 296 -19.48 0.80 -20.17
CA GLU H 296 -18.89 1.98 -20.77
C GLU H 296 -19.23 3.28 -20.05
N LYS H 297 -20.52 3.50 -19.82
CA LYS H 297 -20.98 4.72 -19.18
C LYS H 297 -22.42 4.61 -18.74
N GLN H 298 -22.83 5.53 -17.88
CA GLN H 298 -24.21 5.55 -17.42
C GLN H 298 -24.87 6.55 -18.31
N LEU H 299 -25.91 6.12 -19.00
CA LEU H 299 -26.62 6.98 -19.94
C LEU H 299 -27.62 7.89 -19.26
N PHE H 300 -28.27 7.40 -18.21
CA PHE H 300 -29.24 8.23 -17.52
C PHE H 300 -29.58 7.73 -16.13
N LEU H 301 -30.20 8.60 -15.35
CA LEU H 301 -30.66 8.32 -14.01
C LEU H 301 -31.81 9.31 -13.90
N SER H 302 -33.03 8.78 -13.95
CA SER H 302 -34.24 9.59 -13.90
C SER H 302 -35.29 9.10 -12.93
N PRO H 303 -36.12 10.02 -12.43
CA PRO H 303 -37.18 9.70 -11.47
C PRO H 303 -38.29 8.88 -12.13
N THR H 304 -38.84 7.91 -11.41
CA THR H 304 -39.95 7.12 -11.92
C THR H 304 -41.23 7.85 -11.47
N PRO H 305 -42.39 7.48 -12.04
CA PRO H 305 -43.59 8.18 -11.61
C PRO H 305 -43.93 8.02 -10.13
N THR H 306 -43.70 6.82 -9.59
CA THR H 306 -44.01 6.58 -8.18
C THR H 306 -42.76 6.16 -7.44
N SER H 307 -42.91 5.83 -6.16
CA SER H 307 -41.80 5.40 -5.33
C SER H 307 -41.43 4.00 -5.74
N GLY H 308 -42.32 3.40 -6.56
CA GLY H 308 -42.15 2.02 -7.02
C GLY H 308 -42.75 1.02 -6.03
N GLY H 309 -42.97 1.46 -4.79
CA GLY H 309 -43.51 0.57 -3.78
C GLY H 309 -42.52 -0.54 -3.51
N HIS H 310 -42.99 -1.79 -3.58
CA HIS H 310 -42.14 -2.96 -3.36
C HIS H 310 -41.50 -3.35 -4.68
N SER H 311 -41.88 -2.69 -5.77
CA SER H 311 -41.35 -3.10 -7.05
C SER H 311 -40.43 -2.16 -7.81
N ASN H 312 -40.95 -1.56 -8.88
CA ASN H 312 -40.21 -0.68 -9.80
C ASN H 312 -39.29 -1.56 -10.61
N ALA H 313 -39.68 -2.83 -10.76
CA ALA H 313 -38.89 -3.80 -11.52
C ALA H 313 -38.96 -3.52 -13.01
N VAL H 314 -37.79 -3.44 -13.64
CA VAL H 314 -37.78 -3.16 -15.07
C VAL H 314 -37.69 -4.48 -15.81
N SER H 315 -38.33 -4.54 -16.97
CA SER H 315 -38.33 -5.77 -17.74
C SER H 315 -38.22 -5.51 -19.25
N PRO H 316 -36.99 -5.53 -19.77
CA PRO H 316 -36.70 -5.29 -21.19
C PRO H 316 -37.35 -6.37 -22.05
N CYS H 317 -37.78 -6.04 -23.27
CA CYS H 317 -38.41 -7.05 -24.16
C CYS H 317 -37.24 -7.96 -24.50
N PRO H 318 -37.42 -9.27 -24.32
CA PRO H 318 -36.37 -10.24 -24.59
C PRO H 318 -35.90 -10.35 -26.03
N TRP H 319 -36.72 -9.92 -26.99
CA TRP H 319 -36.36 -10.01 -28.41
C TRP H 319 -36.07 -8.72 -29.10
N SER H 320 -36.18 -7.60 -28.40
CA SER H 320 -35.91 -6.32 -29.04
C SER H 320 -35.53 -5.24 -28.05
N ASP H 321 -34.53 -4.43 -28.41
CA ASP H 321 -34.08 -3.37 -27.53
C ASP H 321 -35.13 -2.26 -27.36
N GLU H 322 -36.03 -2.19 -28.32
CA GLU H 322 -37.03 -1.15 -28.35
C GLU H 322 -37.98 -0.97 -27.19
N TRP H 323 -38.37 -2.04 -26.52
CA TRP H 323 -39.33 -1.86 -25.42
C TRP H 323 -38.86 -2.26 -24.03
N ALA H 325 -40.65 -2.69 -19.88
CA ALA H 325 -41.80 -2.54 -19.02
C ALA H 325 -41.36 -2.33 -17.58
N ILE H 326 -42.20 -1.66 -16.80
CA ILE H 326 -41.89 -1.44 -15.40
C ILE H 326 -43.20 -1.52 -14.61
N THR H 327 -43.14 -2.09 -13.43
CA THR H 327 -44.32 -2.22 -12.59
C THR H 327 -44.09 -1.58 -11.24
N ASP H 328 -45.18 -1.17 -10.61
CA ASP H 328 -45.09 -0.59 -9.29
C ASP H 328 -46.33 -1.05 -8.55
N ASP H 329 -46.25 -1.10 -7.22
CA ASP H 329 -47.40 -1.51 -6.46
C ASP H 329 -47.80 -0.44 -5.49
N GLN H 330 -47.44 0.80 -5.82
CA GLN H 330 -47.83 1.94 -5.02
C GLN H 330 -49.20 2.32 -5.56
N GLU H 331 -49.26 2.54 -6.86
CA GLU H 331 -50.52 2.91 -7.49
C GLU H 331 -51.05 1.77 -8.35
N GLY H 332 -50.16 0.86 -8.76
CA GLY H 332 -50.55 -0.28 -9.56
C GLY H 332 -50.44 -0.16 -11.06
N TRP H 333 -49.39 0.49 -11.57
CA TRP H 333 -49.27 0.65 -13.02
C TRP H 333 -48.34 -0.35 -13.69
N LEU H 334 -48.64 -0.62 -14.95
CA LEU H 334 -47.79 -1.43 -15.80
C LEU H 334 -47.53 -0.38 -16.89
N GLU H 335 -46.29 0.12 -16.96
CA GLU H 335 -45.96 1.12 -17.95
C GLU H 335 -45.06 0.51 -18.97
N ILE H 336 -45.13 1.03 -20.20
CA ILE H 336 -44.24 0.53 -21.23
C ILE H 336 -43.51 1.69 -21.87
N TYR H 337 -42.20 1.59 -21.91
CA TYR H 337 -41.36 2.61 -22.48
C TYR H 337 -40.70 2.14 -23.75
N ARG H 338 -40.32 3.12 -24.57
CA ARG H 338 -39.62 2.83 -25.80
C ARG H 338 -38.18 3.33 -25.60
N TRP H 339 -37.21 2.57 -26.10
CA TRP H 339 -35.79 2.93 -26.02
C TRP H 339 -35.41 3.32 -27.47
N LYS H 340 -35.12 4.60 -27.67
CA LYS H 340 -34.81 5.14 -29.00
C LYS H 340 -33.67 6.15 -28.93
N ASP H 341 -32.64 5.97 -29.75
CA ASP H 341 -31.51 6.90 -29.77
C ASP H 341 -30.97 7.13 -28.37
N GLU H 342 -30.95 6.07 -27.56
CA GLU H 342 -30.46 6.10 -26.20
C GLU H 342 -31.14 7.09 -25.25
N PHE H 343 -32.44 7.26 -25.43
CA PHE H 343 -33.27 8.06 -24.55
C PHE H 343 -34.51 7.19 -24.38
N LEU H 344 -35.12 7.26 -23.21
CA LEU H 344 -36.30 6.48 -22.90
C LEU H 344 -37.57 7.36 -22.83
N HIS H 345 -38.67 6.89 -23.42
CA HIS H 345 -39.90 7.65 -23.35
C HIS H 345 -41.08 6.70 -23.25
N ARG H 346 -42.00 7.04 -22.34
CA ARG H 346 -43.19 6.22 -22.08
C ARG H 346 -44.12 6.31 -23.28
N VAL H 347 -44.70 5.18 -23.68
CA VAL H 347 -45.63 5.13 -24.80
C VAL H 347 -47.01 4.60 -24.41
N ALA H 348 -47.08 3.87 -23.31
CA ALA H 348 -48.37 3.31 -22.90
C ALA H 348 -48.36 2.82 -21.48
N ARG H 349 -49.55 2.75 -20.91
CA ARG H 349 -49.66 2.28 -19.56
C ARG H 349 -51.09 1.97 -19.14
N VAL H 350 -51.21 1.15 -18.10
CA VAL H 350 -52.54 0.78 -17.61
C VAL H 350 -52.45 0.56 -16.14
N ARG H 351 -53.52 0.93 -15.46
CA ARG H 351 -53.56 0.81 -14.05
C ARG H 351 -54.46 -0.33 -13.62
N ILE H 352 -53.98 -1.12 -12.68
CA ILE H 352 -54.79 -2.21 -12.19
C ILE H 352 -55.06 -2.03 -10.69
N PRO H 353 -56.29 -1.60 -10.35
CA PRO H 353 -56.91 -1.31 -9.05
C PRO H 353 -56.83 -2.44 -8.00
N GLU H 354 -56.01 -3.47 -8.22
CA GLU H 354 -56.05 -4.60 -7.29
C GLU H 354 -55.02 -4.62 -6.19
N PRO H 355 -55.33 -5.36 -5.08
CA PRO H 355 -54.42 -5.46 -3.94
C PRO H 355 -53.05 -5.98 -4.33
N GLY H 356 -52.03 -5.24 -3.91
CA GLY H 356 -50.65 -5.63 -4.19
C GLY H 356 -50.32 -5.73 -5.67
N PHE H 357 -51.15 -5.19 -6.55
CA PHE H 357 -50.80 -5.28 -7.96
C PHE H 357 -49.60 -4.45 -8.43
N GLY H 358 -48.78 -5.15 -9.21
CA GLY H 358 -47.57 -4.61 -9.80
C GLY H 358 -46.27 -5.14 -9.21
N ASN H 360 -43.89 -7.73 -10.90
CA ASN H 360 -42.94 -7.84 -12.01
C ASN H 360 -43.67 -8.33 -13.26
N ALA H 361 -43.20 -7.91 -14.43
CA ALA H 361 -43.83 -8.30 -15.67
C ALA H 361 -42.92 -9.15 -16.51
N ILE H 362 -43.49 -10.15 -17.17
CA ILE H 362 -42.72 -11.03 -18.04
C ILE H 362 -43.38 -11.07 -19.41
N TRP H 363 -42.54 -11.09 -20.43
CA TRP H 363 -43.03 -11.09 -21.78
C TRP H 363 -43.26 -12.46 -22.40
N TYR H 364 -44.47 -12.58 -22.94
CA TYR H 364 -44.92 -13.72 -23.72
C TYR H 364 -45.29 -12.90 -24.94
N ASP H 365 -44.82 -13.16 -26.16
CA ASP H 365 -45.33 -12.34 -27.29
C ASP H 365 -44.84 -10.91 -27.41
#